data_1QNI
#
_entry.id   1QNI
#
_cell.length_a   211.290
_cell.length_b   211.290
_cell.length_c   166.457
_cell.angle_alpha   90.00
_cell.angle_beta   90.00
_cell.angle_gamma   120.00
#
_symmetry.space_group_name_H-M   'P 61'
#
loop_
_entity.id
_entity.type
_entity.pdbx_description
1 polymer 'NITROUS-OXIDE REDUCTASE'
2 non-polymer 'DINUCLEAR COPPER ION'
3 non-polymer '(MU-4-SULFIDO)-TETRA-NUCLEAR COPPER ION'
4 non-polymer 'CALCIUM ION'
5 non-polymer 'CHLORIDE ION'
6 water water
#
_entity_poly.entity_id   1
_entity_poly.type   'polypeptide(L)'
_entity_poly.pdbx_seq_one_letter_code
;AAAEEARNKAHVAPGELDEYYGFWSGGHQGEVRVLGVPSMRELMRIPVFNVDSATGWGITNESKEILGGDQQYLNGDCHH
PHISMTDGRYDGKYLFINDKANTRVARIRLDIMKTDKITHIPNVQAIHGLRLQKVPKTNYVFCNAEFVIPQPNDGTDFSL
DNSYTMFTAIDAETMDVAWQVIVDGNLDNTDADYTGKYATSTCYNSERAVDLAGTMRNDRDWVVVFNVERIAAAVKAGNF
KTIGDSKVPVVDGRGESEFTRYIPVPKNPHGLNTSPDGKYFIANGKLSPTVSVIAIDKLDDLFEDKIELRDTIVAEPELG
LGPLHTTFDGRGNAYTTLFIDSQVCKWNIADAIKHYNGDRVNYIRQKLDVQYQPGHNHASLTESRDADGKWLVVLSKFSK
DRFLPVGPLHPENDQLIDISGEEMKLVHDGPTYAEPHDCILVRRDQIKTKKIYERNDPYFASCRAQAEKDGVTLESDNKV
IRDGNKVRVYMTSVAPQYGMTDFKVKEGDEVTVYITNLDMVEDVTHGFCMVNHGVSMEISPQQTASVTFTAGKPGVYWYY
CNWFCHALHMEMVGRMLVEAA
;
_entity_poly.pdbx_strand_id   A,B,C,D,E,F
#
loop_
_chem_comp.id
_chem_comp.type
_chem_comp.name
_chem_comp.formula
CA non-polymer 'CALCIUM ION' 'Ca 2'
CL non-polymer 'CHLORIDE ION' 'Cl -1'
CUA non-polymer 'DINUCLEAR COPPER ION' Cu2
CUZ non-polymer '(MU-4-SULFIDO)-TETRA-NUCLEAR COPPER ION' 'Cu4 S'
#
# COMPACT_ATOMS: atom_id res chain seq x y z
N ALA A 10 -32.59 51.15 14.13
CA ALA A 10 -32.93 50.18 13.05
C ALA A 10 -32.61 50.71 11.65
N HIS A 11 -32.36 52.00 11.54
CA HIS A 11 -32.08 52.60 10.24
C HIS A 11 -30.74 53.33 10.23
N VAL A 12 -29.99 53.16 9.15
CA VAL A 12 -28.69 53.81 9.02
C VAL A 12 -28.73 54.66 7.76
N ALA A 13 -28.71 55.97 7.95
CA ALA A 13 -28.77 56.92 6.84
C ALA A 13 -27.40 57.18 6.23
N PRO A 14 -27.37 57.64 4.97
CA PRO A 14 -26.09 57.90 4.31
C PRO A 14 -25.22 58.77 5.20
N GLY A 15 -23.98 58.35 5.42
CA GLY A 15 -23.08 59.11 6.27
C GLY A 15 -22.96 58.56 7.67
N GLU A 16 -23.98 57.84 8.13
CA GLU A 16 -23.97 57.26 9.46
C GLU A 16 -23.34 55.86 9.39
N LEU A 17 -22.97 55.31 10.54
CA LEU A 17 -22.35 53.99 10.57
C LEU A 17 -23.14 52.98 11.39
N ASP A 18 -23.00 51.71 11.04
CA ASP A 18 -23.68 50.64 11.76
C ASP A 18 -23.09 50.60 13.18
N GLU A 19 -23.75 49.85 14.05
CA GLU A 19 -23.29 49.70 15.43
C GLU A 19 -22.58 48.38 15.66
N TYR A 20 -22.98 47.35 14.93
CA TYR A 20 -22.36 46.03 15.06
C TYR A 20 -21.85 45.51 13.73
N TYR A 21 -20.80 44.70 13.79
CA TYR A 21 -20.27 44.05 12.61
C TYR A 21 -20.99 42.69 12.58
N GLY A 22 -21.32 42.21 11.40
CA GLY A 22 -21.96 40.92 11.32
C GLY A 22 -21.10 39.99 10.50
N PHE A 23 -20.64 38.90 11.08
CA PHE A 23 -19.83 37.94 10.35
C PHE A 23 -20.69 36.74 9.97
N TRP A 24 -21.14 36.76 8.72
CA TRP A 24 -22.01 35.71 8.20
C TRP A 24 -21.24 34.55 7.59
N SER A 25 -21.70 33.33 7.87
CA SER A 25 -21.06 32.17 7.27
C SER A 25 -21.60 32.17 5.84
N GLY A 26 -20.82 31.63 4.90
CA GLY A 26 -21.29 31.57 3.53
C GLY A 26 -21.87 30.23 3.10
N GLY A 27 -21.89 29.26 4.01
CA GLY A 27 -22.40 27.96 3.65
C GLY A 27 -21.55 27.33 2.57
N HIS A 28 -22.17 26.60 1.65
CA HIS A 28 -21.39 25.97 0.59
C HIS A 28 -20.88 26.94 -0.47
N GLN A 29 -21.08 28.23 -0.26
CA GLN A 29 -20.57 29.22 -1.20
C GLN A 29 -19.09 29.36 -0.85
N GLY A 30 -18.75 29.07 0.41
CA GLY A 30 -17.36 29.10 0.85
C GLY A 30 -16.73 30.32 1.50
N GLU A 31 -17.30 31.51 1.36
CA GLU A 31 -16.69 32.69 1.93
C GLU A 31 -17.30 33.08 3.26
N VAL A 32 -16.76 34.14 3.87
CA VAL A 32 -17.34 34.67 5.10
C VAL A 32 -17.79 36.05 4.68
N ARG A 33 -18.98 36.46 5.11
CA ARG A 33 -19.48 37.77 4.72
C ARG A 33 -19.57 38.71 5.90
N VAL A 34 -19.03 39.91 5.71
CA VAL A 34 -19.06 40.92 6.76
C VAL A 34 -20.18 41.90 6.46
N LEU A 35 -21.18 41.95 7.33
CA LEU A 35 -22.30 42.87 7.13
C LEU A 35 -22.34 43.85 8.27
N GLY A 36 -23.00 44.99 8.04
CA GLY A 36 -23.15 45.96 9.10
C GLY A 36 -24.54 45.76 9.66
N VAL A 37 -24.69 45.87 10.97
CA VAL A 37 -25.99 45.72 11.60
C VAL A 37 -26.27 47.05 12.29
N PRO A 38 -27.52 47.53 12.30
CA PRO A 38 -28.75 46.97 11.75
C PRO A 38 -29.08 47.24 10.27
N SER A 39 -28.20 47.90 9.54
CA SER A 39 -28.51 48.16 8.14
C SER A 39 -28.65 46.85 7.38
N MET A 40 -27.91 45.83 7.83
CA MET A 40 -27.92 44.51 7.21
C MET A 40 -27.28 44.54 5.82
N ARG A 41 -26.43 45.53 5.58
CA ARG A 41 -25.77 45.64 4.29
C ARG A 41 -24.47 44.84 4.29
N GLU A 42 -24.03 44.42 3.11
CA GLU A 42 -22.81 43.63 3.00
C GLU A 42 -21.65 44.56 2.76
N LEU A 43 -20.77 44.65 3.76
CA LEU A 43 -19.62 45.53 3.70
C LEU A 43 -18.41 44.90 3.03
N MET A 44 -18.22 43.60 3.21
CA MET A 44 -17.06 42.94 2.63
C MET A 44 -17.18 41.43 2.56
N ARG A 45 -16.47 40.83 1.61
CA ARG A 45 -16.46 39.39 1.47
C ARG A 45 -15.07 38.91 1.75
N ILE A 46 -14.93 37.96 2.67
CA ILE A 46 -13.64 37.39 3.00
C ILE A 46 -13.52 36.02 2.39
N PRO A 47 -12.75 35.89 1.29
CA PRO A 47 -12.65 34.54 0.73
C PRO A 47 -11.93 33.56 1.66
N VAL A 48 -12.47 32.34 1.75
CA VAL A 48 -11.86 31.32 2.59
C VAL A 48 -11.62 30.01 1.86
N PHE A 49 -12.69 29.31 1.53
CA PHE A 49 -12.54 28.04 0.83
C PHE A 49 -12.97 28.14 -0.62
N ASN A 50 -13.49 29.28 -1.00
CA ASN A 50 -13.90 29.51 -2.38
C ASN A 50 -12.72 30.15 -3.12
N VAL A 51 -12.88 30.38 -4.42
CA VAL A 51 -11.83 30.97 -5.22
C VAL A 51 -12.34 32.27 -5.80
N ASP A 52 -11.85 33.37 -5.24
CA ASP A 52 -12.25 34.72 -5.62
C ASP A 52 -11.52 35.28 -6.83
N SER A 53 -12.26 35.44 -7.92
CA SER A 53 -11.74 35.97 -9.18
C SER A 53 -11.23 37.42 -9.06
N ALA A 54 -11.64 38.10 -8.00
CA ALA A 54 -11.22 39.49 -7.79
C ALA A 54 -9.90 39.63 -7.03
N THR A 55 -9.91 39.30 -5.74
CA THR A 55 -8.71 39.43 -4.94
C THR A 55 -7.70 38.38 -5.32
N GLY A 56 -8.14 37.34 -6.01
CA GLY A 56 -7.22 36.31 -6.40
C GLY A 56 -7.00 35.23 -5.36
N TRP A 57 -7.85 35.21 -4.33
CA TRP A 57 -7.71 34.19 -3.31
C TRP A 57 -7.93 32.83 -3.94
N GLY A 58 -6.90 31.98 -3.84
CA GLY A 58 -6.97 30.65 -4.42
C GLY A 58 -6.13 30.63 -5.69
N ILE A 59 -5.82 31.83 -6.19
CA ILE A 59 -5.02 31.97 -7.40
C ILE A 59 -3.62 32.48 -7.05
N THR A 60 -3.53 33.40 -6.11
CA THR A 60 -2.24 33.97 -5.72
C THR A 60 -1.36 32.97 -4.96
N ASN A 61 -0.07 33.23 -4.93
CA ASN A 61 0.84 32.34 -4.22
C ASN A 61 0.71 32.45 -2.72
N GLU A 62 0.41 33.65 -2.23
CA GLU A 62 0.26 33.81 -0.80
C GLU A 62 -0.93 32.98 -0.30
N SER A 63 -2.06 33.05 -1.00
CA SER A 63 -3.23 32.26 -0.59
C SER A 63 -3.00 30.75 -0.75
N LYS A 64 -2.50 30.32 -1.91
CA LYS A 64 -2.25 28.90 -2.12
C LYS A 64 -1.34 28.32 -1.05
N GLU A 65 -0.44 29.14 -0.53
CA GLU A 65 0.48 28.69 0.51
C GLU A 65 -0.27 28.50 1.82
N ILE A 66 -1.27 29.33 2.06
CA ILE A 66 -2.05 29.20 3.29
C ILE A 66 -2.98 28.02 3.10
N LEU A 67 -3.60 27.93 1.91
CA LEU A 67 -4.51 26.84 1.60
C LEU A 67 -3.80 25.50 1.77
N GLY A 68 -2.54 25.45 1.38
CA GLY A 68 -1.80 24.21 1.50
C GLY A 68 -2.52 23.07 0.83
N GLY A 69 -2.39 21.88 1.41
CA GLY A 69 -3.04 20.69 0.88
C GLY A 69 -2.28 20.09 -0.30
N ASP A 70 -2.55 18.83 -0.62
CA ASP A 70 -1.88 18.20 -1.74
C ASP A 70 -2.82 18.08 -2.92
N GLN A 71 -3.86 18.90 -2.90
CA GLN A 71 -4.86 18.88 -3.95
C GLN A 71 -5.55 20.24 -3.94
N GLN A 72 -5.95 20.71 -5.12
CA GLN A 72 -6.64 22.00 -5.21
C GLN A 72 -8.14 21.78 -5.07
N TYR A 73 -8.76 22.56 -4.19
CA TYR A 73 -10.20 22.49 -3.97
C TYR A 73 -10.83 23.82 -4.35
N LEU A 74 -11.77 23.80 -5.30
CA LEU A 74 -12.42 25.02 -5.74
C LEU A 74 -13.64 25.27 -4.87
N ASN A 75 -13.87 24.40 -3.88
CA ASN A 75 -15.04 24.57 -3.04
C ASN A 75 -14.86 24.38 -1.54
N GLY A 76 -15.91 24.75 -0.81
CA GLY A 76 -15.90 24.62 0.63
C GLY A 76 -17.33 24.74 1.15
N ASP A 77 -17.52 24.43 2.43
CA ASP A 77 -18.84 24.51 3.04
C ASP A 77 -18.68 24.96 4.50
N CYS A 78 -18.69 26.27 4.72
CA CYS A 78 -18.52 26.83 6.06
C CYS A 78 -19.85 27.20 6.68
N HIS A 79 -20.05 26.75 7.91
CA HIS A 79 -21.30 26.96 8.63
C HIS A 79 -21.19 27.84 9.89
N HIS A 80 -20.08 27.69 10.60
CA HIS A 80 -19.94 28.41 11.87
C HIS A 80 -18.81 29.39 12.16
N PRO A 81 -19.06 30.69 12.00
CA PRO A 81 -18.01 31.67 12.27
C PRO A 81 -17.99 32.01 13.78
N HIS A 82 -16.78 32.03 14.35
CA HIS A 82 -16.64 32.37 15.76
C HIS A 82 -15.42 33.26 16.04
N ILE A 83 -15.61 34.23 16.95
CA ILE A 83 -14.55 35.18 17.30
C ILE A 83 -13.84 34.86 18.62
N SER A 84 -12.52 34.93 18.59
CA SER A 84 -11.69 34.66 19.77
C SER A 84 -12.08 35.48 20.99
N MET A 85 -11.86 34.91 22.17
CA MET A 85 -12.23 35.60 23.40
C MET A 85 -11.16 35.63 24.48
N THR A 86 -11.36 36.54 25.41
CA THR A 86 -10.48 36.70 26.55
C THR A 86 -11.39 36.82 27.75
N ASP A 87 -11.37 35.82 28.61
CA ASP A 87 -12.18 35.79 29.82
C ASP A 87 -13.66 35.94 29.51
N GLY A 88 -14.12 35.25 28.47
CA GLY A 88 -15.53 35.28 28.11
C GLY A 88 -16.03 36.49 27.36
N ARG A 89 -15.14 37.28 26.79
CA ARG A 89 -15.55 38.46 26.03
C ARG A 89 -14.82 38.48 24.70
N TYR A 90 -15.47 38.94 23.65
CA TYR A 90 -14.84 38.97 22.34
C TYR A 90 -13.63 39.89 22.37
N ASP A 91 -12.50 39.40 21.89
CA ASP A 91 -11.31 40.24 21.89
C ASP A 91 -10.96 40.70 20.50
N GLY A 92 -11.77 40.31 19.52
CA GLY A 92 -11.57 40.73 18.14
C GLY A 92 -10.26 40.43 17.43
N LYS A 93 -9.53 39.42 17.87
CA LYS A 93 -8.27 39.10 17.20
C LYS A 93 -8.47 38.10 16.06
N TYR A 94 -9.18 37.01 16.32
CA TYR A 94 -9.41 36.00 15.29
C TYR A 94 -10.86 35.55 15.09
N LEU A 95 -11.09 34.99 13.90
CA LEU A 95 -12.37 34.44 13.55
C LEU A 95 -12.04 33.06 12.98
N PHE A 96 -12.72 32.04 13.49
CA PHE A 96 -12.51 30.68 13.03
C PHE A 96 -13.80 30.13 12.40
N ILE A 97 -13.68 29.32 11.36
CA ILE A 97 -14.83 28.72 10.73
C ILE A 97 -14.48 27.36 10.14
N ASN A 98 -15.48 26.51 10.03
CA ASN A 98 -15.32 25.15 9.55
C ASN A 98 -15.57 25.01 8.07
N ASP A 99 -15.13 23.85 7.54
CA ASP A 99 -15.36 23.47 6.15
C ASP A 99 -15.86 22.03 6.21
N LYS A 100 -17.12 21.83 5.86
CA LYS A 100 -17.69 20.48 5.93
C LYS A 100 -17.47 19.64 4.67
N ALA A 101 -17.16 20.30 3.56
CA ALA A 101 -16.94 19.60 2.30
C ALA A 101 -15.57 18.92 2.20
N ASN A 102 -14.52 19.65 2.51
CA ASN A 102 -13.18 19.07 2.40
C ASN A 102 -12.39 18.96 3.70
N THR A 103 -13.09 18.84 4.82
CA THR A 103 -12.49 18.65 6.13
C THR A 103 -11.35 19.60 6.48
N ARG A 104 -11.68 20.85 6.76
CA ARG A 104 -10.68 21.85 7.12
C ARG A 104 -11.28 22.82 8.12
N VAL A 105 -10.42 23.65 8.68
CA VAL A 105 -10.82 24.68 9.63
C VAL A 105 -9.97 25.88 9.26
N ALA A 106 -10.60 27.05 9.13
CA ALA A 106 -9.84 28.23 8.75
C ALA A 106 -9.78 29.24 9.87
N ARG A 107 -8.81 30.14 9.73
CA ARG A 107 -8.66 31.20 10.71
C ARG A 107 -8.57 32.52 9.94
N ILE A 108 -9.26 33.53 10.45
CA ILE A 108 -9.26 34.82 9.80
C ILE A 108 -8.71 35.92 10.71
N ARG A 109 -7.82 36.73 10.15
CA ARG A 109 -7.23 37.85 10.86
C ARG A 109 -8.20 39.01 10.74
N LEU A 110 -8.83 39.39 11.84
CA LEU A 110 -9.80 40.46 11.82
C LEU A 110 -9.20 41.85 11.62
N ASP A 111 -7.90 41.98 11.80
CA ASP A 111 -7.27 43.28 11.63
C ASP A 111 -7.31 43.67 10.14
N ILE A 112 -7.14 42.69 9.26
CA ILE A 112 -7.18 42.97 7.83
C ILE A 112 -8.31 42.23 7.09
N MET A 113 -9.12 41.46 7.83
CA MET A 113 -10.22 40.70 7.28
C MET A 113 -9.73 39.81 6.15
N LYS A 114 -8.80 38.92 6.46
CA LYS A 114 -8.25 38.01 5.46
C LYS A 114 -7.99 36.65 6.08
N THR A 115 -8.20 35.59 5.32
CA THR A 115 -7.93 34.26 5.85
C THR A 115 -6.42 34.20 6.05
N ASP A 116 -6.03 33.78 7.26
CA ASP A 116 -4.63 33.68 7.68
C ASP A 116 -4.10 32.24 7.82
N LYS A 117 -4.98 31.30 8.16
CA LYS A 117 -4.57 29.91 8.35
C LYS A 117 -5.63 28.89 7.94
N ILE A 118 -5.18 27.78 7.36
CA ILE A 118 -6.07 26.70 6.96
C ILE A 118 -5.44 25.36 7.31
N THR A 119 -6.13 24.60 8.14
CA THR A 119 -5.64 23.30 8.59
C THR A 119 -6.55 22.14 8.19
N HIS A 120 -5.97 21.08 7.63
CA HIS A 120 -6.74 19.89 7.26
C HIS A 120 -6.80 19.01 8.50
N ILE A 121 -7.99 18.55 8.88
CA ILE A 121 -8.13 17.72 10.06
C ILE A 121 -7.94 16.26 9.67
N PRO A 122 -7.04 15.54 10.35
CA PRO A 122 -6.78 14.14 10.00
C PRO A 122 -7.72 13.05 10.52
N ASN A 123 -7.76 11.97 9.73
CA ASN A 123 -8.52 10.76 10.02
C ASN A 123 -9.95 10.97 10.39
N VAL A 124 -10.55 12.02 9.87
CA VAL A 124 -11.91 12.36 10.21
C VAL A 124 -12.59 12.97 8.97
N GLN A 125 -13.92 13.05 8.95
CA GLN A 125 -14.59 13.64 7.80
C GLN A 125 -15.73 14.60 8.10
N ALA A 126 -15.82 15.63 7.28
CA ALA A 126 -16.87 16.63 7.42
C ALA A 126 -16.85 17.37 8.75
N ILE A 127 -16.06 18.43 8.82
CA ILE A 127 -15.99 19.22 10.05
C ILE A 127 -17.25 20.09 10.05
N HIS A 128 -18.12 19.88 11.03
CA HIS A 128 -19.34 20.65 11.12
C HIS A 128 -19.35 21.61 12.29
N GLY A 129 -19.70 21.10 13.46
CA GLY A 129 -19.76 21.95 14.62
C GLY A 129 -18.40 22.53 14.93
N LEU A 130 -18.37 23.80 15.30
CA LEU A 130 -17.12 24.46 15.66
C LEU A 130 -17.40 25.63 16.56
N ARG A 131 -16.66 25.70 17.66
CA ARG A 131 -16.77 26.80 18.62
C ARG A 131 -15.48 26.93 19.44
N LEU A 132 -15.30 28.09 20.06
CA LEU A 132 -14.09 28.38 20.80
C LEU A 132 -14.14 28.25 22.32
N GLN A 133 -12.95 28.21 22.92
CA GLN A 133 -12.81 28.17 24.37
C GLN A 133 -13.03 29.61 24.82
N LYS A 134 -13.76 29.78 25.92
CA LYS A 134 -14.05 31.12 26.41
C LYS A 134 -13.12 31.58 27.52
N VAL A 135 -12.90 30.69 28.49
CA VAL A 135 -12.06 31.00 29.63
C VAL A 135 -10.89 30.03 29.72
N PRO A 136 -9.69 30.53 30.08
CA PRO A 136 -9.35 31.93 30.39
C PRO A 136 -9.37 32.79 29.13
N LYS A 137 -9.16 32.14 28.00
CA LYS A 137 -9.15 32.78 26.69
C LYS A 137 -9.25 31.68 25.63
N THR A 138 -9.26 32.06 24.36
CA THR A 138 -9.34 31.07 23.31
C THR A 138 -7.99 30.45 23.02
N ASN A 139 -7.71 29.33 23.66
CA ASN A 139 -6.47 28.61 23.44
C ASN A 139 -6.82 27.45 22.53
N TYR A 140 -8.02 26.90 22.73
CA TYR A 140 -8.50 25.78 21.94
C TYR A 140 -9.63 26.13 20.99
N VAL A 141 -9.57 25.55 19.80
CA VAL A 141 -10.62 25.70 18.81
C VAL A 141 -11.22 24.29 18.78
N PHE A 142 -12.48 24.15 19.15
CA PHE A 142 -13.14 22.84 19.15
C PHE A 142 -13.92 22.52 17.87
N CYS A 143 -13.61 21.37 17.28
CA CYS A 143 -14.23 20.95 16.04
C CYS A 143 -14.90 19.59 16.11
N ASN A 144 -16.04 19.48 15.45
CA ASN A 144 -16.79 18.23 15.37
C ASN A 144 -16.61 17.69 13.98
N ALA A 145 -16.56 16.37 13.87
CA ALA A 145 -16.46 15.71 12.58
C ALA A 145 -17.78 14.92 12.58
N GLU A 146 -18.65 15.20 11.61
CA GLU A 146 -19.97 14.59 11.53
C GLU A 146 -20.17 13.15 11.01
N PHE A 147 -19.33 12.70 10.08
CA PHE A 147 -19.53 11.37 9.53
C PHE A 147 -18.54 10.31 10.00
N VAL A 148 -19.04 9.21 10.52
CA VAL A 148 -18.16 8.13 11.00
C VAL A 148 -17.46 7.40 9.86
N ILE A 149 -16.18 7.11 10.05
CA ILE A 149 -15.41 6.41 9.04
C ILE A 149 -14.52 5.37 9.70
N PRO A 150 -14.07 4.35 8.95
CA PRO A 150 -13.21 3.36 9.57
C PRO A 150 -11.89 4.00 10.00
N GLN A 151 -11.26 3.40 10.99
CA GLN A 151 -9.99 3.90 11.52
C GLN A 151 -8.86 2.88 11.43
N PRO A 152 -7.91 3.10 10.52
CA PRO A 152 -7.81 4.24 9.60
C PRO A 152 -8.68 3.99 8.38
N ASN A 153 -8.95 5.04 7.61
CA ASN A 153 -9.81 4.92 6.43
C ASN A 153 -8.96 4.54 5.22
N ASP A 154 -8.60 3.26 5.12
CA ASP A 154 -7.75 2.79 4.03
C ASP A 154 -8.38 1.87 3.00
N GLY A 155 -9.67 1.62 3.12
CA GLY A 155 -10.32 0.75 2.15
C GLY A 155 -10.19 -0.74 2.40
N THR A 156 -9.76 -1.14 3.59
CA THR A 156 -9.66 -2.57 3.86
C THR A 156 -10.87 -3.06 4.66
N ASP A 157 -11.70 -2.13 5.13
CA ASP A 157 -12.90 -2.45 5.90
C ASP A 157 -13.90 -1.28 5.87
N PHE A 158 -14.93 -1.43 5.04
CA PHE A 158 -15.94 -0.39 4.87
C PHE A 158 -17.08 -0.41 5.87
N SER A 159 -17.21 -1.48 6.64
CA SER A 159 -18.31 -1.61 7.59
C SER A 159 -18.54 -0.47 8.57
N LEU A 160 -19.81 -0.11 8.74
CA LEU A 160 -20.18 0.95 9.67
C LEU A 160 -19.89 0.53 11.11
N ASP A 161 -19.86 -0.78 11.34
CA ASP A 161 -19.60 -1.33 12.67
C ASP A 161 -18.29 -0.82 13.22
N ASN A 162 -17.31 -0.65 12.34
CA ASN A 162 -15.98 -0.19 12.76
C ASN A 162 -15.66 1.21 12.27
N SER A 163 -16.70 2.01 12.07
CA SER A 163 -16.54 3.38 11.64
C SER A 163 -16.81 4.26 12.83
N TYR A 164 -15.97 5.27 13.02
CA TYR A 164 -16.13 6.18 14.14
C TYR A 164 -15.70 7.59 13.75
N THR A 165 -15.96 8.54 14.62
CA THR A 165 -15.54 9.89 14.35
C THR A 165 -14.82 10.42 15.59
N MET A 166 -14.23 11.61 15.49
CA MET A 166 -13.51 12.18 16.61
C MET A 166 -13.77 13.65 16.84
N PHE A 167 -13.55 14.07 18.08
CA PHE A 167 -13.71 15.45 18.52
C PHE A 167 -12.30 16.01 18.47
N THR A 168 -12.11 17.08 17.70
CA THR A 168 -10.78 17.67 17.55
C THR A 168 -10.56 19.03 18.19
N ALA A 169 -9.43 19.18 18.87
CA ALA A 169 -9.08 20.45 19.50
C ALA A 169 -7.87 20.99 18.76
N ILE A 170 -7.95 22.23 18.31
CA ILE A 170 -6.84 22.86 17.61
C ILE A 170 -6.29 24.00 18.44
N ASP A 171 -4.98 24.21 18.39
CA ASP A 171 -4.40 25.30 19.13
C ASP A 171 -4.69 26.55 18.34
N ALA A 172 -5.42 27.48 18.94
CA ALA A 172 -5.81 28.72 18.26
C ALA A 172 -4.66 29.54 17.70
N GLU A 173 -3.63 29.78 18.51
CA GLU A 173 -2.49 30.57 18.09
C GLU A 173 -1.57 29.91 17.05
N THR A 174 -1.57 28.58 17.01
CA THR A 174 -0.73 27.83 16.08
C THR A 174 -1.51 27.28 14.89
N MET A 175 -2.77 26.93 15.15
CA MET A 175 -3.65 26.35 14.13
C MET A 175 -3.19 24.95 13.80
N ASP A 176 -2.46 24.35 14.73
CA ASP A 176 -2.02 22.96 14.57
C ASP A 176 -2.92 22.16 15.51
N VAL A 177 -3.33 20.97 15.06
CA VAL A 177 -4.18 20.11 15.85
C VAL A 177 -3.48 19.74 17.15
N ALA A 178 -4.18 19.87 18.27
CA ALA A 178 -3.63 19.56 19.58
C ALA A 178 -3.88 18.09 19.91
N TRP A 179 -5.12 17.66 19.81
CA TRP A 179 -5.50 16.29 20.09
C TRP A 179 -6.91 15.96 19.59
N GLN A 180 -7.22 14.66 19.55
CA GLN A 180 -8.52 14.18 19.09
C GLN A 180 -9.07 13.15 20.05
N VAL A 181 -10.40 13.17 20.21
CA VAL A 181 -11.07 12.25 21.12
C VAL A 181 -12.07 11.39 20.36
N ILE A 182 -11.83 10.08 20.33
CA ILE A 182 -12.74 9.18 19.64
C ILE A 182 -13.98 9.07 20.49
N VAL A 183 -15.14 9.06 19.85
CA VAL A 183 -16.40 8.98 20.56
C VAL A 183 -17.29 7.95 19.91
N ASP A 184 -18.41 7.66 20.56
CA ASP A 184 -19.39 6.74 19.98
C ASP A 184 -20.31 7.63 19.17
N GLY A 185 -21.20 7.03 18.38
CA GLY A 185 -22.13 7.81 17.58
C GLY A 185 -21.41 8.82 16.71
N ASN A 186 -21.95 10.02 16.59
CA ASN A 186 -21.32 11.06 15.80
C ASN A 186 -21.35 12.41 16.49
N LEU A 187 -20.95 13.46 15.79
CA LEU A 187 -20.93 14.79 16.40
C LEU A 187 -21.60 15.81 15.51
N ASP A 188 -22.50 16.61 16.08
CA ASP A 188 -23.20 17.61 15.31
C ASP A 188 -22.63 18.99 15.59
N ASN A 189 -23.17 19.62 16.64
CA ASN A 189 -22.72 20.94 17.03
C ASN A 189 -22.03 20.92 18.38
N THR A 190 -21.33 22.00 18.71
CA THR A 190 -20.58 22.05 19.97
C THR A 190 -20.42 23.43 20.59
N ASP A 191 -20.26 23.45 21.91
CA ASP A 191 -20.05 24.69 22.65
C ASP A 191 -19.18 24.40 23.86
N ALA A 192 -18.70 25.46 24.51
CA ALA A 192 -17.84 25.30 25.69
C ALA A 192 -18.38 26.12 26.85
N ASP A 193 -17.87 25.83 28.05
CA ASP A 193 -18.31 26.53 29.25
C ASP A 193 -17.54 27.82 29.49
N TYR A 194 -17.76 28.43 30.65
CA TYR A 194 -17.05 29.66 31.00
C TYR A 194 -16.00 29.44 32.08
N THR A 195 -15.32 28.29 32.01
CA THR A 195 -14.25 27.96 32.96
C THR A 195 -13.06 27.39 32.19
N GLY A 196 -13.33 26.72 31.08
CA GLY A 196 -12.26 26.14 30.29
C GLY A 196 -12.16 24.64 30.46
N LYS A 197 -12.87 24.11 31.44
CA LYS A 197 -12.81 22.69 31.73
C LYS A 197 -13.70 21.81 30.85
N TYR A 198 -14.86 22.32 30.48
CA TYR A 198 -15.79 21.53 29.67
C TYR A 198 -16.11 22.05 28.29
N ALA A 199 -16.44 21.10 27.41
CA ALA A 199 -16.84 21.34 26.04
C ALA A 199 -17.87 20.25 25.78
N THR A 200 -18.89 20.53 24.97
CA THR A 200 -19.93 19.54 24.71
C THR A 200 -20.44 19.57 23.28
N SER A 201 -20.85 18.41 22.79
CA SER A 201 -21.36 18.28 21.43
C SER A 201 -22.62 17.43 21.40
N THR A 202 -23.49 17.71 20.44
CA THR A 202 -24.71 16.93 20.31
C THR A 202 -24.42 15.77 19.39
N CYS A 203 -25.29 14.76 19.43
CA CYS A 203 -25.15 13.58 18.61
C CYS A 203 -26.50 13.23 18.03
N TYR A 204 -26.57 12.87 16.76
CA TYR A 204 -27.85 12.50 16.19
C TYR A 204 -27.80 11.10 15.61
N ASN A 205 -26.60 10.55 15.50
CA ASN A 205 -26.42 9.23 14.91
C ASN A 205 -25.76 8.25 15.88
N SER A 206 -26.34 8.06 17.06
CA SER A 206 -25.78 7.12 18.03
C SER A 206 -25.90 5.71 17.49
N GLU A 207 -26.67 5.58 16.43
CA GLU A 207 -26.90 4.30 15.79
C GLU A 207 -25.83 4.04 14.74
N ARG A 208 -25.07 5.08 14.42
CA ARG A 208 -24.02 4.97 13.41
C ARG A 208 -24.58 4.27 12.18
N ALA A 209 -25.71 4.77 11.69
CA ALA A 209 -26.35 4.20 10.51
C ALA A 209 -26.28 5.20 9.36
N VAL A 210 -26.46 4.71 8.14
CA VAL A 210 -26.44 5.58 6.97
C VAL A 210 -27.88 5.85 6.49
N ASP A 211 -28.71 4.81 6.48
CA ASP A 211 -30.09 4.96 6.04
C ASP A 211 -30.92 5.76 7.04
N LEU A 212 -31.79 6.62 6.51
CA LEU A 212 -32.65 7.48 7.31
C LEU A 212 -33.31 6.85 8.54
N ALA A 213 -34.00 5.73 8.33
CA ALA A 213 -34.70 5.05 9.40
C ALA A 213 -33.78 4.65 10.55
N GLY A 214 -32.57 4.24 10.21
CA GLY A 214 -31.62 3.83 11.23
C GLY A 214 -31.14 4.98 12.11
N THR A 215 -30.92 6.13 11.51
CA THR A 215 -30.46 7.29 12.27
C THR A 215 -31.52 7.77 13.25
N MET A 216 -32.75 7.30 13.06
CA MET A 216 -33.86 7.70 13.92
C MET A 216 -34.37 6.58 14.83
N ARG A 217 -33.71 5.44 14.79
CA ARG A 217 -34.12 4.27 15.56
C ARG A 217 -34.27 4.50 17.06
N ASN A 218 -33.21 4.96 17.73
CA ASN A 218 -33.25 5.17 19.17
C ASN A 218 -34.09 6.38 19.59
N ASP A 219 -34.81 6.25 20.70
CA ASP A 219 -35.65 7.33 21.19
C ASP A 219 -34.77 8.49 21.62
N ARG A 220 -33.60 8.16 22.12
CA ARG A 220 -32.66 9.17 22.57
C ARG A 220 -31.26 8.98 22.00
N ASP A 221 -30.58 10.10 21.81
CA ASP A 221 -29.22 10.12 21.33
C ASP A 221 -28.51 10.68 22.54
N TRP A 222 -27.70 11.71 22.37
CA TRP A 222 -27.01 12.25 23.54
C TRP A 222 -26.20 13.48 23.27
N VAL A 223 -25.71 14.05 24.37
CA VAL A 223 -24.84 15.20 24.34
C VAL A 223 -23.58 14.65 24.99
N VAL A 224 -22.46 14.69 24.27
CA VAL A 224 -21.21 14.19 24.82
C VAL A 224 -20.49 15.34 25.48
N VAL A 225 -20.17 15.19 26.76
CA VAL A 225 -19.46 16.23 27.47
C VAL A 225 -18.01 15.80 27.58
N PHE A 226 -17.11 16.70 27.19
CA PHE A 226 -15.68 16.44 27.21
C PHE A 226 -15.03 17.16 28.38
N ASN A 227 -14.26 16.40 29.16
CA ASN A 227 -13.53 16.99 30.29
C ASN A 227 -12.18 17.35 29.66
N VAL A 228 -12.07 18.57 29.16
CA VAL A 228 -10.84 19.02 28.52
C VAL A 228 -9.65 18.91 29.46
N GLU A 229 -9.90 19.31 30.71
CA GLU A 229 -8.88 19.28 31.76
C GLU A 229 -8.24 17.89 31.86
N ARG A 230 -9.07 16.85 31.85
CA ARG A 230 -8.59 15.48 31.93
C ARG A 230 -7.96 14.99 30.63
N ILE A 231 -8.44 15.52 29.51
CA ILE A 231 -7.92 15.11 28.21
C ILE A 231 -6.52 15.68 27.96
N ALA A 232 -6.30 16.92 28.39
CA ALA A 232 -5.00 17.57 28.24
C ALA A 232 -3.99 16.90 29.15
N ALA A 233 -4.43 16.56 30.34
CA ALA A 233 -3.57 15.88 31.32
C ALA A 233 -3.07 14.56 30.74
N ALA A 234 -3.98 13.79 30.16
CA ALA A 234 -3.64 12.51 29.57
C ALA A 234 -2.65 12.69 28.42
N VAL A 235 -2.86 13.71 27.61
CA VAL A 235 -1.97 13.97 26.48
C VAL A 235 -0.58 14.34 26.97
N LYS A 236 -0.53 15.19 27.99
CA LYS A 236 0.76 15.62 28.53
C LYS A 236 1.56 14.45 29.07
N ALA A 237 0.87 13.53 29.74
CA ALA A 237 1.52 12.36 30.31
C ALA A 237 1.87 11.33 29.25
N GLY A 238 1.57 11.65 27.99
CA GLY A 238 1.87 10.75 26.91
C GLY A 238 0.98 9.52 26.81
N ASN A 239 -0.16 9.54 27.50
CA ASN A 239 -1.06 8.39 27.44
C ASN A 239 -2.04 8.58 26.28
N PHE A 240 -1.58 8.23 25.09
CA PHE A 240 -2.39 8.37 23.89
C PHE A 240 -1.84 7.51 22.77
N LYS A 241 -2.59 7.43 21.68
CA LYS A 241 -2.19 6.66 20.52
C LYS A 241 -2.30 7.52 19.29
N THR A 242 -1.95 6.96 18.14
CA THR A 242 -2.03 7.69 16.89
C THR A 242 -2.73 6.82 15.88
N ILE A 243 -3.32 7.43 14.86
CA ILE A 243 -4.02 6.69 13.83
C ILE A 243 -3.46 7.04 12.45
N GLY A 244 -3.22 6.02 11.63
CA GLY A 244 -2.70 6.24 10.30
C GLY A 244 -1.41 7.04 10.23
N ASP A 245 -1.34 7.96 9.27
CA ASP A 245 -0.16 8.79 9.07
C ASP A 245 -0.09 10.03 9.94
N SER A 246 -1.03 10.20 10.86
CA SER A 246 -1.02 11.39 11.71
C SER A 246 -0.32 11.19 13.06
N LYS A 247 0.45 12.18 13.48
CA LYS A 247 1.16 12.11 14.74
C LYS A 247 0.32 12.74 15.84
N VAL A 248 -0.87 13.21 15.47
CA VAL A 248 -1.73 13.85 16.46
C VAL A 248 -2.11 12.90 17.59
N PRO A 249 -2.04 13.39 18.84
CA PRO A 249 -2.39 12.55 20.00
C PRO A 249 -3.89 12.22 19.98
N VAL A 250 -4.20 10.94 20.17
CA VAL A 250 -5.57 10.48 20.17
C VAL A 250 -5.93 9.72 21.44
N VAL A 251 -6.98 10.15 22.12
CA VAL A 251 -7.45 9.49 23.33
C VAL A 251 -8.82 8.86 23.04
N ASP A 252 -9.14 7.78 23.74
CA ASP A 252 -10.40 7.09 23.51
C ASP A 252 -11.47 7.58 24.48
N GLY A 253 -12.57 8.09 23.94
CA GLY A 253 -13.64 8.58 24.78
C GLY A 253 -14.89 7.75 24.61
N ARG A 254 -14.75 6.56 24.03
CA ARG A 254 -15.86 5.66 23.81
C ARG A 254 -16.27 4.89 25.07
N GLY A 255 -17.56 4.58 25.20
CA GLY A 255 -18.04 3.86 26.35
C GLY A 255 -17.69 4.54 27.66
N GLU A 256 -17.39 3.75 28.69
CA GLU A 256 -17.02 4.30 29.99
C GLU A 256 -15.60 4.86 29.92
N SER A 257 -15.51 6.18 29.94
CA SER A 257 -14.22 6.86 29.87
C SER A 257 -14.17 7.98 30.88
N GLU A 258 -12.97 8.33 31.32
CA GLU A 258 -12.81 9.40 32.28
C GLU A 258 -12.88 10.72 31.52
N PHE A 259 -12.72 10.61 30.20
CA PHE A 259 -12.72 11.76 29.32
C PHE A 259 -14.10 12.26 28.91
N THR A 260 -15.04 11.34 28.75
CA THR A 260 -16.37 11.70 28.31
C THR A 260 -17.52 11.23 29.16
N ARG A 261 -18.67 11.87 28.96
CA ARG A 261 -19.92 11.56 29.65
C ARG A 261 -21.04 11.73 28.63
N TYR A 262 -21.82 10.69 28.41
CA TYR A 262 -22.91 10.76 27.44
C TYR A 262 -24.29 10.94 28.07
N ILE A 263 -24.74 12.19 28.13
CA ILE A 263 -26.04 12.53 28.71
C ILE A 263 -27.14 12.36 27.65
N PRO A 264 -27.95 11.30 27.76
CA PRO A 264 -29.02 11.05 26.79
C PRO A 264 -30.04 12.19 26.60
N VAL A 265 -30.18 12.63 25.35
CA VAL A 265 -31.08 13.73 24.96
C VAL A 265 -32.01 13.35 23.81
N PRO A 266 -33.30 13.73 23.92
CA PRO A 266 -34.39 13.49 22.96
C PRO A 266 -34.13 13.72 21.47
N LYS A 267 -34.38 12.65 20.73
CA LYS A 267 -34.22 12.47 19.29
C LYS A 267 -33.48 13.40 18.37
N ASN A 268 -32.34 12.88 17.88
CA ASN A 268 -31.46 13.56 16.95
C ASN A 268 -31.17 15.03 17.25
N PRO A 269 -30.81 15.36 18.50
CA PRO A 269 -30.53 16.75 18.86
C PRO A 269 -29.57 17.41 17.86
N HIS A 270 -29.75 18.70 17.66
CA HIS A 270 -28.96 19.45 16.71
C HIS A 270 -28.09 20.54 17.35
N GLY A 271 -28.68 21.71 17.61
CA GLY A 271 -27.92 22.80 18.19
C GLY A 271 -27.54 22.57 19.64
N LEU A 272 -26.44 23.20 20.07
CA LEU A 272 -25.96 23.09 21.45
C LEU A 272 -25.38 24.44 21.84
N ASN A 273 -26.12 25.18 22.64
CA ASN A 273 -25.69 26.52 23.01
C ASN A 273 -25.46 26.76 24.50
N THR A 274 -24.47 27.59 24.81
CA THR A 274 -24.15 27.91 26.20
C THR A 274 -24.77 29.26 26.57
N SER A 275 -25.43 29.32 27.71
CA SER A 275 -26.03 30.56 28.16
C SER A 275 -24.94 31.52 28.63
N PRO A 276 -25.18 32.83 28.53
CA PRO A 276 -24.24 33.88 28.94
C PRO A 276 -23.84 33.79 30.41
N ASP A 277 -24.78 33.41 31.25
CA ASP A 277 -24.50 33.29 32.67
C ASP A 277 -23.47 32.19 32.92
N GLY A 278 -23.19 31.41 31.89
CA GLY A 278 -22.21 30.34 31.99
C GLY A 278 -22.63 29.10 32.75
N LYS A 279 -23.93 28.90 32.97
CA LYS A 279 -24.35 27.72 33.71
C LYS A 279 -25.21 26.72 32.97
N TYR A 280 -25.45 26.92 31.69
CA TYR A 280 -26.26 25.97 30.95
C TYR A 280 -25.77 25.61 29.55
N PHE A 281 -25.88 24.32 29.25
CA PHE A 281 -25.56 23.78 27.96
C PHE A 281 -26.94 23.37 27.45
N ILE A 282 -27.44 24.05 26.42
CA ILE A 282 -28.76 23.72 25.90
C ILE A 282 -28.71 23.00 24.57
N ALA A 283 -29.25 21.80 24.54
CA ALA A 283 -29.31 20.98 23.33
C ALA A 283 -30.72 21.06 22.75
N ASN A 284 -30.82 21.34 21.46
CA ASN A 284 -32.11 21.45 20.80
C ASN A 284 -32.61 20.11 20.29
N GLY A 285 -33.83 19.76 20.69
CA GLY A 285 -34.41 18.47 20.33
C GLY A 285 -34.76 18.03 18.93
N LYS A 286 -34.82 18.97 17.98
CA LYS A 286 -35.17 18.67 16.58
C LYS A 286 -36.35 17.72 16.44
N LEU A 287 -36.09 16.43 16.30
CA LEU A 287 -37.15 15.44 16.15
C LEU A 287 -38.02 15.36 17.40
N SER A 288 -37.53 15.95 18.49
CA SER A 288 -38.27 15.99 19.74
C SER A 288 -38.65 17.46 19.93
N PRO A 289 -39.95 17.75 20.13
CA PRO A 289 -40.43 19.13 20.31
C PRO A 289 -39.91 19.80 21.58
N THR A 290 -38.74 19.37 22.04
CA THR A 290 -38.19 19.88 23.27
C THR A 290 -36.83 20.50 23.14
N VAL A 291 -36.30 20.88 24.29
CA VAL A 291 -34.99 21.45 24.46
C VAL A 291 -34.49 20.80 25.74
N SER A 292 -33.18 20.56 25.83
CA SER A 292 -32.61 19.96 27.03
C SER A 292 -31.61 20.91 27.65
N VAL A 293 -31.85 21.28 28.90
CA VAL A 293 -30.98 22.21 29.61
C VAL A 293 -30.08 21.48 30.62
N ILE A 294 -28.82 21.34 30.26
CA ILE A 294 -27.83 20.67 31.09
C ILE A 294 -27.14 21.68 32.01
N ALA A 295 -27.12 21.38 33.30
CA ALA A 295 -26.48 22.28 34.26
C ALA A 295 -24.99 21.97 34.33
N ILE A 296 -24.18 22.93 33.88
CA ILE A 296 -22.73 22.77 33.88
C ILE A 296 -22.23 22.68 35.31
N ASP A 297 -23.03 23.18 36.24
CA ASP A 297 -22.70 23.16 37.66
C ASP A 297 -22.63 21.74 38.21
N LYS A 298 -23.41 20.84 37.64
CA LYS A 298 -23.41 19.47 38.11
C LYS A 298 -22.44 18.56 37.37
N LEU A 299 -21.69 19.10 36.43
CA LEU A 299 -20.76 18.29 35.68
C LEU A 299 -19.61 17.77 36.52
N ASP A 300 -19.14 18.55 37.49
CA ASP A 300 -18.05 18.09 38.34
C ASP A 300 -18.44 16.80 39.04
N ASP A 301 -19.62 16.79 39.66
CA ASP A 301 -20.09 15.60 40.35
C ASP A 301 -20.32 14.44 39.38
N LEU A 302 -20.73 14.75 38.15
CA LEU A 302 -21.00 13.70 37.16
C LEU A 302 -19.74 12.96 36.74
N PHE A 303 -18.62 13.66 36.68
CA PHE A 303 -17.38 13.00 36.29
C PHE A 303 -16.72 12.34 37.49
N GLU A 304 -17.44 12.31 38.60
CA GLU A 304 -16.97 11.69 39.84
C GLU A 304 -17.98 10.59 40.14
N ASP A 305 -18.99 10.49 39.28
CA ASP A 305 -20.03 9.49 39.41
C ASP A 305 -20.85 9.68 40.68
N LYS A 306 -20.91 10.90 41.19
CA LYS A 306 -21.67 11.19 42.40
C LYS A 306 -23.16 11.29 42.10
N ILE A 307 -23.48 11.51 40.83
CA ILE A 307 -24.87 11.63 40.40
C ILE A 307 -25.13 10.87 39.11
N GLU A 308 -26.40 10.75 38.74
CA GLU A 308 -26.80 10.05 37.53
C GLU A 308 -26.68 10.95 36.30
N LEU A 309 -26.45 10.36 35.13
CA LEU A 309 -26.31 11.13 33.90
C LEU A 309 -27.46 12.12 33.65
N ARG A 310 -28.70 11.64 33.77
CA ARG A 310 -29.85 12.50 33.55
C ARG A 310 -30.08 13.51 34.67
N ASP A 311 -29.37 13.37 35.77
CA ASP A 311 -29.51 14.29 36.90
C ASP A 311 -29.00 15.67 36.53
N THR A 312 -28.21 15.74 35.46
CA THR A 312 -27.65 17.00 35.02
C THR A 312 -28.73 17.83 34.33
N ILE A 313 -29.79 17.16 33.90
CA ILE A 313 -30.91 17.82 33.22
C ILE A 313 -31.73 18.63 34.22
N VAL A 314 -31.70 19.95 34.07
CA VAL A 314 -32.43 20.86 34.93
C VAL A 314 -33.81 21.19 34.36
N ALA A 315 -33.94 21.07 33.05
CA ALA A 315 -35.20 21.35 32.37
C ALA A 315 -35.22 20.69 31.01
N GLU A 316 -36.41 20.38 30.54
CA GLU A 316 -36.59 19.77 29.24
C GLU A 316 -37.99 20.16 28.81
N PRO A 317 -38.21 21.46 28.58
CA PRO A 317 -39.48 22.04 28.16
C PRO A 317 -39.89 21.76 26.72
N GLU A 318 -41.18 21.56 26.49
CA GLU A 318 -41.70 21.33 25.15
C GLU A 318 -41.90 22.72 24.56
N LEU A 319 -41.37 22.97 23.37
CA LEU A 319 -41.51 24.29 22.77
C LEU A 319 -42.31 24.33 21.49
N GLY A 320 -42.01 23.41 20.58
CA GLY A 320 -42.71 23.35 19.32
C GLY A 320 -42.09 22.31 18.43
N LEU A 321 -42.52 22.26 17.17
CA LEU A 321 -41.99 21.29 16.24
C LEU A 321 -40.70 21.73 15.57
N GLY A 322 -39.66 20.93 15.72
CA GLY A 322 -38.39 21.23 15.09
C GLY A 322 -37.46 22.21 15.77
N PRO A 323 -37.22 22.10 17.08
CA PRO A 323 -36.30 23.08 17.66
C PRO A 323 -34.87 22.74 17.22
N LEU A 324 -34.22 23.69 16.53
CA LEU A 324 -32.85 23.49 16.03
C LEU A 324 -31.74 24.22 16.77
N HIS A 325 -31.92 25.51 17.03
CA HIS A 325 -30.92 26.30 17.73
C HIS A 325 -31.54 27.25 18.76
N THR A 326 -30.71 27.67 19.71
CA THR A 326 -31.13 28.56 20.79
C THR A 326 -30.12 29.69 20.99
N THR A 327 -30.57 30.81 21.51
CA THR A 327 -29.68 31.95 21.76
C THR A 327 -30.25 32.69 22.97
N PHE A 328 -29.51 33.65 23.52
CA PHE A 328 -29.98 34.34 24.72
C PHE A 328 -29.84 35.85 24.73
N ASP A 329 -30.62 36.51 25.59
CA ASP A 329 -30.59 37.96 25.71
C ASP A 329 -29.87 38.44 26.97
N GLY A 330 -29.33 37.51 27.74
CA GLY A 330 -28.63 37.88 28.95
C GLY A 330 -29.56 38.38 30.03
N ARG A 331 -30.87 38.24 29.79
CA ARG A 331 -31.87 38.68 30.75
C ARG A 331 -32.58 37.50 31.38
N GLY A 332 -32.14 36.29 31.04
CA GLY A 332 -32.76 35.10 31.60
C GLY A 332 -33.70 34.42 30.63
N ASN A 333 -33.82 34.99 29.43
CA ASN A 333 -34.69 34.43 28.41
C ASN A 333 -33.86 33.76 27.31
N ALA A 334 -34.47 32.78 26.67
CA ALA A 334 -33.83 32.05 25.59
C ALA A 334 -34.74 32.17 24.37
N TYR A 335 -34.14 32.09 23.19
CA TYR A 335 -34.90 32.17 21.95
C TYR A 335 -34.52 30.95 21.13
N THR A 336 -35.51 30.16 20.75
CA THR A 336 -35.25 28.94 19.99
C THR A 336 -35.96 28.92 18.65
N THR A 337 -35.29 28.40 17.62
CA THR A 337 -35.92 28.33 16.31
C THR A 337 -36.70 27.04 16.19
N LEU A 338 -37.90 27.14 15.64
CA LEU A 338 -38.74 25.97 15.44
C LEU A 338 -38.85 25.80 13.93
N PHE A 339 -38.01 24.91 13.39
CA PHE A 339 -37.95 24.67 11.96
C PHE A 339 -39.28 24.33 11.30
N ILE A 340 -39.96 23.33 11.85
CA ILE A 340 -41.23 22.87 11.31
C ILE A 340 -42.38 23.86 11.50
N ASP A 341 -42.57 24.36 12.71
CA ASP A 341 -43.64 25.32 12.97
C ASP A 341 -43.29 26.66 12.33
N SER A 342 -42.05 26.76 11.88
CA SER A 342 -41.53 27.96 11.20
C SER A 342 -41.66 29.22 12.07
N GLN A 343 -41.01 29.21 13.24
CA GLN A 343 -41.09 30.36 14.13
C GLN A 343 -40.02 30.35 15.22
N VAL A 344 -39.79 31.51 15.84
CA VAL A 344 -38.82 31.63 16.92
C VAL A 344 -39.61 31.72 18.21
N CYS A 345 -39.17 30.97 19.21
CA CYS A 345 -39.87 30.96 20.49
C CYS A 345 -39.05 31.57 21.61
N LYS A 346 -39.65 32.52 22.32
CA LYS A 346 -39.00 33.19 23.44
C LYS A 346 -39.52 32.62 24.75
N TRP A 347 -38.67 31.93 25.49
CA TRP A 347 -39.07 31.35 26.76
C TRP A 347 -38.12 31.73 27.89
N ASN A 348 -38.63 31.70 29.11
CA ASN A 348 -37.83 32.03 30.28
C ASN A 348 -37.22 30.75 30.81
N ILE A 349 -35.91 30.79 31.06
CA ILE A 349 -35.20 29.63 31.54
C ILE A 349 -35.56 29.26 32.98
N ALA A 350 -35.68 30.26 33.85
CA ALA A 350 -36.02 30.00 35.25
C ALA A 350 -37.36 29.29 35.37
N ASP A 351 -38.34 29.76 34.62
CA ASP A 351 -39.68 29.18 34.64
C ASP A 351 -39.72 27.76 34.11
N ALA A 352 -38.83 27.44 33.16
CA ALA A 352 -38.76 26.11 32.60
C ALA A 352 -38.21 25.16 33.66
N ILE A 353 -37.32 25.69 34.51
CA ILE A 353 -36.71 24.92 35.59
C ILE A 353 -37.83 24.59 36.57
N LYS A 354 -38.58 25.61 36.98
CA LYS A 354 -39.70 25.41 37.90
C LYS A 354 -40.73 24.42 37.34
N HIS A 355 -41.14 24.63 36.09
CA HIS A 355 -42.12 23.77 35.43
C HIS A 355 -41.67 22.32 35.42
N TYR A 356 -40.38 22.11 35.18
CA TYR A 356 -39.81 20.77 35.13
C TYR A 356 -39.88 20.12 36.52
N ASN A 357 -39.83 20.94 37.57
CA ASN A 357 -39.88 20.45 38.94
C ASN A 357 -41.27 20.09 39.41
N GLY A 358 -42.28 20.43 38.60
CA GLY A 358 -43.65 20.10 38.97
C GLY A 358 -44.54 21.33 39.06
N ASP A 359 -43.96 22.52 38.94
CA ASP A 359 -44.75 23.74 39.01
C ASP A 359 -45.74 23.82 37.87
N ARG A 360 -46.41 24.95 37.75
CA ARG A 360 -47.42 25.12 36.71
C ARG A 360 -47.18 26.40 35.93
N VAL A 361 -46.14 27.11 36.31
CA VAL A 361 -45.80 28.37 35.66
C VAL A 361 -45.62 28.21 34.16
N ASN A 362 -45.96 29.25 33.41
CA ASN A 362 -45.82 29.27 31.96
C ASN A 362 -44.45 29.81 31.59
N TYR A 363 -43.64 28.99 30.93
CA TYR A 363 -42.31 29.40 30.54
C TYR A 363 -42.21 30.08 29.18
N ILE A 364 -43.14 29.77 28.28
CA ILE A 364 -43.11 30.38 26.95
C ILE A 364 -43.69 31.79 27.04
N ARG A 365 -42.92 32.79 26.61
CA ARG A 365 -43.35 34.17 26.66
C ARG A 365 -43.97 34.65 25.33
N GLN A 366 -43.42 34.18 24.23
CA GLN A 366 -43.88 34.58 22.90
C GLN A 366 -43.37 33.71 21.76
N LYS A 367 -44.18 33.61 20.71
CA LYS A 367 -43.84 32.86 19.51
C LYS A 367 -44.05 33.77 18.32
N LEU A 368 -42.98 34.06 17.58
CA LEU A 368 -43.05 34.92 16.42
C LEU A 368 -42.91 34.12 15.13
N ASP A 369 -43.89 34.22 14.24
CA ASP A 369 -43.82 33.52 12.97
C ASP A 369 -42.61 34.03 12.20
N VAL A 370 -41.76 33.12 11.81
CA VAL A 370 -40.58 33.51 11.06
C VAL A 370 -40.84 33.07 9.64
N GLN A 371 -40.37 33.85 8.69
CA GLN A 371 -40.62 33.54 7.30
C GLN A 371 -39.84 32.42 6.65
N TYR A 372 -40.43 31.24 6.83
CA TYR A 372 -40.03 29.97 6.26
C TYR A 372 -38.80 29.18 6.71
N GLN A 373 -39.06 28.22 7.61
CA GLN A 373 -38.08 27.29 8.15
C GLN A 373 -36.77 27.89 8.69
N PRO A 374 -36.77 28.28 9.97
CA PRO A 374 -35.63 28.88 10.65
C PRO A 374 -34.52 27.89 11.00
N GLY A 375 -33.29 28.29 10.70
CA GLY A 375 -32.15 27.44 11.02
C GLY A 375 -31.44 27.96 12.26
N HIS A 376 -30.29 28.61 12.08
CA HIS A 376 -29.56 29.18 13.20
C HIS A 376 -30.26 30.40 13.76
N ASN A 377 -29.90 30.69 14.99
CA ASN A 377 -30.49 31.78 15.76
C ASN A 377 -29.33 32.55 16.38
N HIS A 378 -29.42 33.87 16.48
CA HIS A 378 -28.30 34.63 17.08
C HIS A 378 -28.67 35.96 17.71
N ALA A 379 -28.36 36.11 19.00
CA ALA A 379 -28.64 37.34 19.72
C ALA A 379 -27.29 38.05 19.87
N SER A 380 -27.29 39.38 19.77
CA SER A 380 -26.06 40.14 19.87
C SER A 380 -25.23 39.91 21.14
N LEU A 381 -23.98 39.51 20.93
CA LEU A 381 -23.04 39.25 22.02
C LEU A 381 -23.44 38.06 22.87
N THR A 382 -24.27 37.18 22.31
CA THR A 382 -24.76 36.02 23.05
C THR A 382 -23.70 35.01 23.50
N GLU A 383 -22.57 34.97 22.82
CA GLU A 383 -21.53 34.01 23.19
C GLU A 383 -20.56 34.54 24.23
N SER A 384 -20.80 35.76 24.70
CA SER A 384 -19.94 36.37 25.69
C SER A 384 -20.74 36.74 26.95
N ARG A 385 -20.02 37.15 27.98
CA ARG A 385 -20.63 37.54 29.24
C ARG A 385 -21.46 38.79 29.03
N ASP A 386 -21.13 39.57 28.02
CA ASP A 386 -21.82 40.83 27.78
C ASP A 386 -23.03 40.79 26.85
N ALA A 387 -23.73 39.66 26.79
CA ALA A 387 -24.90 39.56 25.93
C ALA A 387 -25.85 40.72 26.23
N ASP A 388 -25.93 41.67 25.31
CA ASP A 388 -26.75 42.85 25.50
C ASP A 388 -28.23 42.71 25.21
N GLY A 389 -28.63 41.61 24.57
CA GLY A 389 -30.03 41.39 24.26
C GLY A 389 -30.78 42.47 23.48
N LYS A 390 -30.15 43.06 22.47
CA LYS A 390 -30.82 44.10 21.70
C LYS A 390 -31.27 43.62 20.32
N TRP A 391 -30.44 42.81 19.66
CA TRP A 391 -30.76 42.28 18.34
C TRP A 391 -30.79 40.77 18.25
N LEU A 392 -31.69 40.26 17.42
CA LEU A 392 -31.82 38.82 17.20
C LEU A 392 -31.84 38.58 15.70
N VAL A 393 -31.02 37.66 15.23
CA VAL A 393 -30.99 37.36 13.81
C VAL A 393 -31.44 35.91 13.62
N VAL A 394 -32.43 35.70 12.77
CA VAL A 394 -32.93 34.37 12.50
C VAL A 394 -32.63 34.11 11.03
N LEU A 395 -31.89 33.04 10.77
CA LEU A 395 -31.53 32.70 9.39
C LEU A 395 -32.34 31.53 8.89
N SER A 396 -33.34 31.85 8.07
CA SER A 396 -34.23 30.83 7.51
C SER A 396 -33.69 30.21 6.21
N LYS A 397 -34.20 29.02 5.89
CA LYS A 397 -33.77 28.30 4.70
C LYS A 397 -34.63 28.44 3.44
N PHE A 398 -35.81 29.04 3.58
CA PHE A 398 -36.69 29.24 2.43
C PHE A 398 -37.12 30.69 2.44
N SER A 399 -37.33 31.29 1.28
CA SER A 399 -37.76 32.68 1.22
C SER A 399 -39.07 32.82 0.45
N LYS A 400 -39.36 31.81 -0.37
CA LYS A 400 -40.57 31.77 -1.17
C LYS A 400 -41.02 33.11 -1.76
N ASP A 401 -42.11 33.65 -1.23
CA ASP A 401 -42.71 34.89 -1.69
C ASP A 401 -42.16 36.17 -1.06
N ARG A 402 -41.14 36.03 -0.23
CA ARG A 402 -40.54 37.17 0.47
C ARG A 402 -39.82 38.20 -0.39
N PHE A 403 -39.31 37.80 -1.54
CA PHE A 403 -38.59 38.73 -2.41
C PHE A 403 -39.02 38.54 -3.85
N LEU A 404 -38.57 39.43 -4.73
CA LEU A 404 -38.90 39.31 -6.13
C LEU A 404 -38.44 37.96 -6.65
N PRO A 405 -39.24 37.34 -7.54
CA PRO A 405 -38.86 36.04 -8.09
C PRO A 405 -37.56 36.15 -8.89
N VAL A 406 -36.68 35.17 -8.76
CA VAL A 406 -35.40 35.20 -9.45
C VAL A 406 -35.00 33.86 -10.04
N GLY A 407 -35.98 33.00 -10.29
CA GLY A 407 -35.67 31.70 -10.86
C GLY A 407 -35.91 30.59 -9.87
N PRO A 408 -35.74 29.33 -10.30
CA PRO A 408 -35.94 28.19 -9.42
C PRO A 408 -35.14 28.31 -8.13
N LEU A 409 -33.94 28.86 -8.23
CA LEU A 409 -33.09 29.03 -7.06
C LEU A 409 -33.53 30.31 -6.35
N HIS A 410 -33.96 30.19 -5.10
CA HIS A 410 -34.39 31.37 -4.35
C HIS A 410 -33.31 31.72 -3.34
N PRO A 411 -33.30 32.97 -2.88
CA PRO A 411 -32.30 33.40 -1.90
C PRO A 411 -32.77 32.94 -0.53
N GLU A 412 -31.91 33.09 0.47
CA GLU A 412 -32.30 32.73 1.83
C GLU A 412 -32.93 33.98 2.44
N ASN A 413 -33.42 33.84 3.67
CA ASN A 413 -34.04 34.97 4.34
C ASN A 413 -33.59 35.03 5.79
N ASP A 414 -32.73 35.99 6.08
CA ASP A 414 -32.21 36.20 7.43
C ASP A 414 -32.92 37.44 7.93
N GLN A 415 -33.75 37.26 8.94
CA GLN A 415 -34.54 38.35 9.48
C GLN A 415 -34.03 38.98 10.75
N LEU A 416 -33.92 40.31 10.74
CA LEU A 416 -33.47 41.05 11.90
C LEU A 416 -34.66 41.32 12.81
N ILE A 417 -34.53 40.95 14.08
CA ILE A 417 -35.60 41.11 15.06
C ILE A 417 -35.16 41.91 16.28
N ASP A 418 -35.99 42.88 16.66
CA ASP A 418 -35.69 43.72 17.82
C ASP A 418 -36.11 42.94 19.07
N ILE A 419 -35.16 42.69 19.96
CA ILE A 419 -35.48 41.94 21.18
C ILE A 419 -35.14 42.70 22.47
N SER A 420 -34.86 44.00 22.34
CA SER A 420 -34.50 44.83 23.47
C SER A 420 -35.67 44.99 24.43
N GLY A 421 -36.87 44.79 23.91
CA GLY A 421 -38.06 44.91 24.74
C GLY A 421 -38.60 43.57 25.17
N GLU A 422 -39.77 43.60 25.81
CA GLU A 422 -40.40 42.38 26.29
C GLU A 422 -41.04 41.60 25.14
N GLU A 423 -41.25 42.26 24.01
CA GLU A 423 -41.87 41.62 22.86
C GLU A 423 -40.97 41.59 21.62
N MET A 424 -40.90 40.44 20.96
CA MET A 424 -40.08 40.31 19.76
C MET A 424 -40.78 41.09 18.66
N LYS A 425 -40.00 41.83 17.87
CA LYS A 425 -40.55 42.62 16.78
C LYS A 425 -39.70 42.51 15.52
N LEU A 426 -40.29 41.98 14.46
CA LEU A 426 -39.59 41.84 13.18
C LEU A 426 -39.29 43.23 12.65
N VAL A 427 -38.08 43.43 12.16
CA VAL A 427 -37.68 44.73 11.66
C VAL A 427 -37.17 44.69 10.22
N HIS A 428 -36.50 43.61 9.83
CA HIS A 428 -35.94 43.55 8.48
C HIS A 428 -35.87 42.15 7.87
N ASP A 429 -36.09 42.06 6.56
CA ASP A 429 -36.01 40.81 5.81
C ASP A 429 -34.78 40.93 4.93
N GLY A 430 -33.69 40.28 5.31
CA GLY A 430 -32.48 40.37 4.53
C GLY A 430 -32.20 39.19 3.62
N PRO A 431 -32.35 39.36 2.29
CA PRO A 431 -32.11 38.26 1.37
C PRO A 431 -30.62 37.93 1.34
N THR A 432 -30.31 36.64 1.27
CA THR A 432 -28.91 36.21 1.24
C THR A 432 -28.70 35.07 0.27
N TYR A 433 -27.52 35.05 -0.34
CA TYR A 433 -27.15 34.01 -1.31
C TYR A 433 -26.58 32.75 -0.67
N ALA A 434 -26.54 31.69 -1.48
CA ALA A 434 -25.96 30.41 -1.10
C ALA A 434 -25.90 30.13 0.37
N GLU A 435 -27.05 29.80 0.90
CA GLU A 435 -27.25 29.46 2.28
C GLU A 435 -26.26 29.70 3.41
N PRO A 436 -26.46 30.80 4.15
CA PRO A 436 -25.55 31.04 5.27
C PRO A 436 -26.22 30.28 6.42
N HIS A 437 -25.44 29.86 7.43
CA HIS A 437 -25.99 29.10 8.55
C HIS A 437 -26.01 29.94 9.80
N ASP A 438 -24.89 29.99 10.49
CA ASP A 438 -24.82 30.80 11.69
C ASP A 438 -24.06 32.09 11.38
N CYS A 439 -24.11 33.03 12.32
CA CYS A 439 -23.41 34.30 12.17
C CYS A 439 -23.10 34.82 13.56
N ILE A 440 -22.20 35.77 13.67
CA ILE A 440 -21.86 36.31 14.97
C ILE A 440 -21.81 37.83 14.89
N LEU A 441 -22.36 38.49 15.89
CA LEU A 441 -22.38 39.96 15.92
C LEU A 441 -21.42 40.46 16.98
N VAL A 442 -20.67 41.50 16.66
CA VAL A 442 -19.74 42.08 17.59
C VAL A 442 -19.85 43.60 17.56
N ARG A 443 -19.68 44.23 18.71
CA ARG A 443 -19.76 45.68 18.79
C ARG A 443 -18.72 46.30 17.89
N ARG A 444 -19.07 47.47 17.35
CA ARG A 444 -18.18 48.22 16.48
C ARG A 444 -16.79 48.38 17.11
N ASP A 445 -16.77 48.71 18.40
CA ASP A 445 -15.52 48.94 19.13
C ASP A 445 -14.72 47.70 19.52
N GLN A 446 -15.25 46.51 19.27
CA GLN A 446 -14.53 45.28 19.61
C GLN A 446 -13.65 44.83 18.45
N ILE A 447 -13.66 45.61 17.39
CA ILE A 447 -12.88 45.35 16.19
C ILE A 447 -11.93 46.52 15.92
N LYS A 448 -10.64 46.22 15.79
CA LYS A 448 -9.63 47.23 15.52
C LYS A 448 -8.97 46.83 14.20
N THR A 449 -9.34 47.55 13.15
CA THR A 449 -8.83 47.26 11.82
C THR A 449 -7.68 48.15 11.39
N LYS A 450 -6.97 47.74 10.35
CA LYS A 450 -5.85 48.51 9.81
C LYS A 450 -6.26 49.03 8.44
N LYS A 451 -5.85 50.25 8.09
CA LYS A 451 -6.21 50.81 6.80
C LYS A 451 -5.20 50.53 5.69
N ILE A 452 -3.93 50.36 6.06
CA ILE A 452 -2.90 50.05 5.08
C ILE A 452 -1.96 49.02 5.68
N TYR A 453 -1.16 48.38 4.83
CA TYR A 453 -0.24 47.35 5.30
C TYR A 453 1.10 47.88 5.77
N GLU A 454 1.77 47.07 6.59
CA GLU A 454 3.10 47.37 7.10
C GLU A 454 3.95 46.56 6.13
N ARG A 455 5.10 47.09 5.73
CA ARG A 455 5.95 46.35 4.80
C ARG A 455 6.49 45.05 5.38
N ASN A 456 6.24 44.79 6.65
CA ASN A 456 6.72 43.57 7.29
C ASN A 456 5.55 42.65 7.65
N ASP A 457 4.42 42.84 7.01
CA ASP A 457 3.22 42.04 7.29
C ASP A 457 3.42 40.60 6.86
N PRO A 458 3.01 39.64 7.71
CA PRO A 458 3.14 38.22 7.41
C PRO A 458 2.52 37.80 6.06
N TYR A 459 1.43 38.46 5.70
CA TYR A 459 0.72 38.16 4.45
C TYR A 459 1.59 38.13 3.19
N PHE A 460 2.78 38.70 3.25
CA PHE A 460 3.66 38.62 2.10
C PHE A 460 5.13 38.37 2.49
N ALA A 461 5.31 37.66 3.59
CA ALA A 461 6.63 37.32 4.09
C ALA A 461 7.39 36.50 3.05
N SER A 462 6.69 35.55 2.45
CA SER A 462 7.28 34.71 1.43
C SER A 462 7.78 35.54 0.24
N CYS A 463 7.01 36.56 -0.13
CA CYS A 463 7.40 37.42 -1.25
C CYS A 463 8.74 38.07 -1.01
N ARG A 464 8.87 38.76 0.12
CA ARG A 464 10.11 39.44 0.40
C ARG A 464 11.26 38.51 0.72
N ALA A 465 10.97 37.26 1.05
CA ALA A 465 12.03 36.32 1.33
C ALA A 465 12.59 35.91 -0.02
N GLN A 466 11.71 35.87 -1.02
CA GLN A 466 12.12 35.51 -2.36
C GLN A 466 12.82 36.73 -2.98
N ALA A 467 12.38 37.91 -2.54
CA ALA A 467 12.96 39.17 -3.04
C ALA A 467 14.41 39.27 -2.61
N GLU A 468 14.65 39.01 -1.33
CA GLU A 468 15.98 39.03 -0.75
C GLU A 468 16.91 38.09 -1.51
N LYS A 469 16.49 36.85 -1.72
CA LYS A 469 17.31 35.88 -2.44
C LYS A 469 17.67 36.41 -3.81
N ASP A 470 16.74 37.13 -4.42
CA ASP A 470 16.95 37.71 -5.75
C ASP A 470 17.64 39.07 -5.69
N GLY A 471 17.91 39.51 -4.46
CA GLY A 471 18.55 40.78 -4.26
C GLY A 471 17.74 41.95 -4.79
N VAL A 472 16.43 41.92 -4.59
CA VAL A 472 15.59 43.01 -5.06
C VAL A 472 14.87 43.74 -3.93
N THR A 473 14.72 45.03 -4.09
CA THR A 473 14.03 45.83 -3.08
C THR A 473 12.62 46.03 -3.62
N LEU A 474 11.65 45.34 -3.01
CA LEU A 474 10.27 45.40 -3.45
C LEU A 474 9.74 46.83 -3.54
N GLU A 475 10.11 47.68 -2.58
CA GLU A 475 9.63 49.06 -2.58
C GLU A 475 10.14 49.99 -3.68
N SER A 476 11.14 49.58 -4.43
CA SER A 476 11.67 50.45 -5.48
C SER A 476 12.14 49.77 -6.75
N ASP A 477 12.24 48.45 -6.75
CA ASP A 477 12.72 47.78 -7.94
C ASP A 477 11.67 47.35 -8.96
N ASN A 478 12.09 47.31 -10.22
CA ASN A 478 11.26 46.90 -11.33
C ASN A 478 12.21 46.09 -12.21
N LYS A 479 12.44 44.83 -11.83
CA LYS A 479 13.37 43.95 -12.55
C LYS A 479 12.76 42.63 -13.02
N VAL A 480 13.43 41.98 -13.95
CA VAL A 480 13.01 40.69 -14.48
C VAL A 480 14.14 39.68 -14.29
N ILE A 481 13.98 38.80 -13.32
CA ILE A 481 14.99 37.80 -13.01
C ILE A 481 14.71 36.46 -13.66
N ARG A 482 15.64 35.98 -14.47
CA ARG A 482 15.45 34.70 -15.15
C ARG A 482 16.09 33.56 -14.39
N ASP A 483 15.33 32.48 -14.23
CA ASP A 483 15.79 31.31 -13.51
C ASP A 483 15.45 30.05 -14.29
N GLY A 484 16.09 29.89 -15.45
CA GLY A 484 15.85 28.74 -16.29
C GLY A 484 14.53 28.86 -17.01
N ASN A 485 13.59 27.98 -16.64
CA ASN A 485 12.26 28.00 -17.23
C ASN A 485 11.38 28.90 -16.38
N LYS A 486 11.90 29.31 -15.22
CA LYS A 486 11.17 30.21 -14.34
C LYS A 486 11.59 31.67 -14.56
N VAL A 487 10.61 32.56 -14.48
CA VAL A 487 10.85 33.99 -14.66
C VAL A 487 10.10 34.72 -13.56
N ARG A 488 10.83 35.49 -12.75
CA ARG A 488 10.21 36.24 -11.66
C ARG A 488 10.21 37.72 -11.99
N VAL A 489 9.02 38.25 -12.29
CA VAL A 489 8.88 39.66 -12.64
C VAL A 489 8.46 40.53 -11.48
N TYR A 490 9.33 41.47 -11.09
CA TYR A 490 9.00 42.38 -10.01
C TYR A 490 8.62 43.76 -10.54
N MET A 491 7.46 44.24 -10.13
CA MET A 491 6.97 45.54 -10.54
C MET A 491 6.51 46.35 -9.34
N THR A 492 6.62 47.66 -9.47
CA THR A 492 6.18 48.54 -8.41
C THR A 492 4.92 49.23 -8.98
N SER A 493 4.13 49.87 -8.15
CA SER A 493 2.94 50.53 -8.66
C SER A 493 2.57 51.76 -7.85
N VAL A 494 2.18 52.81 -8.57
CA VAL A 494 1.76 54.07 -7.97
C VAL A 494 0.89 54.78 -9.00
N ALA A 495 0.06 55.71 -8.52
CA ALA A 495 -0.81 56.51 -9.38
C ALA A 495 -1.33 55.64 -10.51
N PRO A 496 -1.45 56.16 -11.74
CA PRO A 496 -1.96 55.21 -12.74
C PRO A 496 -0.91 54.45 -13.52
N GLN A 497 0.18 54.06 -12.88
CA GLN A 497 1.22 53.35 -13.62
C GLN A 497 1.89 52.21 -12.91
N TYR A 498 2.30 51.23 -13.70
CA TYR A 498 3.06 50.09 -13.20
C TYR A 498 4.49 50.58 -13.44
N GLY A 499 5.43 50.11 -12.61
CA GLY A 499 6.80 50.51 -12.76
C GLY A 499 7.46 49.96 -14.01
N MET A 500 6.78 49.01 -14.66
CA MET A 500 7.25 48.36 -15.87
C MET A 500 6.10 48.32 -16.83
N THR A 501 6.35 48.48 -18.12
CA THR A 501 5.27 48.44 -19.10
C THR A 501 5.52 47.42 -20.19
N ASP A 502 6.56 46.60 -20.03
CA ASP A 502 6.88 45.60 -21.03
C ASP A 502 7.97 44.63 -20.53
N PHE A 503 7.80 43.34 -20.81
CA PHE A 503 8.80 42.34 -20.43
C PHE A 503 8.64 41.13 -21.34
N LYS A 504 9.72 40.39 -21.55
CA LYS A 504 9.69 39.22 -22.42
C LYS A 504 9.93 37.91 -21.69
N VAL A 505 9.34 36.85 -22.23
CA VAL A 505 9.47 35.48 -21.69
C VAL A 505 9.28 34.52 -22.84
N LYS A 506 9.57 33.25 -22.60
CA LYS A 506 9.43 32.23 -23.64
C LYS A 506 8.21 31.34 -23.42
N GLU A 507 7.63 30.89 -24.52
CA GLU A 507 6.47 30.02 -24.49
C GLU A 507 6.77 28.85 -23.56
N GLY A 508 5.93 28.67 -22.54
CA GLY A 508 6.11 27.57 -21.60
C GLY A 508 6.76 27.97 -20.30
N ASP A 509 7.30 29.19 -20.23
CA ASP A 509 7.96 29.67 -19.02
C ASP A 509 7.00 29.82 -17.84
N GLU A 510 7.45 29.42 -16.66
CA GLU A 510 6.62 29.57 -15.47
C GLU A 510 6.89 30.98 -14.98
N VAL A 511 5.95 31.88 -15.26
CA VAL A 511 6.09 33.29 -14.89
C VAL A 511 5.44 33.68 -13.58
N THR A 512 6.19 34.32 -12.70
CA THR A 512 5.63 34.78 -11.42
C THR A 512 5.73 36.31 -11.37
N VAL A 513 4.58 36.97 -11.30
CA VAL A 513 4.58 38.42 -11.25
C VAL A 513 4.35 38.94 -9.83
N TYR A 514 5.31 39.71 -9.31
CA TYR A 514 5.16 40.28 -7.96
C TYR A 514 4.83 41.75 -8.14
N ILE A 515 3.77 42.23 -7.48
CA ILE A 515 3.40 43.62 -7.58
C ILE A 515 3.41 44.26 -6.20
N THR A 516 4.06 45.41 -6.10
CA THR A 516 4.10 46.11 -4.83
C THR A 516 3.38 47.44 -5.04
N ASN A 517 2.48 47.76 -4.13
CA ASN A 517 1.70 48.98 -4.22
C ASN A 517 2.29 50.03 -3.29
N LEU A 518 2.91 51.05 -3.88
CA LEU A 518 3.54 52.11 -3.10
C LEU A 518 2.69 53.26 -2.59
N ASP A 519 1.43 53.34 -3.04
CA ASP A 519 0.53 54.41 -2.58
C ASP A 519 0.30 54.30 -1.07
N MET A 520 0.07 55.44 -0.42
CA MET A 520 -0.13 55.46 1.02
C MET A 520 -1.53 55.92 1.39
N VAL A 521 -2.29 56.32 0.38
CA VAL A 521 -3.64 56.79 0.60
C VAL A 521 -4.63 55.64 0.79
N GLU A 522 -5.41 55.72 1.86
CA GLU A 522 -6.38 54.68 2.15
C GLU A 522 -7.29 54.48 0.94
N ASP A 523 -7.71 53.23 0.76
CA ASP A 523 -8.62 52.85 -0.31
C ASP A 523 -8.01 52.86 -1.72
N VAL A 524 -6.75 53.28 -1.85
CA VAL A 524 -6.15 53.29 -3.17
C VAL A 524 -5.57 51.93 -3.46
N THR A 525 -6.43 51.02 -3.90
CA THR A 525 -6.01 49.65 -4.21
C THR A 525 -5.76 49.45 -5.71
N HIS A 526 -4.81 48.58 -6.02
CA HIS A 526 -4.48 48.27 -7.39
C HIS A 526 -4.72 46.78 -7.62
N GLY A 527 -4.75 46.40 -8.89
CA GLY A 527 -4.97 45.02 -9.22
C GLY A 527 -4.01 44.66 -10.31
N PHE A 528 -4.06 43.40 -10.73
CA PHE A 528 -3.22 42.91 -11.80
C PHE A 528 -3.93 41.77 -12.46
N CYS A 529 -4.02 41.82 -13.77
CA CYS A 529 -4.68 40.78 -14.51
C CYS A 529 -3.94 40.59 -15.82
N MET A 530 -3.66 39.36 -16.16
CA MET A 530 -2.95 39.05 -17.40
C MET A 530 -3.97 38.40 -18.32
N VAL A 531 -4.32 39.09 -19.39
CA VAL A 531 -5.29 38.62 -20.37
C VAL A 531 -5.06 37.18 -20.85
N ASN A 532 -6.14 36.41 -20.92
CA ASN A 532 -6.08 35.01 -21.37
C ASN A 532 -5.13 34.08 -20.62
N HIS A 533 -4.84 34.41 -19.36
CA HIS A 533 -3.97 33.57 -18.55
C HIS A 533 -4.61 33.21 -17.21
N GLY A 534 -5.90 33.49 -17.10
CA GLY A 534 -6.65 33.19 -15.89
C GLY A 534 -5.99 33.66 -14.62
N VAL A 535 -5.51 34.90 -14.62
CA VAL A 535 -4.86 35.41 -13.43
C VAL A 535 -5.33 36.80 -13.03
N SER A 536 -5.54 36.96 -11.72
CA SER A 536 -5.98 38.22 -11.15
C SER A 536 -5.58 38.26 -9.68
N MET A 537 -5.26 39.44 -9.17
CA MET A 537 -4.89 39.57 -7.78
C MET A 537 -5.07 41.01 -7.30
N GLU A 538 -5.26 41.14 -5.98
CA GLU A 538 -5.43 42.43 -5.33
C GLU A 538 -4.10 42.91 -4.73
N ILE A 539 -3.83 44.20 -4.84
CA ILE A 539 -2.65 44.74 -4.21
C ILE A 539 -3.07 46.05 -3.57
N SER A 540 -3.38 46.00 -2.28
CA SER A 540 -3.80 47.17 -1.54
C SER A 540 -2.61 48.02 -1.10
N PRO A 541 -2.86 49.21 -0.50
CA PRO A 541 -1.78 50.11 -0.05
C PRO A 541 -0.69 49.48 0.81
N GLN A 542 0.54 49.50 0.28
CA GLN A 542 1.71 48.97 0.97
C GLN A 542 1.79 47.45 1.00
N GLN A 543 1.02 46.79 0.15
CA GLN A 543 1.03 45.33 0.10
C GLN A 543 1.82 44.84 -1.10
N THR A 544 2.28 43.60 -1.02
CA THR A 544 2.96 42.98 -2.13
C THR A 544 2.22 41.67 -2.33
N ALA A 545 2.03 41.27 -3.58
CA ALA A 545 1.33 40.03 -3.86
C ALA A 545 1.90 39.49 -5.16
N SER A 546 1.81 38.18 -5.32
CA SER A 546 2.35 37.56 -6.53
C SER A 546 1.38 36.54 -7.06
N VAL A 547 1.58 36.16 -8.31
CA VAL A 547 0.75 35.16 -8.93
C VAL A 547 1.63 34.57 -10.02
N THR A 548 1.62 33.26 -10.14
CA THR A 548 2.41 32.60 -11.16
C THR A 548 1.55 31.84 -12.15
N PHE A 549 1.96 31.87 -13.40
CA PHE A 549 1.22 31.21 -14.45
C PHE A 549 2.18 30.75 -15.55
N THR A 550 1.66 29.97 -16.47
CA THR A 550 2.42 29.44 -17.57
C THR A 550 2.21 30.25 -18.82
N ALA A 551 3.29 30.79 -19.36
CA ALA A 551 3.20 31.58 -20.57
C ALA A 551 2.55 30.73 -21.64
N GLY A 552 1.48 31.25 -22.25
CA GLY A 552 0.78 30.48 -23.27
C GLY A 552 1.54 30.45 -24.58
N LYS A 553 0.81 30.26 -25.67
CA LYS A 553 1.43 30.22 -26.99
C LYS A 553 2.07 31.58 -27.29
N PRO A 554 3.03 31.61 -28.23
CA PRO A 554 3.68 32.88 -28.55
C PRO A 554 2.74 33.97 -29.09
N GLY A 555 3.06 35.22 -28.76
CA GLY A 555 2.28 36.36 -29.19
C GLY A 555 2.21 37.42 -28.10
N VAL A 556 1.40 38.46 -28.30
CA VAL A 556 1.29 39.50 -27.29
C VAL A 556 0.14 39.27 -26.32
N TYR A 557 0.37 39.58 -25.05
CA TYR A 557 -0.64 39.44 -24.03
C TYR A 557 -0.57 40.65 -23.12
N TRP A 558 -1.62 41.45 -23.14
CA TRP A 558 -1.65 42.64 -22.31
C TRP A 558 -1.97 42.31 -20.87
N TYR A 559 -1.52 43.16 -19.96
CA TYR A 559 -1.84 43.00 -18.54
C TYR A 559 -2.33 44.36 -18.09
N TYR A 560 -3.23 44.38 -17.10
CA TYR A 560 -3.78 45.65 -16.65
C TYR A 560 -4.25 45.65 -15.21
N CYS A 561 -4.56 46.85 -14.73
CA CYS A 561 -5.03 47.03 -13.38
C CYS A 561 -6.54 46.88 -13.47
N ASN A 562 -7.11 46.03 -12.61
CA ASN A 562 -8.55 45.83 -12.62
C ASN A 562 -9.22 46.46 -11.42
N TRP A 563 -8.47 47.29 -10.71
CA TRP A 563 -9.02 47.99 -9.55
C TRP A 563 -9.01 49.50 -9.83
N PHE A 564 -10.17 50.05 -10.20
CA PHE A 564 -10.30 51.47 -10.52
C PHE A 564 -9.63 52.25 -9.40
N CYS A 565 -8.51 52.86 -9.74
CA CYS A 565 -7.68 53.59 -8.79
C CYS A 565 -7.36 55.04 -9.15
N HIS A 566 -7.60 55.42 -10.40
CA HIS A 566 -7.24 56.77 -10.83
C HIS A 566 -8.03 57.12 -12.10
N ALA A 567 -8.06 58.40 -12.45
CA ALA A 567 -8.78 58.83 -13.64
C ALA A 567 -8.15 58.17 -14.87
N LEU A 568 -6.87 57.85 -14.77
CA LEU A 568 -6.14 57.22 -15.85
C LEU A 568 -6.05 55.72 -15.69
N HIS A 569 -7.02 55.16 -14.95
CA HIS A 569 -7.11 53.73 -14.68
C HIS A 569 -7.10 52.85 -15.93
N MET A 570 -7.85 53.23 -16.95
CA MET A 570 -7.92 52.47 -18.18
C MET A 570 -6.56 52.33 -18.83
N GLU A 571 -5.71 53.32 -18.61
CA GLU A 571 -4.40 53.34 -19.22
C GLU A 571 -3.31 52.63 -18.41
N MET A 572 -3.61 52.26 -17.17
CA MET A 572 -2.63 51.58 -16.32
C MET A 572 -2.46 50.15 -16.82
N VAL A 573 -1.62 50.01 -17.85
CA VAL A 573 -1.41 48.71 -18.50
C VAL A 573 0.04 48.41 -18.86
N GLY A 574 0.22 47.27 -19.52
CA GLY A 574 1.53 46.82 -19.95
C GLY A 574 1.42 45.66 -20.93
N ARG A 575 2.54 45.20 -21.47
CA ARG A 575 2.51 44.10 -22.43
C ARG A 575 3.57 43.07 -22.12
N MET A 576 3.19 41.79 -22.19
CA MET A 576 4.11 40.69 -21.98
C MET A 576 4.27 40.09 -23.36
N LEU A 577 5.51 39.95 -23.82
CA LEU A 577 5.75 39.38 -25.14
C LEU A 577 6.23 37.95 -24.98
N VAL A 578 5.51 37.00 -25.56
CA VAL A 578 5.90 35.61 -25.45
C VAL A 578 6.42 35.12 -26.78
N GLU A 579 7.70 34.75 -26.81
CA GLU A 579 8.30 34.28 -28.05
C GLU A 579 8.49 32.78 -28.09
N ALA A 580 8.51 32.26 -29.31
CA ALA A 580 8.69 30.83 -29.52
C ALA A 580 10.01 30.39 -28.86
N ALA A 581 9.95 29.29 -28.12
CA ALA A 581 11.14 28.79 -27.42
C ALA A 581 12.18 28.23 -28.38
N ALA B 10 -39.04 54.48 -1.50
CA ALA B 10 -37.59 54.40 -1.19
C ALA B 10 -37.28 53.35 -0.13
N HIS B 11 -38.30 52.93 0.61
CA HIS B 11 -38.12 51.93 1.67
C HIS B 11 -39.01 50.70 1.45
N VAL B 12 -38.44 49.51 1.62
CA VAL B 12 -39.18 48.26 1.43
C VAL B 12 -39.27 47.41 2.69
N ALA B 13 -40.45 47.35 3.27
CA ALA B 13 -40.68 46.61 4.52
C ALA B 13 -40.97 45.13 4.33
N PRO B 14 -40.84 44.36 5.43
CA PRO B 14 -41.09 42.91 5.40
C PRO B 14 -42.46 42.64 4.80
N GLY B 15 -42.51 41.81 3.76
CA GLY B 15 -43.78 41.49 3.15
C GLY B 15 -44.00 42.22 1.83
N GLU B 16 -43.32 43.36 1.67
CA GLU B 16 -43.45 44.12 0.44
C GLU B 16 -42.36 43.75 -0.54
N LEU B 17 -42.58 44.09 -1.81
CA LEU B 17 -41.63 43.77 -2.85
C LEU B 17 -41.02 44.99 -3.51
N ASP B 18 -39.83 44.83 -4.08
CA ASP B 18 -39.15 45.92 -4.77
C ASP B 18 -39.86 46.14 -6.11
N GLU B 19 -39.63 47.29 -6.73
CA GLU B 19 -40.27 47.61 -8.00
C GLU B 19 -39.44 47.25 -9.21
N TYR B 20 -38.12 47.38 -9.09
CA TYR B 20 -37.25 47.06 -10.21
C TYR B 20 -36.22 46.01 -9.83
N TYR B 21 -35.72 45.32 -10.84
CA TYR B 21 -34.66 44.34 -10.65
C TYR B 21 -33.45 45.18 -10.99
N GLY B 22 -32.34 44.94 -10.29
CA GLY B 22 -31.13 45.67 -10.59
C GLY B 22 -30.05 44.67 -10.97
N PHE B 23 -29.66 44.64 -12.24
CA PHE B 23 -28.61 43.71 -12.66
C PHE B 23 -27.24 44.36 -12.63
N TRP B 24 -26.51 44.09 -11.54
CA TRP B 24 -25.17 44.63 -11.26
C TRP B 24 -24.03 43.81 -11.84
N SER B 25 -23.11 44.46 -12.54
CA SER B 25 -21.95 43.74 -13.06
C SER B 25 -21.11 43.43 -11.85
N GLY B 26 -20.32 42.36 -11.90
CA GLY B 26 -19.51 42.01 -10.75
C GLY B 26 -18.07 42.46 -10.88
N GLY B 27 -17.74 43.07 -12.01
CA GLY B 27 -16.37 43.49 -12.19
C GLY B 27 -15.45 42.30 -12.29
N HIS B 28 -14.24 42.41 -11.76
CA HIS B 28 -13.31 41.30 -11.85
C HIS B 28 -13.64 40.15 -10.90
N GLN B 29 -14.79 40.22 -10.26
CA GLN B 29 -15.23 39.14 -9.36
C GLN B 29 -15.88 38.06 -10.23
N GLY B 30 -16.34 38.45 -11.42
CA GLY B 30 -16.90 37.48 -12.34
C GLY B 30 -18.39 37.19 -12.47
N GLU B 31 -19.17 37.44 -11.43
CA GLU B 31 -20.61 37.15 -11.49
C GLU B 31 -21.48 38.35 -11.82
N VAL B 32 -22.77 38.12 -11.90
CA VAL B 32 -23.72 39.20 -12.12
C VAL B 32 -24.57 39.14 -10.87
N ARG B 33 -24.85 40.30 -10.28
CA ARG B 33 -25.64 40.35 -9.07
C ARG B 33 -27.00 40.94 -9.32
N VAL B 34 -28.03 40.25 -8.82
CA VAL B 34 -29.37 40.73 -8.99
C VAL B 34 -29.86 41.41 -7.73
N LEU B 35 -30.03 42.71 -7.77
CA LEU B 35 -30.52 43.43 -6.60
C LEU B 35 -31.95 43.90 -6.82
N GLY B 36 -32.62 44.21 -5.72
CA GLY B 36 -33.97 44.72 -5.79
C GLY B 36 -33.87 46.19 -5.49
N VAL B 37 -34.50 47.00 -6.33
CA VAL B 37 -34.50 48.45 -6.14
C VAL B 37 -35.92 48.88 -5.79
N PRO B 38 -36.07 49.85 -4.88
CA PRO B 38 -35.09 50.68 -4.17
C PRO B 38 -34.48 50.15 -2.86
N SER B 39 -34.84 48.96 -2.41
CA SER B 39 -34.25 48.46 -1.17
C SER B 39 -32.74 48.36 -1.30
N MET B 40 -32.28 48.03 -2.51
CA MET B 40 -30.86 47.88 -2.85
C MET B 40 -30.23 46.63 -2.23
N ARG B 41 -31.07 45.63 -1.94
CA ARG B 41 -30.60 44.38 -1.36
C ARG B 41 -30.24 43.42 -2.49
N GLU B 42 -29.30 42.51 -2.25
CA GLU B 42 -28.93 41.55 -3.28
C GLU B 42 -29.87 40.37 -3.18
N LEU B 43 -30.56 40.06 -4.27
CA LEU B 43 -31.50 38.95 -4.25
C LEU B 43 -30.92 37.64 -4.75
N MET B 44 -29.95 37.74 -5.63
CA MET B 44 -29.36 36.56 -6.23
C MET B 44 -28.02 36.87 -6.89
N ARG B 45 -27.22 35.82 -7.07
CA ARG B 45 -25.95 35.95 -7.73
C ARG B 45 -26.03 34.94 -8.86
N ILE B 46 -25.67 35.37 -10.06
CA ILE B 46 -25.69 34.48 -11.22
C ILE B 46 -24.22 34.26 -11.57
N PRO B 47 -23.68 33.08 -11.28
CA PRO B 47 -22.27 32.87 -11.62
C PRO B 47 -22.09 32.95 -13.12
N VAL B 48 -20.96 33.50 -13.55
CA VAL B 48 -20.70 33.60 -14.98
C VAL B 48 -19.28 33.17 -15.35
N PHE B 49 -18.30 33.97 -14.96
CA PHE B 49 -16.91 33.69 -15.26
C PHE B 49 -16.17 33.30 -14.00
N ASN B 50 -16.89 33.28 -12.89
CA ASN B 50 -16.32 32.89 -11.62
C ASN B 50 -16.65 31.42 -11.38
N VAL B 51 -16.10 30.82 -10.32
CA VAL B 51 -16.41 29.44 -10.01
C VAL B 51 -17.18 29.48 -8.71
N ASP B 52 -18.46 29.14 -8.76
CA ASP B 52 -19.29 29.15 -7.57
C ASP B 52 -19.25 27.84 -6.83
N SER B 53 -18.80 27.89 -5.57
CA SER B 53 -18.70 26.72 -4.74
C SER B 53 -20.08 26.15 -4.39
N ALA B 54 -21.10 27.00 -4.41
CA ALA B 54 -22.45 26.58 -4.04
C ALA B 54 -23.18 25.83 -5.14
N THR B 55 -23.51 26.55 -6.21
CA THR B 55 -24.25 25.95 -7.32
C THR B 55 -23.36 25.05 -8.15
N GLY B 56 -22.05 25.20 -7.97
CA GLY B 56 -21.10 24.39 -8.72
C GLY B 56 -20.83 24.90 -10.12
N TRP B 57 -21.15 26.16 -10.40
CA TRP B 57 -20.89 26.68 -11.73
C TRP B 57 -19.38 26.73 -11.94
N GLY B 58 -18.91 25.99 -12.94
CA GLY B 58 -17.49 25.92 -13.23
C GLY B 58 -16.99 24.55 -12.80
N ILE B 59 -17.84 23.86 -12.05
CA ILE B 59 -17.53 22.53 -11.56
C ILE B 59 -18.44 21.50 -12.26
N THR B 60 -19.74 21.79 -12.29
CA THR B 60 -20.68 20.87 -12.92
C THR B 60 -20.31 20.68 -14.38
N ASN B 61 -20.74 19.56 -14.95
CA ASN B 61 -20.49 19.25 -16.35
C ASN B 61 -21.27 20.17 -17.26
N GLU B 62 -22.50 20.49 -16.86
CA GLU B 62 -23.37 21.37 -17.63
C GLU B 62 -22.70 22.74 -17.81
N SER B 63 -22.25 23.31 -16.71
CA SER B 63 -21.61 24.61 -16.78
C SER B 63 -20.29 24.55 -17.57
N LYS B 64 -19.49 23.51 -17.37
CA LYS B 64 -18.24 23.38 -18.11
C LYS B 64 -18.45 23.26 -19.61
N GLU B 65 -19.61 22.72 -20.00
CA GLU B 65 -19.92 22.57 -21.42
C GLU B 65 -20.29 23.92 -21.99
N ILE B 66 -20.85 24.78 -21.15
CA ILE B 66 -21.24 26.11 -21.56
C ILE B 66 -19.99 26.98 -21.66
N LEU B 67 -19.10 26.83 -20.70
CA LEU B 67 -17.86 27.60 -20.67
C LEU B 67 -16.95 27.23 -21.82
N GLY B 68 -17.02 25.96 -22.23
CA GLY B 68 -16.18 25.49 -23.31
C GLY B 68 -14.72 25.90 -23.15
N GLY B 69 -14.12 26.30 -24.26
CA GLY B 69 -12.73 26.70 -24.23
C GLY B 69 -11.79 25.51 -24.09
N ASP B 70 -10.53 25.71 -24.42
CA ASP B 70 -9.55 24.63 -24.34
C ASP B 70 -8.64 24.80 -23.12
N GLN B 71 -9.12 25.57 -22.16
CA GLN B 71 -8.39 25.83 -20.94
C GLN B 71 -9.39 26.29 -19.88
N GLN B 72 -9.19 25.89 -18.63
CA GLN B 72 -10.10 26.31 -17.58
C GLN B 72 -9.67 27.64 -16.99
N TYR B 73 -10.60 28.57 -16.93
CA TYR B 73 -10.37 29.89 -16.37
C TYR B 73 -11.12 30.02 -15.04
N LEU B 74 -10.39 30.32 -13.97
CA LEU B 74 -10.99 30.49 -12.66
C LEU B 74 -11.40 31.95 -12.44
N ASN B 75 -11.24 32.78 -13.46
CA ASN B 75 -11.58 34.20 -13.33
C ASN B 75 -12.26 34.87 -14.51
N GLY B 76 -12.64 36.11 -14.29
CA GLY B 76 -13.27 36.90 -15.32
C GLY B 76 -13.35 38.34 -14.87
N ASP B 77 -13.71 39.22 -15.80
CA ASP B 77 -13.83 40.64 -15.50
C ASP B 77 -15.01 41.17 -16.31
N CYS B 78 -16.20 41.17 -15.69
CA CYS B 78 -17.41 41.62 -16.39
C CYS B 78 -17.85 43.02 -15.96
N HIS B 79 -18.06 43.87 -16.95
CA HIS B 79 -18.43 45.24 -16.67
C HIS B 79 -19.82 45.67 -17.13
N HIS B 80 -20.19 45.28 -18.35
CA HIS B 80 -21.43 45.79 -18.93
C HIS B 80 -22.62 44.86 -19.18
N PRO B 81 -23.58 44.81 -18.24
CA PRO B 81 -24.76 43.94 -18.41
C PRO B 81 -25.87 44.65 -19.16
N HIS B 82 -26.38 44.03 -20.22
CA HIS B 82 -27.46 44.62 -21.01
C HIS B 82 -28.56 43.63 -21.35
N ILE B 83 -29.80 44.11 -21.31
CA ILE B 83 -30.95 43.28 -21.57
C ILE B 83 -31.49 43.38 -22.99
N SER B 84 -31.81 42.22 -23.57
CA SER B 84 -32.32 42.18 -24.95
C SER B 84 -33.52 43.09 -25.15
N MET B 85 -33.68 43.60 -26.36
CA MET B 85 -34.77 44.51 -26.64
C MET B 85 -35.57 44.21 -27.88
N THR B 86 -36.80 44.72 -27.90
CA THR B 86 -37.71 44.56 -29.01
C THR B 86 -38.29 45.94 -29.25
N ASP B 87 -37.91 46.53 -30.39
CA ASP B 87 -38.34 47.87 -30.78
C ASP B 87 -38.03 48.92 -29.71
N GLY B 88 -36.76 49.00 -29.33
CA GLY B 88 -36.34 49.96 -28.33
C GLY B 88 -36.87 49.77 -26.94
N ARG B 89 -37.37 48.58 -26.61
CA ARG B 89 -37.90 48.31 -25.28
C ARG B 89 -37.39 46.99 -24.71
N TYR B 90 -37.14 46.95 -23.41
CA TYR B 90 -36.65 45.73 -22.75
C TYR B 90 -37.67 44.61 -22.92
N ASP B 91 -37.24 43.49 -23.50
CA ASP B 91 -38.14 42.36 -23.68
C ASP B 91 -37.91 41.28 -22.65
N GLY B 92 -36.89 41.46 -21.82
CA GLY B 92 -36.59 40.54 -20.74
C GLY B 92 -36.17 39.11 -21.02
N LYS B 93 -35.84 38.77 -22.25
CA LYS B 93 -35.42 37.41 -22.56
C LYS B 93 -33.98 37.09 -22.14
N TYR B 94 -33.04 37.93 -22.58
CA TYR B 94 -31.63 37.70 -22.25
C TYR B 94 -30.90 38.90 -21.64
N LEU B 95 -29.75 38.59 -21.06
CA LEU B 95 -28.87 39.57 -20.46
C LEU B 95 -27.49 39.16 -20.95
N PHE B 96 -26.77 40.10 -21.58
CA PHE B 96 -25.44 39.83 -22.09
C PHE B 96 -24.40 40.61 -21.31
N ILE B 97 -23.19 40.06 -21.19
CA ILE B 97 -22.13 40.75 -20.46
C ILE B 97 -20.75 40.34 -20.98
N ASN B 98 -19.78 41.23 -20.81
CA ASN B 98 -18.41 41.00 -21.28
C ASN B 98 -17.43 40.41 -20.26
N ASP B 99 -16.31 39.91 -20.78
CA ASP B 99 -15.23 39.36 -19.96
C ASP B 99 -13.95 39.97 -20.51
N LYS B 100 -13.46 40.99 -19.81
CA LYS B 100 -12.26 41.68 -20.24
C LYS B 100 -11.00 40.88 -19.94
N ALA B 101 -11.06 40.03 -18.92
CA ALA B 101 -9.90 39.24 -18.53
C ALA B 101 -9.53 38.10 -19.46
N ASN B 102 -10.50 37.38 -19.99
CA ASN B 102 -10.16 36.28 -20.89
C ASN B 102 -10.86 36.29 -22.25
N THR B 103 -11.19 37.49 -22.73
CA THR B 103 -11.82 37.68 -24.04
C THR B 103 -13.05 36.83 -24.30
N ARG B 104 -14.11 37.06 -23.53
CA ARG B 104 -15.32 36.29 -23.71
C ARG B 104 -16.54 37.16 -23.53
N VAL B 105 -17.67 36.67 -24.02
CA VAL B 105 -18.95 37.34 -23.89
C VAL B 105 -19.90 36.26 -23.39
N ALA B 106 -20.81 36.63 -22.49
CA ALA B 106 -21.76 35.65 -21.96
C ALA B 106 -23.21 36.05 -22.15
N ARG B 107 -24.07 35.04 -22.16
CA ARG B 107 -25.51 35.28 -22.28
C ARG B 107 -26.19 34.58 -21.11
N ILE B 108 -27.07 35.32 -20.44
CA ILE B 108 -27.81 34.79 -19.32
C ILE B 108 -29.27 34.64 -19.66
N ARG B 109 -29.86 33.55 -19.23
CA ARG B 109 -31.27 33.26 -19.45
C ARG B 109 -32.00 33.92 -18.29
N LEU B 110 -32.79 34.95 -18.58
CA LEU B 110 -33.50 35.63 -17.51
C LEU B 110 -34.68 34.88 -16.90
N ASP B 111 -35.18 33.84 -17.57
CA ASP B 111 -36.31 33.09 -17.00
C ASP B 111 -35.86 32.25 -15.81
N ILE B 112 -34.59 31.83 -15.80
CA ILE B 112 -34.10 31.07 -14.67
C ILE B 112 -32.87 31.71 -14.02
N MET B 113 -32.42 32.82 -14.59
CA MET B 113 -31.26 33.54 -14.10
C MET B 113 -30.00 32.69 -14.10
N LYS B 114 -29.70 32.09 -15.24
CA LYS B 114 -28.51 31.27 -15.34
C LYS B 114 -27.77 31.56 -16.64
N THR B 115 -26.45 31.51 -16.57
CA THR B 115 -25.64 31.72 -17.77
C THR B 115 -26.04 30.62 -18.74
N ASP B 116 -26.33 31.04 -19.96
CA ASP B 116 -26.81 30.15 -21.01
C ASP B 116 -25.78 29.83 -22.08
N LYS B 117 -25.04 30.85 -22.49
CA LYS B 117 -24.03 30.72 -23.53
C LYS B 117 -22.78 31.50 -23.18
N ILE B 118 -21.64 31.02 -23.67
CA ILE B 118 -20.37 31.68 -23.46
C ILE B 118 -19.55 31.57 -24.74
N THR B 119 -19.19 32.72 -25.30
CA THR B 119 -18.44 32.75 -26.54
C THR B 119 -17.07 33.41 -26.49
N HIS B 120 -16.09 32.75 -27.09
CA HIS B 120 -14.74 33.28 -27.14
C HIS B 120 -14.55 34.10 -28.41
N ILE B 121 -14.25 35.39 -28.26
CA ILE B 121 -14.03 36.27 -29.42
C ILE B 121 -12.62 36.06 -29.94
N PRO B 122 -12.49 35.66 -31.20
CA PRO B 122 -11.19 35.41 -31.84
C PRO B 122 -10.35 36.62 -32.27
N ASN B 123 -9.06 36.37 -32.41
CA ASN B 123 -8.08 37.34 -32.87
C ASN B 123 -8.24 38.74 -32.29
N VAL B 124 -8.59 38.80 -31.02
CA VAL B 124 -8.82 40.08 -30.36
C VAL B 124 -8.48 39.92 -28.87
N GLN B 125 -8.34 41.02 -28.14
CA GLN B 125 -8.03 40.91 -26.72
C GLN B 125 -8.70 41.94 -25.82
N ALA B 126 -9.22 41.43 -24.70
CA ALA B 126 -9.90 42.23 -23.68
C ALA B 126 -11.22 42.82 -24.15
N ILE B 127 -12.29 42.05 -24.01
CA ILE B 127 -13.62 42.54 -24.40
C ILE B 127 -14.06 43.47 -23.29
N HIS B 128 -14.27 44.74 -23.62
CA HIS B 128 -14.67 45.72 -22.62
C HIS B 128 -16.06 46.25 -22.93
N GLY B 129 -16.13 47.23 -23.82
CA GLY B 129 -17.42 47.79 -24.16
C GLY B 129 -18.35 46.79 -24.81
N LEU B 130 -19.59 46.76 -24.33
CA LEU B 130 -20.60 45.89 -24.88
C LEU B 130 -22.00 46.47 -24.72
N ARG B 131 -22.77 46.43 -25.80
CA ARG B 131 -24.17 46.88 -25.79
C ARG B 131 -24.93 46.21 -26.93
N LEU B 132 -26.26 46.26 -26.85
CA LEU B 132 -27.10 45.57 -27.81
C LEU B 132 -27.81 46.44 -28.84
N GLN B 133 -28.22 45.79 -29.91
CA GLN B 133 -28.97 46.43 -30.96
C GLN B 133 -30.35 46.65 -30.36
N LYS B 134 -30.95 47.80 -30.66
CA LYS B 134 -32.27 48.12 -30.11
C LYS B 134 -33.43 47.97 -31.07
N VAL B 135 -33.19 48.26 -32.34
CA VAL B 135 -34.25 48.18 -33.34
C VAL B 135 -33.74 47.42 -34.57
N PRO B 136 -34.59 46.56 -35.16
CA PRO B 136 -35.96 46.23 -34.77
C PRO B 136 -36.00 45.50 -33.43
N LYS B 137 -34.96 44.71 -33.19
CA LYS B 137 -34.83 43.95 -31.95
C LYS B 137 -33.35 43.64 -31.76
N THR B 138 -33.01 42.91 -30.70
CA THR B 138 -31.62 42.55 -30.46
C THR B 138 -31.23 41.34 -31.30
N ASN B 139 -30.67 41.59 -32.48
CA ASN B 139 -30.23 40.53 -33.35
C ASN B 139 -28.71 40.48 -33.20
N TYR B 140 -28.14 41.64 -32.92
CA TYR B 140 -26.70 41.78 -32.74
C TYR B 140 -26.27 42.18 -31.34
N VAL B 141 -25.17 41.59 -30.88
CA VAL B 141 -24.56 41.94 -29.61
C VAL B 141 -23.27 42.61 -30.08
N PHE B 142 -23.05 43.86 -29.69
CA PHE B 142 -21.85 44.58 -30.12
C PHE B 142 -20.76 44.59 -29.05
N CYS B 143 -19.55 44.16 -29.40
CA CYS B 143 -18.44 44.10 -28.45
C CYS B 143 -17.18 44.80 -28.89
N ASN B 144 -16.52 45.45 -27.95
CA ASN B 144 -15.28 46.16 -28.18
C ASN B 144 -14.10 45.43 -27.56
N ALA B 145 -13.01 45.32 -28.30
CA ALA B 145 -11.79 44.70 -27.79
C ALA B 145 -10.91 45.92 -27.51
N GLU B 146 -10.50 46.09 -26.27
CA GLU B 146 -9.72 47.24 -25.85
C GLU B 146 -8.24 47.33 -26.21
N PHE B 147 -7.53 46.21 -26.17
CA PHE B 147 -6.11 46.23 -26.46
C PHE B 147 -5.72 45.79 -27.87
N VAL B 148 -4.85 46.57 -28.50
CA VAL B 148 -4.39 46.24 -29.85
C VAL B 148 -3.32 45.14 -29.79
N ILE B 149 -3.33 44.26 -30.78
CA ILE B 149 -2.36 43.18 -30.85
C ILE B 149 -2.13 42.87 -32.32
N PRO B 150 -1.04 42.17 -32.63
CA PRO B 150 -0.75 41.83 -34.02
C PRO B 150 -1.80 40.92 -34.61
N GLN B 151 -1.89 40.93 -35.94
CA GLN B 151 -2.86 40.11 -36.65
C GLN B 151 -2.19 39.26 -37.73
N PRO B 152 -2.06 37.94 -37.49
CA PRO B 152 -2.48 37.19 -36.30
C PRO B 152 -1.48 37.34 -35.17
N ASN B 153 -1.92 37.04 -33.94
CA ASN B 153 -1.04 37.18 -32.78
C ASN B 153 -0.26 35.89 -32.56
N ASP B 154 0.62 35.57 -33.51
CA ASP B 154 1.43 34.35 -33.42
C ASP B 154 2.86 34.54 -32.89
N GLY B 155 3.20 35.75 -32.47
CA GLY B 155 4.53 35.99 -31.93
C GLY B 155 5.67 36.17 -32.92
N THR B 156 5.34 36.43 -34.18
CA THR B 156 6.37 36.63 -35.19
C THR B 156 6.65 38.11 -35.38
N ASP B 157 5.82 38.95 -34.74
CA ASP B 157 5.93 40.39 -34.87
C ASP B 157 5.22 41.08 -33.71
N PHE B 158 5.97 41.50 -32.69
CA PHE B 158 5.39 42.16 -31.52
C PHE B 158 5.13 43.66 -31.67
N SER B 159 5.64 44.28 -32.72
CA SER B 159 5.48 45.72 -32.93
C SER B 159 4.07 46.28 -32.80
N LEU B 160 3.97 47.41 -32.11
CA LEU B 160 2.71 48.08 -31.94
C LEU B 160 2.25 48.68 -33.26
N ASP B 161 3.18 48.87 -34.17
CA ASP B 161 2.88 49.45 -35.49
C ASP B 161 1.90 48.58 -36.24
N ASN B 162 2.07 47.27 -36.12
CA ASN B 162 1.20 46.32 -36.80
C ASN B 162 0.17 45.70 -35.88
N SER B 163 -0.07 46.34 -34.74
CA SER B 163 -1.05 45.83 -33.78
C SER B 163 -2.37 46.58 -33.95
N TYR B 164 -3.45 45.83 -34.06
CA TYR B 164 -4.77 46.41 -34.21
C TYR B 164 -5.78 45.70 -33.34
N THR B 165 -6.99 46.25 -33.29
CA THR B 165 -8.06 45.63 -32.53
C THR B 165 -9.26 45.60 -33.46
N MET B 166 -10.34 44.97 -33.03
CA MET B 166 -11.51 44.88 -33.89
C MET B 166 -12.84 45.04 -33.16
N PHE B 167 -13.88 45.38 -33.92
CA PHE B 167 -15.24 45.56 -33.41
C PHE B 167 -15.94 44.25 -33.76
N THR B 168 -16.59 43.63 -32.78
CA THR B 168 -17.25 42.36 -33.05
C THR B 168 -18.75 42.35 -32.85
N ALA B 169 -19.43 41.74 -33.81
CA ALA B 169 -20.87 41.61 -33.77
C ALA B 169 -21.20 40.14 -33.57
N ILE B 170 -21.98 39.85 -32.54
CA ILE B 170 -22.37 38.47 -32.24
C ILE B 170 -23.86 38.29 -32.50
N ASP B 171 -24.24 37.16 -33.08
CA ASP B 171 -25.66 36.90 -33.30
C ASP B 171 -26.25 36.61 -31.94
N ALA B 172 -27.19 37.44 -31.51
CA ALA B 172 -27.83 37.33 -30.20
C ALA B 172 -28.49 35.98 -29.89
N GLU B 173 -29.20 35.40 -30.85
CA GLU B 173 -29.89 34.11 -30.60
C GLU B 173 -29.01 32.86 -30.68
N THR B 174 -27.90 32.94 -31.40
CA THR B 174 -27.03 31.78 -31.53
C THR B 174 -25.78 31.93 -30.72
N MET B 175 -25.42 33.19 -30.44
CA MET B 175 -24.21 33.50 -29.70
C MET B 175 -22.96 33.12 -30.48
N ASP B 176 -23.08 33.01 -31.79
CA ASP B 176 -21.92 32.73 -32.62
C ASP B 176 -21.53 34.09 -33.22
N VAL B 177 -20.24 34.33 -33.35
CA VAL B 177 -19.76 35.59 -33.90
C VAL B 177 -20.25 35.73 -35.35
N ALA B 178 -20.79 36.89 -35.69
CA ALA B 178 -21.30 37.13 -37.04
C ALA B 178 -20.22 37.74 -37.93
N TRP B 179 -19.52 38.75 -37.40
CA TRP B 179 -18.46 39.42 -38.14
C TRP B 179 -17.65 40.36 -37.29
N GLN B 180 -16.49 40.75 -37.80
CA GLN B 180 -15.60 41.66 -37.09
C GLN B 180 -15.14 42.77 -38.02
N VAL B 181 -14.93 43.95 -37.45
CA VAL B 181 -14.51 45.12 -38.19
C VAL B 181 -13.19 45.68 -37.68
N ILE B 182 -12.15 45.64 -38.50
CA ILE B 182 -10.86 46.16 -38.09
C ILE B 182 -10.95 47.69 -38.05
N VAL B 183 -10.39 48.30 -37.02
CA VAL B 183 -10.42 49.76 -36.90
C VAL B 183 -9.03 50.30 -36.55
N ASP B 184 -8.93 51.63 -36.47
CA ASP B 184 -7.69 52.28 -36.11
C ASP B 184 -7.79 52.53 -34.60
N GLY B 185 -6.69 52.90 -33.95
CA GLY B 185 -6.72 53.13 -32.53
C GLY B 185 -7.27 51.92 -31.78
N ASN B 186 -8.08 52.15 -30.75
CA ASN B 186 -8.66 51.04 -30.01
C ASN B 186 -10.14 51.30 -29.78
N LEU B 187 -10.74 50.50 -28.90
CA LEU B 187 -12.15 50.62 -28.60
C LEU B 187 -12.39 50.59 -27.09
N ASP B 188 -13.20 51.53 -26.61
CA ASP B 188 -13.50 51.59 -25.18
C ASP B 188 -14.95 51.14 -24.99
N ASN B 189 -15.88 52.09 -24.99
CA ASN B 189 -17.28 51.74 -24.83
C ASN B 189 -18.07 51.89 -26.12
N THR B 190 -19.28 51.35 -26.14
CA THR B 190 -20.11 51.40 -27.33
C THR B 190 -21.60 51.48 -27.05
N ASP B 191 -22.37 51.89 -28.05
CA ASP B 191 -23.82 51.94 -27.94
C ASP B 191 -24.40 51.97 -29.34
N ALA B 192 -25.68 51.68 -29.45
CA ALA B 192 -26.34 51.66 -30.74
C ALA B 192 -27.48 52.67 -30.78
N ASP B 193 -28.00 52.90 -31.97
CA ASP B 193 -29.09 53.85 -32.15
C ASP B 193 -30.43 53.13 -32.06
N TYR B 194 -31.49 53.81 -32.48
CA TYR B 194 -32.82 53.25 -32.47
C TYR B 194 -33.38 53.00 -33.87
N THR B 195 -32.54 52.52 -34.76
CA THR B 195 -32.95 52.23 -36.12
C THR B 195 -32.36 50.88 -36.51
N GLY B 196 -31.19 50.60 -35.97
CA GLY B 196 -30.49 49.35 -36.26
C GLY B 196 -29.34 49.52 -37.24
N LYS B 197 -29.27 50.70 -37.86
CA LYS B 197 -28.23 50.98 -38.84
C LYS B 197 -26.88 51.36 -38.25
N TYR B 198 -26.89 52.11 -37.16
CA TYR B 198 -25.65 52.56 -36.54
C TYR B 198 -25.32 52.07 -35.13
N ALA B 199 -24.03 52.01 -34.86
CA ALA B 199 -23.49 51.62 -33.57
C ALA B 199 -22.23 52.46 -33.47
N THR B 200 -21.82 52.83 -32.27
CA THR B 200 -20.63 53.66 -32.13
C THR B 200 -19.80 53.34 -30.89
N SER B 201 -18.51 53.61 -30.99
CA SER B 201 -17.60 53.35 -29.89
C SER B 201 -16.61 54.47 -29.72
N THR B 202 -16.18 54.67 -28.47
CA THR B 202 -15.21 55.69 -28.17
C THR B 202 -13.85 55.06 -28.31
N CYS B 203 -12.83 55.90 -28.41
CA CYS B 203 -11.45 55.46 -28.53
C CYS B 203 -10.60 56.39 -27.67
N TYR B 204 -9.64 55.83 -26.96
CA TYR B 204 -8.77 56.64 -26.12
C TYR B 204 -7.30 56.42 -26.49
N ASN B 205 -7.05 55.47 -27.38
CA ASN B 205 -5.68 55.16 -27.81
C ASN B 205 -5.53 55.16 -29.32
N SER B 206 -5.77 56.32 -29.93
CA SER B 206 -5.64 56.48 -31.37
C SER B 206 -4.16 56.39 -31.70
N GLU B 207 -3.33 56.63 -30.68
CA GLU B 207 -1.88 56.59 -30.81
C GLU B 207 -1.33 55.16 -30.81
N ARG B 208 -2.18 54.20 -30.41
CA ARG B 208 -1.80 52.80 -30.34
C ARG B 208 -0.46 52.64 -29.65
N ALA B 209 -0.35 53.27 -28.49
CA ALA B 209 0.87 53.19 -27.70
C ALA B 209 0.57 52.34 -26.47
N VAL B 210 1.59 52.11 -25.65
CA VAL B 210 1.41 51.34 -24.44
C VAL B 210 1.68 52.24 -23.24
N ASP B 211 2.78 52.97 -23.29
CA ASP B 211 3.16 53.90 -22.22
C ASP B 211 2.13 55.02 -22.07
N LEU B 212 1.90 55.46 -20.84
CA LEU B 212 0.95 56.52 -20.56
C LEU B 212 1.12 57.71 -21.52
N ALA B 213 2.31 58.34 -21.48
CA ALA B 213 2.61 59.50 -22.31
C ALA B 213 2.12 59.38 -23.75
N GLY B 214 2.26 58.20 -24.35
CA GLY B 214 1.85 58.03 -25.72
C GLY B 214 0.34 57.92 -25.93
N THR B 215 -0.39 57.45 -24.92
CA THR B 215 -1.83 57.31 -25.03
C THR B 215 -2.57 58.62 -24.72
N MET B 216 -1.81 59.63 -24.30
CA MET B 216 -2.38 60.95 -23.99
C MET B 216 -1.84 62.00 -24.96
N ARG B 217 -1.04 61.55 -25.91
CA ARG B 217 -0.43 62.44 -26.90
C ARG B 217 -1.41 63.40 -27.58
N ASN B 218 -2.22 62.85 -28.49
CA ASN B 218 -3.17 63.65 -29.24
C ASN B 218 -4.19 64.41 -28.40
N ASP B 219 -4.50 65.62 -28.84
CA ASP B 219 -5.48 66.46 -28.13
C ASP B 219 -6.83 65.81 -28.25
N ARG B 220 -7.01 65.04 -29.33
CA ARG B 220 -8.28 64.37 -29.59
C ARG B 220 -8.11 62.95 -30.09
N ASP B 221 -9.06 62.11 -29.71
CA ASP B 221 -9.08 60.74 -30.18
C ASP B 221 -10.35 60.79 -31.05
N TRP B 222 -11.30 59.88 -30.85
CA TRP B 222 -12.50 59.90 -31.67
C TRP B 222 -13.61 58.96 -31.21
N VAL B 223 -14.68 58.96 -31.99
CA VAL B 223 -15.82 58.11 -31.77
C VAL B 223 -15.95 57.44 -33.12
N VAL B 224 -15.86 56.11 -33.16
CA VAL B 224 -15.98 55.40 -34.42
C VAL B 224 -17.43 55.04 -34.64
N VAL B 225 -17.96 55.38 -35.80
CA VAL B 225 -19.34 55.03 -36.09
C VAL B 225 -19.32 53.88 -37.09
N PHE B 226 -20.08 52.83 -36.82
CA PHE B 226 -20.13 51.71 -37.73
C PHE B 226 -21.44 51.71 -38.46
N ASN B 227 -21.38 51.49 -39.77
CA ASN B 227 -22.58 51.44 -40.58
C ASN B 227 -22.90 49.95 -40.68
N VAL B 228 -23.65 49.45 -39.70
CA VAL B 228 -24.01 48.05 -39.64
C VAL B 228 -24.68 47.56 -40.91
N GLU B 229 -25.52 48.41 -41.49
CA GLU B 229 -26.22 48.09 -42.72
C GLU B 229 -25.21 47.72 -43.82
N ARG B 230 -24.25 48.61 -44.04
CA ARG B 230 -23.23 48.38 -45.06
C ARG B 230 -22.36 47.18 -44.73
N ILE B 231 -21.92 47.09 -43.49
CA ILE B 231 -21.07 46.00 -43.05
C ILE B 231 -21.72 44.64 -43.27
N ALA B 232 -23.00 44.56 -42.92
CA ALA B 232 -23.73 43.31 -43.08
C ALA B 232 -23.86 42.94 -44.54
N ALA B 233 -24.12 43.95 -45.37
CA ALA B 233 -24.28 43.73 -46.81
C ALA B 233 -22.98 43.19 -47.40
N ALA B 234 -21.88 43.82 -47.03
CA ALA B 234 -20.57 43.42 -47.52
C ALA B 234 -20.25 41.99 -47.14
N VAL B 235 -20.63 41.58 -45.94
CA VAL B 235 -20.36 40.22 -45.50
C VAL B 235 -21.25 39.23 -46.24
N LYS B 236 -22.48 39.62 -46.51
CA LYS B 236 -23.41 38.76 -47.21
C LYS B 236 -22.94 38.55 -48.64
N ALA B 237 -22.39 39.59 -49.24
CA ALA B 237 -21.89 39.55 -50.61
C ALA B 237 -20.56 38.81 -50.74
N GLY B 238 -20.06 38.30 -49.62
CA GLY B 238 -18.81 37.56 -49.62
C GLY B 238 -17.53 38.37 -49.66
N ASN B 239 -17.62 39.70 -49.56
CA ASN B 239 -16.44 40.56 -49.60
C ASN B 239 -15.83 40.75 -48.22
N PHE B 240 -15.05 39.76 -47.78
CA PHE B 240 -14.42 39.82 -46.48
C PHE B 240 -13.24 38.85 -46.47
N LYS B 241 -12.46 38.88 -45.39
CA LYS B 241 -11.32 37.99 -45.26
C LYS B 241 -11.41 37.28 -43.92
N THR B 242 -10.44 36.42 -43.66
CA THR B 242 -10.38 35.68 -42.40
C THR B 242 -9.00 35.79 -41.79
N ILE B 243 -8.95 35.95 -40.47
CA ILE B 243 -7.68 36.07 -39.77
C ILE B 243 -7.36 34.85 -38.92
N GLY B 244 -6.14 34.35 -39.05
CA GLY B 244 -5.71 33.19 -38.29
C GLY B 244 -6.48 31.91 -38.57
N ASP B 245 -6.86 31.22 -37.51
CA ASP B 245 -7.61 29.96 -37.61
C ASP B 245 -9.12 30.16 -37.50
N SER B 246 -9.56 31.40 -37.38
CA SER B 246 -10.98 31.71 -37.27
C SER B 246 -11.63 31.91 -38.64
N LYS B 247 -12.86 31.45 -38.78
CA LYS B 247 -13.59 31.57 -40.04
C LYS B 247 -14.50 32.79 -40.05
N VAL B 248 -14.50 33.53 -38.95
CA VAL B 248 -15.32 34.72 -38.82
C VAL B 248 -15.03 35.75 -39.89
N PRO B 249 -16.07 36.27 -40.57
CA PRO B 249 -15.88 37.27 -41.61
C PRO B 249 -15.32 38.56 -41.05
N VAL B 250 -14.28 39.08 -41.69
CA VAL B 250 -13.63 40.33 -41.27
C VAL B 250 -13.61 41.38 -42.38
N VAL B 251 -14.03 42.61 -42.06
CA VAL B 251 -14.00 43.72 -43.01
C VAL B 251 -13.07 44.78 -42.46
N ASP B 252 -12.45 45.55 -43.35
CA ASP B 252 -11.51 46.60 -42.94
C ASP B 252 -12.20 47.95 -42.75
N GLY B 253 -12.11 48.48 -41.54
CA GLY B 253 -12.73 49.76 -41.26
C GLY B 253 -11.71 50.82 -40.90
N ARG B 254 -10.47 50.60 -41.32
CA ARG B 254 -9.38 51.54 -41.06
C ARG B 254 -9.35 52.64 -42.13
N GLY B 255 -8.82 53.80 -41.75
CA GLY B 255 -8.74 54.91 -42.67
C GLY B 255 -10.03 55.20 -43.41
N GLU B 256 -9.92 55.60 -44.67
CA GLU B 256 -11.11 55.90 -45.46
C GLU B 256 -11.81 54.60 -45.82
N SER B 257 -12.89 54.32 -45.09
CA SER B 257 -13.67 53.11 -45.33
C SER B 257 -15.15 53.44 -45.41
N GLU B 258 -15.89 52.66 -46.18
CA GLU B 258 -17.31 52.88 -46.30
C GLU B 258 -18.04 52.38 -45.06
N PHE B 259 -17.35 51.57 -44.27
CA PHE B 259 -17.91 50.99 -43.06
C PHE B 259 -17.82 51.87 -41.83
N THR B 260 -16.78 52.70 -41.75
CA THR B 260 -16.59 53.54 -40.58
C THR B 260 -16.43 55.02 -40.84
N ARG B 261 -16.61 55.80 -39.78
CA ARG B 261 -16.47 57.25 -39.81
C ARG B 261 -15.84 57.61 -38.47
N TYR B 262 -14.73 58.34 -38.50
CA TYR B 262 -14.06 58.72 -37.26
C TYR B 262 -14.26 60.18 -36.89
N ILE B 263 -15.13 60.42 -35.93
CA ILE B 263 -15.42 61.77 -35.48
C ILE B 263 -14.51 62.09 -34.31
N PRO B 264 -13.60 63.07 -34.50
CA PRO B 264 -12.65 63.49 -33.46
C PRO B 264 -13.34 63.98 -32.18
N VAL B 265 -12.87 63.48 -31.05
CA VAL B 265 -13.45 63.86 -29.76
C VAL B 265 -12.36 64.11 -28.72
N PRO B 266 -12.52 65.16 -27.91
CA PRO B 266 -11.64 65.61 -26.84
C PRO B 266 -11.11 64.54 -25.87
N LYS B 267 -9.78 64.42 -25.89
CA LYS B 267 -8.92 63.52 -25.10
C LYS B 267 -9.36 62.29 -24.31
N ASN B 268 -8.96 61.13 -24.85
CA ASN B 268 -9.23 59.84 -24.24
C ASN B 268 -10.67 59.68 -23.77
N PRO B 269 -11.64 59.87 -24.68
CA PRO B 269 -13.06 59.75 -24.34
C PRO B 269 -13.35 58.34 -23.80
N HIS B 270 -14.27 58.28 -22.83
CA HIS B 270 -14.61 57.02 -22.18
C HIS B 270 -16.02 56.53 -22.52
N GLY B 271 -16.99 56.92 -21.71
CA GLY B 271 -18.34 56.46 -21.96
C GLY B 271 -18.93 56.90 -23.27
N LEU B 272 -19.89 56.14 -23.78
CA LEU B 272 -20.59 56.51 -25.00
C LEU B 272 -22.03 56.06 -24.79
N ASN B 273 -22.95 57.03 -24.68
CA ASN B 273 -24.34 56.71 -24.41
C ASN B 273 -25.36 57.28 -25.38
N THR B 274 -26.35 56.47 -25.71
CA THR B 274 -27.42 56.89 -26.61
C THR B 274 -28.59 57.42 -25.80
N SER B 275 -29.18 58.53 -26.23
CA SER B 275 -30.31 59.11 -25.52
C SER B 275 -31.58 58.33 -25.82
N PRO B 276 -32.56 58.36 -24.91
CA PRO B 276 -33.85 57.67 -25.07
C PRO B 276 -34.64 58.08 -26.31
N ASP B 277 -34.59 59.36 -26.65
CA ASP B 277 -35.30 59.88 -27.82
C ASP B 277 -34.69 59.27 -29.08
N GLY B 278 -33.47 58.79 -28.97
CA GLY B 278 -32.80 58.14 -30.10
C GLY B 278 -32.09 59.02 -31.09
N LYS B 279 -31.77 60.25 -30.71
CA LYS B 279 -31.09 61.14 -31.65
C LYS B 279 -29.68 61.57 -31.27
N TYR B 280 -29.20 61.16 -30.09
CA TYR B 280 -27.87 61.57 -29.67
C TYR B 280 -26.97 60.46 -29.14
N PHE B 281 -25.73 60.48 -29.60
CA PHE B 281 -24.71 59.55 -29.13
C PHE B 281 -23.86 60.51 -28.32
N ILE B 282 -23.72 60.28 -27.03
CA ILE B 282 -22.93 61.18 -26.21
C ILE B 282 -21.63 60.54 -25.73
N ALA B 283 -20.50 61.11 -26.15
CA ALA B 283 -19.19 60.61 -25.75
C ALA B 283 -18.74 61.40 -24.53
N ASN B 284 -18.11 60.74 -23.58
CA ASN B 284 -17.65 61.39 -22.36
C ASN B 284 -16.16 61.77 -22.43
N GLY B 285 -15.88 63.06 -22.16
CA GLY B 285 -14.53 63.60 -22.25
C GLY B 285 -13.37 63.09 -21.42
N LYS B 286 -13.65 62.74 -20.17
CA LYS B 286 -12.61 62.25 -19.26
C LYS B 286 -11.46 63.24 -19.11
N LEU B 287 -10.47 63.16 -20.00
CA LEU B 287 -9.33 64.08 -19.92
C LEU B 287 -9.76 65.50 -20.26
N SER B 288 -10.81 65.61 -21.07
CA SER B 288 -11.39 66.88 -21.45
C SER B 288 -12.59 67.02 -20.51
N PRO B 289 -12.76 68.19 -19.88
CA PRO B 289 -13.88 68.44 -18.96
C PRO B 289 -15.19 68.63 -19.71
N THR B 290 -15.29 68.00 -20.86
CA THR B 290 -16.46 68.10 -21.71
C THR B 290 -17.14 66.77 -21.98
N VAL B 291 -18.14 66.84 -22.84
CA VAL B 291 -18.92 65.70 -23.28
C VAL B 291 -19.19 66.03 -24.75
N SER B 292 -19.16 65.05 -25.63
CA SER B 292 -19.44 65.34 -27.04
C SER B 292 -20.77 64.75 -27.50
N VAL B 293 -21.67 65.62 -27.94
CA VAL B 293 -23.00 65.21 -28.39
C VAL B 293 -23.10 65.09 -29.90
N ILE B 294 -23.14 63.86 -30.38
CA ILE B 294 -23.22 63.56 -31.80
C ILE B 294 -24.68 63.37 -32.24
N ALA B 295 -25.04 63.98 -33.37
CA ALA B 295 -26.40 63.85 -33.87
C ALA B 295 -26.53 62.66 -34.81
N ILE B 296 -27.29 61.67 -34.39
CA ILE B 296 -27.50 60.45 -35.17
C ILE B 296 -28.26 60.77 -36.44
N ASP B 297 -28.96 61.89 -36.42
CA ASP B 297 -29.74 62.35 -37.56
C ASP B 297 -28.84 62.78 -38.71
N LYS B 298 -27.66 63.27 -38.38
CA LYS B 298 -26.71 63.73 -39.37
C LYS B 298 -25.78 62.62 -39.87
N LEU B 299 -25.90 61.44 -39.31
CA LEU B 299 -25.02 60.34 -39.71
C LEU B 299 -25.20 59.87 -41.15
N ASP B 300 -26.43 59.87 -41.65
CA ASP B 300 -26.65 59.42 -43.02
C ASP B 300 -25.85 60.27 -44.01
N ASP B 301 -25.90 61.59 -43.84
CA ASP B 301 -25.18 62.47 -44.74
C ASP B 301 -23.67 62.28 -44.58
N LEU B 302 -23.22 62.08 -43.35
CA LEU B 302 -21.79 61.89 -43.09
C LEU B 302 -21.23 60.71 -43.86
N PHE B 303 -22.04 59.66 -44.00
CA PHE B 303 -21.59 58.48 -44.72
C PHE B 303 -21.80 58.67 -46.21
N GLU B 304 -22.28 59.86 -46.56
CA GLU B 304 -22.51 60.22 -47.95
C GLU B 304 -21.53 61.33 -48.32
N ASP B 305 -20.71 61.73 -47.35
CA ASP B 305 -19.71 62.77 -47.55
C ASP B 305 -20.34 64.12 -47.93
N LYS B 306 -21.56 64.35 -47.47
CA LYS B 306 -22.26 65.59 -47.77
C LYS B 306 -21.93 66.65 -46.72
N ILE B 307 -21.48 66.20 -45.56
CA ILE B 307 -21.11 67.12 -44.48
C ILE B 307 -19.75 66.74 -43.93
N GLU B 308 -19.25 67.59 -43.05
CA GLU B 308 -17.93 67.38 -42.44
C GLU B 308 -18.06 66.52 -41.19
N LEU B 309 -17.00 65.79 -40.86
CA LEU B 309 -16.99 64.94 -39.68
C LEU B 309 -17.51 65.67 -38.43
N ARG B 310 -16.86 66.75 -38.05
CA ARG B 310 -17.25 67.50 -36.85
C ARG B 310 -18.61 68.21 -36.97
N ASP B 311 -19.24 68.14 -38.13
CA ASP B 311 -20.55 68.76 -38.32
C ASP B 311 -21.62 67.96 -37.58
N THR B 312 -21.29 66.73 -37.19
CA THR B 312 -22.22 65.86 -36.47
C THR B 312 -22.29 66.29 -35.02
N ILE B 313 -21.31 67.07 -34.57
CA ILE B 313 -21.29 67.54 -33.20
C ILE B 313 -22.31 68.65 -33.07
N VAL B 314 -23.27 68.45 -32.19
CA VAL B 314 -24.32 69.43 -31.99
C VAL B 314 -24.08 70.19 -30.70
N ALA B 315 -23.21 69.66 -29.85
CA ALA B 315 -22.90 70.29 -28.58
C ALA B 315 -21.66 69.66 -27.98
N GLU B 316 -20.97 70.42 -27.16
CA GLU B 316 -19.75 69.93 -26.52
C GLU B 316 -19.55 70.77 -25.29
N PRO B 317 -20.53 70.77 -24.37
CA PRO B 317 -20.49 71.54 -23.13
C PRO B 317 -19.46 71.10 -22.11
N GLU B 318 -18.93 72.09 -21.40
CA GLU B 318 -17.96 71.82 -20.35
C GLU B 318 -18.82 71.56 -19.12
N LEU B 319 -18.53 70.48 -18.40
CA LEU B 319 -19.30 70.14 -17.22
C LEU B 319 -18.48 70.11 -15.95
N GLY B 320 -17.26 69.60 -16.05
CA GLY B 320 -16.40 69.49 -14.89
C GLY B 320 -15.24 68.54 -15.13
N LEU B 321 -14.50 68.24 -14.08
CA LEU B 321 -13.34 67.37 -14.19
C LEU B 321 -13.61 65.87 -14.16
N GLY B 322 -13.23 65.19 -15.25
CA GLY B 322 -13.37 63.75 -15.33
C GLY B 322 -14.72 63.16 -15.69
N PRO B 323 -15.39 63.64 -16.74
CA PRO B 323 -16.68 63.05 -17.07
C PRO B 323 -16.46 61.68 -17.69
N LEU B 324 -17.05 60.64 -17.11
CA LEU B 324 -16.87 59.27 -17.61
C LEU B 324 -18.10 58.62 -18.26
N HIS B 325 -19.28 58.83 -17.68
CA HIS B 325 -20.52 58.23 -18.21
C HIS B 325 -21.73 59.15 -18.11
N THR B 326 -22.70 58.94 -19.00
CA THR B 326 -23.89 59.76 -18.97
C THR B 326 -25.15 58.94 -19.10
N THR B 327 -26.21 59.33 -18.39
CA THR B 327 -27.49 58.63 -18.44
C THR B 327 -28.62 59.67 -18.59
N PHE B 328 -29.82 59.22 -18.94
CA PHE B 328 -30.92 60.18 -19.16
C PHE B 328 -32.21 59.89 -18.39
N ASP B 329 -32.96 60.94 -18.09
CA ASP B 329 -34.22 60.78 -17.38
C ASP B 329 -35.43 60.72 -18.31
N GLY B 330 -35.20 60.85 -19.60
CA GLY B 330 -36.29 60.80 -20.56
C GLY B 330 -37.08 62.09 -20.64
N ARG B 331 -36.63 63.10 -19.90
CA ARG B 331 -37.30 64.40 -19.89
C ARG B 331 -36.40 65.46 -20.53
N GLY B 332 -35.41 65.02 -21.30
CA GLY B 332 -34.52 65.97 -21.96
C GLY B 332 -33.28 66.34 -21.18
N ASN B 333 -33.15 65.85 -19.95
CA ASN B 333 -31.98 66.14 -19.14
C ASN B 333 -30.99 64.97 -19.19
N ALA B 334 -29.72 65.28 -18.98
CA ALA B 334 -28.68 64.27 -18.97
C ALA B 334 -28.01 64.30 -17.60
N TYR B 335 -27.44 63.19 -17.19
CA TYR B 335 -26.75 63.12 -15.91
C TYR B 335 -25.39 62.49 -16.19
N THR B 336 -24.32 63.22 -15.86
CA THR B 336 -22.97 62.76 -16.12
C THR B 336 -22.12 62.70 -14.86
N THR B 337 -21.31 61.66 -14.77
CA THR B 337 -20.44 61.51 -13.61
C THR B 337 -19.14 62.26 -13.82
N LEU B 338 -18.67 62.88 -12.74
CA LEU B 338 -17.42 63.63 -12.76
C LEU B 338 -16.47 62.93 -11.81
N PHE B 339 -15.61 62.08 -12.38
CA PHE B 339 -14.67 61.30 -11.61
C PHE B 339 -13.81 62.14 -10.66
N ILE B 340 -13.08 63.08 -11.23
CA ILE B 340 -12.17 63.94 -10.48
C ILE B 340 -12.84 64.90 -9.50
N ASP B 341 -13.93 65.53 -9.93
CA ASP B 341 -14.65 66.45 -9.05
C ASP B 341 -15.54 65.66 -8.09
N SER B 342 -15.61 64.35 -8.32
CA SER B 342 -16.39 63.44 -7.49
C SER B 342 -17.85 63.85 -7.30
N GLN B 343 -18.57 63.99 -8.41
CA GLN B 343 -19.98 64.38 -8.36
C GLN B 343 -20.70 64.00 -9.63
N VAL B 344 -22.03 64.08 -9.60
CA VAL B 344 -22.84 63.78 -10.79
C VAL B 344 -23.45 65.09 -11.23
N CYS B 345 -23.40 65.38 -12.52
CA CYS B 345 -23.93 66.63 -13.04
C CYS B 345 -25.14 66.49 -13.93
N LYS B 346 -26.23 67.15 -13.54
CA LYS B 346 -27.45 67.13 -14.32
C LYS B 346 -27.44 68.34 -15.22
N TRP B 347 -27.59 68.12 -16.52
CA TRP B 347 -27.61 69.23 -17.47
C TRP B 347 -28.69 69.03 -18.53
N ASN B 348 -29.16 70.13 -19.09
CA ASN B 348 -30.19 70.10 -20.13
C ASN B 348 -29.54 70.05 -21.51
N ILE B 349 -29.90 69.03 -22.30
CA ILE B 349 -29.32 68.86 -23.64
C ILE B 349 -29.66 70.01 -24.59
N ALA B 350 -30.94 70.37 -24.66
CA ALA B 350 -31.38 71.45 -25.53
C ALA B 350 -30.60 72.72 -25.24
N ASP B 351 -30.48 73.07 -23.96
CA ASP B 351 -29.74 74.28 -23.57
C ASP B 351 -28.28 74.17 -23.98
N ALA B 352 -27.76 72.95 -24.00
CA ALA B 352 -26.38 72.72 -24.38
C ALA B 352 -26.23 72.93 -25.87
N ILE B 353 -27.26 72.54 -26.63
CA ILE B 353 -27.26 72.72 -28.07
C ILE B 353 -27.22 74.22 -28.38
N LYS B 354 -28.06 74.97 -27.67
CA LYS B 354 -28.15 76.42 -27.85
C LYS B 354 -26.86 77.14 -27.46
N HIS B 355 -26.35 76.83 -26.27
CA HIS B 355 -25.12 77.42 -25.76
C HIS B 355 -23.97 77.17 -26.73
N TYR B 356 -23.98 76.00 -27.35
CA TYR B 356 -22.93 75.65 -28.31
C TYR B 356 -23.02 76.54 -29.54
N ASN B 357 -24.24 76.93 -29.90
CA ASN B 357 -24.46 77.75 -31.08
C ASN B 357 -24.17 79.24 -30.90
N GLY B 358 -24.00 79.67 -29.65
CA GLY B 358 -23.71 81.07 -29.42
C GLY B 358 -24.54 81.70 -28.31
N ASP B 359 -25.55 80.99 -27.85
CA ASP B 359 -26.39 81.50 -26.77
C ASP B 359 -25.61 81.63 -25.47
N ARG B 360 -26.30 82.09 -24.42
CA ARG B 360 -25.67 82.26 -23.12
C ARG B 360 -26.41 81.42 -22.08
N VAL B 361 -27.46 80.74 -22.53
CA VAL B 361 -28.25 79.92 -21.65
C VAL B 361 -27.42 79.01 -20.77
N ASN B 362 -27.85 78.84 -19.53
CA ASN B 362 -27.18 77.96 -18.59
C ASN B 362 -27.72 76.56 -18.85
N TYR B 363 -26.81 75.60 -19.03
CA TYR B 363 -27.22 74.23 -19.30
C TYR B 363 -27.06 73.32 -18.09
N ILE B 364 -26.16 73.68 -17.18
CA ILE B 364 -25.95 72.91 -15.97
C ILE B 364 -27.07 73.25 -15.01
N ARG B 365 -27.81 72.23 -14.57
CA ARG B 365 -28.91 72.46 -13.64
C ARG B 365 -28.54 72.14 -12.21
N GLN B 366 -27.67 71.15 -12.01
CA GLN B 366 -27.26 70.77 -10.66
C GLN B 366 -26.03 69.87 -10.58
N LYS B 367 -25.30 70.00 -9.48
CA LYS B 367 -24.13 69.19 -9.22
C LYS B 367 -24.24 68.62 -7.82
N LEU B 368 -24.32 67.31 -7.73
CA LEU B 368 -24.48 66.64 -6.44
C LEU B 368 -23.20 65.90 -6.10
N ASP B 369 -22.65 66.19 -4.93
CA ASP B 369 -21.42 65.55 -4.50
C ASP B 369 -21.66 64.07 -4.25
N VAL B 370 -21.01 63.25 -5.06
CA VAL B 370 -21.11 61.81 -4.97
C VAL B 370 -19.97 61.39 -4.04
N GLN B 371 -20.21 60.39 -3.21
CA GLN B 371 -19.17 59.97 -2.28
C GLN B 371 -18.03 59.14 -2.81
N TYR B 372 -17.07 59.88 -3.34
CA TYR B 372 -15.81 59.39 -3.83
C TYR B 372 -15.67 58.65 -5.15
N GLN B 373 -15.21 59.42 -6.15
CA GLN B 373 -14.93 58.98 -7.50
C GLN B 373 -15.98 58.13 -8.22
N PRO B 374 -16.89 58.78 -8.93
CA PRO B 374 -17.96 58.11 -9.67
C PRO B 374 -17.46 57.44 -10.95
N GLY B 375 -18.04 56.29 -11.25
CA GLY B 375 -17.69 55.59 -12.47
C GLY B 375 -18.93 55.62 -13.33
N HIS B 376 -19.60 54.46 -13.47
CA HIS B 376 -20.83 54.39 -14.27
C HIS B 376 -21.99 55.09 -13.62
N ASN B 377 -22.90 55.47 -14.48
CA ASN B 377 -24.09 56.21 -14.12
C ASN B 377 -25.28 55.48 -14.76
N HIS B 378 -26.39 55.32 -14.03
CA HIS B 378 -27.53 54.66 -14.65
C HIS B 378 -28.88 55.13 -14.11
N ALA B 379 -29.77 55.54 -15.01
CA ALA B 379 -31.11 55.98 -14.64
C ALA B 379 -32.09 54.92 -15.15
N SER B 380 -33.12 54.63 -14.36
CA SER B 380 -34.09 53.61 -14.71
C SER B 380 -34.68 53.66 -16.13
N LEU B 381 -34.54 52.55 -16.84
CA LEU B 381 -35.04 52.38 -18.20
C LEU B 381 -34.34 53.27 -19.21
N THR B 382 -33.24 53.89 -18.80
CA THR B 382 -32.48 54.79 -19.66
C THR B 382 -32.12 54.27 -21.04
N GLU B 383 -31.89 52.96 -21.17
CA GLU B 383 -31.50 52.42 -22.46
C GLU B 383 -32.67 52.09 -23.37
N SER B 384 -33.88 52.47 -22.95
CA SER B 384 -35.08 52.21 -23.73
C SER B 384 -35.90 53.46 -24.02
N ARG B 385 -36.90 53.30 -24.87
CA ARG B 385 -37.79 54.42 -25.21
C ARG B 385 -38.54 54.84 -23.97
N ASP B 386 -38.74 53.91 -23.05
CA ASP B 386 -39.51 54.16 -21.84
C ASP B 386 -38.77 54.76 -20.64
N ALA B 387 -37.57 55.32 -20.84
CA ALA B 387 -36.82 55.91 -19.74
C ALA B 387 -37.77 56.71 -18.86
N ASP B 388 -37.98 56.23 -17.64
CA ASP B 388 -38.91 56.87 -16.72
C ASP B 388 -38.40 57.96 -15.80
N GLY B 389 -37.10 58.20 -15.81
CA GLY B 389 -36.54 59.24 -14.97
C GLY B 389 -36.96 59.26 -13.51
N LYS B 390 -36.98 58.09 -12.87
CA LYS B 390 -37.35 58.02 -11.45
C LYS B 390 -36.16 57.76 -10.53
N TRP B 391 -35.28 56.86 -10.95
CA TRP B 391 -34.10 56.50 -10.16
C TRP B 391 -32.81 56.63 -10.92
N LEU B 392 -31.77 56.99 -10.18
CA LEU B 392 -30.43 57.15 -10.71
C LEU B 392 -29.44 56.47 -9.78
N VAL B 393 -28.61 55.61 -10.34
CA VAL B 393 -27.61 54.90 -9.54
C VAL B 393 -26.25 55.45 -9.93
N VAL B 394 -25.44 55.74 -8.93
CA VAL B 394 -24.09 56.24 -9.18
C VAL B 394 -23.16 55.22 -8.54
N LEU B 395 -22.32 54.59 -9.34
CA LEU B 395 -21.42 53.59 -8.81
C LEU B 395 -20.01 54.14 -8.64
N SER B 396 -19.67 54.49 -7.41
CA SER B 396 -18.35 55.06 -7.10
C SER B 396 -17.26 54.03 -6.84
N LYS B 397 -16.00 54.43 -7.03
CA LYS B 397 -14.87 53.53 -6.86
C LYS B 397 -14.11 53.56 -5.54
N PHE B 398 -14.46 54.49 -4.65
CA PHE B 398 -13.83 54.60 -3.35
C PHE B 398 -14.95 54.76 -2.33
N SER B 399 -14.82 54.14 -1.15
CA SER B 399 -15.88 54.30 -0.16
C SER B 399 -15.33 54.98 1.09
N LYS B 400 -14.01 55.07 1.14
CA LYS B 400 -13.31 55.71 2.26
C LYS B 400 -13.95 55.53 3.63
N ASP B 401 -14.61 56.57 4.12
CA ASP B 401 -15.23 56.55 5.45
C ASP B 401 -16.74 56.25 5.46
N ARG B 402 -17.30 55.95 4.30
CA ARG B 402 -18.73 55.68 4.17
C ARG B 402 -19.28 54.52 5.00
N PHE B 403 -18.46 53.49 5.23
CA PHE B 403 -18.93 52.34 5.99
C PHE B 403 -17.91 51.91 7.04
N LEU B 404 -18.33 51.05 7.96
CA LEU B 404 -17.44 50.55 8.99
C LEU B 404 -16.15 50.10 8.35
N PRO B 405 -15.02 50.28 9.06
CA PRO B 405 -13.74 49.85 8.48
C PRO B 405 -13.68 48.33 8.42
N VAL B 406 -13.14 47.81 7.32
CA VAL B 406 -13.04 46.36 7.14
C VAL B 406 -11.68 45.93 6.59
N GLY B 407 -10.66 46.76 6.82
CA GLY B 407 -9.33 46.42 6.35
C GLY B 407 -8.85 47.28 5.22
N PRO B 408 -7.66 47.00 4.67
CA PRO B 408 -7.11 47.79 3.57
C PRO B 408 -8.01 47.73 2.32
N LEU B 409 -8.71 46.61 2.15
CA LEU B 409 -9.61 46.45 1.01
C LEU B 409 -10.95 47.07 1.41
N HIS B 410 -11.34 48.14 0.71
CA HIS B 410 -12.60 48.80 1.02
C HIS B 410 -13.65 48.42 0.03
N PRO B 411 -14.92 48.54 0.42
CA PRO B 411 -15.98 48.19 -0.52
C PRO B 411 -16.18 49.37 -1.45
N GLU B 412 -16.96 49.18 -2.50
CA GLU B 412 -17.24 50.26 -3.43
C GLU B 412 -18.50 50.88 -2.86
N ASN B 413 -18.96 51.98 -3.43
CA ASN B 413 -20.18 52.59 -2.94
C ASN B 413 -21.09 53.03 -4.07
N ASP B 414 -22.18 52.30 -4.23
CA ASP B 414 -23.16 52.61 -5.25
C ASP B 414 -24.32 53.30 -4.55
N GLN B 415 -24.52 54.58 -4.87
CA GLN B 415 -25.57 55.35 -4.23
C GLN B 415 -26.83 55.53 -5.06
N LEU B 416 -27.98 55.35 -4.41
CA LEU B 416 -29.27 55.49 -5.06
C LEU B 416 -29.74 56.92 -4.90
N ILE B 417 -29.97 57.60 -6.03
CA ILE B 417 -30.41 58.98 -6.02
C ILE B 417 -31.78 59.15 -6.65
N ASP B 418 -32.65 59.89 -5.97
CA ASP B 418 -34.01 60.17 -6.44
C ASP B 418 -33.94 61.33 -7.40
N ILE B 419 -34.36 61.12 -8.65
CA ILE B 419 -34.34 62.15 -9.67
C ILE B 419 -35.72 62.35 -10.30
N SER B 420 -36.75 61.91 -9.59
CA SER B 420 -38.12 62.03 -10.10
C SER B 420 -38.56 63.47 -10.05
N GLY B 421 -37.85 64.26 -9.25
CA GLY B 421 -38.15 65.67 -9.11
C GLY B 421 -37.16 66.55 -9.84
N GLU B 422 -37.18 67.85 -9.54
CA GLU B 422 -36.29 68.79 -10.19
C GLU B 422 -34.86 68.70 -9.68
N GLU B 423 -34.72 68.38 -8.40
CA GLU B 423 -33.40 68.27 -7.78
C GLU B 423 -33.01 66.83 -7.45
N MET B 424 -31.73 66.54 -7.56
CA MET B 424 -31.20 65.21 -7.26
C MET B 424 -31.07 65.08 -5.75
N LYS B 425 -31.58 63.98 -5.20
CA LYS B 425 -31.52 63.76 -3.77
C LYS B 425 -30.97 62.37 -3.45
N LEU B 426 -29.89 62.32 -2.68
CA LEU B 426 -29.28 61.05 -2.29
C LEU B 426 -30.25 60.31 -1.38
N VAL B 427 -30.45 59.03 -1.64
CA VAL B 427 -31.39 58.25 -0.83
C VAL B 427 -30.75 57.08 -0.10
N HIS B 428 -29.76 56.44 -0.72
CA HIS B 428 -29.15 55.29 -0.09
C HIS B 428 -27.70 55.10 -0.52
N ASP B 429 -26.90 54.63 0.43
CA ASP B 429 -25.49 54.34 0.24
C ASP B 429 -25.39 52.82 0.26
N GLY B 430 -25.06 52.23 -0.89
CA GLY B 430 -24.97 50.79 -0.95
C GLY B 430 -23.57 50.23 -1.09
N PRO B 431 -23.06 49.60 -0.02
CA PRO B 431 -21.72 49.01 -0.02
C PRO B 431 -21.69 47.80 -0.95
N THR B 432 -20.65 47.68 -1.75
CA THR B 432 -20.54 46.56 -2.69
C THR B 432 -19.12 46.02 -2.74
N TYR B 433 -19.00 44.76 -3.13
CA TYR B 433 -17.71 44.09 -3.21
C TYR B 433 -17.19 44.13 -4.63
N ALA B 434 -15.95 43.69 -4.79
CA ALA B 434 -15.27 43.56 -6.06
C ALA B 434 -15.77 44.41 -7.20
N GLU B 435 -15.56 45.70 -7.03
CA GLU B 435 -15.89 46.71 -8.00
C GLU B 435 -16.88 46.51 -9.18
N PRO B 436 -18.16 46.81 -8.97
CA PRO B 436 -19.08 46.65 -10.09
C PRO B 436 -18.86 47.88 -10.99
N HIS B 437 -19.26 47.80 -12.25
CA HIS B 437 -19.05 48.93 -13.14
C HIS B 437 -20.36 49.56 -13.53
N ASP B 438 -21.03 48.97 -14.51
CA ASP B 438 -22.32 49.47 -14.92
C ASP B 438 -23.39 48.52 -14.37
N CYS B 439 -24.65 48.92 -14.46
CA CYS B 439 -25.73 48.06 -13.99
C CYS B 439 -26.94 48.50 -14.79
N ILE B 440 -27.99 47.69 -14.78
CA ILE B 440 -29.19 48.04 -15.54
C ILE B 440 -30.45 47.65 -14.77
N LEU B 441 -31.38 48.58 -14.68
CA LEU B 441 -32.62 48.33 -13.96
C LEU B 441 -33.76 48.01 -14.91
N VAL B 442 -34.61 47.08 -14.51
CA VAL B 442 -35.75 46.71 -15.33
C VAL B 442 -36.97 46.66 -14.42
N ARG B 443 -38.14 46.96 -14.96
CA ARG B 443 -39.37 46.91 -14.18
C ARG B 443 -39.67 45.47 -13.80
N ARG B 444 -40.20 45.28 -12.60
CA ARG B 444 -40.57 43.97 -12.08
C ARG B 444 -41.33 43.14 -13.13
N ASP B 445 -42.19 43.80 -13.89
CA ASP B 445 -43.01 43.14 -14.90
C ASP B 445 -42.37 42.93 -16.27
N GLN B 446 -41.10 43.30 -16.44
CA GLN B 446 -40.46 43.12 -17.74
C GLN B 446 -39.71 41.81 -17.77
N ILE B 447 -39.78 41.07 -16.66
CA ILE B 447 -39.15 39.78 -16.55
C ILE B 447 -40.19 38.71 -16.23
N LYS B 448 -40.11 37.56 -16.89
CA LYS B 448 -41.03 36.46 -16.63
C LYS B 448 -40.27 35.23 -16.14
N THR B 449 -40.07 35.18 -14.83
CA THR B 449 -39.36 34.09 -14.17
C THR B 449 -40.16 32.82 -13.98
N LYS B 450 -39.46 31.69 -13.98
CA LYS B 450 -40.07 30.38 -13.75
C LYS B 450 -39.63 29.89 -12.35
N LYS B 451 -40.40 28.97 -11.77
CA LYS B 451 -40.08 28.45 -10.43
C LYS B 451 -39.57 27.01 -10.42
N ILE B 452 -40.03 26.18 -11.34
CA ILE B 452 -39.56 24.80 -11.40
C ILE B 452 -39.22 24.43 -12.84
N TYR B 453 -38.26 23.53 -13.02
CA TYR B 453 -37.80 23.11 -14.34
C TYR B 453 -38.69 22.14 -15.14
N GLU B 454 -38.66 22.30 -16.45
CA GLU B 454 -39.40 21.42 -17.36
C GLU B 454 -38.37 20.34 -17.63
N ARG B 455 -38.79 19.08 -17.72
CA ARG B 455 -37.85 17.99 -17.92
C ARG B 455 -37.08 17.95 -19.24
N ASN B 456 -37.50 18.77 -20.19
CA ASN B 456 -36.86 18.84 -21.50
C ASN B 456 -36.02 20.12 -21.57
N ASP B 457 -35.72 20.71 -20.42
CA ASP B 457 -34.96 21.96 -20.42
C ASP B 457 -33.55 21.81 -20.94
N PRO B 458 -33.10 22.79 -21.74
CA PRO B 458 -31.76 22.81 -22.33
C PRO B 458 -30.65 22.70 -21.31
N TYR B 459 -30.82 23.31 -20.14
CA TYR B 459 -29.79 23.31 -19.10
C TYR B 459 -29.29 21.91 -18.71
N PHE B 460 -29.94 20.84 -19.18
CA PHE B 460 -29.45 19.51 -18.89
C PHE B 460 -29.77 18.50 -19.99
N ALA B 461 -29.83 19.02 -21.21
CA ALA B 461 -30.10 18.19 -22.38
C ALA B 461 -29.01 17.13 -22.55
N SER B 462 -27.78 17.44 -22.14
CA SER B 462 -26.70 16.49 -22.27
C SER B 462 -26.89 15.35 -21.27
N CYS B 463 -27.47 15.66 -20.12
CA CYS B 463 -27.69 14.64 -19.10
C CYS B 463 -28.66 13.59 -19.58
N ARG B 464 -29.79 14.00 -20.14
CA ARG B 464 -30.70 12.99 -20.62
C ARG B 464 -30.18 12.32 -21.87
N ALA B 465 -29.32 12.99 -22.63
CA ALA B 465 -28.76 12.37 -23.84
C ALA B 465 -27.93 11.17 -23.42
N GLN B 466 -27.12 11.34 -22.38
CA GLN B 466 -26.27 10.27 -21.89
C GLN B 466 -27.12 9.22 -21.18
N ALA B 467 -28.24 9.65 -20.59
CA ALA B 467 -29.13 8.75 -19.88
C ALA B 467 -29.78 7.80 -20.87
N GLU B 468 -30.23 8.36 -21.99
CA GLU B 468 -30.87 7.58 -23.04
C GLU B 468 -29.91 6.47 -23.51
N LYS B 469 -28.65 6.81 -23.68
CA LYS B 469 -27.65 5.83 -24.12
C LYS B 469 -27.49 4.73 -23.08
N ASP B 470 -27.50 5.09 -21.80
CA ASP B 470 -27.37 4.08 -20.77
C ASP B 470 -28.69 3.42 -20.43
N GLY B 471 -29.74 3.82 -21.13
CA GLY B 471 -31.04 3.24 -20.88
C GLY B 471 -31.59 3.57 -19.50
N VAL B 472 -31.38 4.79 -19.03
CA VAL B 472 -31.90 5.16 -17.72
C VAL B 472 -32.98 6.22 -17.84
N THR B 473 -33.95 6.15 -16.94
CA THR B 473 -35.04 7.10 -16.89
C THR B 473 -34.76 7.98 -15.67
N LEU B 474 -34.23 9.16 -15.94
CA LEU B 474 -33.85 10.11 -14.91
C LEU B 474 -34.84 10.32 -13.78
N GLU B 475 -36.13 10.33 -14.11
CA GLU B 475 -37.17 10.58 -13.11
C GLU B 475 -37.51 9.42 -12.18
N SER B 476 -36.89 8.26 -12.39
CA SER B 476 -37.20 7.13 -11.52
C SER B 476 -36.05 6.15 -11.23
N ASP B 477 -35.01 6.15 -12.06
CA ASP B 477 -33.91 5.22 -11.85
C ASP B 477 -32.83 5.61 -10.83
N ASN B 478 -32.20 4.60 -10.26
CA ASN B 478 -31.12 4.76 -9.30
C ASN B 478 -30.22 3.61 -9.61
N LYS B 479 -29.44 3.81 -10.67
CA LYS B 479 -28.53 2.79 -11.14
C LYS B 479 -27.10 3.27 -11.18
N VAL B 480 -26.19 2.31 -11.20
CA VAL B 480 -24.77 2.58 -11.29
C VAL B 480 -24.39 1.93 -12.59
N ILE B 481 -23.76 2.68 -13.48
CA ILE B 481 -23.34 2.13 -14.75
C ILE B 481 -21.83 2.15 -14.90
N ARG B 482 -21.25 0.98 -15.17
CA ARG B 482 -19.82 0.87 -15.32
C ARG B 482 -19.43 0.83 -16.79
N ASP B 483 -18.43 1.63 -17.13
CA ASP B 483 -17.94 1.73 -18.50
C ASP B 483 -16.42 1.82 -18.53
N GLY B 484 -15.76 0.74 -18.11
CA GLY B 484 -14.32 0.70 -18.10
C GLY B 484 -13.80 1.41 -16.87
N ASN B 485 -13.11 2.53 -17.08
CA ASN B 485 -12.56 3.30 -15.98
C ASN B 485 -13.57 4.36 -15.56
N LYS B 486 -14.62 4.47 -16.36
CA LYS B 486 -15.67 5.43 -16.10
C LYS B 486 -16.82 4.78 -15.34
N VAL B 487 -17.42 5.55 -14.45
CA VAL B 487 -18.54 5.10 -13.66
C VAL B 487 -19.55 6.21 -13.61
N ARG B 488 -20.76 5.93 -14.10
CA ARG B 488 -21.84 6.90 -14.08
C ARG B 488 -22.90 6.46 -13.07
N VAL B 489 -23.14 7.32 -12.08
CA VAL B 489 -24.12 7.03 -11.04
C VAL B 489 -25.31 7.95 -11.21
N TYR B 490 -26.50 7.36 -11.30
CA TYR B 490 -27.72 8.15 -11.46
C TYR B 490 -28.56 8.02 -10.21
N MET B 491 -28.85 9.14 -9.57
CA MET B 491 -29.65 9.12 -8.37
C MET B 491 -30.87 10.00 -8.53
N THR B 492 -31.83 9.76 -7.65
CA THR B 492 -33.08 10.50 -7.60
C THR B 492 -33.10 11.18 -6.23
N SER B 493 -33.81 12.29 -6.10
CA SER B 493 -33.87 12.93 -4.79
C SER B 493 -35.25 13.48 -4.43
N VAL B 494 -35.71 13.17 -3.20
CA VAL B 494 -36.98 13.63 -2.69
C VAL B 494 -36.88 13.64 -1.18
N ALA B 495 -37.77 14.37 -0.50
CA ALA B 495 -37.82 14.39 0.96
C ALA B 495 -36.41 14.44 1.48
N PRO B 496 -36.14 13.90 2.67
CA PRO B 496 -34.73 14.04 3.03
C PRO B 496 -33.87 12.85 2.57
N GLN B 497 -34.13 12.33 1.38
CA GLN B 497 -33.35 11.17 0.92
C GLN B 497 -32.92 11.13 -0.54
N TYR B 498 -31.79 10.48 -0.80
CA TYR B 498 -31.30 10.28 -2.15
C TYR B 498 -31.83 8.87 -2.50
N GLY B 499 -32.11 8.62 -3.76
CA GLY B 499 -32.61 7.30 -4.14
C GLY B 499 -31.58 6.19 -3.97
N MET B 500 -30.37 6.59 -3.62
CA MET B 500 -29.25 5.67 -3.44
C MET B 500 -28.43 6.18 -2.27
N THR B 501 -28.08 5.31 -1.32
CA THR B 501 -27.28 5.72 -0.17
C THR B 501 -25.93 4.98 -0.10
N ASP B 502 -25.55 4.31 -1.18
CA ASP B 502 -24.32 3.56 -1.19
C ASP B 502 -23.94 3.08 -2.60
N PHE B 503 -22.67 3.21 -2.96
CA PHE B 503 -22.17 2.72 -4.25
C PHE B 503 -20.66 2.52 -4.19
N LYS B 504 -20.16 1.56 -4.97
CA LYS B 504 -18.73 1.24 -5.00
C LYS B 504 -18.05 1.54 -6.32
N VAL B 505 -16.81 1.99 -6.25
CA VAL B 505 -16.01 2.27 -7.43
C VAL B 505 -14.58 1.96 -7.07
N LYS B 506 -13.72 1.87 -8.08
CA LYS B 506 -12.32 1.57 -7.85
C LYS B 506 -11.46 2.82 -7.89
N GLU B 507 -10.45 2.88 -7.03
CA GLU B 507 -9.54 4.01 -6.97
C GLU B 507 -9.11 4.41 -8.37
N GLY B 508 -9.19 5.70 -8.66
CA GLY B 508 -8.79 6.17 -9.98
C GLY B 508 -9.91 6.22 -11.01
N ASP B 509 -11.05 5.63 -10.68
CA ASP B 509 -12.19 5.62 -11.60
C ASP B 509 -12.67 7.05 -11.84
N GLU B 510 -13.15 7.33 -13.04
CA GLU B 510 -13.68 8.65 -13.32
C GLU B 510 -15.18 8.57 -13.04
N VAL B 511 -15.58 9.10 -11.90
CA VAL B 511 -16.96 9.06 -11.46
C VAL B 511 -17.79 10.29 -11.80
N THR B 512 -18.96 10.05 -12.38
CA THR B 512 -19.88 11.12 -12.70
C THR B 512 -21.18 10.80 -11.94
N VAL B 513 -21.72 11.80 -11.24
CA VAL B 513 -22.95 11.62 -10.51
C VAL B 513 -24.03 12.50 -11.09
N TYR B 514 -25.17 11.89 -11.40
CA TYR B 514 -26.31 12.63 -11.94
C TYR B 514 -27.38 12.62 -10.87
N ILE B 515 -27.78 13.79 -10.39
CA ILE B 515 -28.83 13.89 -9.38
C ILE B 515 -30.04 14.55 -10.00
N THR B 516 -31.19 13.90 -9.92
CA THR B 516 -32.43 14.44 -10.46
C THR B 516 -33.36 14.71 -9.29
N ASN B 517 -33.80 15.96 -9.15
CA ASN B 517 -34.67 16.38 -8.06
C ASN B 517 -36.15 16.24 -8.40
N LEU B 518 -36.81 15.27 -7.76
CA LEU B 518 -38.21 15.03 -8.04
C LEU B 518 -39.18 15.92 -7.29
N ASP B 519 -38.74 16.63 -6.25
CA ASP B 519 -39.67 17.49 -5.52
C ASP B 519 -40.23 18.53 -6.51
N MET B 520 -41.46 18.96 -6.32
CA MET B 520 -42.05 19.94 -7.23
C MET B 520 -42.56 21.15 -6.49
N VAL B 521 -42.21 21.22 -5.21
CA VAL B 521 -42.60 22.36 -4.39
C VAL B 521 -41.60 23.49 -4.62
N GLU B 522 -42.10 24.72 -4.74
CA GLU B 522 -41.23 25.86 -4.96
C GLU B 522 -40.21 26.02 -3.83
N ASP B 523 -38.98 26.40 -4.19
CA ASP B 523 -37.90 26.63 -3.23
C ASP B 523 -37.30 25.38 -2.57
N VAL B 524 -37.72 24.19 -3.00
CA VAL B 524 -37.17 22.97 -2.41
C VAL B 524 -35.99 22.49 -3.23
N THR B 525 -34.86 23.15 -3.02
CA THR B 525 -33.64 22.85 -3.74
C THR B 525 -32.77 21.88 -2.96
N HIS B 526 -32.10 20.99 -3.69
CA HIS B 526 -31.20 20.05 -3.06
C HIS B 526 -29.81 20.29 -3.60
N GLY B 527 -28.83 19.64 -2.97
CA GLY B 527 -27.46 19.79 -3.42
C GLY B 527 -26.78 18.46 -3.31
N PHE B 528 -25.54 18.40 -3.78
CA PHE B 528 -24.75 17.19 -3.72
C PHE B 528 -23.30 17.57 -3.45
N CYS B 529 -22.70 16.94 -2.46
CA CYS B 529 -21.30 17.21 -2.13
C CYS B 529 -20.55 15.98 -1.69
N MET B 530 -19.56 15.58 -2.48
CA MET B 530 -18.72 14.44 -2.15
C MET B 530 -17.51 14.93 -1.34
N VAL B 531 -17.47 14.56 -0.07
CA VAL B 531 -16.40 14.93 0.84
C VAL B 531 -14.97 14.66 0.36
N ASN B 532 -14.10 15.67 0.52
CA ASN B 532 -12.70 15.58 0.11
C ASN B 532 -12.48 15.34 -1.38
N HIS B 533 -13.45 15.71 -2.21
CA HIS B 533 -13.30 15.52 -3.65
C HIS B 533 -13.53 16.81 -4.42
N GLY B 534 -13.67 17.92 -3.70
CA GLY B 534 -13.87 19.22 -4.32
C GLY B 534 -15.03 19.28 -5.29
N VAL B 535 -16.15 18.72 -4.87
CA VAL B 535 -17.33 18.68 -5.72
C VAL B 535 -18.58 19.18 -5.02
N SER B 536 -19.36 19.99 -5.74
CA SER B 536 -20.60 20.54 -5.20
C SER B 536 -21.48 21.00 -6.34
N MET B 537 -22.79 20.82 -6.22
CA MET B 537 -23.68 21.26 -7.27
C MET B 537 -25.12 21.48 -6.81
N GLU B 538 -25.82 22.32 -7.56
CA GLU B 538 -27.21 22.64 -7.26
C GLU B 538 -28.17 21.74 -8.05
N ILE B 539 -29.30 21.43 -7.44
CA ILE B 539 -30.32 20.63 -8.11
C ILE B 539 -31.64 21.14 -7.63
N SER B 540 -32.11 22.20 -8.28
CA SER B 540 -33.37 22.79 -7.91
C SER B 540 -34.49 21.89 -8.39
N PRO B 541 -35.74 22.25 -8.08
CA PRO B 541 -36.91 21.46 -8.47
C PRO B 541 -37.02 21.00 -9.92
N GLN B 542 -37.04 19.68 -10.09
CA GLN B 542 -37.17 19.04 -11.39
C GLN B 542 -35.97 19.22 -12.31
N GLN B 543 -34.82 19.49 -11.72
CA GLN B 543 -33.60 19.66 -12.49
C GLN B 543 -32.73 18.42 -12.37
N THR B 544 -31.82 18.27 -13.32
CA THR B 544 -30.84 17.18 -13.30
C THR B 544 -29.49 17.86 -13.48
N ALA B 545 -28.57 17.63 -12.54
CA ALA B 545 -27.25 18.22 -12.63
C ALA B 545 -26.25 17.08 -12.51
N SER B 546 -25.05 17.26 -13.05
CA SER B 546 -24.05 16.21 -12.96
C SER B 546 -22.66 16.79 -12.73
N VAL B 547 -21.85 16.04 -12.00
CA VAL B 547 -20.50 16.44 -11.71
C VAL B 547 -19.61 15.19 -11.80
N THR B 548 -18.43 15.33 -12.39
CA THR B 548 -17.51 14.21 -12.50
C THR B 548 -16.21 14.52 -11.76
N PHE B 549 -15.65 13.49 -11.14
CA PHE B 549 -14.42 13.62 -10.39
C PHE B 549 -13.69 12.29 -10.42
N THR B 550 -12.46 12.27 -9.91
CA THR B 550 -11.67 11.05 -9.90
C THR B 550 -11.67 10.53 -8.47
N ALA B 551 -12.06 9.28 -8.28
CA ALA B 551 -12.10 8.73 -6.94
C ALA B 551 -10.70 8.74 -6.33
N GLY B 552 -10.60 9.21 -5.09
CA GLY B 552 -9.33 9.30 -4.41
C GLY B 552 -8.78 7.95 -3.95
N LYS B 553 -7.86 8.01 -2.98
CA LYS B 553 -7.28 6.81 -2.45
C LYS B 553 -8.38 5.96 -1.79
N PRO B 554 -8.26 4.64 -1.87
CA PRO B 554 -9.26 3.73 -1.30
C PRO B 554 -9.71 4.07 0.12
N GLY B 555 -11.02 3.96 0.34
CA GLY B 555 -11.61 4.25 1.62
C GLY B 555 -13.05 4.70 1.50
N VAL B 556 -13.63 5.12 2.61
CA VAL B 556 -15.01 5.59 2.66
C VAL B 556 -15.08 7.11 2.49
N TYR B 557 -15.95 7.57 1.59
CA TYR B 557 -16.15 9.00 1.39
C TYR B 557 -17.64 9.27 1.41
N TRP B 558 -18.10 10.06 2.36
CA TRP B 558 -19.52 10.38 2.44
C TRP B 558 -19.88 11.50 1.46
N TYR B 559 -21.16 11.53 1.08
CA TYR B 559 -21.71 12.57 0.21
C TYR B 559 -22.99 13.03 0.88
N TYR B 560 -23.29 14.32 0.79
CA TYR B 560 -24.48 14.85 1.44
C TYR B 560 -25.09 16.04 0.70
N CYS B 561 -26.34 16.33 1.02
CA CYS B 561 -27.05 17.45 0.42
C CYS B 561 -26.57 18.70 1.17
N ASN B 562 -26.16 19.73 0.44
CA ASN B 562 -25.70 20.93 1.10
C ASN B 562 -26.70 22.06 1.02
N TRP B 563 -27.91 21.72 0.60
CA TRP B 563 -28.98 22.69 0.50
C TRP B 563 -30.03 22.29 1.52
N PHE B 564 -30.10 23.04 2.62
CA PHE B 564 -31.06 22.77 3.67
C PHE B 564 -32.42 22.67 2.99
N CYS B 565 -33.00 21.49 3.07
CA CYS B 565 -34.25 21.19 2.39
C CYS B 565 -35.34 20.56 3.20
N HIS B 566 -35.03 20.13 4.41
CA HIS B 566 -36.01 19.42 5.20
C HIS B 566 -35.48 19.33 6.64
N ALA B 567 -36.37 18.99 7.57
CA ALA B 567 -35.98 18.86 8.97
C ALA B 567 -34.96 17.73 9.16
N LEU B 568 -34.92 16.81 8.20
CA LEU B 568 -33.98 15.70 8.28
C LEU B 568 -32.82 15.89 7.31
N HIS B 569 -32.51 17.16 7.04
CA HIS B 569 -31.43 17.56 6.17
C HIS B 569 -30.07 16.97 6.56
N MET B 570 -29.70 17.08 7.83
CA MET B 570 -28.42 16.54 8.28
C MET B 570 -28.28 15.06 7.91
N GLU B 571 -29.42 14.39 7.77
CA GLU B 571 -29.44 12.97 7.46
C GLU B 571 -29.48 12.63 5.98
N MET B 572 -29.63 13.62 5.12
CA MET B 572 -29.66 13.35 3.68
C MET B 572 -28.21 13.07 3.26
N VAL B 573 -27.82 11.81 3.40
CA VAL B 573 -26.46 11.39 3.13
C VAL B 573 -26.36 10.09 2.33
N GLY B 574 -25.11 9.65 2.15
CA GLY B 574 -24.82 8.43 1.44
C GLY B 574 -23.32 8.22 1.50
N ARG B 575 -22.87 7.03 1.13
CA ARG B 575 -21.44 6.69 1.15
C ARG B 575 -20.91 6.18 -0.18
N MET B 576 -19.71 6.62 -0.55
CA MET B 576 -19.07 6.14 -1.75
C MET B 576 -17.93 5.27 -1.23
N LEU B 577 -17.93 4.00 -1.62
CA LEU B 577 -16.89 3.08 -1.18
C LEU B 577 -15.88 2.92 -2.29
N VAL B 578 -14.64 3.33 -2.05
CA VAL B 578 -13.58 3.23 -3.04
C VAL B 578 -12.59 2.16 -2.65
N GLU B 579 -12.45 1.13 -3.48
CA GLU B 579 -11.54 0.04 -3.19
C GLU B 579 -10.27 0.07 -4.02
N ALA B 580 -9.25 -0.63 -3.56
CA ALA B 580 -7.98 -0.69 -4.29
C ALA B 580 -8.23 -1.35 -5.63
N ALA B 581 -7.76 -0.71 -6.69
CA ALA B 581 -7.95 -1.23 -8.04
C ALA B 581 -7.21 -2.54 -8.29
N ALA C 10 -24.80 -64.10 17.24
CA ALA C 10 -25.40 -62.79 17.63
C ALA C 10 -24.36 -61.76 18.09
N HIS C 11 -23.15 -62.22 18.42
CA HIS C 11 -22.11 -61.31 18.89
C HIS C 11 -20.81 -61.54 18.15
N VAL C 12 -20.16 -60.45 17.77
CA VAL C 12 -18.89 -60.51 17.05
C VAL C 12 -17.76 -60.03 17.95
N ALA C 13 -16.84 -60.93 18.25
CA ALA C 13 -15.70 -60.61 19.12
C ALA C 13 -14.50 -60.08 18.32
N PRO C 14 -13.55 -59.42 19.03
CA PRO C 14 -12.33 -58.85 18.42
C PRO C 14 -11.63 -59.84 17.51
N GLY C 15 -11.41 -59.47 16.26
CA GLY C 15 -10.74 -60.37 15.34
C GLY C 15 -11.74 -61.06 14.41
N GLU C 16 -12.97 -61.20 14.86
CA GLU C 16 -14.01 -61.81 14.05
C GLU C 16 -14.70 -60.79 13.16
N LEU C 17 -15.33 -61.26 12.08
CA LEU C 17 -16.02 -60.39 11.14
C LEU C 17 -17.52 -60.65 11.10
N ASP C 18 -18.28 -59.63 10.71
CA ASP C 18 -19.72 -59.76 10.62
C ASP C 18 -20.10 -60.69 9.45
N GLU C 19 -21.39 -60.99 9.32
CA GLU C 19 -21.83 -61.87 8.24
C GLU C 19 -22.54 -61.11 7.14
N TYR C 20 -23.28 -60.07 7.50
CA TYR C 20 -23.98 -59.28 6.51
C TYR C 20 -23.57 -57.82 6.58
N TYR C 21 -23.76 -57.12 5.47
CA TYR C 21 -23.48 -55.70 5.39
C TYR C 21 -24.84 -55.04 5.62
N GLY C 22 -24.84 -54.00 6.45
CA GLY C 22 -26.07 -53.28 6.74
C GLY C 22 -25.99 -51.87 6.17
N PHE C 23 -26.82 -51.61 5.15
CA PHE C 23 -26.87 -50.31 4.52
C PHE C 23 -28.06 -49.50 5.02
N TRP C 24 -27.80 -48.65 6.00
CA TRP C 24 -28.81 -47.81 6.63
C TRP C 24 -29.01 -46.47 5.92
N SER C 25 -30.27 -46.05 5.81
CA SER C 25 -30.57 -44.76 5.20
C SER C 25 -30.23 -43.76 6.30
N GLY C 26 -29.98 -42.51 5.94
CA GLY C 26 -29.64 -41.51 6.94
C GLY C 26 -30.78 -40.54 7.26
N GLY C 27 -31.93 -40.74 6.64
CA GLY C 27 -33.04 -39.84 6.88
C GLY C 27 -32.71 -38.46 6.37
N HIS C 28 -32.97 -37.44 7.18
CA HIS C 28 -32.68 -36.07 6.75
C HIS C 28 -31.28 -35.66 7.16
N GLN C 29 -30.48 -36.66 7.51
CA GLN C 29 -29.11 -36.42 7.92
C GLN C 29 -28.29 -36.35 6.63
N GLY C 30 -28.81 -37.01 5.60
CA GLY C 30 -28.18 -36.98 4.29
C GLY C 30 -27.30 -38.12 3.82
N GLU C 31 -26.63 -38.82 4.73
CA GLU C 31 -25.75 -39.91 4.34
C GLU C 31 -26.36 -41.29 4.31
N VAL C 32 -25.50 -42.27 4.04
CA VAL C 32 -25.90 -43.67 4.03
C VAL C 32 -24.85 -44.29 4.93
N ARG C 33 -25.31 -45.04 5.92
CA ARG C 33 -24.42 -45.66 6.88
C ARG C 33 -24.23 -47.14 6.62
N VAL C 34 -22.99 -47.61 6.69
CA VAL C 34 -22.72 -49.02 6.46
C VAL C 34 -22.42 -49.70 7.79
N LEU C 35 -23.35 -50.54 8.22
CA LEU C 35 -23.19 -51.26 9.49
C LEU C 35 -22.82 -52.71 9.28
N GLY C 36 -22.27 -53.29 10.32
CA GLY C 36 -21.91 -54.70 10.28
C GLY C 36 -22.97 -55.47 11.06
N VAL C 37 -23.58 -56.46 10.44
CA VAL C 37 -24.59 -57.25 11.11
C VAL C 37 -23.99 -58.61 11.41
N PRO C 38 -24.30 -59.20 12.57
CA PRO C 38 -25.16 -58.73 13.66
C PRO C 38 -24.55 -57.90 14.77
N SER C 39 -23.32 -57.44 14.61
CA SER C 39 -22.71 -56.62 15.66
C SER C 39 -23.42 -55.28 15.75
N MET C 40 -24.03 -54.85 14.64
CA MET C 40 -24.75 -53.57 14.57
C MET C 40 -23.80 -52.40 14.76
N ARG C 41 -22.54 -52.58 14.37
CA ARG C 41 -21.55 -51.52 14.50
C ARG C 41 -21.48 -50.71 13.20
N GLU C 42 -21.20 -49.42 13.32
CA GLU C 42 -21.11 -48.58 12.13
C GLU C 42 -19.71 -48.71 11.56
N LEU C 43 -19.61 -49.22 10.34
CA LEU C 43 -18.33 -49.45 9.68
C LEU C 43 -17.86 -48.32 8.77
N MET C 44 -18.82 -47.63 8.17
CA MET C 44 -18.49 -46.56 7.25
C MET C 44 -19.70 -45.69 6.96
N ARG C 45 -19.43 -44.43 6.62
CA ARG C 45 -20.47 -43.47 6.27
C ARG C 45 -20.22 -43.05 4.84
N ILE C 46 -21.23 -43.24 3.99
CA ILE C 46 -21.12 -42.84 2.59
C ILE C 46 -21.88 -41.51 2.44
N PRO C 47 -21.15 -40.40 2.36
CA PRO C 47 -21.84 -39.11 2.20
C PRO C 47 -22.53 -39.08 0.86
N VAL C 48 -23.76 -38.59 0.82
CA VAL C 48 -24.50 -38.51 -0.44
C VAL C 48 -25.09 -37.13 -0.68
N PHE C 49 -25.99 -36.70 0.20
CA PHE C 49 -26.63 -35.39 0.05
C PHE C 49 -26.19 -34.40 1.11
N ASN C 50 -25.40 -34.89 2.07
CA ASN C 50 -24.89 -34.04 3.13
C ASN C 50 -23.49 -33.59 2.75
N VAL C 51 -22.96 -32.60 3.49
CA VAL C 51 -21.62 -32.12 3.24
C VAL C 51 -20.72 -32.65 4.34
N ASP C 52 -19.83 -33.57 3.99
CA ASP C 52 -18.91 -34.14 4.97
C ASP C 52 -17.60 -33.35 5.08
N SER C 53 -17.33 -32.84 6.28
CA SER C 53 -16.13 -32.05 6.54
C SER C 53 -14.85 -32.87 6.45
N ALA C 54 -14.97 -34.19 6.61
CA ALA C 54 -13.81 -35.06 6.56
C ALA C 54 -13.33 -35.37 5.13
N THR C 55 -14.09 -36.18 4.40
CA THR C 55 -13.71 -36.53 3.04
C THR C 55 -13.83 -35.35 2.08
N GLY C 56 -14.56 -34.32 2.49
CA GLY C 56 -14.71 -33.16 1.63
C GLY C 56 -15.85 -33.33 0.64
N TRP C 57 -16.73 -34.29 0.89
CA TRP C 57 -17.86 -34.49 -0.01
C TRP C 57 -18.75 -33.26 0.03
N GLY C 58 -18.86 -32.58 -1.11
CA GLY C 58 -19.64 -31.37 -1.20
C GLY C 58 -18.66 -30.20 -1.28
N ILE C 59 -17.40 -30.50 -0.98
CA ILE C 59 -16.36 -29.48 -1.01
C ILE C 59 -15.40 -29.70 -2.17
N THR C 60 -15.04 -30.96 -2.42
CA THR C 60 -14.14 -31.26 -3.54
C THR C 60 -14.81 -31.02 -4.90
N ASN C 61 -14.00 -30.70 -5.91
CA ASN C 61 -14.51 -30.47 -7.26
C ASN C 61 -15.11 -31.76 -7.82
N GLU C 62 -14.53 -32.89 -7.46
CA GLU C 62 -15.04 -34.17 -7.93
C GLU C 62 -16.49 -34.34 -7.48
N SER C 63 -16.71 -34.28 -6.17
CA SER C 63 -18.06 -34.44 -5.63
C SER C 63 -19.04 -33.41 -6.21
N LYS C 64 -18.69 -32.13 -6.16
CA LYS C 64 -19.55 -31.09 -6.69
C LYS C 64 -19.96 -31.40 -8.13
N GLU C 65 -19.02 -31.88 -8.93
CA GLU C 65 -19.32 -32.22 -10.32
C GLU C 65 -20.42 -33.28 -10.36
N ILE C 66 -20.35 -34.23 -9.44
CA ILE C 66 -21.33 -35.31 -9.35
C ILE C 66 -22.65 -34.74 -8.84
N LEU C 67 -22.55 -33.84 -7.87
CA LEU C 67 -23.73 -33.21 -7.28
C LEU C 67 -24.45 -32.40 -8.34
N GLY C 68 -23.68 -31.73 -9.19
CA GLY C 68 -24.27 -30.93 -10.24
C GLY C 68 -25.33 -29.94 -9.75
N GLY C 69 -26.37 -29.74 -10.56
CA GLY C 69 -27.43 -28.82 -10.21
C GLY C 69 -26.94 -27.40 -10.29
N ASP C 70 -27.86 -26.44 -10.41
CA ASP C 70 -27.45 -25.03 -10.52
C ASP C 70 -27.53 -24.30 -9.19
N GLN C 71 -27.58 -25.06 -8.10
CA GLN C 71 -27.65 -24.50 -6.76
C GLN C 71 -27.02 -25.48 -5.77
N GLN C 72 -26.39 -24.94 -4.73
CA GLN C 72 -25.77 -25.76 -3.71
C GLN C 72 -26.75 -26.09 -2.60
N TYR C 73 -26.88 -27.38 -2.30
CA TYR C 73 -27.77 -27.85 -1.25
C TYR C 73 -26.94 -28.46 -0.13
N LEU C 74 -27.04 -27.88 1.06
CA LEU C 74 -26.30 -28.38 2.20
C LEU C 74 -27.04 -29.53 2.89
N ASN C 75 -28.17 -29.93 2.32
CA ASN C 75 -28.94 -30.99 2.94
C ASN C 75 -29.62 -31.98 2.00
N GLY C 76 -30.24 -32.99 2.60
CA GLY C 76 -30.94 -34.01 1.86
C GLY C 76 -31.78 -34.85 2.81
N ASP C 77 -32.58 -35.75 2.26
CA ASP C 77 -33.44 -36.60 3.07
C ASP C 77 -33.61 -37.96 2.39
N CYS C 78 -32.69 -38.88 2.68
CA CYS C 78 -32.70 -40.22 2.09
C CYS C 78 -33.42 -41.20 3.03
N HIS C 79 -34.37 -41.92 2.46
CA HIS C 79 -35.19 -42.89 3.20
C HIS C 79 -35.03 -44.35 2.77
N HIS C 80 -34.84 -44.56 1.48
CA HIS C 80 -34.81 -45.96 0.99
C HIS C 80 -33.57 -46.38 0.20
N PRO C 81 -32.71 -47.20 0.82
CA PRO C 81 -31.49 -47.66 0.15
C PRO C 81 -31.73 -49.03 -0.46
N HIS C 82 -31.40 -49.18 -1.74
CA HIS C 82 -31.58 -50.46 -2.42
C HIS C 82 -30.41 -50.84 -3.30
N ILE C 83 -30.06 -52.13 -3.26
CA ILE C 83 -28.94 -52.65 -4.04
C ILE C 83 -29.38 -53.28 -5.36
N SER C 84 -28.61 -53.02 -6.41
CA SER C 84 -28.91 -53.55 -7.75
C SER C 84 -29.04 -55.06 -7.73
N MET C 85 -29.73 -55.62 -8.73
CA MET C 85 -29.92 -57.06 -8.80
C MET C 85 -29.88 -57.64 -10.22
N THR C 86 -29.63 -58.95 -10.30
CA THR C 86 -29.57 -59.68 -11.56
C THR C 86 -30.41 -60.95 -11.36
N ASP C 87 -31.56 -60.99 -12.03
CA ASP C 87 -32.48 -62.12 -11.95
C ASP C 87 -32.99 -62.36 -10.53
N GLY C 88 -33.45 -61.30 -9.87
CA GLY C 88 -33.99 -61.41 -8.52
C GLY C 88 -32.97 -61.61 -7.41
N ARG C 89 -31.68 -61.49 -7.75
CA ARG C 89 -30.62 -61.66 -6.75
C ARG C 89 -29.69 -60.45 -6.71
N TYR C 90 -29.24 -60.10 -5.50
CA TYR C 90 -28.35 -58.96 -5.32
C TYR C 90 -27.05 -59.18 -6.08
N ASP C 91 -26.70 -58.26 -6.97
CA ASP C 91 -25.45 -58.41 -7.71
C ASP C 91 -24.34 -57.55 -7.09
N GLY C 92 -24.72 -56.74 -6.10
CA GLY C 92 -23.77 -55.90 -5.39
C GLY C 92 -22.95 -54.90 -6.18
N LYS C 93 -23.49 -54.43 -7.30
CA LYS C 93 -22.79 -53.45 -8.13
C LYS C 93 -23.10 -52.02 -7.70
N TYR C 94 -24.39 -51.73 -7.55
CA TYR C 94 -24.83 -50.39 -7.15
C TYR C 94 -25.84 -50.37 -6.00
N LEU C 95 -26.02 -49.18 -5.46
CA LEU C 95 -26.97 -48.92 -4.40
C LEU C 95 -27.60 -47.56 -4.74
N PHE C 96 -28.93 -47.53 -4.82
CA PHE C 96 -29.63 -46.29 -5.14
C PHE C 96 -30.45 -45.81 -3.94
N ILE C 97 -30.51 -44.49 -3.77
CA ILE C 97 -31.26 -43.91 -2.67
C ILE C 97 -31.91 -42.59 -3.09
N ASN C 98 -33.00 -42.25 -2.42
CA ASN C 98 -33.78 -41.06 -2.73
C ASN C 98 -33.45 -39.84 -1.88
N ASP C 99 -33.91 -38.68 -2.36
CA ASP C 99 -33.75 -37.43 -1.64
C ASP C 99 -35.10 -36.72 -1.72
N LYS C 100 -35.83 -36.75 -0.61
CA LYS C 100 -37.13 -36.13 -0.55
C LYS C 100 -37.03 -34.62 -0.31
N ALA C 101 -35.89 -34.19 0.21
CA ALA C 101 -35.67 -32.77 0.49
C ALA C 101 -35.50 -31.90 -0.75
N ASN C 102 -34.68 -32.34 -1.69
CA ASN C 102 -34.42 -31.54 -2.88
C ASN C 102 -34.67 -32.25 -4.20
N THR C 103 -35.59 -33.22 -4.17
CA THR C 103 -35.98 -33.94 -5.38
C THR C 103 -34.81 -34.52 -6.19
N ARG C 104 -34.12 -35.49 -5.62
CA ARG C 104 -32.98 -36.10 -6.27
C ARG C 104 -32.91 -37.60 -6.03
N VAL C 105 -32.15 -38.28 -6.88
CA VAL C 105 -31.94 -39.72 -6.77
C VAL C 105 -30.44 -39.94 -6.95
N ALA C 106 -29.84 -40.72 -6.05
CA ALA C 106 -28.41 -40.95 -6.13
C ALA C 106 -28.04 -42.41 -6.32
N ARG C 107 -26.86 -42.63 -6.89
CA ARG C 107 -26.35 -43.98 -7.10
C ARG C 107 -25.01 -44.04 -6.37
N ILE C 108 -24.76 -45.16 -5.71
CA ILE C 108 -23.52 -45.33 -4.98
C ILE C 108 -22.75 -46.53 -5.49
N ARG C 109 -21.45 -46.34 -5.71
CA ARG C 109 -20.58 -47.42 -6.18
C ARG C 109 -20.18 -48.27 -4.99
N LEU C 110 -20.65 -49.52 -4.98
CA LEU C 110 -20.35 -50.44 -3.88
C LEU C 110 -18.91 -50.98 -3.89
N ASP C 111 -18.21 -50.79 -5.01
CA ASP C 111 -16.83 -51.27 -5.12
C ASP C 111 -15.88 -50.39 -4.33
N ILE C 112 -16.28 -49.15 -4.07
CA ILE C 112 -15.45 -48.23 -3.30
C ILE C 112 -16.27 -47.50 -2.24
N MET C 113 -17.57 -47.78 -2.24
CA MET C 113 -18.50 -47.16 -1.29
C MET C 113 -18.45 -45.65 -1.38
N LYS C 114 -18.78 -45.12 -2.56
CA LYS C 114 -18.80 -43.67 -2.79
C LYS C 114 -19.94 -43.32 -3.71
N THR C 115 -20.59 -42.17 -3.46
CA THR C 115 -21.68 -41.75 -4.32
C THR C 115 -21.12 -41.57 -5.72
N ASP C 116 -21.75 -42.23 -6.68
CA ASP C 116 -21.32 -42.20 -8.06
C ASP C 116 -22.08 -41.20 -8.95
N LYS C 117 -23.40 -41.18 -8.81
CA LYS C 117 -24.25 -40.30 -9.62
C LYS C 117 -25.38 -39.63 -8.85
N ILE C 118 -25.71 -38.41 -9.25
CA ILE C 118 -26.80 -37.65 -8.64
C ILE C 118 -27.64 -37.01 -9.75
N THR C 119 -28.91 -37.38 -9.80
CA THR C 119 -29.82 -36.86 -10.82
C THR C 119 -31.06 -36.19 -10.22
N HIS C 120 -31.38 -35.01 -10.73
CA HIS C 120 -32.54 -34.28 -10.26
C HIS C 120 -33.73 -34.66 -11.11
N ILE C 121 -34.81 -35.10 -10.46
CA ILE C 121 -36.01 -35.50 -11.18
C ILE C 121 -36.82 -34.24 -11.50
N PRO C 122 -37.09 -34.01 -12.80
CA PRO C 122 -37.83 -32.84 -13.28
C PRO C 122 -39.36 -32.82 -13.11
N ASN C 123 -39.91 -31.60 -13.11
CA ASN C 123 -41.35 -31.36 -12.99
C ASN C 123 -42.04 -32.22 -11.92
N VAL C 124 -41.45 -32.29 -10.74
CA VAL C 124 -42.03 -33.09 -9.68
C VAL C 124 -41.35 -32.66 -8.37
N GLN C 125 -41.88 -33.08 -7.23
CA GLN C 125 -41.28 -32.73 -5.95
C GLN C 125 -41.32 -33.84 -4.95
N ALA C 126 -40.31 -33.87 -4.11
CA ALA C 126 -40.20 -34.85 -3.04
C ALA C 126 -40.13 -36.32 -3.47
N ILE C 127 -38.95 -36.80 -3.82
CA ILE C 127 -38.81 -38.19 -4.21
C ILE C 127 -38.77 -39.02 -2.92
N HIS C 128 -39.83 -39.79 -2.66
CA HIS C 128 -39.92 -40.62 -1.46
C HIS C 128 -39.69 -42.10 -1.75
N GLY C 129 -40.74 -42.78 -2.21
CA GLY C 129 -40.62 -44.20 -2.51
C GLY C 129 -39.64 -44.45 -3.62
N LEU C 130 -38.82 -45.49 -3.45
CA LEU C 130 -37.83 -45.84 -4.45
C LEU C 130 -37.39 -47.30 -4.33
N ARG C 131 -37.43 -48.01 -5.45
CA ARG C 131 -37.02 -49.41 -5.48
C ARG C 131 -36.55 -49.75 -6.89
N LEU C 132 -35.90 -50.90 -7.01
CA LEU C 132 -35.35 -51.33 -8.29
C LEU C 132 -36.01 -52.51 -8.99
N GLN C 133 -35.86 -52.54 -10.30
CA GLN C 133 -36.38 -53.62 -11.12
C GLN C 133 -35.58 -54.86 -10.68
N LYS C 134 -36.23 -56.02 -10.65
CA LYS C 134 -35.54 -57.23 -10.21
C LYS C 134 -35.23 -58.23 -11.33
N VAL C 135 -36.09 -58.29 -12.32
CA VAL C 135 -35.90 -59.21 -13.45
C VAL C 135 -36.13 -58.48 -14.76
N PRO C 136 -35.28 -58.73 -15.78
CA PRO C 136 -34.13 -59.64 -15.80
C PRO C 136 -33.04 -59.18 -14.84
N LYS C 137 -32.93 -57.86 -14.71
CA LYS C 137 -31.94 -57.25 -13.85
C LYS C 137 -32.41 -55.82 -13.57
N THR C 138 -31.59 -55.05 -12.85
CA THR C 138 -31.94 -53.68 -12.53
C THR C 138 -31.57 -52.73 -13.66
N ASN C 139 -32.51 -52.52 -14.58
CA ASN C 139 -32.28 -51.61 -15.71
C ASN C 139 -33.04 -50.33 -15.40
N TYR C 140 -34.07 -50.46 -14.56
CA TYR C 140 -34.91 -49.33 -14.15
C TYR C 140 -34.86 -49.09 -12.64
N VAL C 141 -34.94 -47.81 -12.27
CA VAL C 141 -34.95 -47.41 -10.87
C VAL C 141 -36.27 -46.64 -10.76
N PHE C 142 -37.21 -47.18 -9.99
CA PHE C 142 -38.52 -46.55 -9.82
C PHE C 142 -38.59 -45.56 -8.68
N CYS C 143 -39.00 -44.33 -8.99
CA CYS C 143 -39.11 -43.24 -8.02
C CYS C 143 -40.51 -42.66 -7.92
N ASN C 144 -40.92 -42.35 -6.70
CA ASN C 144 -42.24 -41.76 -6.44
C ASN C 144 -42.09 -40.31 -6.00
N ALA C 145 -42.99 -39.46 -6.48
CA ALA C 145 -42.99 -38.06 -6.08
C ALA C 145 -44.19 -37.94 -5.15
N GLU C 146 -43.94 -37.61 -3.88
CA GLU C 146 -45.00 -37.54 -2.89
C GLU C 146 -45.96 -36.35 -2.94
N PHE C 147 -45.48 -35.18 -3.32
CA PHE C 147 -46.34 -33.99 -3.36
C PHE C 147 -46.73 -33.53 -4.76
N VAL C 148 -48.03 -33.36 -4.96
CA VAL C 148 -48.58 -32.91 -6.24
C VAL C 148 -48.43 -31.40 -6.45
N ILE C 149 -47.98 -31.02 -7.64
CA ILE C 149 -47.79 -29.61 -7.98
C ILE C 149 -48.31 -29.37 -9.40
N PRO C 150 -48.54 -28.10 -9.76
CA PRO C 150 -49.02 -27.86 -11.13
C PRO C 150 -48.01 -28.24 -12.21
N GLN C 151 -48.51 -28.51 -13.41
CA GLN C 151 -47.69 -28.88 -14.55
C GLN C 151 -47.97 -27.97 -15.75
N PRO C 152 -47.01 -27.09 -16.07
CA PRO C 152 -45.75 -26.95 -15.35
C PRO C 152 -45.90 -26.08 -14.11
N ASN C 153 -44.97 -26.23 -13.16
CA ASN C 153 -45.01 -25.47 -11.93
C ASN C 153 -44.27 -24.14 -12.13
N ASP C 154 -44.91 -23.18 -12.80
CA ASP C 154 -44.31 -21.88 -13.07
C ASP C 154 -44.95 -20.71 -12.31
N GLY C 155 -45.87 -21.03 -11.41
CA GLY C 155 -46.52 -19.99 -10.62
C GLY C 155 -47.63 -19.21 -11.30
N THR C 156 -48.35 -19.84 -12.22
CA THR C 156 -49.44 -19.17 -12.91
C THR C 156 -50.76 -19.80 -12.44
N ASP C 157 -50.65 -20.88 -11.68
CA ASP C 157 -51.82 -21.58 -11.16
C ASP C 157 -51.44 -22.46 -9.99
N PHE C 158 -51.74 -22.00 -8.78
CA PHE C 158 -51.40 -22.76 -7.57
C PHE C 158 -52.48 -23.74 -7.15
N SER C 159 -53.62 -23.70 -7.85
CA SER C 159 -54.73 -24.57 -7.52
C SER C 159 -54.32 -26.03 -7.37
N LEU C 160 -54.90 -26.70 -6.38
CA LEU C 160 -54.62 -28.11 -6.15
C LEU C 160 -55.42 -28.90 -7.18
N ASP C 161 -56.42 -28.26 -7.77
CA ASP C 161 -57.27 -28.88 -8.78
C ASP C 161 -56.46 -29.38 -9.97
N ASN C 162 -55.43 -28.60 -10.32
CA ASN C 162 -54.56 -28.93 -11.44
C ASN C 162 -53.16 -29.32 -10.98
N SER C 163 -53.04 -29.73 -9.73
CA SER C 163 -51.75 -30.16 -9.17
C SER C 163 -51.65 -31.67 -9.24
N TYR C 164 -50.60 -32.17 -9.85
CA TYR C 164 -50.40 -33.61 -9.96
C TYR C 164 -48.96 -34.00 -9.66
N THR C 165 -48.69 -35.30 -9.67
CA THR C 165 -47.36 -35.82 -9.43
C THR C 165 -47.11 -36.88 -10.48
N MET C 166 -45.92 -37.46 -10.53
CA MET C 166 -45.62 -38.48 -11.53
C MET C 166 -44.79 -39.61 -10.96
N PHE C 167 -44.80 -40.73 -11.67
CA PHE C 167 -44.02 -41.89 -11.30
C PHE C 167 -42.83 -41.83 -12.25
N THR C 168 -41.62 -41.88 -11.72
CA THR C 168 -40.45 -41.81 -12.58
C THR C 168 -39.63 -43.10 -12.63
N ALA C 169 -39.01 -43.32 -13.78
CA ALA C 169 -38.18 -44.50 -14.01
C ALA C 169 -36.85 -43.99 -14.54
N ILE C 170 -35.78 -44.38 -13.85
CA ILE C 170 -34.44 -43.97 -14.23
C ILE C 170 -33.64 -45.15 -14.77
N ASP C 171 -32.83 -44.90 -15.79
CA ASP C 171 -32.00 -45.96 -16.35
C ASP C 171 -30.84 -46.12 -15.38
N ALA C 172 -30.83 -47.26 -14.68
CA ALA C 172 -29.80 -47.55 -13.68
C ALA C 172 -28.35 -47.40 -14.13
N GLU C 173 -28.06 -47.75 -15.38
CA GLU C 173 -26.69 -47.66 -15.89
C GLU C 173 -26.22 -46.28 -16.32
N THR C 174 -27.14 -45.41 -16.69
CA THR C 174 -26.77 -44.07 -17.12
C THR C 174 -27.23 -43.03 -16.11
N MET C 175 -28.18 -43.43 -15.27
CA MET C 175 -28.73 -42.55 -14.25
C MET C 175 -29.43 -41.35 -14.86
N ASP C 176 -29.90 -41.52 -16.09
CA ASP C 176 -30.64 -40.46 -16.75
C ASP C 176 -32.09 -40.91 -16.73
N VAL C 177 -33.01 -39.96 -16.56
CA VAL C 177 -34.42 -40.28 -16.50
C VAL C 177 -34.90 -40.89 -17.82
N ALA C 178 -35.54 -42.06 -17.73
CA ALA C 178 -36.05 -42.75 -18.91
C ALA C 178 -37.42 -42.17 -19.32
N TRP C 179 -38.36 -42.17 -18.37
CA TRP C 179 -39.70 -41.64 -18.62
C TRP C 179 -40.47 -41.38 -17.33
N GLN C 180 -41.56 -40.62 -17.45
CA GLN C 180 -42.39 -40.29 -16.29
C GLN C 180 -43.87 -40.51 -16.62
N VAL C 181 -44.59 -41.08 -15.66
CA VAL C 181 -46.01 -41.37 -15.82
C VAL C 181 -46.85 -40.52 -14.88
N ILE C 182 -47.78 -39.76 -15.45
CA ILE C 182 -48.66 -38.90 -14.65
C ILE C 182 -49.72 -39.78 -13.99
N VAL C 183 -50.03 -39.51 -12.72
CA VAL C 183 -51.03 -40.29 -12.01
C VAL C 183 -52.04 -39.42 -11.25
N ASP C 184 -53.06 -40.06 -10.69
CA ASP C 184 -54.05 -39.36 -9.90
C ASP C 184 -53.56 -39.47 -8.45
N GLY C 185 -54.13 -38.69 -7.54
CA GLY C 185 -53.70 -38.73 -6.15
C GLY C 185 -52.20 -38.45 -6.04
N ASN C 186 -51.51 -39.26 -5.24
CA ASN C 186 -50.06 -39.09 -5.09
C ASN C 186 -49.39 -40.45 -5.03
N LEU C 187 -48.11 -40.46 -4.64
CA LEU C 187 -47.33 -41.67 -4.55
C LEU C 187 -46.55 -41.72 -3.25
N ASP C 188 -46.67 -42.83 -2.53
CA ASP C 188 -45.94 -42.96 -1.26
C ASP C 188 -44.74 -43.87 -1.47
N ASN C 189 -44.94 -45.18 -1.36
CA ASN C 189 -43.85 -46.12 -1.57
C ASN C 189 -44.10 -46.99 -2.80
N THR C 190 -43.05 -47.67 -3.25
CA THR C 190 -43.15 -48.51 -4.44
C THR C 190 -42.30 -49.81 -4.36
N ASP C 191 -42.55 -50.72 -5.29
CA ASP C 191 -41.82 -51.97 -5.38
C ASP C 191 -42.15 -52.61 -6.74
N ALA C 192 -41.34 -53.56 -7.16
CA ALA C 192 -41.55 -54.24 -8.45
C ALA C 192 -41.67 -55.76 -8.26
N ASP C 193 -42.11 -56.43 -9.33
CA ASP C 193 -42.28 -57.88 -9.33
C ASP C 193 -40.99 -58.56 -9.74
N TYR C 194 -41.07 -59.87 -9.95
CA TYR C 194 -39.92 -60.66 -10.37
C TYR C 194 -40.03 -61.07 -11.85
N THR C 195 -40.58 -60.17 -12.67
CA THR C 195 -40.74 -60.43 -14.09
C THR C 195 -40.20 -59.24 -14.87
N GLY C 196 -40.44 -58.04 -14.35
CA GLY C 196 -39.98 -56.83 -15.01
C GLY C 196 -41.09 -56.15 -15.80
N LYS C 197 -42.32 -56.62 -15.64
CA LYS C 197 -43.46 -56.04 -16.35
C LYS C 197 -44.29 -55.12 -15.44
N TYR C 198 -44.34 -55.42 -14.15
CA TYR C 198 -45.11 -54.61 -13.22
C TYR C 198 -44.32 -53.96 -12.07
N ALA C 199 -44.81 -52.80 -11.66
CA ALA C 199 -44.24 -52.01 -10.57
C ALA C 199 -45.44 -51.28 -9.96
N THR C 200 -45.55 -51.29 -8.64
CA THR C 200 -46.67 -50.64 -7.98
C THR C 200 -46.28 -49.70 -6.84
N SER C 201 -47.14 -48.72 -6.61
CA SER C 201 -46.94 -47.73 -5.56
C SER C 201 -48.23 -47.50 -4.78
N THR C 202 -48.09 -47.06 -3.52
CA THR C 202 -49.26 -46.78 -2.69
C THR C 202 -49.60 -45.30 -2.79
N CYS C 203 -50.81 -44.95 -2.39
CA CYS C 203 -51.29 -43.57 -2.43
C CYS C 203 -52.06 -43.25 -1.16
N TYR C 204 -51.85 -42.07 -0.60
CA TYR C 204 -52.56 -41.71 0.62
C TYR C 204 -53.33 -40.40 0.47
N ASN C 205 -53.06 -39.68 -0.61
CA ASN C 205 -53.71 -38.40 -0.86
C ASN C 205 -54.49 -38.44 -2.16
N SER C 206 -55.31 -39.48 -2.33
CA SER C 206 -56.12 -39.60 -3.56
C SER C 206 -57.00 -38.36 -3.67
N GLU C 207 -57.15 -37.65 -2.56
CA GLU C 207 -57.97 -36.45 -2.49
C GLU C 207 -57.22 -35.19 -2.89
N ARG C 208 -55.90 -35.32 -3.11
CA ARG C 208 -55.04 -34.21 -3.49
C ARG C 208 -55.31 -32.95 -2.67
N ALA C 209 -55.29 -33.11 -1.34
CA ALA C 209 -55.53 -31.99 -0.43
C ALA C 209 -54.34 -31.78 0.48
N VAL C 210 -54.27 -30.62 1.11
CA VAL C 210 -53.16 -30.28 2.01
C VAL C 210 -53.53 -30.42 3.47
N ASP C 211 -54.75 -30.03 3.82
CA ASP C 211 -55.21 -30.12 5.21
C ASP C 211 -55.43 -31.57 5.60
N LEU C 212 -55.14 -31.87 6.85
CA LEU C 212 -55.26 -33.24 7.38
C LEU C 212 -56.57 -33.94 7.05
N ALA C 213 -57.69 -33.30 7.38
CA ALA C 213 -59.00 -33.89 7.14
C ALA C 213 -59.16 -34.33 5.70
N GLY C 214 -58.76 -33.45 4.78
CA GLY C 214 -58.88 -33.73 3.36
C GLY C 214 -58.12 -34.95 2.88
N THR C 215 -56.99 -35.24 3.50
CA THR C 215 -56.17 -36.37 3.10
C THR C 215 -56.72 -37.68 3.65
N MET C 216 -57.65 -37.58 4.60
CA MET C 216 -58.23 -38.76 5.23
C MET C 216 -59.69 -38.97 4.82
N ARG C 217 -60.17 -38.07 3.97
CA ARG C 217 -61.55 -38.11 3.49
C ARG C 217 -62.01 -39.49 3.00
N ASN C 218 -61.52 -39.93 1.84
CA ASN C 218 -61.92 -41.22 1.30
C ASN C 218 -61.62 -42.39 2.22
N ASP C 219 -62.57 -43.32 2.33
CA ASP C 219 -62.41 -44.51 3.16
C ASP C 219 -61.35 -45.42 2.51
N ARG C 220 -61.10 -45.17 1.23
CA ARG C 220 -60.12 -45.96 0.50
C ARG C 220 -59.33 -45.14 -0.50
N ASP C 221 -58.03 -45.40 -0.55
CA ASP C 221 -57.15 -44.75 -1.50
C ASP C 221 -56.86 -45.88 -2.48
N TRP C 222 -55.59 -46.12 -2.80
CA TRP C 222 -55.30 -47.19 -3.75
C TRP C 222 -53.84 -47.53 -3.88
N VAL C 223 -53.57 -48.44 -4.81
CA VAL C 223 -52.22 -48.89 -5.12
C VAL C 223 -52.16 -48.85 -6.64
N VAL C 224 -51.41 -47.90 -7.18
CA VAL C 224 -51.30 -47.78 -8.64
C VAL C 224 -50.38 -48.86 -9.19
N VAL C 225 -50.86 -49.59 -10.19
CA VAL C 225 -50.05 -50.64 -10.80
C VAL C 225 -49.63 -50.19 -12.19
N PHE C 226 -48.31 -50.11 -12.39
CA PHE C 226 -47.78 -49.67 -13.68
C PHE C 226 -47.35 -50.82 -14.57
N ASN C 227 -47.83 -50.78 -15.81
CA ASN C 227 -47.46 -51.79 -16.79
C ASN C 227 -46.22 -51.23 -17.49
N VAL C 228 -45.06 -51.51 -16.91
CA VAL C 228 -43.80 -51.01 -17.44
C VAL C 228 -43.66 -51.39 -18.91
N GLU C 229 -44.02 -52.62 -19.23
CA GLU C 229 -43.95 -53.13 -20.60
C GLU C 229 -44.68 -52.23 -21.60
N ARG C 230 -45.92 -51.86 -21.26
CA ARG C 230 -46.72 -50.99 -22.12
C ARG C 230 -46.22 -49.57 -22.13
N ILE C 231 -45.74 -49.10 -20.98
CA ILE C 231 -45.23 -47.75 -20.86
C ILE C 231 -43.98 -47.59 -21.74
N ALA C 232 -43.09 -48.58 -21.67
CA ALA C 232 -41.86 -48.59 -22.45
C ALA C 232 -42.18 -48.61 -23.94
N ALA C 233 -43.10 -49.48 -24.33
CA ALA C 233 -43.50 -49.60 -25.74
C ALA C 233 -44.01 -48.26 -26.26
N ALA C 234 -44.87 -47.62 -25.47
CA ALA C 234 -45.45 -46.34 -25.86
C ALA C 234 -44.35 -45.31 -26.08
N VAL C 235 -43.45 -45.21 -25.11
CA VAL C 235 -42.35 -44.25 -25.21
C VAL C 235 -41.51 -44.55 -26.44
N LYS C 236 -41.17 -45.83 -26.64
CA LYS C 236 -40.37 -46.23 -27.79
C LYS C 236 -41.06 -45.87 -29.10
N ALA C 237 -42.39 -45.94 -29.10
CA ALA C 237 -43.20 -45.63 -30.28
C ALA C 237 -43.37 -44.13 -30.54
N GLY C 238 -42.86 -43.32 -29.61
CA GLY C 238 -42.96 -41.88 -29.76
C GLY C 238 -44.28 -41.30 -29.27
N ASN C 239 -45.10 -42.14 -28.64
CA ASN C 239 -46.41 -41.70 -28.13
C ASN C 239 -46.28 -41.12 -26.73
N PHE C 240 -45.80 -39.89 -26.64
CA PHE C 240 -45.64 -39.21 -25.35
C PHE C 240 -45.52 -37.71 -25.54
N LYS C 241 -45.57 -36.98 -24.43
CA LYS C 241 -45.45 -35.53 -24.47
C LYS C 241 -44.38 -35.06 -23.49
N THR C 242 -44.12 -33.75 -23.49
CA THR C 242 -43.12 -33.17 -22.62
C THR C 242 -43.69 -32.03 -21.78
N ILE C 243 -43.20 -31.90 -20.54
CA ILE C 243 -43.65 -30.87 -19.63
C ILE C 243 -42.53 -29.87 -19.31
N GLY C 244 -42.85 -28.58 -19.43
CA GLY C 244 -41.87 -27.55 -19.14
C GLY C 244 -40.62 -27.54 -20.01
N ASP C 245 -39.45 -27.46 -19.37
CA ASP C 245 -38.19 -27.45 -20.10
C ASP C 245 -37.55 -28.82 -20.22
N SER C 246 -38.21 -29.82 -19.64
CA SER C 246 -37.71 -31.19 -19.67
C SER C 246 -38.04 -31.91 -20.98
N LYS C 247 -37.10 -32.72 -21.44
CA LYS C 247 -37.25 -33.48 -22.68
C LYS C 247 -37.65 -34.91 -22.35
N VAL C 248 -37.73 -35.21 -21.06
CA VAL C 248 -38.10 -36.55 -20.63
C VAL C 248 -39.49 -36.96 -21.14
N PRO C 249 -39.60 -38.20 -21.66
CA PRO C 249 -40.86 -38.75 -22.18
C PRO C 249 -41.91 -38.93 -21.09
N VAL C 250 -43.04 -38.26 -21.24
CA VAL C 250 -44.12 -38.33 -20.26
C VAL C 250 -45.41 -38.91 -20.86
N VAL C 251 -45.92 -39.96 -20.23
CA VAL C 251 -47.16 -40.61 -20.66
C VAL C 251 -48.22 -40.41 -19.57
N ASP C 252 -49.49 -40.33 -19.97
CA ASP C 252 -50.56 -40.11 -19.01
C ASP C 252 -51.15 -41.41 -18.47
N GLY C 253 -51.16 -41.55 -17.15
CA GLY C 253 -51.69 -42.75 -16.54
C GLY C 253 -52.86 -42.45 -15.63
N ARG C 254 -53.48 -41.30 -15.87
CA ARG C 254 -54.62 -40.87 -15.09
C ARG C 254 -55.94 -41.44 -15.60
N GLY C 255 -56.86 -41.69 -14.67
CA GLY C 255 -58.15 -42.24 -15.01
C GLY C 255 -58.02 -43.55 -15.75
N GLU C 256 -58.87 -43.75 -16.76
CA GLU C 256 -58.83 -44.97 -17.55
C GLU C 256 -57.63 -44.92 -18.48
N SER C 257 -56.59 -45.68 -18.14
CA SER C 257 -55.38 -45.72 -18.94
C SER C 257 -54.89 -47.15 -19.08
N GLU C 258 -54.24 -47.44 -20.20
CA GLU C 258 -53.70 -48.76 -20.47
C GLU C 258 -52.41 -48.96 -19.69
N PHE C 259 -51.88 -47.85 -19.19
CA PHE C 259 -50.63 -47.87 -18.43
C PHE C 259 -50.84 -48.18 -16.95
N THR C 260 -51.92 -47.68 -16.37
CA THR C 260 -52.19 -47.90 -14.95
C THR C 260 -53.50 -48.60 -14.57
N ARG C 261 -53.53 -49.07 -13.32
CA ARG C 261 -54.68 -49.77 -12.74
C ARG C 261 -54.73 -49.42 -11.25
N TYR C 262 -55.73 -48.66 -10.84
CA TYR C 262 -55.88 -48.27 -9.45
C TYR C 262 -56.73 -49.25 -8.65
N ILE C 263 -56.07 -49.99 -7.76
CA ILE C 263 -56.75 -50.97 -6.91
C ILE C 263 -57.01 -50.36 -5.54
N PRO C 264 -58.26 -49.93 -5.28
CA PRO C 264 -58.67 -49.32 -4.01
C PRO C 264 -58.13 -50.04 -2.78
N VAL C 265 -57.49 -49.29 -1.89
CA VAL C 265 -56.92 -49.86 -0.66
C VAL C 265 -57.30 -49.02 0.55
N PRO C 266 -57.65 -49.69 1.67
CA PRO C 266 -58.04 -49.07 2.94
C PRO C 266 -57.13 -47.97 3.50
N LYS C 267 -57.76 -46.82 3.76
CA LYS C 267 -57.15 -45.61 4.29
C LYS C 267 -55.65 -45.34 4.33
N ASN C 268 -55.27 -44.32 3.55
CA ASN C 268 -53.89 -43.85 3.43
C ASN C 268 -52.83 -44.92 3.56
N PRO C 269 -52.86 -45.93 2.69
CA PRO C 269 -51.86 -47.01 2.76
C PRO C 269 -50.45 -46.40 2.69
N HIS C 270 -49.48 -47.04 3.35
CA HIS C 270 -48.10 -46.55 3.38
C HIS C 270 -47.11 -47.47 2.66
N GLY C 271 -46.65 -48.49 3.35
CA GLY C 271 -45.69 -49.40 2.77
C GLY C 271 -46.26 -50.33 1.71
N LEU C 272 -45.40 -50.75 0.79
CA LEU C 272 -45.76 -51.64 -0.29
C LEU C 272 -44.55 -52.54 -0.51
N ASN C 273 -44.70 -53.83 -0.22
CA ASN C 273 -43.60 -54.75 -0.36
C ASN C 273 -43.97 -55.99 -1.18
N THR C 274 -43.00 -56.48 -1.95
CA THR C 274 -43.19 -57.67 -2.79
C THR C 274 -42.58 -58.91 -2.14
N SER C 275 -43.35 -60.00 -2.10
CA SER C 275 -42.88 -61.25 -1.51
C SER C 275 -41.74 -61.90 -2.29
N PRO C 276 -40.81 -62.59 -1.60
CA PRO C 276 -39.66 -63.26 -2.23
C PRO C 276 -40.10 -64.22 -3.33
N ASP C 277 -41.26 -64.86 -3.14
CA ASP C 277 -41.80 -65.81 -4.11
C ASP C 277 -42.23 -65.07 -5.38
N GLY C 278 -42.28 -63.75 -5.28
CA GLY C 278 -42.65 -62.94 -6.43
C GLY C 278 -44.08 -63.00 -6.91
N LYS C 279 -45.04 -63.27 -6.03
CA LYS C 279 -46.44 -63.33 -6.45
C LYS C 279 -47.37 -62.45 -5.61
N TYR C 280 -46.80 -61.67 -4.69
CA TYR C 280 -47.62 -60.82 -3.84
C TYR C 280 -47.13 -59.39 -3.60
N PHE C 281 -48.01 -58.43 -3.90
CA PHE C 281 -47.76 -57.01 -3.68
C PHE C 281 -48.53 -56.71 -2.40
N ILE C 282 -47.81 -56.43 -1.31
CA ILE C 282 -48.47 -56.16 -0.03
C ILE C 282 -48.44 -54.70 0.39
N ALA C 283 -49.62 -54.09 0.49
CA ALA C 283 -49.72 -52.70 0.90
C ALA C 283 -50.07 -52.66 2.39
N ASN C 284 -49.55 -51.67 3.10
CA ASN C 284 -49.84 -51.52 4.53
C ASN C 284 -50.92 -50.47 4.72
N GLY C 285 -51.97 -50.84 5.46
CA GLY C 285 -53.10 -49.95 5.69
C GLY C 285 -52.94 -48.71 6.55
N LYS C 286 -51.92 -48.68 7.40
CA LYS C 286 -51.67 -47.54 8.29
C LYS C 286 -52.93 -47.14 9.08
N LEU C 287 -53.75 -46.27 8.49
CA LEU C 287 -54.99 -45.81 9.14
C LEU C 287 -56.00 -46.94 9.23
N SER C 288 -55.84 -47.94 8.37
CA SER C 288 -56.72 -49.10 8.37
C SER C 288 -55.91 -50.21 9.04
N PRO C 289 -56.45 -50.83 10.11
CA PRO C 289 -55.72 -51.90 10.81
C PRO C 289 -55.44 -53.14 9.97
N THR C 290 -55.49 -52.98 8.65
CA THR C 290 -55.26 -54.10 7.75
C THR C 290 -54.02 -54.00 6.87
N VAL C 291 -53.94 -54.96 5.96
CA VAL C 291 -52.85 -55.08 5.01
C VAL C 291 -53.46 -55.72 3.78
N SER C 292 -53.36 -55.05 2.65
CA SER C 292 -53.91 -55.57 1.41
C SER C 292 -52.89 -56.39 0.61
N VAL C 293 -53.23 -57.64 0.33
CA VAL C 293 -52.35 -58.53 -0.42
C VAL C 293 -52.86 -58.64 -1.86
N ILE C 294 -52.08 -58.10 -2.79
CA ILE C 294 -52.43 -58.15 -4.21
C ILE C 294 -51.67 -59.27 -4.90
N ALA C 295 -52.39 -60.06 -5.70
CA ALA C 295 -51.80 -61.18 -6.42
C ALA C 295 -51.27 -60.72 -7.77
N ILE C 296 -49.96 -60.85 -7.95
CA ILE C 296 -49.33 -60.44 -9.21
C ILE C 296 -49.76 -61.39 -10.31
N ASP C 297 -50.22 -62.56 -9.90
CA ASP C 297 -50.68 -63.62 -10.80
C ASP C 297 -51.93 -63.22 -11.60
N LYS C 298 -52.78 -62.37 -11.02
CA LYS C 298 -54.01 -61.94 -11.69
C LYS C 298 -53.84 -60.63 -12.45
N LEU C 299 -52.69 -59.98 -12.30
CA LEU C 299 -52.42 -58.70 -12.95
C LEU C 299 -52.55 -58.68 -14.47
N ASP C 300 -52.15 -59.75 -15.13
CA ASP C 300 -52.26 -59.80 -16.59
C ASP C 300 -53.72 -59.69 -17.04
N ASP C 301 -54.60 -60.38 -16.33
CA ASP C 301 -56.03 -60.36 -16.64
C ASP C 301 -56.62 -58.98 -16.34
N LEU C 302 -56.17 -58.37 -15.24
CA LEU C 302 -56.67 -57.06 -14.84
C LEU C 302 -56.42 -56.02 -15.93
N PHE C 303 -55.25 -56.07 -16.55
CA PHE C 303 -54.93 -55.12 -17.62
C PHE C 303 -55.59 -55.54 -18.91
N GLU C 304 -56.41 -56.59 -18.82
CA GLU C 304 -57.14 -57.12 -19.97
C GLU C 304 -58.64 -56.95 -19.67
N ASP C 305 -58.93 -56.42 -18.49
CA ASP C 305 -60.29 -56.19 -18.02
C ASP C 305 -61.10 -57.48 -17.94
N LYS C 306 -60.40 -58.60 -17.80
CA LYS C 306 -61.06 -59.89 -17.69
C LYS C 306 -61.61 -60.08 -16.28
N ILE C 307 -61.00 -59.37 -15.33
CA ILE C 307 -61.43 -59.45 -13.94
C ILE C 307 -61.67 -58.07 -13.35
N GLU C 308 -62.13 -58.04 -12.10
CA GLU C 308 -62.41 -56.78 -11.41
C GLU C 308 -61.17 -56.33 -10.62
N LEU C 309 -61.08 -55.02 -10.39
CA LEU C 309 -59.96 -54.44 -9.65
C LEU C 309 -59.75 -55.14 -8.31
N ARG C 310 -60.79 -55.12 -7.48
CA ARG C 310 -60.73 -55.75 -6.16
C ARG C 310 -60.54 -57.27 -6.20
N ASP C 311 -60.69 -57.86 -7.38
CA ASP C 311 -60.52 -59.30 -7.52
C ASP C 311 -59.05 -59.69 -7.30
N THR C 312 -58.15 -58.74 -7.49
CA THR C 312 -56.73 -58.98 -7.32
C THR C 312 -56.35 -59.16 -5.85
N ILE C 313 -57.24 -58.73 -4.96
CA ILE C 313 -57.02 -58.83 -3.52
C ILE C 313 -57.21 -60.28 -3.07
N VAL C 314 -56.12 -60.95 -2.72
CA VAL C 314 -56.21 -62.34 -2.28
C VAL C 314 -56.39 -62.44 -0.76
N ALA C 315 -56.13 -61.34 -0.07
CA ALA C 315 -56.27 -61.27 1.39
C ALA C 315 -56.21 -59.82 1.85
N GLU C 316 -56.72 -59.57 3.05
CA GLU C 316 -56.75 -58.23 3.62
C GLU C 316 -57.02 -58.42 5.12
N PRO C 317 -56.15 -59.19 5.79
CA PRO C 317 -56.24 -59.51 7.22
C PRO C 317 -55.98 -58.35 8.18
N GLU C 318 -56.72 -58.33 9.28
CA GLU C 318 -56.57 -57.31 10.30
C GLU C 318 -55.44 -57.76 11.22
N LEU C 319 -54.45 -56.90 11.42
CA LEU C 319 -53.30 -57.25 12.27
C LEU C 319 -53.18 -56.40 13.54
N GLY C 320 -53.42 -55.11 13.42
CA GLY C 320 -53.30 -54.23 14.56
C GLY C 320 -53.36 -52.77 14.15
N LEU C 321 -53.07 -51.88 15.09
CA LEU C 321 -53.11 -50.45 14.80
C LEU C 321 -51.82 -49.90 14.20
N GLY C 322 -51.95 -49.20 13.09
CA GLY C 322 -50.81 -48.59 12.45
C GLY C 322 -49.89 -49.49 11.62
N PRO C 323 -50.44 -50.28 10.69
CA PRO C 323 -49.55 -51.14 9.88
C PRO C 323 -48.82 -50.22 8.88
N LEU C 324 -47.49 -50.19 8.96
CA LEU C 324 -46.71 -49.32 8.06
C LEU C 324 -45.89 -50.06 7.01
N HIS C 325 -45.20 -51.10 7.44
CA HIS C 325 -44.36 -51.86 6.52
C HIS C 325 -44.38 -53.37 6.74
N THR C 326 -43.97 -54.11 5.72
CA THR C 326 -43.97 -55.56 5.80
C THR C 326 -42.74 -56.16 5.11
N THR C 327 -42.19 -57.21 5.70
CA THR C 327 -41.01 -57.89 5.15
C THR C 327 -41.31 -59.40 5.18
N PHE C 328 -40.43 -60.22 4.59
CA PHE C 328 -40.65 -61.66 4.56
C PHE C 328 -39.43 -62.50 4.97
N ASP C 329 -39.69 -63.71 5.48
CA ASP C 329 -38.61 -64.61 5.88
C ASP C 329 -38.32 -65.62 4.76
N GLY C 330 -39.17 -65.64 3.74
CA GLY C 330 -39.00 -66.56 2.63
C GLY C 330 -39.55 -67.95 2.92
N ARG C 331 -40.16 -68.09 4.10
CA ARG C 331 -40.73 -69.36 4.51
C ARG C 331 -42.26 -69.33 4.53
N GLY C 332 -42.83 -68.32 3.89
CA GLY C 332 -44.29 -68.19 3.84
C GLY C 332 -44.88 -67.24 4.85
N ASN C 333 -44.04 -66.77 5.78
CA ASN C 333 -44.48 -65.84 6.83
C ASN C 333 -44.09 -64.39 6.51
N ALA C 334 -44.95 -63.47 6.91
CA ALA C 334 -44.73 -62.04 6.69
C ALA C 334 -44.68 -61.32 8.03
N TYR C 335 -43.84 -60.29 8.13
CA TYR C 335 -43.70 -59.53 9.36
C TYR C 335 -44.08 -58.08 9.09
N THR C 336 -45.04 -57.55 9.85
CA THR C 336 -45.47 -56.18 9.67
C THR C 336 -45.24 -55.37 10.95
N THR C 337 -44.94 -54.09 10.78
CA THR C 337 -44.71 -53.19 11.91
C THR C 337 -46.04 -52.53 12.26
N LEU C 338 -46.31 -52.40 13.56
CA LEU C 338 -47.53 -51.77 14.03
C LEU C 338 -47.17 -50.52 14.81
N PHE C 339 -47.11 -49.39 14.11
CA PHE C 339 -46.74 -48.10 14.67
C PHE C 339 -47.47 -47.71 15.95
N ILE C 340 -48.80 -47.73 15.90
CA ILE C 340 -49.63 -47.37 17.05
C ILE C 340 -49.49 -48.35 18.22
N ASP C 341 -49.68 -49.64 17.94
CA ASP C 341 -49.55 -50.66 18.98
C ASP C 341 -48.08 -50.88 19.33
N SER C 342 -47.20 -50.24 18.58
CA SER C 342 -45.76 -50.33 18.80
C SER C 342 -45.28 -51.78 18.91
N GLN C 343 -45.45 -52.54 17.84
CA GLN C 343 -45.04 -53.95 17.81
C GLN C 343 -44.97 -54.52 16.40
N VAL C 344 -44.25 -55.63 16.24
CA VAL C 344 -44.10 -56.32 14.96
C VAL C 344 -45.02 -57.54 14.99
N CYS C 345 -45.75 -57.76 13.91
CA CYS C 345 -46.68 -58.89 13.82
C CYS C 345 -46.27 -59.95 12.79
N LYS C 346 -45.99 -61.16 13.28
CA LYS C 346 -45.63 -62.26 12.39
C LYS C 346 -46.91 -63.01 12.02
N TRP C 347 -47.18 -63.13 10.72
CA TRP C 347 -48.38 -63.83 10.26
C TRP C 347 -48.13 -64.67 8.99
N ASN C 348 -48.85 -65.77 8.88
CA ASN C 348 -48.72 -66.65 7.72
C ASN C 348 -49.62 -66.18 6.57
N ILE C 349 -49.01 -65.90 5.43
CA ILE C 349 -49.72 -65.41 4.26
C ILE C 349 -50.75 -66.40 3.73
N ALA C 350 -50.42 -67.69 3.78
CA ALA C 350 -51.31 -68.74 3.30
C ALA C 350 -52.61 -68.74 4.12
N ASP C 351 -52.46 -68.79 5.44
CA ASP C 351 -53.61 -68.79 6.33
C ASP C 351 -54.50 -67.57 6.13
N ALA C 352 -53.88 -66.43 5.81
CA ALA C 352 -54.61 -65.19 5.59
C ALA C 352 -55.43 -65.31 4.31
N ILE C 353 -54.89 -66.04 3.34
CA ILE C 353 -55.60 -66.25 2.08
C ILE C 353 -56.85 -67.04 2.44
N LYS C 354 -56.66 -68.11 3.21
CA LYS C 354 -57.74 -68.99 3.63
C LYS C 354 -58.80 -68.22 4.43
N HIS C 355 -58.35 -67.56 5.49
CA HIS C 355 -59.24 -66.79 6.36
C HIS C 355 -60.02 -65.71 5.61
N TYR C 356 -59.47 -65.22 4.50
CA TYR C 356 -60.13 -64.20 3.70
C TYR C 356 -61.23 -64.84 2.85
N ASN C 357 -61.11 -66.15 2.63
CA ASN C 357 -62.09 -66.89 1.82
C ASN C 357 -63.27 -67.43 2.63
N GLY C 358 -63.23 -67.23 3.94
CA GLY C 358 -64.32 -67.69 4.78
C GLY C 358 -63.89 -68.70 5.84
N ASP C 359 -62.65 -69.13 5.78
CA ASP C 359 -62.14 -70.09 6.75
C ASP C 359 -62.14 -69.48 8.15
N ARG C 360 -61.52 -70.18 9.10
CA ARG C 360 -61.50 -69.69 10.47
C ARG C 360 -60.11 -69.87 11.07
N VAL C 361 -59.14 -70.24 10.23
CA VAL C 361 -57.77 -70.44 10.66
C VAL C 361 -57.20 -69.16 11.23
N ASN C 362 -56.25 -69.29 12.15
CA ASN C 362 -55.57 -68.16 12.76
C ASN C 362 -54.31 -67.86 11.96
N TYR C 363 -54.26 -66.68 11.36
CA TYR C 363 -53.11 -66.29 10.55
C TYR C 363 -52.01 -65.58 11.35
N ILE C 364 -52.40 -64.99 12.48
CA ILE C 364 -51.45 -64.29 13.34
C ILE C 364 -50.68 -65.33 14.16
N ARG C 365 -49.38 -65.36 13.97
CA ARG C 365 -48.56 -66.32 14.70
C ARG C 365 -47.94 -65.70 15.94
N GLN C 366 -47.54 -64.42 15.85
CA GLN C 366 -46.91 -63.76 16.99
C GLN C 366 -46.85 -62.24 16.88
N LYS C 367 -46.82 -61.59 18.04
CA LYS C 367 -46.72 -60.13 18.12
C LYS C 367 -45.68 -59.79 19.19
N LEU C 368 -44.60 -59.14 18.76
CA LEU C 368 -43.52 -58.76 19.66
C LEU C 368 -43.55 -57.26 19.91
N ASP C 369 -43.58 -56.88 21.18
CA ASP C 369 -43.61 -55.46 21.55
C ASP C 369 -42.32 -54.76 21.18
N VAL C 370 -42.36 -53.97 20.12
CA VAL C 370 -41.18 -53.23 19.68
C VAL C 370 -41.08 -51.99 20.56
N GLN C 371 -39.86 -51.53 20.80
CA GLN C 371 -39.67 -50.38 21.65
C GLN C 371 -39.92 -49.01 21.08
N TYR C 372 -41.20 -48.62 21.16
CA TYR C 372 -41.67 -47.30 20.75
C TYR C 372 -41.78 -46.92 19.27
N GLN C 373 -43.00 -47.05 18.74
CA GLN C 373 -43.34 -46.69 17.36
C GLN C 373 -42.42 -47.20 16.26
N PRO C 374 -42.72 -48.39 15.70
CA PRO C 374 -41.93 -49.00 14.64
C PRO C 374 -42.18 -48.35 13.29
N GLY C 375 -41.13 -48.27 12.48
CA GLY C 375 -41.28 -47.70 11.15
C GLY C 375 -41.11 -48.76 10.08
N HIS C 376 -39.93 -48.76 9.45
CA HIS C 376 -39.59 -49.74 8.45
C HIS C 376 -39.23 -51.07 9.09
N ASN C 377 -39.43 -52.12 8.29
CA ASN C 377 -39.19 -53.47 8.75
C ASN C 377 -38.29 -54.11 7.68
N HIS C 378 -37.34 -54.94 8.08
CA HIS C 378 -36.47 -55.57 7.09
C HIS C 378 -35.91 -56.92 7.53
N ALA C 379 -36.12 -57.92 6.67
CA ALA C 379 -35.64 -59.28 6.92
C ALA C 379 -34.50 -59.57 5.94
N SER C 380 -33.44 -60.19 6.46
CA SER C 380 -32.28 -60.49 5.63
C SER C 380 -32.61 -61.09 4.25
N LEU C 381 -32.12 -60.44 3.21
CA LEU C 381 -32.31 -60.88 1.82
C LEU C 381 -33.77 -60.94 1.37
N THR C 382 -34.64 -60.22 2.06
CA THR C 382 -36.07 -60.23 1.74
C THR C 382 -36.42 -59.73 0.33
N GLU C 383 -35.63 -58.82 -0.21
CA GLU C 383 -35.93 -58.29 -1.55
C GLU C 383 -35.36 -59.13 -2.70
N SER C 384 -34.93 -60.35 -2.39
CA SER C 384 -34.38 -61.23 -3.40
C SER C 384 -34.99 -62.63 -3.28
N ARG C 385 -34.78 -63.46 -4.30
CA ARG C 385 -35.30 -64.82 -4.31
C ARG C 385 -34.74 -65.62 -3.13
N ASP C 386 -33.53 -65.26 -2.73
CA ASP C 386 -32.84 -65.95 -1.65
C ASP C 386 -33.05 -65.43 -0.22
N ALA C 387 -34.27 -65.01 0.08
CA ALA C 387 -34.58 -64.52 1.42
C ALA C 387 -34.31 -65.67 2.39
N ASP C 388 -33.29 -65.53 3.24
CA ASP C 388 -32.93 -66.59 4.18
C ASP C 388 -33.72 -66.60 5.49
N GLY C 389 -34.42 -65.52 5.79
CA GLY C 389 -35.21 -65.46 7.02
C GLY C 389 -34.43 -65.71 8.31
N LYS C 390 -33.25 -65.12 8.42
CA LYS C 390 -32.43 -65.28 9.61
C LYS C 390 -32.51 -64.07 10.52
N TRP C 391 -32.37 -62.88 9.93
CA TRP C 391 -32.41 -61.63 10.69
C TRP C 391 -33.55 -60.67 10.36
N LEU C 392 -34.01 -59.98 11.40
CA LEU C 392 -35.09 -59.00 11.28
C LEU C 392 -34.66 -57.70 11.92
N VAL C 393 -34.89 -56.59 11.21
CA VAL C 393 -34.52 -55.28 11.72
C VAL C 393 -35.77 -54.41 11.82
N VAL C 394 -35.93 -53.77 12.98
CA VAL C 394 -37.07 -52.89 13.21
C VAL C 394 -36.59 -51.51 13.63
N LEU C 395 -36.78 -50.54 12.73
CA LEU C 395 -36.37 -49.17 12.97
C LEU C 395 -37.52 -48.34 13.54
N SER C 396 -37.44 -48.08 14.86
CA SER C 396 -38.45 -47.32 15.58
C SER C 396 -38.15 -45.83 15.65
N LYS C 397 -39.19 -45.01 15.70
CA LYS C 397 -39.03 -43.57 15.73
C LYS C 397 -38.93 -42.92 17.11
N PHE C 398 -38.86 -43.73 18.15
CA PHE C 398 -38.76 -43.22 19.51
C PHE C 398 -37.88 -44.15 20.33
N SER C 399 -37.05 -43.60 21.22
CA SER C 399 -36.17 -44.41 22.06
C SER C 399 -36.51 -44.22 23.55
N LYS C 400 -37.07 -43.06 23.89
CA LYS C 400 -37.46 -42.74 25.24
C LYS C 400 -36.44 -43.14 26.30
N ASP C 401 -36.76 -44.19 27.06
CA ASP C 401 -35.91 -44.69 28.15
C ASP C 401 -34.95 -45.81 27.76
N ARG C 402 -34.88 -46.13 26.47
CA ARG C 402 -33.99 -47.19 25.98
C ARG C 402 -32.51 -46.93 26.16
N PHE C 403 -32.09 -45.67 26.12
CA PHE C 403 -30.68 -45.33 26.27
C PHE C 403 -30.48 -44.16 27.23
N LEU C 404 -29.22 -43.92 27.60
CA LEU C 404 -28.86 -42.81 28.50
C LEU C 404 -29.44 -41.50 27.98
N PRO C 405 -29.95 -40.65 28.87
CA PRO C 405 -30.51 -39.37 28.42
C PRO C 405 -29.41 -38.51 27.80
N VAL C 406 -29.71 -37.90 26.65
CA VAL C 406 -28.74 -37.05 25.95
C VAL C 406 -29.37 -35.74 25.47
N GLY C 407 -30.37 -35.26 26.20
CA GLY C 407 -31.01 -34.02 25.81
C GLY C 407 -32.37 -34.21 25.16
N PRO C 408 -33.05 -33.10 24.81
CA PRO C 408 -34.37 -33.13 24.18
C PRO C 408 -34.42 -34.02 22.95
N LEU C 409 -33.32 -34.04 22.19
CA LEU C 409 -33.25 -34.85 20.98
C LEU C 409 -32.82 -36.26 21.36
N HIS C 410 -33.69 -37.24 21.13
CA HIS C 410 -33.38 -38.62 21.45
C HIS C 410 -32.98 -39.38 20.21
N PRO C 411 -32.15 -40.42 20.37
CA PRO C 411 -31.72 -41.20 19.21
C PRO C 411 -32.84 -42.14 18.79
N GLU C 412 -32.79 -42.64 17.56
CA GLU C 412 -33.81 -43.57 17.10
C GLU C 412 -33.35 -44.94 17.59
N ASN C 413 -34.25 -45.91 17.59
CA ASN C 413 -33.88 -47.24 18.07
C ASN C 413 -34.12 -48.33 17.05
N ASP C 414 -33.05 -48.83 16.45
CA ASP C 414 -33.18 -49.90 15.47
C ASP C 414 -32.80 -51.19 16.19
N GLN C 415 -33.79 -52.08 16.33
CA GLN C 415 -33.62 -53.33 17.04
C GLN C 415 -33.44 -54.56 16.15
N LEU C 416 -32.45 -55.38 16.51
CA LEU C 416 -32.14 -56.59 15.78
C LEU C 416 -32.95 -57.74 16.38
N ILE C 417 -33.69 -58.45 15.54
CA ILE C 417 -34.51 -59.56 16.01
C ILE C 417 -34.16 -60.87 15.30
N ASP C 418 -33.96 -61.93 16.08
CA ASP C 418 -33.64 -63.24 15.54
C ASP C 418 -34.94 -63.93 15.11
N ILE C 419 -35.07 -64.20 13.82
CA ILE C 419 -36.27 -64.84 13.29
C ILE C 419 -35.99 -66.16 12.56
N SER C 420 -34.82 -66.73 12.77
CA SER C 420 -34.48 -68.00 12.14
C SER C 420 -35.27 -69.12 12.79
N GLY C 421 -35.92 -68.81 13.91
CA GLY C 421 -36.72 -69.80 14.63
C GLY C 421 -38.21 -69.58 14.43
N GLU C 422 -39.02 -70.29 15.21
CA GLU C 422 -40.46 -70.16 15.13
C GLU C 422 -40.92 -68.90 15.86
N GLU C 423 -40.18 -68.52 16.89
CA GLU C 423 -40.49 -67.33 17.69
C GLU C 423 -39.48 -66.19 17.56
N MET C 424 -40.01 -64.97 17.45
CA MET C 424 -39.19 -63.77 17.33
C MET C 424 -38.59 -63.46 18.70
N LYS C 425 -37.29 -63.17 18.73
CA LYS C 425 -36.62 -62.85 20.00
C LYS C 425 -35.70 -61.63 19.84
N LEU C 426 -35.99 -60.58 20.61
CA LEU C 426 -35.17 -59.38 20.57
C LEU C 426 -33.75 -59.78 20.92
N VAL C 427 -32.77 -59.20 20.24
CA VAL C 427 -31.37 -59.53 20.46
C VAL C 427 -30.50 -58.30 20.74
N HIS C 428 -30.78 -57.20 20.05
CA HIS C 428 -29.96 -56.01 20.23
C HIS C 428 -30.74 -54.73 20.00
N ASP C 429 -30.38 -53.72 20.80
CA ASP C 429 -30.97 -52.40 20.72
C ASP C 429 -29.87 -51.49 20.19
N GLY C 430 -29.99 -51.09 18.94
CA GLY C 430 -28.98 -50.23 18.35
C GLY C 430 -29.46 -48.79 18.23
N PRO C 431 -28.79 -47.84 18.91
CA PRO C 431 -29.15 -46.42 18.88
C PRO C 431 -28.62 -45.77 17.59
N THR C 432 -29.49 -45.02 16.91
CA THR C 432 -29.12 -44.36 15.66
C THR C 432 -29.44 -42.86 15.68
N TYR C 433 -28.65 -42.09 14.94
CA TYR C 433 -28.85 -40.65 14.86
C TYR C 433 -29.75 -40.25 13.68
N ALA C 434 -30.26 -39.02 13.74
CA ALA C 434 -31.09 -38.43 12.71
C ALA C 434 -31.91 -39.38 11.89
N GLU C 435 -32.94 -39.88 12.53
CA GLU C 435 -33.92 -40.80 11.97
C GLU C 435 -33.72 -41.56 10.66
N PRO C 436 -33.18 -42.79 10.75
CA PRO C 436 -32.98 -43.59 9.54
C PRO C 436 -34.34 -44.21 9.28
N HIS C 437 -34.61 -44.65 8.06
CA HIS C 437 -35.93 -45.20 7.77
C HIS C 437 -35.83 -46.67 7.44
N ASP C 438 -35.52 -46.96 6.17
CA ASP C 438 -35.40 -48.33 5.72
C ASP C 438 -33.92 -48.64 5.54
N CYS C 439 -33.57 -49.91 5.64
CA CYS C 439 -32.18 -50.34 5.45
C CYS C 439 -32.19 -51.63 4.66
N ILE C 440 -31.03 -52.03 4.16
CA ILE C 440 -30.95 -53.26 3.39
C ILE C 440 -29.73 -54.08 3.81
N LEU C 441 -29.93 -55.39 3.90
CA LEU C 441 -28.84 -56.30 4.29
C LEU C 441 -28.38 -57.15 3.12
N VAL C 442 -27.08 -57.44 3.09
CA VAL C 442 -26.50 -58.26 2.02
C VAL C 442 -25.41 -59.16 2.61
N ARG C 443 -25.33 -60.40 2.12
CA ARG C 443 -24.31 -61.32 2.62
C ARG C 443 -22.94 -60.74 2.37
N ARG C 444 -22.00 -61.08 3.24
CA ARG C 444 -20.63 -60.61 3.14
C ARG C 444 -20.02 -60.89 1.76
N ASP C 445 -20.43 -61.97 1.13
CA ASP C 445 -19.88 -62.35 -0.16
C ASP C 445 -20.52 -61.66 -1.36
N GLN C 446 -21.70 -61.08 -1.18
CA GLN C 446 -22.39 -60.43 -2.29
C GLN C 446 -21.78 -59.07 -2.67
N ILE C 447 -20.77 -58.64 -1.92
CA ILE C 447 -20.10 -57.37 -2.18
C ILE C 447 -18.61 -57.56 -2.45
N LYS C 448 -18.15 -57.02 -3.58
CA LYS C 448 -16.74 -57.10 -3.96
C LYS C 448 -16.08 -55.73 -3.87
N THR C 449 -15.35 -55.54 -2.76
CA THR C 449 -14.67 -54.29 -2.45
C THR C 449 -13.25 -54.16 -3.00
N LYS C 450 -12.81 -52.92 -3.20
CA LYS C 450 -11.46 -52.62 -3.68
C LYS C 450 -10.70 -51.97 -2.52
N LYS C 451 -9.38 -52.12 -2.49
CA LYS C 451 -8.58 -51.53 -1.41
C LYS C 451 -7.75 -50.32 -1.84
N ILE C 452 -7.48 -50.20 -3.14
CA ILE C 452 -6.74 -49.05 -3.64
C ILE C 452 -7.31 -48.68 -4.99
N TYR C 453 -7.12 -47.42 -5.40
CA TYR C 453 -7.63 -46.91 -6.67
C TYR C 453 -6.73 -47.21 -7.87
N GLU C 454 -7.35 -47.30 -9.04
CA GLU C 454 -6.61 -47.51 -10.28
C GLU C 454 -6.49 -46.12 -10.88
N ARG C 455 -5.31 -45.79 -11.40
CA ARG C 455 -5.07 -44.46 -11.96
C ARG C 455 -6.00 -44.00 -13.08
N ASN C 456 -6.87 -44.89 -13.55
CA ASN C 456 -7.80 -44.53 -14.62
C ASN C 456 -9.23 -44.54 -14.11
N ASP C 457 -9.38 -44.54 -12.79
CA ASP C 457 -10.71 -44.56 -12.19
C ASP C 457 -11.48 -43.29 -12.51
N PRO C 458 -12.79 -43.43 -12.76
CA PRO C 458 -13.66 -42.29 -13.09
C PRO C 458 -13.86 -41.29 -11.96
N TYR C 459 -13.52 -41.70 -10.73
CA TYR C 459 -13.70 -40.81 -9.59
C TYR C 459 -12.79 -39.58 -9.63
N PHE C 460 -11.89 -39.52 -10.60
CA PHE C 460 -11.03 -38.34 -10.71
C PHE C 460 -10.58 -38.13 -12.15
N ALA C 461 -11.41 -38.62 -13.07
CA ALA C 461 -11.17 -38.51 -14.51
C ALA C 461 -11.00 -37.06 -14.95
N SER C 462 -11.76 -36.18 -14.30
CA SER C 462 -11.71 -34.74 -14.59
C SER C 462 -10.36 -34.18 -14.15
N CYS C 463 -9.82 -34.73 -13.08
CA CYS C 463 -8.53 -34.25 -12.58
C CYS C 463 -7.44 -34.49 -13.61
N ARG C 464 -7.29 -35.75 -14.02
CA ARG C 464 -6.25 -36.07 -15.00
C ARG C 464 -6.53 -35.44 -16.35
N ALA C 465 -7.78 -35.07 -16.61
CA ALA C 465 -8.10 -34.44 -17.87
C ALA C 465 -7.45 -33.04 -17.86
N GLN C 466 -7.62 -32.33 -16.75
CA GLN C 466 -7.07 -31.00 -16.58
C GLN C 466 -5.55 -31.13 -16.51
N ALA C 467 -5.08 -32.22 -15.92
CA ALA C 467 -3.64 -32.46 -15.82
C ALA C 467 -3.07 -32.51 -17.24
N GLU C 468 -3.71 -33.31 -18.09
CA GLU C 468 -3.29 -33.48 -19.46
C GLU C 468 -3.17 -32.14 -20.17
N LYS C 469 -4.19 -31.30 -20.05
CA LYS C 469 -4.15 -29.99 -20.68
C LYS C 469 -2.99 -29.17 -20.14
N ASP C 470 -2.74 -29.27 -18.84
CA ASP C 470 -1.66 -28.53 -18.21
C ASP C 470 -0.30 -29.17 -18.45
N GLY C 471 -0.31 -30.35 -19.03
CA GLY C 471 0.94 -31.04 -19.30
C GLY C 471 1.61 -31.57 -18.04
N VAL C 472 0.82 -32.07 -17.10
CA VAL C 472 1.40 -32.60 -15.87
C VAL C 472 1.11 -34.08 -15.69
N THR C 473 2.01 -34.75 -14.97
CA THR C 473 1.88 -36.16 -14.69
C THR C 473 1.59 -36.25 -13.21
N LEU C 474 0.31 -36.42 -12.91
CA LEU C 474 -0.19 -36.51 -11.55
C LEU C 474 0.63 -37.40 -10.63
N GLU C 475 1.14 -38.50 -11.17
CA GLU C 475 1.89 -39.45 -10.36
C GLU C 475 3.32 -39.05 -10.00
N SER C 476 3.84 -38.00 -10.63
CA SER C 476 5.20 -37.59 -10.35
C SER C 476 5.49 -36.09 -10.33
N ASP C 477 4.58 -35.27 -10.85
CA ASP C 477 4.83 -33.82 -10.87
C ASP C 477 4.40 -33.06 -9.62
N ASN C 478 5.07 -31.95 -9.37
CA ASN C 478 4.78 -31.05 -8.26
C ASN C 478 4.96 -29.67 -8.86
N LYS C 479 3.93 -29.23 -9.57
CA LYS C 479 3.96 -27.94 -10.26
C LYS C 479 2.88 -26.94 -9.82
N VAL C 480 3.16 -25.67 -10.07
CA VAL C 480 2.28 -24.55 -9.77
C VAL C 480 2.04 -23.84 -11.09
N ILE C 481 0.86 -24.05 -11.66
CA ILE C 481 0.50 -23.46 -12.95
C ILE C 481 -0.40 -22.24 -12.77
N ARG C 482 0.02 -21.10 -13.32
CA ARG C 482 -0.76 -19.88 -13.18
C ARG C 482 -1.56 -19.54 -14.43
N ASP C 483 -2.85 -19.34 -14.24
CA ASP C 483 -3.78 -19.05 -15.33
C ASP C 483 -4.54 -17.76 -15.02
N GLY C 484 -3.88 -16.63 -15.20
CA GLY C 484 -4.52 -15.36 -14.92
C GLY C 484 -4.76 -15.16 -13.44
N ASN C 485 -6.02 -15.26 -13.02
CA ASN C 485 -6.37 -15.10 -11.62
C ASN C 485 -6.50 -16.48 -10.98
N LYS C 486 -6.45 -17.50 -11.82
CA LYS C 486 -6.55 -18.87 -11.33
C LYS C 486 -5.14 -19.40 -11.11
N VAL C 487 -5.01 -20.31 -10.15
CA VAL C 487 -3.72 -20.92 -9.85
C VAL C 487 -3.98 -22.37 -9.53
N ARG C 488 -3.44 -23.26 -10.36
CA ARG C 488 -3.61 -24.69 -10.15
C ARG C 488 -2.33 -25.31 -9.59
N VAL C 489 -2.43 -25.80 -8.36
CA VAL C 489 -1.29 -26.40 -7.69
C VAL C 489 -1.42 -27.92 -7.72
N TYR C 490 -0.40 -28.60 -8.23
CA TYR C 490 -0.43 -30.05 -8.26
C TYR C 490 0.61 -30.58 -7.29
N MET C 491 0.19 -31.43 -6.35
CA MET C 491 1.12 -32.00 -5.39
C MET C 491 1.03 -33.51 -5.41
N THR C 492 2.10 -34.16 -4.98
CA THR C 492 2.14 -35.61 -4.89
C THR C 492 2.33 -35.86 -3.40
N SER C 493 1.91 -37.03 -2.91
CA SER C 493 2.07 -37.32 -1.48
C SER C 493 2.55 -38.73 -1.17
N VAL C 494 3.50 -38.84 -0.24
CA VAL C 494 4.05 -40.12 0.21
C VAL C 494 4.66 -39.96 1.62
N ALA C 495 4.72 -41.06 2.37
CA ALA C 495 5.29 -41.04 3.72
C ALA C 495 4.75 -39.77 4.42
N PRO C 496 5.52 -39.17 5.35
CA PRO C 496 4.91 -37.98 5.95
C PRO C 496 5.21 -36.66 5.23
N GLN C 497 5.17 -36.69 3.91
CA GLN C 497 5.46 -35.48 3.16
C GLN C 497 4.64 -35.20 1.92
N TYR C 498 4.47 -33.92 1.63
CA TYR C 498 3.78 -33.49 0.42
C TYR C 498 4.97 -33.20 -0.51
N GLY C 499 4.79 -33.43 -1.81
CA GLY C 499 5.86 -33.18 -2.76
C GLY C 499 6.21 -31.70 -2.83
N MET C 500 5.38 -30.86 -2.20
CA MET C 500 5.59 -29.42 -2.19
C MET C 500 5.29 -28.96 -0.77
N THR C 501 6.03 -27.98 -0.27
CA THR C 501 5.80 -27.49 1.09
C THR C 501 5.68 -25.97 1.14
N ASP C 502 5.53 -25.36 -0.02
CA ASP C 502 5.44 -23.91 -0.09
C ASP C 502 5.09 -23.44 -1.50
N PHE C 503 4.17 -22.48 -1.60
CA PHE C 503 3.79 -21.91 -2.89
C PHE C 503 3.19 -20.53 -2.68
N LYS C 504 3.32 -19.67 -3.68
CA LYS C 504 2.78 -18.32 -3.58
C LYS C 504 1.61 -18.06 -4.49
N VAL C 505 0.69 -17.23 -4.03
CA VAL C 505 -0.49 -16.84 -4.81
C VAL C 505 -0.81 -15.42 -4.40
N LYS C 506 -1.71 -14.79 -5.15
CA LYS C 506 -2.09 -13.42 -4.84
C LYS C 506 -3.50 -13.35 -4.26
N GLU C 507 -3.69 -12.40 -3.36
CA GLU C 507 -4.96 -12.18 -2.71
C GLU C 507 -6.11 -12.20 -3.73
N GLY C 508 -7.09 -13.06 -3.48
CA GLY C 508 -8.23 -13.15 -4.36
C GLY C 508 -8.11 -14.16 -5.47
N ASP C 509 -6.94 -14.78 -5.61
CA ASP C 509 -6.73 -15.76 -6.66
C ASP C 509 -7.62 -16.98 -6.45
N GLU C 510 -8.03 -17.62 -7.53
CA GLU C 510 -8.85 -18.81 -7.44
C GLU C 510 -7.93 -20.02 -7.47
N VAL C 511 -7.52 -20.44 -6.28
CA VAL C 511 -6.61 -21.57 -6.13
C VAL C 511 -7.27 -22.95 -6.08
N THR C 512 -6.77 -23.86 -6.90
CA THR C 512 -7.25 -25.24 -6.93
C THR C 512 -6.04 -26.15 -6.67
N VAL C 513 -6.11 -26.94 -5.60
CA VAL C 513 -5.02 -27.84 -5.25
C VAL C 513 -5.34 -29.29 -5.60
N TYR C 514 -4.44 -29.93 -6.34
CA TYR C 514 -4.62 -31.33 -6.69
C TYR C 514 -3.62 -32.15 -5.88
N ILE C 515 -4.12 -33.18 -5.20
CA ILE C 515 -3.24 -34.03 -4.40
C ILE C 515 -3.39 -35.45 -4.89
N THR C 516 -2.26 -36.08 -5.20
CA THR C 516 -2.27 -37.48 -5.63
C THR C 516 -1.51 -38.28 -4.58
N ASN C 517 -2.13 -39.35 -4.07
CA ASN C 517 -1.47 -40.17 -3.06
C ASN C 517 -0.76 -41.35 -3.75
N LEU C 518 0.56 -41.36 -3.67
CA LEU C 518 1.37 -42.41 -4.29
C LEU C 518 1.51 -43.69 -3.46
N ASP C 519 1.23 -43.62 -2.16
CA ASP C 519 1.32 -44.78 -1.30
C ASP C 519 0.41 -45.89 -1.82
N MET C 520 0.85 -47.15 -1.68
CA MET C 520 0.05 -48.27 -2.16
C MET C 520 -0.34 -49.19 -1.02
N VAL C 521 0.08 -48.86 0.20
CA VAL C 521 -0.25 -49.67 1.35
C VAL C 521 -1.70 -49.41 1.73
N GLU C 522 -2.47 -50.48 1.91
CA GLU C 522 -3.87 -50.32 2.26
C GLU C 522 -4.07 -49.48 3.51
N ASP C 523 -5.20 -48.77 3.57
CA ASP C 523 -5.56 -47.94 4.72
C ASP C 523 -4.69 -46.69 4.90
N VAL C 524 -3.60 -46.59 4.14
CA VAL C 524 -2.73 -45.43 4.25
C VAL C 524 -3.36 -44.27 3.46
N THR C 525 -4.34 -43.61 4.08
CA THR C 525 -5.03 -42.50 3.44
C THR C 525 -4.46 -41.17 3.89
N HIS C 526 -4.48 -40.19 2.99
CA HIS C 526 -4.00 -38.85 3.30
C HIS C 526 -5.10 -37.84 3.14
N GLY C 527 -4.89 -36.67 3.73
CA GLY C 527 -5.89 -35.62 3.63
C GLY C 527 -5.21 -34.32 3.27
N PHE C 528 -6.03 -33.28 3.15
CA PHE C 528 -5.54 -31.96 2.83
C PHE C 528 -6.50 -30.94 3.43
N CYS C 529 -5.96 -29.98 4.16
CA CYS C 529 -6.76 -28.94 4.76
C CYS C 529 -5.97 -27.64 4.79
N MET C 530 -6.53 -26.58 4.23
CA MET C 530 -5.86 -25.29 4.21
C MET C 530 -6.52 -24.47 5.32
N VAL C 531 -5.72 -24.08 6.30
CA VAL C 531 -6.23 -23.34 7.45
C VAL C 531 -6.96 -22.05 7.11
N ASN C 532 -8.12 -21.87 7.73
CA ASN C 532 -8.98 -20.69 7.57
C ASN C 532 -9.56 -20.50 6.17
N HIS C 533 -9.56 -21.55 5.37
CA HIS C 533 -10.11 -21.49 4.02
C HIS C 533 -11.28 -22.45 3.81
N GLY C 534 -11.76 -23.07 4.87
CA GLY C 534 -12.90 -23.98 4.78
C GLY C 534 -12.73 -25.07 3.74
N VAL C 535 -11.55 -25.66 3.72
CA VAL C 535 -11.24 -26.70 2.76
C VAL C 535 -10.68 -27.95 3.46
N SER C 536 -11.10 -29.11 2.96
CA SER C 536 -10.66 -30.40 3.50
C SER C 536 -11.02 -31.45 2.46
N MET C 537 -10.17 -32.46 2.29
CA MET C 537 -10.48 -33.52 1.32
C MET C 537 -9.75 -34.84 1.58
N GLU C 538 -10.32 -35.91 1.03
CA GLU C 538 -9.76 -37.24 1.18
C GLU C 538 -8.89 -37.64 0.00
N ILE C 539 -7.79 -38.33 0.28
CA ILE C 539 -6.92 -38.79 -0.77
C ILE C 539 -6.39 -40.16 -0.38
N SER C 540 -7.17 -41.20 -0.67
CA SER C 540 -6.78 -42.54 -0.35
C SER C 540 -5.73 -43.06 -1.34
N PRO C 541 -5.09 -44.18 -1.01
CA PRO C 541 -4.06 -44.80 -1.85
C PRO C 541 -4.34 -44.73 -3.35
N GLN C 542 -3.38 -44.17 -4.09
CA GLN C 542 -3.48 -44.06 -5.56
C GLN C 542 -4.60 -43.16 -6.08
N GLN C 543 -5.25 -42.42 -5.18
CA GLN C 543 -6.33 -41.53 -5.60
C GLN C 543 -5.84 -40.09 -5.83
N THR C 544 -6.63 -39.35 -6.60
CA THR C 544 -6.33 -37.95 -6.85
C THR C 544 -7.64 -37.20 -6.57
N ALA C 545 -7.54 -36.14 -5.79
CA ALA C 545 -8.69 -35.32 -5.43
C ALA C 545 -8.26 -33.86 -5.48
N SER C 546 -9.20 -32.98 -5.77
CA SER C 546 -8.90 -31.55 -5.86
C SER C 546 -9.96 -30.71 -5.17
N VAL C 547 -9.52 -29.57 -4.65
CA VAL C 547 -10.43 -28.66 -3.96
C VAL C 547 -10.07 -27.21 -4.30
N THR C 548 -11.04 -26.45 -4.77
CA THR C 548 -10.79 -25.06 -5.13
C THR C 548 -11.33 -24.07 -4.09
N PHE C 549 -10.62 -22.95 -3.95
CA PHE C 549 -11.00 -21.93 -2.99
C PHE C 549 -10.38 -20.59 -3.37
N THR C 550 -10.90 -19.53 -2.79
CA THR C 550 -10.42 -18.19 -3.07
C THR C 550 -9.41 -17.79 -2.02
N ALA C 551 -8.23 -17.40 -2.46
CA ALA C 551 -7.17 -17.00 -1.54
C ALA C 551 -7.66 -15.84 -0.70
N GLY C 552 -7.53 -15.94 0.62
CA GLY C 552 -7.98 -14.88 1.51
C GLY C 552 -7.11 -13.64 1.54
N LYS C 553 -7.18 -12.88 2.62
CA LYS C 553 -6.37 -11.67 2.73
C LYS C 553 -4.88 -12.05 2.71
N PRO C 554 -4.01 -11.12 2.30
CA PRO C 554 -2.58 -11.43 2.25
C PRO C 554 -2.02 -11.89 3.58
N GLY C 555 -1.10 -12.85 3.51
CA GLY C 555 -0.48 -13.38 4.71
C GLY C 555 -0.12 -14.85 4.57
N VAL C 556 0.33 -15.46 5.66
CA VAL C 556 0.71 -16.86 5.64
C VAL C 556 -0.46 -17.75 6.04
N TYR C 557 -0.60 -18.87 5.35
CA TYR C 557 -1.65 -19.83 5.66
C TYR C 557 -1.08 -21.24 5.51
N TRP C 558 -1.04 -21.96 6.62
CA TRP C 558 -0.52 -23.33 6.63
C TRP C 558 -1.55 -24.34 6.14
N TYR C 559 -1.07 -25.40 5.50
CA TYR C 559 -1.96 -26.45 5.06
C TYR C 559 -1.37 -27.72 5.64
N TYR C 560 -2.21 -28.67 6.01
CA TYR C 560 -1.72 -29.90 6.61
C TYR C 560 -2.56 -31.13 6.33
N CYS C 561 -1.99 -32.29 6.59
CA CYS C 561 -2.66 -33.58 6.40
C CYS C 561 -3.55 -33.79 7.63
N ASN C 562 -4.80 -34.17 7.40
CA ASN C 562 -5.72 -34.36 8.51
C ASN C 562 -6.07 -35.83 8.73
N TRP C 563 -5.43 -36.68 7.95
CA TRP C 563 -5.60 -38.12 8.05
C TRP C 563 -4.31 -38.72 8.61
N PHE C 564 -4.32 -39.05 9.91
CA PHE C 564 -3.15 -39.62 10.56
C PHE C 564 -2.64 -40.75 9.67
N CYS C 565 -1.38 -40.63 9.23
CA CYS C 565 -0.83 -41.60 8.31
C CYS C 565 0.59 -42.08 8.59
N HIS C 566 1.26 -41.45 9.54
CA HIS C 566 2.64 -41.77 9.81
C HIS C 566 3.03 -41.20 11.17
N ALA C 567 4.11 -41.70 11.75
CA ALA C 567 4.55 -41.20 13.05
C ALA C 567 4.92 -39.73 12.96
N LEU C 568 5.18 -39.24 11.75
CA LEU C 568 5.54 -37.85 11.56
C LEU C 568 4.40 -37.01 10.95
N HIS C 569 3.18 -37.50 11.14
CA HIS C 569 1.94 -36.88 10.67
C HIS C 569 1.90 -35.38 10.93
N MET C 570 2.01 -35.01 12.21
CA MET C 570 1.99 -33.60 12.61
C MET C 570 2.89 -32.72 11.75
N GLU C 571 3.99 -33.29 11.27
CA GLU C 571 4.94 -32.53 10.47
C GLU C 571 4.60 -32.54 8.99
N MET C 572 3.60 -33.31 8.60
CA MET C 572 3.19 -33.37 7.20
C MET C 572 2.42 -32.09 6.92
N VAL C 573 3.14 -31.03 6.58
CA VAL C 573 2.54 -29.73 6.35
C VAL C 573 3.18 -28.96 5.20
N GLY C 574 2.73 -27.70 5.07
CA GLY C 574 3.23 -26.81 4.03
C GLY C 574 2.68 -25.41 4.29
N ARG C 575 3.11 -24.44 3.49
CA ARG C 575 2.66 -23.07 3.68
C ARG C 575 2.27 -22.37 2.39
N MET C 576 1.09 -21.75 2.39
CA MET C 576 0.64 -20.99 1.24
C MET C 576 0.86 -19.52 1.56
N LEU C 577 1.62 -18.86 0.69
CA LEU C 577 1.94 -17.45 0.85
C LEU C 577 1.11 -16.58 -0.08
N VAL C 578 0.20 -15.81 0.51
CA VAL C 578 -0.68 -14.91 -0.21
C VAL C 578 -0.15 -13.50 -0.07
N GLU C 579 0.21 -12.88 -1.19
CA GLU C 579 0.74 -11.53 -1.18
C GLU C 579 -0.25 -10.55 -1.77
N ALA C 580 -0.11 -9.28 -1.38
CA ALA C 580 -0.99 -8.22 -1.85
C ALA C 580 -1.04 -8.23 -3.38
N ALA C 581 -2.23 -8.06 -3.93
CA ALA C 581 -2.42 -8.07 -5.37
C ALA C 581 -1.83 -6.83 -6.03
N ALA D 10 -19.30 -55.68 30.75
CA ALA D 10 -18.77 -55.30 29.42
C ALA D 10 -19.83 -55.36 28.31
N HIS D 11 -20.95 -56.04 28.59
CA HIS D 11 -22.02 -56.18 27.60
C HIS D 11 -23.31 -55.55 28.13
N VAL D 12 -24.02 -54.82 27.27
CA VAL D 12 -25.27 -54.16 27.66
C VAL D 12 -26.46 -54.71 26.87
N ALA D 13 -27.34 -55.43 27.56
CA ALA D 13 -28.50 -56.03 26.92
C ALA D 13 -29.67 -55.05 26.79
N PRO D 14 -30.61 -55.36 25.87
CA PRO D 14 -31.79 -54.52 25.64
C PRO D 14 -32.53 -54.25 26.93
N GLY D 15 -32.75 -52.97 27.24
CA GLY D 15 -33.45 -52.62 28.46
C GLY D 15 -32.47 -52.09 29.49
N GLU D 16 -31.20 -52.46 29.33
CA GLU D 16 -30.13 -52.04 30.23
C GLU D 16 -29.43 -50.77 29.74
N LEU D 17 -28.89 -50.00 30.66
CA LEU D 17 -28.21 -48.75 30.33
C LEU D 17 -26.71 -48.84 30.53
N ASP D 18 -25.99 -47.94 29.86
CA ASP D 18 -24.54 -47.91 29.99
C ASP D 18 -24.18 -47.25 31.30
N GLU D 19 -22.91 -47.33 31.69
CA GLU D 19 -22.46 -46.76 32.95
C GLU D 19 -21.71 -45.46 32.75
N TYR D 20 -21.07 -45.32 31.60
CA TYR D 20 -20.30 -44.12 31.30
C TYR D 20 -20.72 -43.43 30.01
N TYR D 21 -20.60 -42.10 29.99
CA TYR D 21 -20.91 -41.33 28.80
C TYR D 21 -19.55 -41.18 28.13
N GLY D 22 -19.48 -41.42 26.83
CA GLY D 22 -18.22 -41.28 26.12
C GLY D 22 -18.37 -40.19 25.08
N PHE D 23 -17.56 -39.15 25.18
CA PHE D 23 -17.61 -38.04 24.24
C PHE D 23 -16.47 -38.12 23.26
N TRP D 24 -16.75 -38.68 22.09
CA TRP D 24 -15.74 -38.84 21.05
C TRP D 24 -15.53 -37.61 20.17
N SER D 25 -14.27 -37.24 19.95
CA SER D 25 -13.98 -36.13 19.07
C SER D 25 -14.29 -36.70 17.70
N GLY D 26 -14.52 -35.86 16.70
CA GLY D 26 -14.84 -36.37 15.38
C GLY D 26 -13.73 -36.07 14.38
N GLY D 27 -12.69 -35.41 14.86
CA GLY D 27 -11.56 -35.06 14.02
C GLY D 27 -11.98 -34.10 12.92
N HIS D 28 -11.55 -34.36 11.69
CA HIS D 28 -11.90 -33.48 10.59
C HIS D 28 -13.33 -33.71 10.10
N GLN D 29 -14.09 -34.49 10.86
CA GLN D 29 -15.50 -34.75 10.52
C GLN D 29 -16.30 -33.57 11.06
N GLY D 30 -15.75 -32.92 12.09
CA GLY D 30 -16.41 -31.75 12.65
C GLY D 30 -17.29 -31.88 13.89
N GLU D 31 -17.95 -33.01 14.07
CA GLU D 31 -18.84 -33.18 15.21
C GLU D 31 -18.20 -33.84 16.43
N VAL D 32 -19.02 -34.01 17.46
CA VAL D 32 -18.62 -34.65 18.71
C VAL D 32 -19.63 -35.77 18.86
N ARG D 33 -19.14 -36.99 19.11
CA ARG D 33 -20.04 -38.13 19.22
C ARG D 33 -20.16 -38.61 20.66
N VAL D 34 -21.40 -38.89 21.06
CA VAL D 34 -21.71 -39.35 22.41
C VAL D 34 -22.01 -40.85 22.42
N LEU D 35 -21.05 -41.61 22.95
CA LEU D 35 -21.20 -43.06 23.01
C LEU D 35 -21.56 -43.53 24.42
N GLY D 36 -22.14 -44.72 24.47
CA GLY D 36 -22.45 -45.30 25.76
C GLY D 36 -21.36 -46.33 26.02
N VAL D 37 -20.76 -46.29 27.20
CA VAL D 37 -19.73 -47.25 27.55
C VAL D 37 -20.32 -48.20 28.60
N PRO D 38 -19.99 -49.49 28.52
CA PRO D 38 -19.06 -50.18 27.62
C PRO D 38 -19.71 -50.72 26.33
N SER D 39 -20.97 -50.35 26.08
CA SER D 39 -21.63 -50.83 24.89
C SER D 39 -20.89 -50.32 23.67
N MET D 40 -20.30 -49.13 23.80
CA MET D 40 -19.56 -48.52 22.72
C MET D 40 -20.50 -48.14 21.58
N ARG D 41 -21.79 -48.01 21.90
CA ARG D 41 -22.78 -47.65 20.88
C ARG D 41 -22.86 -46.14 20.78
N GLU D 42 -23.16 -45.64 19.58
CA GLU D 42 -23.29 -44.19 19.37
C GLU D 42 -24.70 -43.78 19.75
N LEU D 43 -24.81 -42.93 20.77
CA LEU D 43 -26.11 -42.47 21.27
C LEU D 43 -26.56 -41.15 20.66
N MET D 44 -25.61 -40.26 20.39
CA MET D 44 -25.96 -38.97 19.82
C MET D 44 -24.78 -38.27 19.15
N ARG D 45 -25.09 -37.45 18.16
CA ARG D 45 -24.06 -36.69 17.46
C ARG D 45 -24.33 -35.23 17.75
N ILE D 46 -23.31 -34.52 18.22
CA ILE D 46 -23.44 -33.12 18.54
C ILE D 46 -22.71 -32.33 17.48
N PRO D 47 -23.46 -31.68 16.58
CA PRO D 47 -22.80 -30.90 15.54
C PRO D 47 -22.02 -29.75 16.17
N VAL D 48 -20.89 -29.41 15.58
CA VAL D 48 -20.08 -28.31 16.08
C VAL D 48 -19.57 -27.48 14.89
N PHE D 49 -18.60 -28.02 14.16
CA PHE D 49 -18.01 -27.31 13.03
C PHE D 49 -18.45 -27.88 11.69
N ASN D 50 -19.21 -28.96 11.70
CA ASN D 50 -19.69 -29.55 10.46
C ASN D 50 -21.08 -29.00 10.25
N VAL D 51 -21.69 -29.31 9.12
CA VAL D 51 -23.04 -28.81 8.89
C VAL D 51 -23.98 -30.00 8.85
N ASP D 52 -24.81 -30.13 9.88
CA ASP D 52 -25.75 -31.22 9.97
C ASP D 52 -27.03 -30.97 9.20
N SER D 53 -27.24 -31.79 8.19
CA SER D 53 -28.41 -31.71 7.31
C SER D 53 -29.69 -32.06 8.07
N ALA D 54 -29.54 -32.74 9.21
CA ALA D 54 -30.70 -33.15 10.00
C ALA D 54 -31.21 -32.04 10.93
N THR D 55 -30.47 -31.76 12.00
CA THR D 55 -30.89 -30.71 12.92
C THR D 55 -30.81 -29.33 12.28
N GLY D 56 -30.05 -29.23 11.20
CA GLY D 56 -29.91 -27.94 10.54
C GLY D 56 -28.82 -27.10 11.18
N TRP D 57 -27.93 -27.73 11.93
CA TRP D 57 -26.85 -26.97 12.55
C TRP D 57 -25.94 -26.44 11.45
N GLY D 58 -25.91 -25.11 11.33
CA GLY D 58 -25.11 -24.47 10.30
C GLY D 58 -26.04 -23.88 9.26
N ILE D 59 -27.33 -24.22 9.36
CA ILE D 59 -28.35 -23.73 8.46
C ILE D 59 -29.29 -22.78 9.19
N THR D 60 -29.73 -23.17 10.39
CA THR D 60 -30.64 -22.35 11.18
C THR D 60 -30.05 -21.00 11.55
N ASN D 61 -30.90 -20.06 11.99
CA ASN D 61 -30.42 -18.73 12.37
C ASN D 61 -29.73 -18.79 13.73
N GLU D 62 -30.16 -19.71 14.56
CA GLU D 62 -29.61 -19.87 15.89
C GLU D 62 -28.15 -20.35 15.78
N SER D 63 -27.94 -21.46 15.07
CA SER D 63 -26.59 -22.00 14.92
C SER D 63 -25.64 -21.02 14.23
N LYS D 64 -26.13 -20.28 13.24
CA LYS D 64 -25.28 -19.33 12.55
C LYS D 64 -24.88 -18.18 13.44
N GLU D 65 -25.79 -17.76 14.32
CA GLU D 65 -25.46 -16.67 15.22
C GLU D 65 -24.34 -17.14 16.15
N ILE D 66 -24.34 -18.43 16.46
CA ILE D 66 -23.31 -18.97 17.33
C ILE D 66 -22.00 -19.19 16.58
N LEU D 67 -22.09 -19.70 15.35
CA LEU D 67 -20.90 -19.92 14.52
C LEU D 67 -20.21 -18.57 14.25
N GLY D 68 -21.03 -17.56 13.98
CA GLY D 68 -20.53 -16.21 13.72
C GLY D 68 -19.47 -16.11 12.64
N GLY D 69 -18.46 -15.26 12.88
CA GLY D 69 -17.41 -15.06 11.92
C GLY D 69 -17.91 -14.35 10.68
N ASP D 70 -16.99 -13.82 9.88
CA ASP D 70 -17.41 -13.13 8.67
C ASP D 70 -17.27 -14.00 7.42
N GLN D 71 -17.33 -15.31 7.63
CA GLN D 71 -17.22 -16.25 6.52
C GLN D 71 -17.83 -17.59 6.94
N GLN D 72 -18.43 -18.29 5.98
CA GLN D 72 -19.03 -19.58 6.28
C GLN D 72 -18.02 -20.71 6.10
N TYR D 73 -17.93 -21.58 7.10
CA TYR D 73 -17.04 -22.72 7.05
C TYR D 73 -17.85 -24.00 7.09
N LEU D 74 -17.75 -24.81 6.05
CA LEU D 74 -18.48 -26.06 6.01
C LEU D 74 -17.68 -27.18 6.67
N ASN D 75 -16.54 -26.82 7.24
CA ASN D 75 -15.71 -27.85 7.85
C ASN D 75 -15.08 -27.49 9.16
N GLY D 76 -14.53 -28.51 9.81
CA GLY D 76 -13.87 -28.36 11.09
C GLY D 76 -12.98 -29.56 11.34
N ASP D 77 -12.11 -29.44 12.33
CA ASP D 77 -11.18 -30.51 12.71
C ASP D 77 -10.97 -30.44 14.21
N CYS D 78 -11.84 -31.14 14.94
CA CYS D 78 -11.81 -31.18 16.41
C CYS D 78 -11.11 -32.45 16.89
N HIS D 79 -10.12 -32.28 17.76
CA HIS D 79 -9.33 -33.38 18.28
C HIS D 79 -9.53 -33.66 19.77
N HIS D 80 -9.67 -32.60 20.56
CA HIS D 80 -9.72 -32.76 22.02
C HIS D 80 -10.92 -32.29 22.84
N PRO D 81 -11.80 -33.23 23.22
CA PRO D 81 -12.97 -32.87 24.02
C PRO D 81 -12.67 -32.98 25.52
N HIS D 82 -13.07 -31.97 26.30
CA HIS D 82 -12.86 -31.97 27.75
C HIS D 82 -14.04 -31.39 28.52
N ILE D 83 -14.37 -32.01 29.64
CA ILE D 83 -15.48 -31.57 30.47
C ILE D 83 -15.05 -30.66 31.63
N SER D 84 -15.81 -29.60 31.87
CA SER D 84 -15.51 -28.65 32.93
C SER D 84 -15.39 -29.34 34.27
N MET D 85 -14.65 -28.73 35.20
CA MET D 85 -14.44 -29.32 36.51
C MET D 85 -14.49 -28.33 37.67
N THR D 86 -14.84 -28.86 38.84
CA THR D 86 -14.91 -28.10 40.07
C THR D 86 -14.01 -28.83 41.07
N ASP D 87 -12.88 -28.21 41.40
CA ASP D 87 -11.92 -28.80 42.32
C ASP D 87 -11.52 -30.21 41.86
N GLY D 88 -10.86 -30.27 40.71
CA GLY D 88 -10.40 -31.54 40.17
C GLY D 88 -11.42 -32.62 39.88
N ARG D 89 -12.71 -32.29 39.92
CA ARG D 89 -13.74 -33.29 39.65
C ARG D 89 -14.73 -32.83 38.57
N TYR D 90 -15.12 -33.76 37.70
CA TYR D 90 -16.05 -33.48 36.62
C TYR D 90 -17.37 -32.89 37.12
N ASP D 91 -17.68 -31.64 36.78
CA ASP D 91 -18.93 -31.04 37.22
C ASP D 91 -20.08 -31.27 36.23
N GLY D 92 -19.73 -31.69 35.01
CA GLY D 92 -20.73 -31.97 33.99
C GLY D 92 -21.47 -30.79 33.40
N LYS D 93 -20.91 -29.59 33.52
CA LYS D 93 -21.57 -28.41 32.98
C LYS D 93 -21.29 -28.19 31.49
N TYR D 94 -20.01 -28.02 31.15
CA TYR D 94 -19.64 -27.79 29.76
C TYR D 94 -18.65 -28.81 29.19
N LEU D 95 -18.47 -28.76 27.88
CA LEU D 95 -17.54 -29.62 27.18
C LEU D 95 -16.93 -28.74 26.10
N PHE D 96 -15.60 -28.55 26.17
CA PHE D 96 -14.91 -27.72 25.21
C PHE D 96 -14.04 -28.52 24.25
N ILE D 97 -13.99 -28.09 22.99
CA ILE D 97 -13.17 -28.77 22.01
C ILE D 97 -12.57 -27.77 21.05
N ASN D 98 -11.52 -28.19 20.35
CA ASN D 98 -10.82 -27.33 19.41
C ASN D 98 -11.19 -27.55 17.95
N ASP D 99 -10.71 -26.64 17.11
CA ASP D 99 -10.89 -26.70 15.68
C ASP D 99 -9.58 -26.29 15.03
N LYS D 100 -8.85 -27.27 14.50
CA LYS D 100 -7.56 -27.02 13.89
C LYS D 100 -7.67 -26.48 12.47
N ALA D 101 -8.78 -26.79 11.81
CA ALA D 101 -9.01 -26.39 10.43
C ALA D 101 -9.21 -24.90 10.24
N ASN D 102 -10.05 -24.31 11.09
CA ASN D 102 -10.32 -22.89 10.95
C ASN D 102 -10.15 -22.05 12.21
N THR D 103 -9.19 -22.47 13.03
CA THR D 103 -8.82 -21.76 14.26
C THR D 103 -10.01 -21.28 15.10
N ARG D 104 -10.62 -22.21 15.82
CA ARG D 104 -11.76 -21.90 16.66
C ARG D 104 -11.80 -22.83 17.86
N VAL D 105 -12.59 -22.44 18.86
CA VAL D 105 -12.75 -23.23 20.08
C VAL D 105 -14.25 -23.22 20.33
N ALA D 106 -14.79 -24.40 20.64
CA ALA D 106 -16.21 -24.52 20.88
C ALA D 106 -16.59 -24.93 22.30
N ARG D 107 -17.77 -24.50 22.74
CA ARG D 107 -18.26 -24.87 24.04
C ARG D 107 -19.59 -25.58 23.82
N ILE D 108 -19.80 -26.69 24.50
CA ILE D 108 -21.03 -27.43 24.34
C ILE D 108 -21.76 -27.54 25.66
N ARG D 109 -23.07 -27.31 25.63
CA ARG D 109 -23.91 -27.41 26.81
C ARG D 109 -24.30 -28.87 26.99
N LEU D 110 -23.85 -29.46 28.10
CA LEU D 110 -24.15 -30.86 28.37
C LEU D 110 -25.58 -31.12 28.86
N ASP D 111 -26.30 -30.06 29.21
CA ASP D 111 -27.68 -30.22 29.68
C ASP D 111 -28.61 -30.55 28.53
N ILE D 112 -28.27 -30.07 27.33
CA ILE D 112 -29.08 -30.36 26.15
C ILE D 112 -28.26 -30.96 25.02
N MET D 113 -26.94 -31.05 25.22
CA MET D 113 -26.01 -31.60 24.23
C MET D 113 -26.07 -30.86 22.90
N LYS D 114 -25.74 -29.57 22.93
CA LYS D 114 -25.77 -28.72 21.75
C LYS D 114 -24.66 -27.70 21.89
N THR D 115 -24.02 -27.34 20.78
CA THR D 115 -22.94 -26.36 20.85
C THR D 115 -23.55 -25.04 21.31
N ASP D 116 -22.93 -24.45 22.32
CA ASP D 116 -23.37 -23.23 22.98
C ASP D 116 -22.63 -21.97 22.50
N LYS D 117 -21.31 -22.09 22.38
CA LYS D 117 -20.48 -20.95 21.97
C LYS D 117 -19.33 -21.36 21.07
N ILE D 118 -18.95 -20.45 20.19
CA ILE D 118 -17.85 -20.66 19.27
C ILE D 118 -17.03 -19.38 19.23
N THR D 119 -15.73 -19.50 19.50
CA THR D 119 -14.86 -18.34 19.49
C THR D 119 -13.72 -18.52 18.50
N HIS D 120 -13.40 -17.44 17.80
CA HIS D 120 -12.30 -17.42 16.84
C HIS D 120 -11.09 -16.90 17.58
N ILE D 121 -9.99 -17.64 17.56
CA ILE D 121 -8.80 -17.17 18.25
C ILE D 121 -8.02 -16.25 17.32
N PRO D 122 -7.66 -15.04 17.80
CA PRO D 122 -6.92 -14.05 17.01
C PRO D 122 -5.40 -14.21 16.89
N ASN D 123 -4.88 -13.70 15.78
CA ASN D 123 -3.46 -13.70 15.45
C ASN D 123 -2.75 -15.00 15.76
N VAL D 124 -3.34 -16.10 15.32
CA VAL D 124 -2.79 -17.43 15.56
C VAL D 124 -3.44 -18.41 14.58
N GLN D 125 -2.82 -19.56 14.33
CA GLN D 125 -3.41 -20.54 13.43
C GLN D 125 -3.36 -21.98 13.89
N ALA D 126 -4.44 -22.70 13.62
CA ALA D 126 -4.56 -24.13 13.95
C ALA D 126 -4.55 -24.43 15.44
N ILE D 127 -5.72 -24.36 16.07
CA ILE D 127 -5.82 -24.67 17.47
C ILE D 127 -5.81 -26.20 17.54
N HIS D 128 -4.80 -26.75 18.22
CA HIS D 128 -4.68 -28.19 18.37
C HIS D 128 -4.89 -28.56 19.82
N GLY D 129 -3.82 -28.51 20.62
CA GLY D 129 -3.91 -28.86 22.02
C GLY D 129 -4.90 -28.02 22.80
N LEU D 130 -5.64 -28.68 23.69
CA LEU D 130 -6.61 -27.98 24.50
C LEU D 130 -7.05 -28.81 25.67
N ARG D 131 -7.07 -28.17 26.84
CA ARG D 131 -7.51 -28.78 28.08
C ARG D 131 -8.03 -27.71 29.00
N LEU D 132 -8.59 -28.10 30.13
CA LEU D 132 -9.18 -27.13 31.04
C LEU D 132 -8.49 -27.01 32.40
N GLN D 133 -8.68 -25.85 33.03
CA GLN D 133 -8.12 -25.60 34.36
C GLN D 133 -8.89 -26.54 35.29
N LYS D 134 -8.21 -27.09 36.30
CA LYS D 134 -8.87 -28.03 37.20
C LYS D 134 -9.20 -27.50 38.59
N VAL D 135 -8.37 -26.59 39.09
CA VAL D 135 -8.58 -26.04 40.41
C VAL D 135 -8.42 -24.54 40.39
N PRO D 136 -9.29 -23.80 41.11
CA PRO D 136 -10.40 -24.25 41.96
C PRO D 136 -11.48 -24.93 41.14
N LYS D 137 -11.60 -24.50 39.89
CA LYS D 137 -12.58 -25.03 38.94
C LYS D 137 -12.13 -24.60 37.53
N THR D 138 -12.97 -24.87 36.53
CA THR D 138 -12.64 -24.49 35.17
C THR D 138 -13.00 -23.02 34.90
N ASN D 139 -12.04 -22.14 35.12
CA ASN D 139 -12.23 -20.71 34.88
C ASN D 139 -11.54 -20.38 33.57
N TYR D 140 -10.50 -21.14 33.26
CA TYR D 140 -9.73 -20.95 32.04
C TYR D 140 -9.79 -22.17 31.13
N VAL D 141 -9.74 -21.92 29.84
CA VAL D 141 -9.76 -22.95 28.81
C VAL D 141 -8.43 -22.71 28.12
N PHE D 142 -7.52 -23.67 28.21
CA PHE D 142 -6.21 -23.51 27.60
C PHE D 142 -6.12 -24.18 26.24
N CYS D 143 -5.68 -23.43 25.25
CA CYS D 143 -5.54 -23.97 23.91
C CYS D 143 -4.25 -23.53 23.23
N ASN D 144 -3.70 -24.47 22.47
CA ASN D 144 -2.46 -24.27 21.74
C ASN D 144 -2.72 -23.98 20.27
N ALA D 145 -1.79 -23.25 19.66
CA ALA D 145 -1.83 -22.92 18.25
C ALA D 145 -0.58 -23.60 17.69
N GLU D 146 -0.78 -24.61 16.85
CA GLU D 146 0.31 -25.40 16.30
C GLU D 146 1.25 -24.75 15.29
N PHE D 147 0.72 -23.97 14.36
CA PHE D 147 1.59 -23.38 13.35
C PHE D 147 2.00 -21.93 13.59
N VAL D 148 3.29 -21.65 13.42
CA VAL D 148 3.81 -20.30 13.61
C VAL D 148 3.56 -19.45 12.38
N ILE D 149 3.32 -18.16 12.63
CA ILE D 149 3.05 -17.18 11.57
C ILE D 149 3.56 -15.80 11.99
N PRO D 150 3.80 -14.92 11.02
CA PRO D 150 4.30 -13.59 11.37
C PRO D 150 3.31 -12.85 12.27
N GLN D 151 3.80 -11.81 12.94
CA GLN D 151 2.98 -11.03 13.87
C GLN D 151 3.14 -9.52 13.66
N PRO D 152 2.10 -8.88 13.09
CA PRO D 152 0.85 -9.48 12.62
C PRO D 152 1.03 -10.20 11.29
N ASN D 153 0.13 -11.13 10.97
CA ASN D 153 0.20 -11.89 9.73
C ASN D 153 -0.49 -11.12 8.59
N ASP D 154 0.14 -10.04 8.11
CA ASP D 154 -0.43 -9.23 7.05
C ASP D 154 0.23 -9.41 5.68
N GLY D 155 1.15 -10.36 5.57
CA GLY D 155 1.79 -10.59 4.30
C GLY D 155 2.86 -9.60 3.90
N THR D 156 3.49 -8.94 4.86
CA THR D 156 4.55 -8.01 4.53
C THR D 156 5.88 -8.65 4.90
N ASP D 157 5.80 -9.89 5.40
CA ASP D 157 6.99 -10.62 5.80
C ASP D 157 6.65 -12.09 6.10
N PHE D 158 6.89 -12.95 5.12
CA PHE D 158 6.58 -14.37 5.22
C PHE D 158 7.67 -15.20 5.88
N SER D 159 8.79 -14.57 6.21
CA SER D 159 9.92 -15.26 6.81
C SER D 159 9.59 -16.05 8.09
N LEU D 160 10.08 -17.28 8.16
CA LEU D 160 9.88 -18.13 9.33
C LEU D 160 10.67 -17.56 10.50
N ASP D 161 11.63 -16.70 10.19
CA ASP D 161 12.47 -16.09 11.21
C ASP D 161 11.61 -15.26 12.16
N ASN D 162 10.60 -14.59 11.62
CA ASN D 162 9.73 -13.74 12.42
C ASN D 162 8.33 -14.33 12.61
N SER D 163 8.18 -15.63 12.39
CA SER D 163 6.89 -16.28 12.56
C SER D 163 6.82 -16.92 13.93
N TYR D 164 5.76 -16.63 14.66
CA TYR D 164 5.59 -17.19 16.00
C TYR D 164 4.15 -17.63 16.21
N THR D 165 3.92 -18.32 17.33
CA THR D 165 2.59 -18.79 17.70
C THR D 165 2.37 -18.34 19.15
N MET D 166 1.17 -18.54 19.69
CA MET D 166 0.92 -18.12 21.06
C MET D 166 0.07 -19.12 21.83
N PHE D 167 0.11 -19.00 23.15
CA PHE D 167 -0.68 -19.85 24.05
C PHE D 167 -1.86 -18.97 24.39
N THR D 168 -3.08 -19.50 24.26
CA THR D 168 -4.26 -18.70 24.53
C THR D 168 -5.12 -19.22 25.66
N ALA D 169 -5.56 -18.30 26.51
CA ALA D 169 -6.42 -18.64 27.63
C ALA D 169 -7.78 -17.99 27.43
N ILE D 170 -8.84 -18.79 27.45
CA ILE D 170 -10.20 -18.27 27.25
C ILE D 170 -10.98 -18.38 28.55
N ASP D 171 -11.85 -17.40 28.83
CA ASP D 171 -12.66 -17.48 30.04
C ASP D 171 -13.80 -18.43 29.72
N ALA D 172 -13.83 -19.56 30.42
CA ALA D 172 -14.83 -20.61 30.22
C ALA D 172 -16.29 -20.19 30.30
N GLU D 173 -16.59 -19.26 31.21
CA GLU D 173 -17.96 -18.81 31.38
C GLU D 173 -18.46 -17.83 30.32
N THR D 174 -17.56 -17.03 29.76
CA THR D 174 -17.93 -16.05 28.75
C THR D 174 -17.48 -16.47 27.36
N MET D 175 -16.52 -17.39 27.32
CA MET D 175 -15.97 -17.87 26.07
C MET D 175 -15.28 -16.75 25.32
N ASP D 176 -14.86 -15.72 26.05
CA ASP D 176 -14.13 -14.63 25.45
C ASP D 176 -12.67 -14.85 25.85
N VAL D 177 -11.75 -14.61 24.92
CA VAL D 177 -10.33 -14.80 25.19
C VAL D 177 -9.84 -13.85 26.27
N ALA D 178 -9.12 -14.41 27.25
CA ALA D 178 -8.59 -13.63 28.37
C ALA D 178 -7.25 -13.01 28.00
N TRP D 179 -6.29 -13.83 27.61
CA TRP D 179 -4.96 -13.36 27.23
C TRP D 179 -4.22 -14.40 26.40
N GLN D 180 -3.12 -13.97 25.80
CA GLN D 180 -2.28 -14.84 24.98
C GLN D 180 -0.81 -14.66 25.33
N VAL D 181 -0.06 -15.75 25.29
CA VAL D 181 1.37 -15.71 25.60
C VAL D 181 2.20 -16.11 24.38
N ILE D 182 3.09 -15.22 23.97
CA ILE D 182 3.97 -15.50 22.84
C ILE D 182 5.04 -16.47 23.32
N VAL D 183 5.35 -17.48 22.51
CA VAL D 183 6.35 -18.46 22.88
C VAL D 183 7.31 -18.73 21.73
N ASP D 184 8.35 -19.50 22.03
CA ASP D 184 9.32 -19.88 21.02
C ASP D 184 8.84 -21.23 20.47
N GLY D 185 9.42 -21.67 19.36
CA GLY D 185 8.99 -22.93 18.78
C GLY D 185 7.50 -22.89 18.53
N ASN D 186 6.82 -24.00 18.81
CA ASN D 186 5.37 -24.05 18.63
C ASN D 186 4.72 -24.79 19.78
N LEU D 187 3.45 -25.15 19.62
CA LEU D 187 2.73 -25.84 20.66
C LEU D 187 2.00 -27.06 20.11
N ASP D 188 2.04 -28.16 20.86
CA ASP D 188 1.40 -29.40 20.42
C ASP D 188 0.18 -29.64 21.30
N ASN D 189 0.39 -30.31 22.42
CA ASN D 189 -0.70 -30.58 23.35
C ASN D 189 -0.48 -29.83 24.65
N THR D 190 -1.46 -29.90 25.54
CA THR D 190 -1.33 -29.19 26.78
C THR D 190 -2.18 -29.77 27.89
N ASP D 191 -1.89 -29.35 29.12
CA ASP D 191 -2.65 -29.82 30.28
C ASP D 191 -2.35 -28.93 31.48
N ALA D 192 -3.13 -29.07 32.54
CA ALA D 192 -2.94 -28.25 33.74
C ALA D 192 -2.86 -29.07 35.02
N ASP D 193 -2.25 -28.47 36.05
CA ASP D 193 -2.11 -29.13 37.34
C ASP D 193 -3.41 -29.08 38.13
N TYR D 194 -3.33 -29.42 39.42
CA TYR D 194 -4.50 -29.41 40.28
C TYR D 194 -4.39 -28.31 41.32
N THR D 195 -3.78 -27.19 40.93
CA THR D 195 -3.66 -26.05 41.85
C THR D 195 -4.24 -24.85 41.13
N GLY D 196 -3.98 -24.78 39.83
CA GLY D 196 -4.49 -23.69 39.02
C GLY D 196 -3.40 -22.66 38.76
N LYS D 197 -2.19 -22.96 39.21
CA LYS D 197 -1.08 -22.04 39.02
C LYS D 197 -0.27 -22.35 37.77
N TYR D 198 -0.24 -23.63 37.39
CA TYR D 198 0.54 -24.05 36.22
C TYR D 198 -0.21 -24.77 35.11
N ALA D 199 0.28 -24.56 33.89
CA ALA D 199 -0.27 -25.17 32.69
C ALA D 199 0.93 -25.41 31.79
N THR D 200 0.99 -26.57 31.14
CA THR D 200 2.13 -26.86 30.28
C THR D 200 1.76 -27.43 28.93
N SER D 201 2.63 -27.17 27.95
CA SER D 201 2.42 -27.63 26.59
C SER D 201 3.71 -28.18 25.99
N THR D 202 3.56 -29.19 25.14
CA THR D 202 4.72 -29.79 24.48
C THR D 202 5.09 -28.93 23.27
N CYS D 203 6.25 -29.21 22.67
CA CYS D 203 6.74 -28.48 21.50
C CYS D 203 7.52 -29.45 20.63
N TYR D 204 7.24 -29.44 19.33
CA TYR D 204 7.95 -30.33 18.42
C TYR D 204 8.70 -29.57 17.33
N ASN D 205 8.41 -28.29 17.19
CA ASN D 205 9.05 -27.48 16.16
C ASN D 205 9.82 -26.30 16.74
N SER D 206 10.65 -26.57 17.74
CA SER D 206 11.46 -25.52 18.36
C SER D 206 12.30 -24.84 17.28
N GLU D 207 12.53 -25.59 16.21
CA GLU D 207 13.33 -25.11 15.08
C GLU D 207 12.55 -24.15 14.20
N ARG D 208 11.23 -24.12 14.37
CA ARG D 208 10.34 -23.26 13.60
C ARG D 208 10.59 -23.39 12.11
N ALA D 209 10.67 -24.63 11.64
CA ALA D 209 10.92 -24.91 10.23
C ALA D 209 9.70 -25.55 9.57
N VAL D 210 9.66 -25.54 8.25
CA VAL D 210 8.55 -26.13 7.51
C VAL D 210 8.90 -27.52 6.96
N ASP D 211 10.12 -27.67 6.47
CA ASP D 211 10.56 -28.94 5.90
C ASP D 211 10.77 -29.97 6.99
N LEU D 212 10.46 -31.22 6.67
CA LEU D 212 10.57 -32.33 7.61
C LEU D 212 11.90 -32.36 8.38
N ALA D 213 13.01 -32.35 7.64
CA ALA D 213 14.31 -32.40 8.29
C ALA D 213 14.49 -31.35 9.38
N GLY D 214 14.23 -30.09 9.04
CA GLY D 214 14.37 -29.02 10.01
C GLY D 214 13.60 -29.18 11.32
N THR D 215 12.46 -29.86 11.27
CA THR D 215 11.63 -30.06 12.46
C THR D 215 12.20 -31.15 13.37
N MET D 216 13.16 -31.91 12.84
CA MET D 216 13.79 -33.00 13.58
C MET D 216 15.26 -32.70 13.87
N ARG D 217 15.70 -31.51 13.48
CA ARG D 217 17.10 -31.12 13.68
C ARG D 217 17.58 -31.33 15.11
N ASN D 218 17.11 -30.50 16.02
CA ASN D 218 17.52 -30.59 17.43
C ASN D 218 17.19 -31.94 18.06
N ASP D 219 18.13 -32.46 18.85
CA ASP D 219 17.94 -33.74 19.53
C ASP D 219 16.83 -33.61 20.58
N ARG D 220 16.65 -32.38 21.05
CA ARG D 220 15.63 -32.10 22.05
C ARG D 220 14.82 -30.86 21.73
N ASP D 221 13.55 -30.91 22.11
CA ASP D 221 12.66 -29.76 21.94
C ASP D 221 12.40 -29.36 23.39
N TRP D 222 11.14 -29.28 23.80
CA TRP D 222 10.85 -28.91 25.18
C TRP D 222 9.39 -29.00 25.56
N VAL D 223 9.12 -28.53 26.77
CA VAL D 223 7.78 -28.49 27.33
C VAL D 223 7.68 -27.13 28.00
N VAL D 224 6.89 -26.23 27.42
CA VAL D 224 6.76 -24.92 28.01
C VAL D 224 5.83 -25.00 29.22
N VAL D 225 6.26 -24.38 30.31
CA VAL D 225 5.47 -24.37 31.52
C VAL D 225 5.03 -22.93 31.70
N PHE D 226 3.73 -22.75 31.82
CA PHE D 226 3.17 -21.42 31.97
C PHE D 226 2.78 -21.14 33.42
N ASN D 227 3.21 -20.00 33.92
CA ASN D 227 2.89 -19.59 35.28
C ASN D 227 1.67 -18.70 35.13
N VAL D 228 0.50 -19.33 35.17
CA VAL D 228 -0.76 -18.61 35.01
C VAL D 228 -0.88 -17.48 36.03
N GLU D 229 -0.50 -17.77 37.26
CA GLU D 229 -0.57 -16.82 38.35
C GLU D 229 0.15 -15.51 38.00
N ARG D 230 1.36 -15.61 37.44
CA ARG D 230 2.14 -14.43 37.07
C ARG D 230 1.61 -13.76 35.81
N ILE D 231 1.10 -14.57 34.89
CA ILE D 231 0.56 -14.06 33.63
C ILE D 231 -0.68 -13.22 33.92
N ALA D 232 -1.60 -13.78 34.69
CA ALA D 232 -2.83 -13.10 35.04
C ALA D 232 -2.55 -11.78 35.76
N ALA D 233 -1.67 -11.84 36.76
CA ALA D 233 -1.32 -10.66 37.53
C ALA D 233 -0.75 -9.58 36.61
N ALA D 234 0.05 -9.99 35.64
CA ALA D 234 0.65 -9.03 34.71
C ALA D 234 -0.43 -8.37 33.87
N VAL D 235 -1.36 -9.17 33.37
CA VAL D 235 -2.43 -8.64 32.54
C VAL D 235 -3.27 -7.68 33.37
N LYS D 236 -3.56 -8.08 34.61
CA LYS D 236 -4.36 -7.25 35.49
C LYS D 236 -3.66 -5.93 35.74
N ALA D 237 -2.33 -5.96 35.82
CA ALA D 237 -1.54 -4.75 36.07
C ALA D 237 -1.47 -3.85 34.83
N GLY D 238 -1.90 -4.38 33.70
CA GLY D 238 -1.86 -3.60 32.48
C GLY D 238 -0.55 -3.72 31.73
N ASN D 239 0.30 -4.66 32.17
CA ASN D 239 1.59 -4.86 31.53
C ASN D 239 1.46 -5.87 30.40
N PHE D 240 1.00 -5.37 29.25
CA PHE D 240 0.82 -6.22 28.08
C PHE D 240 0.68 -5.37 26.84
N LYS D 241 0.72 -6.02 25.69
CA LYS D 241 0.59 -5.35 24.41
C LYS D 241 -0.55 -5.99 23.61
N THR D 242 -0.75 -5.48 22.39
CA THR D 242 -1.81 -5.98 21.53
C THR D 242 -1.29 -6.21 20.11
N ILE D 243 -1.78 -7.26 19.46
CA ILE D 243 -1.36 -7.57 18.10
C ILE D 243 -2.48 -7.37 17.07
N GLY D 244 -2.13 -6.74 15.95
CA GLY D 244 -3.09 -6.50 14.89
C GLY D 244 -4.33 -5.74 15.29
N ASP D 245 -5.50 -6.27 14.91
CA ASP D 245 -6.79 -5.65 15.22
C ASP D 245 -7.42 -6.19 16.50
N SER D 246 -6.75 -7.12 17.16
CA SER D 246 -7.30 -7.71 18.38
C SER D 246 -6.98 -6.86 19.61
N LYS D 247 -7.88 -6.86 20.59
CA LYS D 247 -7.70 -6.09 21.81
C LYS D 247 -7.28 -7.03 22.95
N VAL D 248 -7.08 -8.30 22.62
CA VAL D 248 -6.68 -9.30 23.59
C VAL D 248 -5.32 -8.99 24.19
N PRO D 249 -5.23 -9.04 25.52
CA PRO D 249 -3.94 -8.75 26.19
C PRO D 249 -2.93 -9.84 25.83
N VAL D 250 -1.76 -9.42 25.38
CA VAL D 250 -0.70 -10.36 25.01
C VAL D 250 0.60 -10.07 25.78
N VAL D 251 1.18 -11.13 26.33
CA VAL D 251 2.44 -11.03 27.08
C VAL D 251 3.49 -11.88 26.35
N ASP D 252 4.77 -11.50 26.49
CA ASP D 252 5.85 -12.25 25.83
C ASP D 252 6.48 -13.29 26.75
N GLY D 253 6.43 -14.55 26.31
CA GLY D 253 7.01 -15.62 27.11
C GLY D 253 8.20 -16.26 26.41
N ARG D 254 8.78 -15.53 25.47
CA ARG D 254 9.93 -16.00 24.70
C ARG D 254 11.28 -15.78 25.40
N GLY D 255 12.13 -16.79 25.32
CA GLY D 255 13.46 -16.72 25.92
C GLY D 255 13.40 -16.69 27.43
N GLU D 256 14.12 -15.75 28.03
CA GLU D 256 14.13 -15.62 29.48
C GLU D 256 12.93 -14.77 29.90
N SER D 257 11.88 -15.44 30.35
CA SER D 257 10.67 -14.75 30.78
C SER D 257 10.19 -15.29 32.11
N GLU D 258 9.63 -14.40 32.92
CA GLU D 258 9.12 -14.78 34.23
C GLU D 258 7.82 -15.57 34.08
N PHE D 259 7.24 -15.51 32.89
CA PHE D 259 5.97 -16.20 32.61
C PHE D 259 6.14 -17.66 32.23
N THR D 260 7.26 -17.99 31.58
CA THR D 260 7.51 -19.35 31.12
C THR D 260 8.84 -19.98 31.54
N ARG D 261 8.91 -21.31 31.35
CA ARG D 261 10.08 -22.10 31.65
C ARG D 261 10.14 -23.22 30.60
N TYR D 262 11.24 -23.29 29.86
CA TYR D 262 11.39 -24.32 28.83
C TYR D 262 12.21 -25.50 29.30
N ILE D 263 11.53 -26.61 29.56
CA ILE D 263 12.19 -27.83 30.02
C ILE D 263 12.47 -28.76 28.83
N PRO D 264 13.73 -28.86 28.41
CA PRO D 264 14.11 -29.72 27.29
C PRO D 264 13.58 -31.15 27.41
N VAL D 265 12.95 -31.63 26.35
CA VAL D 265 12.40 -32.98 26.31
C VAL D 265 12.77 -33.64 24.98
N PRO D 266 13.10 -34.94 25.01
CA PRO D 266 13.48 -35.75 23.84
C PRO D 266 12.58 -35.78 22.61
N LYS D 267 13.18 -35.30 21.51
CA LYS D 267 12.62 -35.19 20.16
C LYS D 267 11.12 -35.15 19.93
N ASN D 268 10.71 -34.03 19.33
CA ASN D 268 9.32 -33.75 18.98
C ASN D 268 8.26 -34.39 19.87
N PRO D 269 8.32 -34.11 21.18
CA PRO D 269 7.34 -34.66 22.11
C PRO D 269 5.91 -34.33 21.62
N HIS D 270 4.97 -35.26 21.82
CA HIS D 270 3.60 -35.07 21.36
C HIS D 270 2.61 -34.84 22.52
N GLY D 271 2.05 -35.90 23.07
CA GLY D 271 1.10 -35.72 24.14
C GLY D 271 1.70 -35.12 25.41
N LEU D 272 0.84 -34.69 26.33
CA LEU D 272 1.25 -34.12 27.62
C LEU D 272 0.07 -34.35 28.54
N ASN D 273 0.24 -35.27 29.49
CA ASN D 273 -0.85 -35.60 30.40
C ASN D 273 -0.52 -35.41 31.87
N THR D 274 -1.52 -34.99 32.64
CA THR D 274 -1.35 -34.76 34.07
C THR D 274 -1.91 -35.94 34.88
N SER D 275 -1.10 -36.44 35.81
CA SER D 275 -1.49 -37.56 36.65
C SER D 275 -2.58 -37.17 37.66
N PRO D 276 -3.50 -38.10 37.95
CA PRO D 276 -4.61 -37.90 38.88
C PRO D 276 -4.15 -37.41 40.26
N ASP D 277 -2.97 -37.85 40.71
CA ASP D 277 -2.42 -37.43 42.00
C ASP D 277 -2.03 -35.96 41.92
N GLY D 278 -1.90 -35.46 40.70
CA GLY D 278 -1.57 -34.07 40.45
C GLY D 278 -0.15 -33.61 40.71
N LYS D 279 0.82 -34.50 40.58
CA LYS D 279 2.20 -34.10 40.81
C LYS D 279 3.12 -34.32 39.61
N TYR D 280 2.56 -34.90 38.55
CA TYR D 280 3.36 -35.18 37.35
C TYR D 280 2.76 -34.76 35.99
N PHE D 281 3.59 -34.06 35.22
CA PHE D 281 3.25 -33.63 33.86
C PHE D 281 4.03 -34.61 32.99
N ILE D 282 3.34 -35.53 32.32
CA ILE D 282 4.03 -36.51 31.49
C ILE D 282 4.04 -36.23 29.99
N ALA D 283 5.24 -35.96 29.47
CA ALA D 283 5.41 -35.69 28.05
C ALA D 283 5.80 -36.98 27.31
N ASN D 284 5.15 -37.25 26.19
CA ASN D 284 5.44 -38.45 25.39
C ASN D 284 6.53 -38.12 24.35
N GLY D 285 7.60 -38.94 24.34
CA GLY D 285 8.71 -38.70 23.44
C GLY D 285 8.57 -38.84 21.92
N LYS D 286 7.59 -39.60 21.46
CA LYS D 286 7.36 -39.81 20.03
C LYS D 286 8.61 -40.33 19.32
N LEU D 287 9.39 -39.40 18.76
CA LEU D 287 10.62 -39.75 18.05
C LEU D 287 11.64 -40.34 19.02
N SER D 288 11.39 -40.11 20.30
CA SER D 288 12.23 -40.61 21.38
C SER D 288 11.42 -41.73 22.00
N PRO D 289 11.96 -42.96 22.05
CA PRO D 289 11.24 -44.09 22.62
C PRO D 289 11.00 -43.94 24.12
N THR D 290 11.14 -42.71 24.60
CA THR D 290 10.94 -42.41 26.02
C THR D 290 9.67 -41.62 26.34
N VAL D 291 9.60 -41.20 27.60
CA VAL D 291 8.50 -40.43 28.16
C VAL D 291 9.11 -39.63 29.29
N SER D 292 8.99 -38.31 29.25
CA SER D 292 9.57 -37.49 30.31
C SER D 292 8.55 -37.18 31.40
N VAL D 293 8.88 -37.49 32.64
CA VAL D 293 7.97 -37.20 33.76
C VAL D 293 8.46 -35.98 34.52
N ILE D 294 7.69 -34.91 34.48
CA ILE D 294 8.04 -33.68 35.19
C ILE D 294 7.24 -33.56 36.48
N ALA D 295 7.95 -33.22 37.56
CA ALA D 295 7.31 -33.07 38.87
C ALA D 295 6.81 -31.64 39.06
N ILE D 296 5.50 -31.51 39.19
CA ILE D 296 4.87 -30.21 39.36
C ILE D 296 5.35 -29.57 40.67
N ASP D 297 5.70 -30.43 41.62
CA ASP D 297 6.16 -29.99 42.93
C ASP D 297 7.40 -29.09 42.86
N LYS D 298 8.32 -29.39 41.95
CA LYS D 298 9.55 -28.62 41.80
C LYS D 298 9.39 -27.35 40.97
N LEU D 299 8.23 -27.18 40.34
CA LEU D 299 7.97 -26.00 39.50
C LEU D 299 8.13 -24.67 40.23
N ASP D 300 7.68 -24.62 41.48
CA ASP D 300 7.78 -23.39 42.27
C ASP D 300 9.24 -22.94 42.37
N ASP D 301 10.13 -23.88 42.64
CA ASP D 301 11.55 -23.56 42.75
C ASP D 301 12.14 -23.20 41.38
N LEU D 302 11.68 -23.91 40.36
CA LEU D 302 12.18 -23.67 38.99
C LEU D 302 11.91 -22.25 38.53
N PHE D 303 10.80 -21.66 38.97
CA PHE D 303 10.48 -20.29 38.59
C PHE D 303 11.12 -19.32 39.57
N GLU D 304 11.93 -19.87 40.47
CA GLU D 304 12.63 -19.08 41.46
C GLU D 304 14.13 -19.17 41.14
N ASP D 305 14.46 -20.00 40.15
CA ASP D 305 15.84 -20.22 39.72
C ASP D 305 16.65 -20.95 40.78
N LYS D 306 15.96 -21.64 41.67
CA LYS D 306 16.62 -22.39 42.74
C LYS D 306 17.22 -23.67 42.18
N ILE D 307 16.56 -24.26 41.18
CA ILE D 307 17.07 -25.49 40.58
C ILE D 307 17.29 -25.35 39.07
N GLU D 308 17.72 -26.43 38.42
CA GLU D 308 17.99 -26.44 36.99
C GLU D 308 16.73 -26.90 36.25
N LEU D 309 16.64 -26.57 34.96
CA LEU D 309 15.49 -26.95 34.15
C LEU D 309 15.25 -28.45 34.13
N ARG D 310 16.29 -29.23 33.87
CA ARG D 310 16.16 -30.67 33.82
C ARG D 310 15.98 -31.30 35.21
N ASP D 311 16.21 -30.50 36.25
CA ASP D 311 16.08 -30.98 37.62
C ASP D 311 14.66 -31.38 37.94
N THR D 312 13.72 -30.93 37.12
CA THR D 312 12.31 -31.25 37.32
C THR D 312 12.00 -32.66 36.83
N ILE D 313 12.86 -33.20 35.97
CA ILE D 313 12.64 -34.54 35.45
C ILE D 313 12.87 -35.57 36.55
N VAL D 314 11.81 -36.26 36.93
CA VAL D 314 11.89 -37.27 37.96
C VAL D 314 12.10 -38.65 37.34
N ALA D 315 11.84 -38.74 36.03
CA ALA D 315 12.01 -39.99 35.33
C ALA D 315 11.95 -39.72 33.83
N GLU D 316 12.42 -40.67 33.04
CA GLU D 316 12.41 -40.55 31.59
C GLU D 316 12.64 -41.95 31.04
N PRO D 317 11.77 -42.90 31.43
CA PRO D 317 11.82 -44.30 31.03
C PRO D 317 11.58 -44.63 29.56
N GLU D 318 12.42 -45.51 29.03
CA GLU D 318 12.28 -45.96 27.65
C GLU D 318 11.14 -46.98 27.68
N LEU D 319 10.16 -46.83 26.81
CA LEU D 319 9.02 -47.75 26.80
C LEU D 319 8.86 -48.47 25.46
N GLY D 320 9.25 -47.78 24.39
CA GLY D 320 9.10 -48.38 23.08
C GLY D 320 9.08 -47.34 21.98
N LEU D 321 8.87 -47.79 20.75
CA LEU D 321 8.86 -46.91 19.59
C LEU D 321 7.55 -46.15 19.39
N GLY D 322 7.69 -44.84 19.19
CA GLY D 322 6.54 -43.99 18.95
C GLY D 322 5.60 -43.74 20.11
N PRO D 323 6.11 -43.31 21.27
CA PRO D 323 5.22 -43.06 22.41
C PRO D 323 4.49 -41.74 22.12
N LEU D 324 3.15 -41.79 22.05
CA LEU D 324 2.35 -40.60 21.75
C LEU D 324 1.56 -40.02 22.93
N HIS D 325 0.71 -40.84 23.53
CA HIS D 325 -0.11 -40.39 24.66
C HIS D 325 -0.05 -41.29 25.89
N THR D 326 -0.38 -40.72 27.05
CA THR D 326 -0.34 -41.44 28.32
C THR D 326 -1.59 -41.14 29.15
N THR D 327 -2.09 -42.18 29.84
CA THR D 327 -3.27 -42.03 30.68
C THR D 327 -2.96 -42.69 32.04
N PHE D 328 -3.90 -42.62 32.99
CA PHE D 328 -3.66 -43.21 34.31
C PHE D 328 -4.85 -43.98 34.90
N ASP D 329 -4.55 -44.96 35.75
CA ASP D 329 -5.60 -45.75 36.41
C ASP D 329 -5.87 -45.20 37.80
N GLY D 330 -4.96 -44.35 38.28
CA GLY D 330 -5.12 -43.76 39.60
C GLY D 330 -4.62 -44.66 40.71
N ARG D 331 -3.90 -45.71 40.33
CA ARG D 331 -3.35 -46.68 41.26
C ARG D 331 -1.84 -46.68 41.17
N GLY D 332 -1.28 -45.67 40.49
CA GLY D 332 0.16 -45.56 40.37
C GLY D 332 0.73 -46.02 39.03
N ASN D 333 -0.12 -46.64 38.22
CA ASN D 333 0.28 -47.13 36.90
C ASN D 333 -0.14 -46.19 35.77
N ALA D 334 0.71 -46.10 34.75
CA ALA D 334 0.44 -45.27 33.58
C ALA D 334 0.34 -46.16 32.34
N TYR D 335 -0.46 -45.72 31.37
CA TYR D 335 -0.64 -46.48 30.15
C TYR D 335 -0.30 -45.58 28.95
N THR D 336 0.68 -46.00 28.16
CA THR D 336 1.10 -45.22 27.01
C THR D 336 0.95 -45.95 25.68
N THR D 337 0.58 -45.21 24.64
CA THR D 337 0.42 -45.79 23.33
C THR D 337 1.75 -45.71 22.61
N LEU D 338 2.07 -46.77 21.87
CA LEU D 338 3.31 -46.84 21.12
C LEU D 338 2.86 -46.96 19.67
N PHE D 339 2.93 -45.83 18.97
CA PHE D 339 2.49 -45.75 17.58
C PHE D 339 3.13 -46.76 16.65
N ILE D 340 4.46 -46.72 16.60
CA ILE D 340 5.22 -47.61 15.73
C ILE D 340 5.08 -49.08 16.10
N ASP D 341 5.32 -49.41 17.37
CA ASP D 341 5.21 -50.80 17.81
C ASP D 341 3.76 -51.26 17.90
N SER D 342 2.84 -50.34 17.68
CA SER D 342 1.41 -50.63 17.72
C SER D 342 0.96 -51.37 18.98
N GLN D 343 1.09 -50.72 20.12
CA GLN D 343 0.67 -51.36 21.38
C GLN D 343 0.60 -50.40 22.57
N VAL D 344 -0.10 -50.83 23.62
CA VAL D 344 -0.24 -50.04 24.84
C VAL D 344 0.71 -50.58 25.91
N CYS D 345 1.39 -49.68 26.58
CA CYS D 345 2.36 -50.05 27.61
C CYS D 345 1.97 -49.58 29.02
N LYS D 346 1.71 -50.54 29.90
CA LYS D 346 1.37 -50.27 31.29
C LYS D 346 2.67 -50.30 32.07
N TRP D 347 2.95 -49.22 32.79
CA TRP D 347 4.16 -49.13 33.59
C TRP D 347 3.93 -48.36 34.89
N ASN D 348 4.66 -48.75 35.93
CA ASN D 348 4.53 -48.09 37.22
C ASN D 348 5.43 -46.86 37.28
N ILE D 349 4.83 -45.74 37.68
CA ILE D 349 5.54 -44.47 37.74
C ILE D 349 6.60 -44.46 38.84
N ALA D 350 6.28 -45.06 39.98
CA ALA D 350 7.21 -45.12 41.11
C ALA D 350 8.50 -45.83 40.72
N ASP D 351 8.35 -47.04 40.18
CA ASP D 351 9.50 -47.85 39.75
C ASP D 351 10.32 -47.07 38.73
N ALA D 352 9.63 -46.34 37.86
CA ALA D 352 10.29 -45.54 36.85
C ALA D 352 11.11 -44.46 37.56
N ILE D 353 10.57 -43.93 38.65
CA ILE D 353 11.29 -42.92 39.42
C ILE D 353 12.55 -43.60 39.93
N LYS D 354 12.36 -44.75 40.59
CA LYS D 354 13.47 -45.50 41.15
C LYS D 354 14.51 -45.82 40.08
N HIS D 355 14.06 -46.44 38.99
CA HIS D 355 14.95 -46.82 37.89
C HIS D 355 15.77 -45.65 37.33
N TYR D 356 15.24 -44.44 37.40
CA TYR D 356 15.94 -43.27 36.90
C TYR D 356 17.05 -42.83 37.85
N ASN D 357 16.88 -43.14 39.12
CA ASN D 357 17.85 -42.77 40.14
C ASN D 357 19.05 -43.72 40.16
N GLY D 358 18.93 -44.84 39.45
CA GLY D 358 20.01 -45.81 39.40
C GLY D 358 19.60 -47.22 39.80
N ASP D 359 18.37 -47.38 40.25
CA ASP D 359 17.88 -48.69 40.66
C ASP D 359 17.91 -49.66 39.46
N ARG D 360 17.42 -50.87 39.68
CA ARG D 360 17.43 -51.87 38.60
C ARG D 360 16.05 -52.51 38.47
N VAL D 361 15.08 -51.91 39.14
CA VAL D 361 13.71 -52.42 39.13
C VAL D 361 13.08 -52.39 37.74
N ASN D 362 12.07 -53.24 37.55
CA ASN D 362 11.33 -53.31 36.28
C ASN D 362 10.05 -52.49 36.37
N TYR D 363 10.02 -51.37 35.66
CA TYR D 363 8.85 -50.52 35.68
C TYR D 363 7.76 -50.99 34.72
N ILE D 364 8.16 -51.54 33.57
CA ILE D 364 7.18 -52.01 32.59
C ILE D 364 6.47 -53.27 33.13
N ARG D 365 5.15 -53.18 33.24
CA ARG D 365 4.36 -54.30 33.76
C ARG D 365 3.71 -55.11 32.66
N GLN D 366 3.42 -54.48 31.54
CA GLN D 366 2.78 -55.19 30.44
C GLN D 366 2.71 -54.37 29.15
N LYS D 367 2.63 -55.10 28.04
CA LYS D 367 2.51 -54.49 26.71
C LYS D 367 1.43 -55.28 25.98
N LEU D 368 0.39 -54.59 25.52
CA LEU D 368 -0.70 -55.25 24.81
C LEU D 368 -0.73 -54.78 23.37
N ASP D 369 -0.63 -55.73 22.43
CA ASP D 369 -0.64 -55.39 21.01
C ASP D 369 -1.97 -54.77 20.62
N VAL D 370 -1.91 -53.49 20.28
CA VAL D 370 -3.09 -52.74 19.87
C VAL D 370 -3.23 -52.93 18.37
N GLN D 371 -4.46 -52.94 17.88
CA GLN D 371 -4.68 -53.17 16.47
C GLN D 371 -4.44 -52.02 15.50
N TYR D 372 -3.17 -51.91 15.10
CA TYR D 372 -2.68 -50.95 14.12
C TYR D 372 -2.63 -49.46 14.44
N GLN D 373 -1.41 -49.00 14.73
CA GLN D 373 -1.10 -47.61 15.05
C GLN D 373 -2.00 -46.89 16.04
N PRO D 374 -1.61 -46.89 17.33
CA PRO D 374 -2.37 -46.23 18.39
C PRO D 374 -2.19 -44.73 18.36
N GLY D 375 -3.21 -44.01 18.81
CA GLY D 375 -3.13 -42.55 18.85
C GLY D 375 -3.32 -42.06 20.27
N HIS D 376 -4.52 -41.57 20.58
CA HIS D 376 -4.85 -41.13 21.93
C HIS D 376 -5.20 -42.30 22.80
N ASN D 377 -4.97 -42.07 24.09
CA ASN D 377 -5.19 -43.09 25.09
C ASN D 377 -6.12 -42.47 26.14
N HIS D 378 -7.03 -43.27 26.70
CA HIS D 378 -7.93 -42.70 27.70
C HIS D 378 -8.46 -43.72 28.70
N ALA D 379 -8.24 -43.44 29.98
CA ALA D 379 -8.69 -44.29 31.08
C ALA D 379 -9.77 -43.54 31.85
N SER D 380 -10.89 -44.22 32.10
CA SER D 380 -12.02 -43.62 32.81
C SER D 380 -11.69 -42.69 33.98
N LEU D 381 -12.15 -41.43 33.87
CA LEU D 381 -11.95 -40.43 34.91
C LEU D 381 -10.50 -40.06 35.17
N THR D 382 -9.63 -40.32 34.19
CA THR D 382 -8.22 -40.04 34.31
C THR D 382 -7.84 -38.56 34.47
N GLU D 383 -8.70 -37.65 34.04
CA GLU D 383 -8.38 -36.23 34.13
C GLU D 383 -8.84 -35.61 35.44
N SER D 384 -9.36 -36.45 36.32
CA SER D 384 -9.88 -36.00 37.61
C SER D 384 -9.25 -36.75 38.78
N ARG D 385 -9.50 -36.25 39.99
CA ARG D 385 -9.00 -36.88 41.21
C ARG D 385 -9.56 -38.27 41.35
N ASP D 386 -10.79 -38.46 40.88
CA ASP D 386 -11.47 -39.73 41.00
C ASP D 386 -11.20 -40.79 39.94
N ALA D 387 -10.01 -40.78 39.35
CA ALA D 387 -9.64 -41.78 38.33
C ALA D 387 -9.83 -43.20 38.89
N ASP D 388 -10.89 -43.88 38.44
CA ASP D 388 -11.18 -45.23 38.92
C ASP D 388 -10.40 -46.35 38.23
N GLY D 389 -9.70 -46.03 37.15
CA GLY D 389 -8.94 -47.06 36.44
C GLY D 389 -9.70 -48.35 36.16
N LYS D 390 -10.93 -48.22 35.66
CA LYS D 390 -11.78 -49.37 35.36
C LYS D 390 -11.74 -49.72 33.87
N TRP D 391 -11.75 -48.68 33.02
CA TRP D 391 -11.75 -48.86 31.58
C TRP D 391 -10.65 -48.09 30.86
N LEU D 392 -10.23 -48.65 29.72
CA LEU D 392 -9.19 -48.04 28.92
C LEU D 392 -9.62 -48.03 27.46
N VAL D 393 -9.42 -46.90 26.80
CA VAL D 393 -9.76 -46.77 25.40
C VAL D 393 -8.52 -46.38 24.60
N VAL D 394 -8.26 -47.13 23.53
CA VAL D 394 -7.13 -46.88 22.65
C VAL D 394 -7.72 -46.59 21.29
N LEU D 395 -7.40 -45.41 20.75
CA LEU D 395 -7.93 -45.01 19.45
C LEU D 395 -6.86 -45.08 18.36
N SER D 396 -6.91 -46.17 17.60
CA SER D 396 -5.95 -46.44 16.53
C SER D 396 -6.30 -45.72 15.24
N LYS D 397 -5.29 -45.52 14.40
CA LYS D 397 -5.46 -44.83 13.13
C LYS D 397 -5.59 -45.77 11.93
N PHE D 398 -5.50 -47.08 12.17
CA PHE D 398 -5.63 -48.05 11.07
C PHE D 398 -6.49 -49.23 11.53
N SER D 399 -7.26 -49.79 10.61
CA SER D 399 -8.12 -50.93 10.99
C SER D 399 -7.81 -52.16 10.13
N LYS D 400 -7.20 -51.92 8.97
CA LYS D 400 -6.83 -52.98 8.04
C LYS D 400 -7.86 -54.09 7.92
N ASP D 401 -7.60 -55.21 8.60
CA ASP D 401 -8.47 -56.39 8.54
C ASP D 401 -9.45 -56.52 9.69
N ARG D 402 -9.44 -55.57 10.62
CA ARG D 402 -10.32 -55.61 11.79
C ARG D 402 -11.84 -55.65 11.51
N PHE D 403 -12.27 -55.07 10.40
CA PHE D 403 -13.71 -55.07 10.05
C PHE D 403 -13.89 -55.39 8.58
N LEU D 404 -15.14 -55.58 8.17
CA LEU D 404 -15.46 -55.89 6.78
C LEU D 404 -14.92 -54.81 5.86
N PRO D 405 -14.36 -55.20 4.71
CA PRO D 405 -13.83 -54.19 3.78
C PRO D 405 -14.95 -53.26 3.33
N VAL D 406 -14.65 -51.96 3.28
CA VAL D 406 -15.65 -50.97 2.87
C VAL D 406 -15.10 -49.96 1.88
N GLY D 407 -14.06 -50.35 1.15
CA GLY D 407 -13.48 -49.46 0.16
C GLY D 407 -12.13 -48.93 0.60
N PRO D 408 -11.41 -48.25 -0.30
CA PRO D 408 -10.09 -47.68 -0.03
C PRO D 408 -10.04 -46.97 1.32
N LEU D 409 -11.16 -46.34 1.68
CA LEU D 409 -11.23 -45.64 2.95
C LEU D 409 -11.60 -46.66 4.02
N HIS D 410 -10.79 -46.74 5.07
CA HIS D 410 -11.07 -47.67 6.16
C HIS D 410 -11.49 -46.90 7.40
N PRO D 411 -12.30 -47.52 8.26
CA PRO D 411 -12.74 -46.84 9.47
C PRO D 411 -11.61 -46.98 10.48
N GLU D 412 -11.62 -46.14 11.52
CA GLU D 412 -10.60 -46.21 12.53
C GLU D 412 -11.03 -47.30 13.52
N ASN D 413 -10.14 -47.68 14.42
CA ASN D 413 -10.50 -48.70 15.40
C ASN D 413 -10.17 -48.27 16.82
N ASP D 414 -11.22 -47.95 17.58
CA ASP D 414 -11.05 -47.54 18.97
C ASP D 414 -11.37 -48.78 19.80
N GLN D 415 -10.33 -49.36 20.39
CA GLN D 415 -10.51 -50.58 21.18
C GLN D 415 -10.72 -50.34 22.67
N LEU D 416 -11.72 -51.03 23.21
CA LEU D 416 -12.08 -50.94 24.62
C LEU D 416 -11.29 -52.01 25.37
N ILE D 417 -10.52 -51.58 26.37
CA ILE D 417 -9.72 -52.51 27.16
C ILE D 417 -10.08 -52.46 28.65
N ASP D 418 -10.22 -53.62 29.26
CA ASP D 418 -10.54 -53.71 30.69
C ASP D 418 -9.21 -53.59 31.45
N ILE D 419 -9.11 -52.60 32.33
CA ILE D 419 -7.89 -52.40 33.10
C ILE D 419 -8.11 -52.43 34.61
N SER D 420 -9.27 -52.92 35.02
CA SER D 420 -9.60 -53.00 36.45
C SER D 420 -8.74 -54.05 37.17
N GLY D 421 -8.02 -54.84 36.39
CA GLY D 421 -7.17 -55.88 36.97
C GLY D 421 -5.70 -55.60 36.83
N GLU D 422 -4.88 -56.64 37.03
CA GLU D 422 -3.43 -56.49 36.94
C GLU D 422 -2.94 -56.58 35.50
N GLU D 423 -3.79 -57.12 34.62
CA GLU D 423 -3.44 -57.25 33.22
C GLU D 423 -4.49 -56.66 32.28
N MET D 424 -4.01 -56.01 31.23
CA MET D 424 -4.88 -55.39 30.24
C MET D 424 -5.51 -56.48 29.38
N LYS D 425 -6.83 -56.40 29.22
CA LYS D 425 -7.54 -57.38 28.42
C LYS D 425 -8.39 -56.68 27.35
N LEU D 426 -8.20 -57.07 26.10
CA LEU D 426 -8.97 -56.51 25.00
C LEU D 426 -10.38 -57.01 25.16
N VAL D 427 -11.36 -56.13 25.00
CA VAL D 427 -12.75 -56.50 25.18
C VAL D 427 -13.64 -56.21 23.97
N HIS D 428 -13.37 -55.12 23.28
CA HIS D 428 -14.20 -54.76 22.14
C HIS D 428 -13.51 -53.87 21.14
N ASP D 429 -13.77 -54.16 19.86
CA ASP D 429 -13.22 -53.38 18.74
C ASP D 429 -14.34 -52.47 18.21
N GLY D 430 -14.13 -51.17 18.30
CA GLY D 430 -15.14 -50.24 17.84
C GLY D 430 -14.78 -49.51 16.56
N PRO D 431 -15.50 -49.80 15.46
CA PRO D 431 -15.22 -49.13 14.18
C PRO D 431 -15.75 -47.68 14.25
N THR D 432 -14.93 -46.73 13.81
CA THR D 432 -15.30 -45.32 13.84
C THR D 432 -14.95 -44.65 12.52
N TYR D 433 -15.75 -43.65 12.16
CA TYR D 433 -15.56 -42.91 10.92
C TYR D 433 -14.68 -41.68 11.14
N ALA D 434 -14.30 -41.04 10.04
CA ALA D 434 -13.50 -39.82 10.03
C ALA D 434 -12.67 -39.56 11.27
N GLU D 435 -11.61 -40.34 11.36
CA GLU D 435 -10.62 -40.27 12.43
C GLU D 435 -10.83 -39.51 13.74
N PRO D 436 -11.35 -40.20 14.77
CA PRO D 436 -11.51 -39.46 16.04
C PRO D 436 -10.14 -39.44 16.72
N HIS D 437 -9.91 -38.53 17.64
CA HIS D 437 -8.59 -38.47 18.27
C HIS D 437 -8.65 -38.82 19.72
N ASP D 438 -8.99 -37.86 20.58
CA ASP D 438 -9.06 -38.15 21.99
C ASP D 438 -10.54 -38.24 22.32
N CYS D 439 -10.84 -38.68 23.54
CA CYS D 439 -12.23 -38.79 23.99
C CYS D 439 -12.22 -38.65 25.50
N ILE D 440 -13.41 -38.56 26.10
CA ILE D 440 -13.49 -38.43 27.54
C ILE D 440 -14.71 -39.14 28.12
N LEU D 441 -14.46 -40.02 29.08
CA LEU D 441 -15.54 -40.77 29.74
C LEU D 441 -15.92 -40.13 31.07
N VAL D 442 -17.22 -40.12 31.34
CA VAL D 442 -17.75 -39.58 32.59
C VAL D 442 -18.82 -40.55 33.07
N ARG D 443 -18.99 -40.66 34.39
CA ARG D 443 -20.00 -41.56 34.93
C ARG D 443 -21.39 -41.05 34.54
N ARG D 444 -22.32 -41.98 34.43
CA ARG D 444 -23.68 -41.64 34.08
C ARG D 444 -24.25 -40.55 35.00
N ASP D 445 -23.93 -40.63 36.29
CA ASP D 445 -24.44 -39.68 37.27
C ASP D 445 -23.79 -38.29 37.29
N GLN D 446 -22.72 -38.10 36.51
CA GLN D 446 -22.03 -36.82 36.49
C GLN D 446 -22.66 -35.84 35.49
N ILE D 447 -23.64 -36.32 34.72
CA ILE D 447 -24.35 -35.52 33.71
C ILE D 447 -25.85 -35.39 33.99
N LYS D 448 -26.32 -34.15 34.10
CA LYS D 448 -27.72 -33.86 34.34
C LYS D 448 -28.37 -33.27 33.09
N THR D 449 -29.07 -34.14 32.37
CA THR D 449 -29.75 -33.82 31.12
C THR D 449 -31.19 -33.33 31.29
N LYS D 450 -31.66 -32.54 30.34
CA LYS D 450 -33.03 -32.04 30.35
C LYS D 450 -33.77 -32.74 29.20
N LYS D 451 -35.07 -32.98 29.34
CA LYS D 451 -35.82 -33.67 28.31
C LYS D 451 -36.65 -32.75 27.41
N ILE D 452 -37.07 -31.60 27.95
CA ILE D 452 -37.84 -30.63 27.17
C ILE D 452 -37.31 -29.23 27.51
N TYR D 453 -37.42 -28.31 26.56
CA TYR D 453 -36.94 -26.94 26.72
C TYR D 453 -37.82 -26.01 27.54
N GLU D 454 -37.19 -25.01 28.15
CA GLU D 454 -37.88 -23.99 28.92
C GLU D 454 -38.04 -22.82 27.95
N ARG D 455 -39.23 -22.26 27.85
CA ARG D 455 -39.45 -21.16 26.92
C ARG D 455 -38.46 -20.01 27.01
N ASN D 456 -37.74 -19.89 28.11
CA ASN D 456 -36.77 -18.82 28.29
C ASN D 456 -35.35 -19.29 28.03
N ASP D 457 -35.21 -20.42 27.35
CA ASP D 457 -33.89 -20.97 27.08
C ASP D 457 -33.08 -20.11 26.12
N PRO D 458 -31.78 -19.93 26.40
CA PRO D 458 -30.85 -19.13 25.58
C PRO D 458 -30.67 -19.60 24.13
N TYR D 459 -31.03 -20.85 23.86
CA TYR D 459 -30.88 -21.42 22.51
C TYR D 459 -31.86 -20.85 21.47
N PHE D 460 -32.75 -19.96 21.89
CA PHE D 460 -33.66 -19.33 20.95
C PHE D 460 -34.09 -17.95 21.46
N ALA D 461 -33.22 -17.34 22.24
CA ALA D 461 -33.44 -16.02 22.82
C ALA D 461 -33.57 -14.96 21.73
N SER D 462 -32.86 -15.15 20.62
CA SER D 462 -32.90 -14.23 19.50
C SER D 462 -34.25 -14.37 18.79
N CYS D 463 -34.76 -15.59 18.77
CA CYS D 463 -36.04 -15.86 18.14
C CYS D 463 -37.17 -15.11 18.85
N ARG D 464 -37.19 -15.15 20.19
CA ARG D 464 -38.25 -14.46 20.91
C ARG D 464 -37.98 -12.98 21.08
N ALA D 465 -36.80 -12.54 20.66
CA ALA D 465 -36.45 -11.13 20.72
C ALA D 465 -37.06 -10.48 19.48
N GLN D 466 -37.01 -11.23 18.38
CA GLN D 466 -37.55 -10.79 17.10
C GLN D 466 -39.08 -10.94 17.14
N ALA D 467 -39.54 -11.96 17.85
CA ALA D 467 -40.96 -12.18 17.99
C ALA D 467 -41.56 -11.03 18.78
N GLU D 468 -40.87 -10.66 19.85
CA GLU D 468 -41.30 -9.55 20.70
C GLU D 468 -41.44 -8.29 19.86
N LYS D 469 -40.42 -8.00 19.05
CA LYS D 469 -40.49 -6.83 18.21
C LYS D 469 -41.73 -6.90 17.34
N ASP D 470 -41.95 -8.04 16.71
CA ASP D 470 -43.11 -8.20 15.84
C ASP D 470 -44.40 -8.41 16.61
N GLY D 471 -44.35 -8.30 17.93
CA GLY D 471 -45.54 -8.48 18.73
C GLY D 471 -46.24 -9.82 18.59
N VAL D 472 -45.47 -10.89 18.45
CA VAL D 472 -46.06 -12.21 18.31
C VAL D 472 -45.70 -13.09 19.51
N THR D 473 -46.65 -13.92 19.91
CA THR D 473 -46.42 -14.85 21.02
C THR D 473 -46.13 -16.18 20.34
N LEU D 474 -44.91 -16.67 20.55
CA LEU D 474 -44.46 -17.90 19.93
C LEU D 474 -45.22 -19.18 20.30
N GLU D 475 -45.86 -19.19 21.45
CA GLU D 475 -46.58 -20.39 21.85
C GLU D 475 -47.99 -20.52 21.32
N SER D 476 -48.55 -19.44 20.77
CA SER D 476 -49.92 -19.50 20.28
C SER D 476 -50.23 -18.80 18.94
N ASP D 477 -49.35 -17.90 18.51
CA ASP D 477 -49.57 -17.17 17.26
C ASP D 477 -49.17 -17.91 15.98
N ASN D 478 -49.85 -17.57 14.89
CA ASN D 478 -49.59 -18.13 13.56
C ASN D 478 -49.75 -16.96 12.61
N LYS D 479 -48.70 -16.14 12.51
CA LYS D 479 -48.73 -14.95 11.68
C LYS D 479 -47.70 -14.90 10.55
N VAL D 480 -47.98 -14.05 9.57
CA VAL D 480 -47.09 -13.85 8.45
C VAL D 480 -46.90 -12.34 8.39
N ILE D 481 -45.65 -11.90 8.52
CA ILE D 481 -45.35 -10.47 8.50
C ILE D 481 -44.47 -10.08 7.30
N ARG D 482 -44.94 -9.12 6.51
CA ARG D 482 -44.20 -8.66 5.33
C ARG D 482 -43.63 -7.29 5.60
N ASP D 483 -42.31 -7.20 5.42
CA ASP D 483 -41.58 -5.97 5.66
C ASP D 483 -40.71 -5.72 4.41
N GLY D 484 -41.34 -5.31 3.32
CA GLY D 484 -40.59 -5.06 2.10
C GLY D 484 -40.23 -6.33 1.34
N ASN D 485 -38.95 -6.66 1.28
CA ASN D 485 -38.48 -7.85 0.58
C ASN D 485 -38.38 -9.04 1.54
N LYS D 486 -38.57 -8.77 2.82
CA LYS D 486 -38.48 -9.78 3.86
C LYS D 486 -39.86 -10.26 4.27
N VAL D 487 -39.97 -11.56 4.54
CA VAL D 487 -41.23 -12.17 4.97
C VAL D 487 -40.96 -13.06 6.18
N ARG D 488 -41.54 -12.72 7.32
CA ARG D 488 -41.34 -13.53 8.50
C ARG D 488 -42.61 -14.34 8.80
N VAL D 489 -42.46 -15.65 8.79
CA VAL D 489 -43.58 -16.55 9.05
C VAL D 489 -43.44 -17.21 10.43
N TYR D 490 -44.46 -17.05 11.27
CA TYR D 490 -44.45 -17.67 12.60
C TYR D 490 -45.50 -18.76 12.66
N MET D 491 -45.05 -19.98 12.93
CA MET D 491 -45.91 -21.15 13.01
C MET D 491 -45.81 -21.83 14.36
N THR D 492 -46.84 -22.61 14.66
CA THR D 492 -46.89 -23.34 15.90
C THR D 492 -47.02 -24.79 15.44
N SER D 493 -46.70 -25.75 16.30
CA SER D 493 -46.80 -27.14 15.86
C SER D 493 -47.15 -28.14 16.96
N VAL D 494 -48.08 -29.03 16.64
CA VAL D 494 -48.52 -30.08 17.56
C VAL D 494 -49.09 -31.24 16.76
N ALA D 495 -49.08 -32.43 17.36
CA ALA D 495 -49.62 -33.63 16.71
C ALA D 495 -49.15 -33.67 15.26
N PRO D 496 -50.02 -34.06 14.31
CA PRO D 496 -49.46 -34.04 12.96
C PRO D 496 -49.86 -32.81 12.15
N GLN D 497 -49.76 -31.63 12.75
CA GLN D 497 -50.14 -30.41 12.04
C GLN D 497 -49.36 -29.13 12.36
N TYR D 498 -49.13 -28.34 11.33
CA TYR D 498 -48.46 -27.05 11.49
C TYR D 498 -49.62 -26.08 11.68
N GLY D 499 -49.42 -25.05 12.49
CA GLY D 499 -50.50 -24.11 12.73
C GLY D 499 -50.87 -23.29 11.50
N MET D 500 -50.12 -23.53 10.43
CA MET D 500 -50.33 -22.83 9.17
C MET D 500 -49.94 -23.80 8.06
N THR D 501 -50.80 -23.95 7.05
CA THR D 501 -50.49 -24.89 5.97
C THR D 501 -50.37 -24.22 4.61
N ASP D 502 -50.31 -22.91 4.60
CA ASP D 502 -50.22 -22.21 3.34
C ASP D 502 -49.83 -20.75 3.59
N PHE D 503 -48.91 -20.23 2.78
CA PHE D 503 -48.50 -18.83 2.87
C PHE D 503 -47.86 -18.44 1.54
N LYS D 504 -48.02 -17.17 1.18
CA LYS D 504 -47.51 -16.69 -0.09
C LYS D 504 -46.38 -15.71 0.07
N VAL D 505 -45.46 -15.76 -0.89
CA VAL D 505 -44.32 -14.85 -0.93
C VAL D 505 -44.00 -14.57 -2.39
N LYS D 506 -43.17 -13.55 -2.62
CA LYS D 506 -42.76 -13.18 -3.96
C LYS D 506 -41.34 -13.64 -4.24
N GLU D 507 -41.11 -14.11 -5.46
CA GLU D 507 -39.81 -14.59 -5.89
C GLU D 507 -38.70 -13.63 -5.47
N GLY D 508 -37.67 -14.18 -4.83
CA GLY D 508 -36.54 -13.38 -4.40
C GLY D 508 -36.69 -12.81 -3.01
N ASP D 509 -37.81 -13.12 -2.35
CA ASP D 509 -38.02 -12.62 -0.99
C ASP D 509 -37.13 -13.37 0.01
N GLU D 510 -36.71 -12.67 1.05
CA GLU D 510 -35.90 -13.30 2.09
C GLU D 510 -36.88 -13.78 3.15
N VAL D 511 -37.22 -15.06 3.06
CA VAL D 511 -38.17 -15.70 3.94
C VAL D 511 -37.55 -16.31 5.19
N THR D 512 -38.11 -15.98 6.34
CA THR D 512 -37.66 -16.50 7.62
C THR D 512 -38.84 -17.19 8.28
N VAL D 513 -38.71 -18.49 8.57
CA VAL D 513 -39.77 -19.24 9.21
C VAL D 513 -39.40 -19.65 10.64
N TYR D 514 -40.28 -19.36 11.59
CA TYR D 514 -40.07 -19.72 12.99
C TYR D 514 -41.09 -20.79 13.37
N ILE D 515 -40.63 -21.94 13.83
CA ILE D 515 -41.53 -23.02 14.23
C ILE D 515 -41.37 -23.29 15.71
N THR D 516 -42.49 -23.37 16.43
CA THR D 516 -42.43 -23.62 17.87
C THR D 516 -43.18 -24.91 18.18
N ASN D 517 -42.49 -25.90 18.74
CA ASN D 517 -43.10 -27.20 19.06
C ASN D 517 -43.83 -27.13 20.41
N LEU D 518 -45.16 -27.11 20.37
CA LEU D 518 -45.94 -27.01 21.60
C LEU D 518 -46.13 -28.34 22.35
N ASP D 519 -45.80 -29.45 21.72
CA ASP D 519 -45.93 -30.76 22.37
C ASP D 519 -45.04 -30.73 23.61
N MET D 520 -45.40 -31.51 24.63
CA MET D 520 -44.61 -31.55 25.86
C MET D 520 -44.19 -32.95 26.22
N VAL D 521 -44.51 -33.91 25.35
CA VAL D 521 -44.14 -35.29 25.60
C VAL D 521 -42.68 -35.47 25.17
N GLU D 522 -41.86 -36.02 26.06
CA GLU D 522 -40.47 -36.24 25.72
C GLU D 522 -40.34 -37.02 24.42
N ASP D 523 -39.27 -36.73 23.67
CA ASP D 523 -38.95 -37.41 22.41
C ASP D 523 -39.85 -37.09 21.20
N VAL D 524 -40.91 -36.32 21.42
CA VAL D 524 -41.82 -35.95 20.34
C VAL D 524 -41.27 -34.71 19.65
N THR D 525 -40.26 -34.92 18.80
CA THR D 525 -39.62 -33.84 18.08
C THR D 525 -40.21 -33.62 16.71
N HIS D 526 -40.18 -32.36 16.27
CA HIS D 526 -40.68 -32.02 14.95
C HIS D 526 -39.57 -31.41 14.12
N GLY D 527 -39.75 -31.50 12.81
CA GLY D 527 -38.77 -30.94 11.90
C GLY D 527 -39.44 -30.03 10.89
N PHE D 528 -38.63 -29.46 10.01
CA PHE D 528 -39.13 -28.58 8.97
C PHE D 528 -38.15 -28.60 7.80
N CYS D 529 -38.69 -28.81 6.60
CA CYS D 529 -37.87 -28.82 5.40
C CYS D 529 -38.68 -28.21 4.25
N MET D 530 -38.08 -27.24 3.58
CA MET D 530 -38.75 -26.60 2.45
C MET D 530 -38.13 -27.19 1.20
N VAL D 531 -38.92 -27.96 0.45
CA VAL D 531 -38.47 -28.61 -0.76
C VAL D 531 -37.73 -27.70 -1.75
N ASN D 532 -36.63 -28.23 -2.26
CA ASN D 532 -35.78 -27.52 -3.21
C ASN D 532 -35.23 -26.19 -2.72
N HIS D 533 -35.29 -25.94 -1.42
CA HIS D 533 -34.78 -24.70 -0.89
C HIS D 533 -33.63 -24.93 0.08
N GLY D 534 -33.14 -26.18 0.09
CA GLY D 534 -32.02 -26.55 0.94
C GLY D 534 -32.12 -26.08 2.38
N VAL D 535 -33.26 -26.34 2.99
CA VAL D 535 -33.49 -25.94 4.36
C VAL D 535 -34.04 -27.09 5.18
N SER D 536 -33.61 -27.16 6.43
CA SER D 536 -34.04 -28.21 7.34
C SER D 536 -33.70 -27.75 8.76
N MET D 537 -34.48 -28.18 9.74
CA MET D 537 -34.20 -27.79 11.11
C MET D 537 -34.89 -28.66 12.16
N GLU D 538 -34.34 -28.67 13.35
CA GLU D 538 -34.90 -29.45 14.43
C GLU D 538 -35.76 -28.58 15.35
N ILE D 539 -36.85 -29.16 15.82
CA ILE D 539 -37.73 -28.47 16.72
C ILE D 539 -38.22 -29.49 17.75
N SER D 540 -37.43 -29.61 18.82
CA SER D 540 -37.76 -30.53 19.89
C SER D 540 -38.83 -29.89 20.76
N PRO D 541 -39.44 -30.68 21.65
CA PRO D 541 -40.49 -30.24 22.56
C PRO D 541 -40.21 -28.90 23.23
N GLN D 542 -41.14 -27.96 23.03
CA GLN D 542 -41.06 -26.62 23.62
C GLN D 542 -39.97 -25.73 23.03
N GLN D 543 -39.29 -26.21 22.00
CA GLN D 543 -38.22 -25.42 21.39
C GLN D 543 -38.73 -24.61 20.20
N THR D 544 -38.05 -23.49 19.93
CA THR D 544 -38.38 -22.64 18.78
C THR D 544 -37.11 -22.57 17.94
N ALA D 545 -37.25 -22.79 16.65
CA ALA D 545 -36.11 -22.75 15.75
C ALA D 545 -36.48 -21.96 14.51
N SER D 546 -35.52 -21.30 13.88
CA SER D 546 -35.82 -20.53 12.69
C SER D 546 -34.79 -20.78 11.60
N VAL D 547 -35.19 -20.51 10.37
CA VAL D 547 -34.30 -20.71 9.24
C VAL D 547 -34.74 -19.78 8.12
N THR D 548 -33.82 -18.96 7.64
CA THR D 548 -34.15 -18.06 6.55
C THR D 548 -33.52 -18.52 5.24
N PHE D 549 -34.25 -18.31 4.15
CA PHE D 549 -33.80 -18.71 2.82
C PHE D 549 -34.43 -17.76 1.80
N THR D 550 -33.89 -17.74 0.58
CA THR D 550 -34.45 -16.88 -0.45
C THR D 550 -35.42 -17.70 -1.29
N ALA D 551 -36.59 -17.13 -1.54
CA ALA D 551 -37.61 -17.81 -2.32
C ALA D 551 -37.14 -17.94 -3.76
N GLY D 552 -37.19 -19.17 -4.27
CA GLY D 552 -36.76 -19.43 -5.64
C GLY D 552 -37.70 -18.92 -6.72
N LYS D 553 -37.66 -19.54 -7.89
CA LYS D 553 -38.53 -19.13 -9.00
C LYS D 553 -40.00 -19.36 -8.66
N PRO D 554 -40.89 -18.51 -9.18
CA PRO D 554 -42.32 -18.66 -8.90
C PRO D 554 -42.83 -20.08 -9.08
N GLY D 555 -43.76 -20.46 -8.23
CA GLY D 555 -44.32 -21.81 -8.30
C GLY D 555 -44.71 -22.33 -6.93
N VAL D 556 -45.08 -23.60 -6.87
CA VAL D 556 -45.47 -24.23 -5.62
C VAL D 556 -44.28 -24.97 -5.00
N TYR D 557 -44.13 -24.84 -3.69
CA TYR D 557 -43.06 -25.50 -2.97
C TYR D 557 -43.61 -26.02 -1.64
N TRP D 558 -43.74 -27.34 -1.53
CA TRP D 558 -44.26 -27.93 -0.32
C TRP D 558 -43.22 -27.91 0.80
N TYR D 559 -43.69 -27.98 2.04
CA TYR D 559 -42.81 -28.03 3.19
C TYR D 559 -43.38 -29.14 4.05
N TYR D 560 -42.51 -29.87 4.74
CA TYR D 560 -43.00 -30.97 5.55
C TYR D 560 -42.14 -31.27 6.77
N CYS D 561 -42.69 -32.05 7.69
CA CYS D 561 -41.99 -32.45 8.90
C CYS D 561 -41.11 -33.62 8.54
N ASN D 562 -39.82 -33.51 8.80
CA ASN D 562 -38.90 -34.58 8.47
C ASN D 562 -38.56 -35.43 9.70
N TRP D 563 -39.24 -35.14 10.80
CA TRP D 563 -39.04 -35.88 12.05
C TRP D 563 -40.29 -36.69 12.39
N PHE D 564 -40.25 -38.00 12.14
CA PHE D 564 -41.39 -38.85 12.41
C PHE D 564 -41.86 -38.59 13.83
N CYS D 565 -43.11 -38.17 13.96
CA CYS D 565 -43.67 -37.81 15.26
C CYS D 565 -45.10 -38.27 15.54
N HIS D 566 -45.74 -38.92 14.57
CA HIS D 566 -47.12 -39.31 14.76
C HIS D 566 -47.50 -40.27 13.64
N ALA D 567 -48.61 -40.97 13.79
CA ALA D 567 -49.06 -41.90 12.77
C ALA D 567 -49.36 -41.14 11.48
N LEU D 568 -49.76 -39.89 11.60
CA LEU D 568 -50.08 -39.06 10.44
C LEU D 568 -48.93 -38.15 10.01
N HIS D 569 -47.71 -38.62 10.24
CA HIS D 569 -46.49 -37.90 9.90
C HIS D 569 -46.46 -37.45 8.42
N MET D 570 -46.69 -38.38 7.52
CA MET D 570 -46.66 -38.08 6.08
C MET D 570 -47.55 -36.90 5.71
N GLU D 571 -48.66 -36.76 6.40
CA GLU D 571 -49.61 -35.68 6.13
C GLU D 571 -49.25 -34.35 6.79
N MET D 572 -48.31 -34.36 7.74
CA MET D 572 -47.94 -33.11 8.39
C MET D 572 -47.15 -32.28 7.37
N VAL D 573 -47.88 -31.52 6.56
CA VAL D 573 -47.28 -30.72 5.51
C VAL D 573 -47.76 -29.27 5.40
N GLY D 574 -47.40 -28.65 4.28
CA GLY D 574 -47.78 -27.27 4.01
C GLY D 574 -47.33 -26.89 2.62
N ARG D 575 -47.71 -25.70 2.15
CA ARG D 575 -47.32 -25.27 0.81
C ARG D 575 -46.94 -23.80 0.79
N MET D 576 -45.80 -23.49 0.18
CA MET D 576 -45.36 -22.12 0.06
C MET D 576 -45.63 -21.73 -1.39
N LEU D 577 -46.36 -20.63 -1.56
CA LEU D 577 -46.69 -20.15 -2.90
C LEU D 577 -45.82 -18.95 -3.24
N VAL D 578 -45.00 -19.12 -4.27
CA VAL D 578 -44.11 -18.05 -4.70
C VAL D 578 -44.66 -17.51 -6.01
N GLU D 579 -44.99 -16.21 -6.01
CA GLU D 579 -45.53 -15.58 -7.20
C GLU D 579 -44.54 -14.59 -7.80
N ALA D 580 -44.67 -14.38 -9.11
CA ALA D 580 -43.80 -13.47 -9.82
C ALA D 580 -43.91 -12.11 -9.16
N ALA D 581 -42.75 -11.49 -8.92
CA ALA D 581 -42.68 -10.18 -8.29
C ALA D 581 -43.24 -9.08 -9.20
N ALA E 10 66.20 13.09 -10.79
CA ALA E 10 65.56 11.96 -10.06
C ALA E 10 64.60 12.46 -8.99
N HIS E 11 64.63 13.76 -8.75
CA HIS E 11 63.78 14.38 -7.74
C HIS E 11 62.87 15.45 -8.37
N VAL E 12 61.63 15.51 -7.92
CA VAL E 12 60.68 16.50 -8.43
C VAL E 12 60.12 17.31 -7.27
N ALA E 13 60.57 18.56 -7.17
CA ALA E 13 60.13 19.45 -6.09
C ALA E 13 58.78 20.10 -6.36
N PRO E 14 58.19 20.71 -5.32
CA PRO E 14 56.90 21.38 -5.42
C PRO E 14 56.93 22.47 -6.48
N GLY E 15 56.03 22.37 -7.46
CA GLY E 15 55.99 23.34 -8.54
C GLY E 15 56.56 22.77 -9.82
N GLU E 16 57.49 21.82 -9.69
CA GLU E 16 58.11 21.18 -10.85
C GLU E 16 57.24 20.03 -11.34
N LEU E 17 57.39 19.71 -12.63
CA LEU E 17 56.62 18.63 -13.25
C LEU E 17 57.51 17.42 -13.60
N ASP E 18 56.88 16.24 -13.70
CA ASP E 18 57.63 15.04 -14.04
C ASP E 18 57.99 15.10 -15.53
N GLU E 19 58.93 14.26 -15.95
CA GLU E 19 59.36 14.24 -17.34
C GLU E 19 58.68 13.18 -18.20
N TYR E 20 58.19 12.12 -17.57
CA TYR E 20 57.52 11.06 -18.31
C TYR E 20 56.20 10.72 -17.67
N TYR E 21 55.33 10.09 -18.46
CA TYR E 21 54.05 9.64 -17.95
C TYR E 21 54.31 8.16 -17.75
N GLY E 22 53.76 7.60 -16.68
CA GLY E 22 53.95 6.18 -16.44
C GLY E 22 52.59 5.55 -16.40
N PHE E 23 52.34 4.59 -17.27
CA PHE E 23 51.05 3.92 -17.26
C PHE E 23 51.19 2.53 -16.67
N TRP E 24 50.82 2.43 -15.39
CA TRP E 24 50.89 1.20 -14.61
C TRP E 24 49.66 0.32 -14.72
N SER E 25 49.87 -0.96 -14.99
CA SER E 25 48.76 -1.91 -15.05
C SER E 25 48.38 -2.13 -13.60
N GLY E 26 47.11 -2.37 -13.34
CA GLY E 26 46.69 -2.54 -11.96
C GLY E 26 46.60 -3.96 -11.46
N GLY E 27 46.87 -4.94 -12.32
CA GLY E 27 46.78 -6.32 -11.88
C GLY E 27 45.36 -6.77 -11.69
N HIS E 28 45.11 -7.57 -10.67
CA HIS E 28 43.77 -8.05 -10.40
C HIS E 28 42.93 -7.03 -9.66
N GLN E 29 43.45 -5.81 -9.58
CA GLN E 29 42.76 -4.70 -8.93
C GLN E 29 41.83 -4.08 -9.99
N GLY E 30 42.22 -4.21 -11.25
CA GLY E 30 41.39 -3.71 -12.34
C GLY E 30 41.62 -2.40 -13.05
N GLU E 31 42.31 -1.45 -12.43
CA GLU E 31 42.53 -0.16 -13.08
C GLU E 31 43.87 -0.01 -13.75
N VAL E 32 44.09 1.18 -14.29
CA VAL E 32 45.35 1.54 -14.92
C VAL E 32 45.73 2.76 -14.09
N ARG E 33 46.94 2.78 -13.55
CA ARG E 33 47.38 3.92 -12.73
C ARG E 33 48.35 4.80 -13.50
N VAL E 34 48.13 6.11 -13.48
CA VAL E 34 49.00 7.04 -14.19
C VAL E 34 49.95 7.64 -13.18
N LEU E 35 51.25 7.38 -13.37
CA LEU E 35 52.27 7.89 -12.46
C LEU E 35 53.13 8.91 -13.15
N GLY E 36 53.80 9.72 -12.35
CA GLY E 36 54.71 10.72 -12.87
C GLY E 36 56.12 10.22 -12.64
N VAL E 37 56.92 10.17 -13.69
CA VAL E 37 58.30 9.72 -13.58
C VAL E 37 59.18 10.96 -13.77
N PRO E 38 60.28 11.06 -13.01
CA PRO E 38 60.76 10.13 -12.00
C PRO E 38 60.23 10.25 -10.57
N SER E 39 59.25 11.09 -10.32
CA SER E 39 58.77 11.22 -8.94
C SER E 39 58.11 9.93 -8.45
N MET E 40 57.64 9.11 -9.38
CA MET E 40 56.98 7.84 -9.06
C MET E 40 55.68 8.04 -8.29
N ARG E 41 55.12 9.25 -8.37
CA ARG E 41 53.88 9.57 -7.69
C ARG E 41 52.69 9.24 -8.58
N GLU E 42 51.59 8.82 -7.95
CA GLU E 42 50.38 8.47 -8.67
C GLU E 42 49.57 9.72 -8.94
N LEU E 43 49.47 10.09 -10.22
CA LEU E 43 48.75 11.28 -10.63
C LEU E 43 47.28 11.06 -10.93
N MET E 44 46.91 9.86 -11.36
CA MET E 44 45.52 9.56 -11.69
C MET E 44 45.26 8.07 -11.79
N ARG E 45 44.03 7.67 -11.51
CA ARG E 45 43.63 6.28 -11.63
C ARG E 45 42.58 6.24 -12.72
N ILE E 46 42.74 5.34 -13.68
CA ILE E 46 41.78 5.22 -14.76
C ILE E 46 41.01 3.92 -14.60
N PRO E 47 39.80 3.97 -14.03
CA PRO E 47 39.05 2.71 -13.89
C PRO E 47 38.83 1.98 -15.22
N VAL E 48 38.94 0.66 -15.22
CA VAL E 48 38.74 -0.10 -16.46
C VAL E 48 37.87 -1.33 -16.27
N PHE E 49 38.32 -2.27 -15.45
CA PHE E 49 37.55 -3.49 -15.23
C PHE E 49 37.00 -3.52 -13.82
N ASN E 50 37.39 -2.51 -13.04
CA ASN E 50 36.92 -2.37 -11.67
C ASN E 50 35.68 -1.47 -11.60
N VAL E 51 35.09 -1.35 -10.41
CA VAL E 51 33.93 -0.48 -10.26
C VAL E 51 34.34 0.62 -9.30
N ASP E 52 34.51 1.82 -9.83
CA ASP E 52 34.94 2.95 -9.04
C ASP E 52 33.81 3.70 -8.38
N SER E 53 33.78 3.64 -7.05
CA SER E 53 32.78 4.31 -6.24
C SER E 53 32.86 5.83 -6.42
N ALA E 54 34.01 6.33 -6.83
CA ALA E 54 34.20 7.76 -7.04
C ALA E 54 33.55 8.25 -8.33
N THR E 55 34.21 8.01 -9.46
CA THR E 55 33.70 8.45 -10.76
C THR E 55 32.44 7.73 -11.23
N GLY E 56 32.13 6.59 -10.61
CA GLY E 56 30.95 5.86 -11.02
C GLY E 56 31.20 4.92 -12.19
N TRP E 57 32.46 4.68 -12.52
CA TRP E 57 32.73 3.75 -13.62
C TRP E 57 32.23 2.37 -13.19
N GLY E 58 31.33 1.79 -13.97
CA GLY E 58 30.76 0.50 -13.64
C GLY E 58 29.33 0.74 -13.17
N ILE E 59 29.10 1.95 -12.67
CA ILE E 59 27.80 2.36 -12.17
C ILE E 59 27.00 3.20 -13.17
N THR E 60 27.64 4.20 -13.78
CA THR E 60 26.96 5.05 -14.74
C THR E 60 26.49 4.28 -15.97
N ASN E 61 25.58 4.89 -16.73
CA ASN E 61 25.03 4.26 -17.93
C ASN E 61 25.99 4.35 -19.11
N GLU E 62 26.85 5.34 -19.08
CA GLU E 62 27.82 5.48 -20.15
C GLU E 62 28.84 4.35 -19.95
N SER E 63 29.40 4.28 -18.74
CA SER E 63 30.37 3.24 -18.43
C SER E 63 29.83 1.84 -18.68
N LYS E 64 28.56 1.59 -18.33
CA LYS E 64 27.97 0.26 -18.53
C LYS E 64 27.76 -0.09 -20.00
N GLU E 65 27.41 0.91 -20.80
CA GLU E 65 27.20 0.69 -22.23
C GLU E 65 28.51 0.23 -22.89
N ILE E 66 29.62 0.83 -22.48
CA ILE E 66 30.94 0.48 -23.00
C ILE E 66 31.30 -0.93 -22.53
N LEU E 67 31.15 -1.16 -21.22
CA LEU E 67 31.42 -2.46 -20.64
C LEU E 67 30.57 -3.54 -21.33
N GLY E 68 29.34 -3.19 -21.72
CA GLY E 68 28.47 -4.15 -22.38
C GLY E 68 28.40 -5.52 -21.70
N GLY E 69 28.40 -6.58 -22.51
CA GLY E 69 28.34 -7.92 -21.97
C GLY E 69 26.99 -8.27 -21.37
N ASP E 70 26.66 -9.55 -21.34
CA ASP E 70 25.37 -9.99 -20.79
C ASP E 70 25.42 -10.37 -19.32
N GLN E 71 26.40 -9.83 -18.62
CA GLN E 71 26.57 -10.10 -17.22
C GLN E 71 27.50 -9.04 -16.64
N GLN E 72 27.21 -8.56 -15.44
CA GLN E 72 28.04 -7.56 -14.79
C GLN E 72 29.22 -8.28 -14.14
N TYR E 73 30.42 -7.68 -14.22
CA TYR E 73 31.63 -8.24 -13.62
C TYR E 73 32.24 -7.16 -12.74
N LEU E 74 32.36 -7.42 -11.44
CA LEU E 74 32.95 -6.43 -10.55
C LEU E 74 34.47 -6.54 -10.52
N ASN E 75 35.02 -7.44 -11.32
CA ASN E 75 36.46 -7.62 -11.30
C ASN E 75 37.10 -7.73 -12.66
N GLY E 76 38.43 -7.61 -12.65
CA GLY E 76 39.23 -7.72 -13.84
C GLY E 76 40.66 -7.98 -13.45
N ASP E 77 41.50 -8.35 -14.42
CA ASP E 77 42.91 -8.63 -14.18
C ASP E 77 43.73 -8.15 -15.36
N CYS E 78 44.14 -6.90 -15.30
CA CYS E 78 44.92 -6.30 -16.37
C CYS E 78 46.41 -6.35 -16.07
N HIS E 79 47.18 -6.82 -17.05
CA HIS E 79 48.61 -6.97 -16.90
C HIS E 79 49.47 -6.13 -17.79
N HIS E 80 48.99 -5.93 -19.02
CA HIS E 80 49.82 -5.27 -20.03
C HIS E 80 49.30 -4.03 -20.75
N PRO E 81 49.77 -2.86 -20.31
CA PRO E 81 49.36 -1.58 -20.90
C PRO E 81 50.27 -1.14 -22.06
N HIS E 82 49.66 -0.90 -23.21
CA HIS E 82 50.42 -0.47 -24.36
C HIS E 82 49.79 0.71 -25.10
N ILE E 83 50.65 1.62 -25.54
CA ILE E 83 50.23 2.82 -26.25
C ILE E 83 50.42 2.68 -27.75
N SER E 84 49.43 3.16 -28.50
CA SER E 84 49.43 3.11 -29.96
C SER E 84 50.60 3.81 -30.62
N MET E 85 50.93 3.35 -31.82
CA MET E 85 52.06 3.89 -32.54
C MET E 85 51.82 4.24 -34.01
N THR E 86 52.74 5.04 -34.54
CA THR E 86 52.74 5.46 -35.93
C THR E 86 54.20 5.30 -36.37
N ASP E 87 54.46 4.32 -37.22
CA ASP E 87 55.80 4.07 -37.72
C ASP E 87 56.81 3.87 -36.59
N GLY E 88 56.47 2.99 -35.65
CA GLY E 88 57.35 2.69 -34.54
C GLY E 88 57.52 3.73 -33.42
N ARG E 89 56.68 4.75 -33.39
CA ARG E 89 56.78 5.77 -32.35
C ARG E 89 55.43 5.95 -31.68
N TYR E 90 55.43 6.22 -30.38
CA TYR E 90 54.18 6.40 -29.65
C TYR E 90 53.45 7.64 -30.18
N ASP E 91 52.20 7.49 -30.60
CA ASP E 91 51.46 8.64 -31.10
C ASP E 91 50.54 9.26 -30.04
N GLY E 92 50.49 8.63 -28.87
CA GLY E 92 49.68 9.14 -27.77
C GLY E 92 48.17 9.16 -27.93
N LYS E 93 47.63 8.35 -28.84
CA LYS E 93 46.18 8.33 -29.04
C LYS E 93 45.44 7.34 -28.13
N TYR E 94 45.83 6.07 -28.21
CA TYR E 94 45.19 5.02 -27.41
C TYR E 94 46.13 4.20 -26.51
N LEU E 95 45.52 3.54 -25.53
CA LEU E 95 46.24 2.66 -24.62
C LEU E 95 45.35 1.43 -24.50
N PHE E 96 45.87 0.26 -24.84
CA PHE E 96 45.08 -0.95 -24.74
C PHE E 96 45.62 -1.83 -23.63
N ILE E 97 44.73 -2.55 -22.94
CA ILE E 97 45.13 -3.45 -21.87
C ILE E 97 44.21 -4.68 -21.83
N ASN E 98 44.71 -5.76 -21.24
CA ASN E 98 43.98 -7.02 -21.19
C ASN E 98 43.24 -7.32 -19.89
N ASP E 99 42.38 -8.34 -19.94
CA ASP E 99 41.66 -8.82 -18.78
C ASP E 99 41.72 -10.34 -18.80
N LYS E 100 42.59 -10.89 -17.95
CA LYS E 100 42.76 -12.33 -17.88
C LYS E 100 41.58 -12.95 -17.15
N ALA E 101 41.01 -12.23 -16.19
CA ALA E 101 39.90 -12.75 -15.41
C ALA E 101 38.63 -13.10 -16.18
N ASN E 102 38.05 -12.11 -16.87
CA ASN E 102 36.83 -12.34 -17.62
C ASN E 102 36.94 -12.19 -19.16
N THR E 103 38.09 -12.58 -19.71
CA THR E 103 38.35 -12.55 -21.15
C THR E 103 37.96 -11.29 -21.90
N ARG E 104 38.68 -10.20 -21.66
CA ARG E 104 38.38 -8.95 -22.32
C ARG E 104 39.62 -8.15 -22.68
N VAL E 105 39.44 -7.18 -23.58
CA VAL E 105 40.50 -6.26 -23.99
C VAL E 105 39.86 -4.89 -23.88
N ALA E 106 40.60 -3.91 -23.38
CA ALA E 106 40.05 -2.57 -23.22
C ALA E 106 40.88 -1.54 -23.94
N ARG E 107 40.25 -0.43 -24.33
CA ARG E 107 40.95 0.65 -25.01
C ARG E 107 40.70 1.92 -24.21
N ILE E 108 41.74 2.69 -23.99
CA ILE E 108 41.61 3.93 -23.24
C ILE E 108 41.97 5.13 -24.11
N ARG E 109 41.17 6.19 -24.02
CA ARG E 109 41.43 7.42 -24.78
C ARG E 109 42.38 8.28 -23.95
N LEU E 110 43.58 8.50 -24.49
CA LEU E 110 44.58 9.27 -23.77
C LEU E 110 44.32 10.76 -23.69
N ASP E 111 43.38 11.25 -24.49
CA ASP E 111 43.09 12.68 -24.44
C ASP E 111 42.36 13.06 -23.16
N ILE E 112 41.51 12.16 -22.65
CA ILE E 112 40.76 12.43 -21.41
C ILE E 112 41.03 11.41 -20.30
N MET E 113 41.86 10.41 -20.59
CA MET E 113 42.21 9.37 -19.63
C MET E 113 40.97 8.63 -19.13
N LYS E 114 40.28 8.00 -20.05
CA LYS E 114 39.08 7.24 -19.70
C LYS E 114 38.94 6.04 -20.62
N THR E 115 38.45 4.94 -20.08
CA THR E 115 38.25 3.75 -20.88
C THR E 115 37.24 4.13 -21.96
N ASP E 116 37.55 3.76 -23.19
CA ASP E 116 36.74 4.07 -24.35
C ASP E 116 36.00 2.88 -24.95
N LYS E 117 36.65 1.72 -24.97
CA LYS E 117 36.03 0.52 -25.53
C LYS E 117 36.34 -0.72 -24.70
N ILE E 118 35.47 -1.72 -24.80
CA ILE E 118 35.67 -2.98 -24.11
C ILE E 118 35.11 -4.08 -24.98
N THR E 119 36.00 -4.96 -25.44
CA THR E 119 35.64 -6.07 -26.31
C THR E 119 35.85 -7.44 -25.67
N HIS E 120 34.85 -8.30 -25.80
CA HIS E 120 34.90 -9.66 -25.27
C HIS E 120 35.46 -10.53 -26.37
N ILE E 121 36.51 -11.30 -26.07
CA ILE E 121 37.11 -12.18 -27.06
C ILE E 121 36.38 -13.51 -27.00
N PRO E 122 35.89 -13.97 -28.16
CA PRO E 122 35.15 -15.25 -28.26
C PRO E 122 35.97 -16.53 -28.37
N ASN E 123 35.32 -17.63 -27.98
CA ASN E 123 35.87 -19.00 -28.01
C ASN E 123 37.26 -19.18 -27.44
N VAL E 124 37.59 -18.38 -26.44
CA VAL E 124 38.90 -18.39 -25.85
C VAL E 124 38.78 -17.99 -24.38
N GLN E 125 39.79 -18.27 -23.57
CA GLN E 125 39.75 -17.90 -22.15
C GLN E 125 41.03 -17.27 -21.66
N ALA E 126 40.89 -16.33 -20.75
CA ALA E 126 42.06 -15.65 -20.16
C ALA E 126 42.97 -14.96 -21.16
N ILE E 127 42.67 -13.70 -21.45
CA ILE E 127 43.50 -12.91 -22.36
C ILE E 127 44.65 -12.42 -21.50
N HIS E 128 45.87 -12.88 -21.79
CA HIS E 128 47.02 -12.46 -21.01
C HIS E 128 47.95 -11.59 -21.84
N GLY E 129 48.80 -12.21 -22.65
CA GLY E 129 49.71 -11.43 -23.46
C GLY E 129 49.04 -10.48 -24.42
N LEU E 130 49.51 -9.24 -24.46
CA LEU E 130 48.95 -8.25 -25.36
C LEU E 130 49.95 -7.20 -25.79
N ARG E 131 50.03 -6.96 -27.09
CA ARG E 131 50.89 -5.92 -27.66
C ARG E 131 50.35 -5.39 -28.97
N LEU E 132 50.83 -4.22 -29.36
CA LEU E 132 50.34 -3.57 -30.56
C LEU E 132 51.26 -3.63 -31.75
N GLN E 133 50.67 -3.53 -32.94
CA GLN E 133 51.43 -3.52 -34.17
C GLN E 133 52.19 -2.20 -34.11
N LYS E 134 53.40 -2.16 -34.66
CA LYS E 134 54.21 -0.95 -34.63
C LYS E 134 54.29 -0.21 -35.97
N VAL E 135 54.37 -0.96 -37.05
CA VAL E 135 54.48 -0.39 -38.39
C VAL E 135 53.46 -1.04 -39.31
N PRO E 136 52.83 -0.25 -40.20
CA PRO E 136 53.01 1.20 -40.41
C PRO E 136 52.51 2.00 -39.22
N LYS E 137 51.56 1.42 -38.51
CA LYS E 137 50.99 2.04 -37.33
C LYS E 137 50.14 1.01 -36.63
N THR E 138 49.55 1.37 -35.51
CA THR E 138 48.75 0.40 -34.79
C THR E 138 47.36 0.20 -35.41
N ASN E 139 47.30 -0.74 -36.36
CA ASN E 139 46.07 -1.10 -37.03
C ASN E 139 45.51 -2.30 -36.28
N TYR E 140 46.42 -3.14 -35.80
CA TYR E 140 46.07 -4.36 -35.07
C TYR E 140 46.47 -4.37 -33.60
N VAL E 141 45.67 -5.03 -32.79
CA VAL E 141 45.96 -5.21 -31.37
C VAL E 141 46.11 -6.72 -31.26
N PHE E 142 47.25 -7.20 -30.79
CA PHE E 142 47.48 -8.65 -30.67
C PHE E 142 47.26 -9.20 -29.25
N CYS E 143 46.35 -10.16 -29.14
CA CYS E 143 45.98 -10.77 -27.85
C CYS E 143 46.24 -12.26 -27.75
N ASN E 144 46.74 -12.69 -26.60
CA ASN E 144 47.01 -14.09 -26.34
C ASN E 144 45.99 -14.62 -25.34
N ALA E 145 45.48 -15.82 -25.62
CA ALA E 145 44.54 -16.49 -24.70
C ALA E 145 45.39 -17.60 -24.08
N GLU E 146 45.58 -17.53 -22.76
CA GLU E 146 46.43 -18.46 -22.01
C GLU E 146 45.95 -19.88 -21.77
N PHE E 147 44.66 -20.04 -21.47
CA PHE E 147 44.12 -21.36 -21.17
C PHE E 147 43.34 -22.06 -22.25
N VAL E 148 43.83 -23.23 -22.64
CA VAL E 148 43.19 -24.02 -23.68
C VAL E 148 41.84 -24.59 -23.23
N ILE E 149 40.87 -24.58 -24.13
CA ILE E 149 39.54 -25.07 -23.85
C ILE E 149 39.01 -25.77 -25.12
N PRO E 150 38.00 -26.64 -24.98
CA PRO E 150 37.47 -27.31 -26.18
C PRO E 150 36.82 -26.32 -27.15
N GLN E 151 36.69 -26.74 -28.41
CA GLN E 151 36.11 -25.88 -29.45
C GLN E 151 34.95 -26.52 -30.20
N PRO E 152 33.72 -26.03 -29.97
CA PRO E 152 33.34 -24.94 -29.07
C PRO E 152 33.29 -25.44 -27.63
N ASN E 153 33.33 -24.52 -26.69
CA ASN E 153 33.31 -24.87 -25.29
C ASN E 153 31.87 -24.92 -24.79
N ASP E 154 31.17 -25.97 -25.19
CA ASP E 154 29.76 -26.17 -24.84
C ASP E 154 29.49 -27.24 -23.78
N GLY E 155 30.54 -27.93 -23.34
CA GLY E 155 30.36 -28.95 -22.32
C GLY E 155 30.03 -30.34 -22.83
N THR E 156 30.32 -30.61 -24.09
CA THR E 156 30.07 -31.93 -24.64
C THR E 156 31.37 -32.73 -24.66
N ASP E 157 32.45 -32.06 -24.28
CA ASP E 157 33.77 -32.69 -24.23
C ASP E 157 34.77 -31.85 -23.45
N PHE E 158 35.18 -32.35 -22.28
CA PHE E 158 36.12 -31.62 -21.43
C PHE E 158 37.57 -32.03 -21.63
N SER E 159 37.79 -33.10 -22.37
CA SER E 159 39.14 -33.61 -22.62
C SER E 159 40.15 -32.54 -23.03
N LEU E 160 41.35 -32.61 -22.45
CA LEU E 160 42.40 -31.67 -22.78
C LEU E 160 42.92 -31.99 -24.18
N ASP E 161 42.73 -33.23 -24.60
CA ASP E 161 43.18 -33.68 -25.92
C ASP E 161 42.60 -32.81 -27.02
N ASN E 162 41.35 -32.38 -26.84
CA ASN E 162 40.67 -31.56 -27.83
C ASN E 162 40.50 -30.12 -27.40
N SER E 163 41.36 -29.66 -26.49
CA SER E 163 41.32 -28.30 -25.99
C SER E 163 42.39 -27.47 -26.70
N TYR E 164 42.02 -26.28 -27.17
CA TYR E 164 42.96 -25.41 -27.85
C TYR E 164 42.74 -23.96 -27.49
N THR E 165 43.68 -23.13 -27.90
CA THR E 165 43.59 -21.71 -27.65
C THR E 165 43.82 -21.01 -28.98
N MET E 166 43.66 -19.69 -29.00
CA MET E 166 43.83 -18.94 -30.24
C MET E 166 44.49 -17.57 -30.05
N PHE E 167 45.19 -17.14 -31.08
CA PHE E 167 45.86 -15.84 -31.11
C PHE E 167 44.81 -14.93 -31.75
N THR E 168 44.49 -13.81 -31.10
CA THR E 168 43.48 -12.91 -31.62
C THR E 168 43.98 -11.52 -32.01
N ALA E 169 43.55 -11.05 -33.18
CA ALA E 169 43.90 -9.72 -33.66
C ALA E 169 42.63 -8.86 -33.66
N ILE E 170 42.70 -7.70 -33.00
CA ILE E 170 41.57 -6.79 -32.91
C ILE E 170 41.86 -5.55 -33.74
N ASP E 171 40.83 -5.02 -34.41
CA ASP E 171 40.99 -3.81 -35.20
C ASP E 171 41.07 -2.68 -34.19
N ALA E 172 42.24 -2.02 -34.11
CA ALA E 172 42.44 -0.95 -33.16
C ALA E 172 41.44 0.19 -33.21
N GLU E 173 41.08 0.63 -34.41
CA GLU E 173 40.14 1.75 -34.53
C GLU E 173 38.70 1.43 -34.17
N THR E 174 38.27 0.21 -34.44
CA THR E 174 36.89 -0.17 -34.14
C THR E 174 36.74 -1.03 -32.90
N MET E 175 37.84 -1.67 -32.51
CA MET E 175 37.88 -2.57 -31.36
C MET E 175 37.03 -3.82 -31.59
N ASP E 176 36.87 -4.17 -32.86
CA ASP E 176 36.14 -5.37 -33.23
C ASP E 176 37.18 -6.37 -33.64
N VAL E 177 37.01 -7.62 -33.21
CA VAL E 177 37.98 -8.64 -33.54
C VAL E 177 38.11 -8.77 -35.05
N ALA E 178 39.35 -8.81 -35.53
CA ALA E 178 39.60 -8.94 -36.96
C ALA E 178 39.63 -10.40 -37.36
N TRP E 179 40.43 -11.18 -36.64
CA TRP E 179 40.53 -12.62 -36.90
C TRP E 179 41.21 -13.36 -35.74
N GLN E 180 41.17 -14.68 -35.81
CA GLN E 180 41.77 -15.50 -34.79
C GLN E 180 42.54 -16.65 -35.43
N VAL E 181 43.67 -17.02 -34.82
CA VAL E 181 44.49 -18.13 -35.32
C VAL E 181 44.58 -19.23 -34.29
N ILE E 182 44.19 -20.45 -34.68
CA ILE E 182 44.26 -21.59 -33.78
C ILE E 182 45.70 -22.08 -33.74
N VAL E 183 46.19 -22.37 -32.54
CA VAL E 183 47.55 -22.85 -32.37
C VAL E 183 47.64 -24.07 -31.48
N ASP E 184 48.83 -24.67 -31.43
CA ASP E 184 49.08 -25.84 -30.58
C ASP E 184 49.59 -25.26 -29.27
N GLY E 185 49.65 -26.08 -28.23
CA GLY E 185 50.12 -25.60 -26.95
C GLY E 185 49.28 -24.45 -26.46
N ASN E 186 49.93 -23.39 -25.99
CA ASN E 186 49.17 -22.23 -25.53
C ASN E 186 49.94 -20.96 -25.84
N LEU E 187 49.48 -19.84 -25.29
CA LEU E 187 50.15 -18.56 -25.53
C LEU E 187 50.38 -17.83 -24.22
N ASP E 188 51.53 -17.20 -24.07
CA ASP E 188 51.81 -16.49 -22.83
C ASP E 188 51.89 -14.99 -23.04
N ASN E 189 52.99 -14.56 -23.65
CA ASN E 189 53.20 -13.15 -23.95
C ASN E 189 53.44 -12.99 -25.44
N THR E 190 53.39 -11.76 -25.91
CA THR E 190 53.54 -11.55 -27.34
C THR E 190 54.12 -10.17 -27.70
N ASP E 191 54.62 -10.06 -28.92
CA ASP E 191 55.13 -8.77 -29.39
C ASP E 191 55.18 -8.79 -30.91
N ALA E 192 55.40 -7.63 -31.50
CA ALA E 192 55.43 -7.51 -32.94
C ALA E 192 56.70 -6.86 -33.44
N ASP E 193 56.95 -7.02 -34.73
CA ASP E 193 58.14 -6.46 -35.36
C ASP E 193 57.93 -5.00 -35.74
N TYR E 194 58.86 -4.49 -36.55
CA TYR E 194 58.80 -3.11 -37.00
C TYR E 194 58.50 -3.02 -38.49
N THR E 195 57.77 -4.00 -39.00
CA THR E 195 57.41 -4.02 -40.41
C THR E 195 55.91 -4.21 -40.52
N GLY E 196 55.36 -5.01 -39.61
CA GLY E 196 53.93 -5.27 -39.61
C GLY E 196 53.62 -6.67 -40.12
N LYS E 197 54.62 -7.31 -40.70
CA LYS E 197 54.44 -8.66 -41.24
C LYS E 197 54.51 -9.78 -40.20
N TYR E 198 55.15 -9.53 -39.07
CA TYR E 198 55.29 -10.57 -38.07
C TYR E 198 54.91 -10.22 -36.65
N ALA E 199 54.41 -11.24 -35.96
CA ALA E 199 54.03 -11.13 -34.56
C ALA E 199 54.47 -12.44 -33.97
N THR E 200 54.74 -12.48 -32.67
CA THR E 200 55.16 -13.73 -32.06
C THR E 200 54.74 -13.86 -30.62
N SER E 201 54.59 -15.09 -30.16
CA SER E 201 54.18 -15.35 -28.80
C SER E 201 54.89 -16.56 -28.21
N THR E 202 55.08 -16.53 -26.90
CA THR E 202 55.73 -17.63 -26.21
C THR E 202 54.68 -18.63 -25.79
N CYS E 203 55.11 -19.85 -25.60
CA CYS E 203 54.25 -20.96 -25.18
C CYS E 203 54.96 -21.72 -24.07
N TYR E 204 54.22 -22.07 -23.02
CA TYR E 204 54.82 -22.79 -21.90
C TYR E 204 54.12 -24.11 -21.64
N ASN E 205 52.97 -24.29 -22.28
CA ASN E 205 52.18 -25.50 -22.09
C ASN E 205 52.00 -26.22 -23.41
N SER E 206 53.11 -26.57 -24.06
CA SER E 206 53.00 -27.30 -25.33
C SER E 206 52.45 -28.69 -25.06
N GLU E 207 52.51 -29.10 -23.80
CA GLU E 207 52.02 -30.40 -23.37
C GLU E 207 50.51 -30.36 -23.13
N ARG E 208 49.96 -29.16 -23.09
CA ARG E 208 48.54 -28.95 -22.86
C ARG E 208 48.04 -29.76 -21.66
N ALA E 209 48.71 -29.59 -20.53
CA ALA E 209 48.35 -30.30 -19.31
C ALA E 209 47.91 -29.31 -18.25
N VAL E 210 47.24 -29.80 -17.22
CA VAL E 210 46.79 -28.94 -16.15
C VAL E 210 47.66 -29.12 -14.90
N ASP E 211 48.07 -30.36 -14.63
CA ASP E 211 48.93 -30.62 -13.47
C ASP E 211 50.34 -30.07 -13.72
N LEU E 212 50.99 -29.62 -12.65
CA LEU E 212 52.33 -29.01 -12.75
C LEU E 212 53.37 -29.79 -13.53
N ALA E 213 53.55 -31.05 -13.19
CA ALA E 213 54.55 -31.88 -13.86
C ALA E 213 54.35 -31.93 -15.36
N GLY E 214 53.08 -32.09 -15.77
CA GLY E 214 52.76 -32.15 -17.18
C GLY E 214 53.18 -30.91 -17.94
N THR E 215 53.02 -29.74 -17.33
CA THR E 215 53.39 -28.50 -18.03
C THR E 215 54.89 -28.30 -18.15
N MET E 216 55.67 -29.15 -17.48
CA MET E 216 57.12 -29.06 -17.51
C MET E 216 57.75 -30.29 -18.17
N ARG E 217 56.92 -31.21 -18.67
CA ARG E 217 57.43 -32.42 -19.30
C ARG E 217 58.48 -32.19 -20.39
N ASN E 218 58.11 -31.48 -21.45
CA ASN E 218 59.03 -31.22 -22.56
C ASN E 218 60.19 -30.32 -22.18
N ASP E 219 61.37 -30.67 -22.68
CA ASP E 219 62.57 -29.89 -22.42
C ASP E 219 62.41 -28.53 -23.05
N ARG E 220 61.75 -28.51 -24.20
CA ARG E 220 61.51 -27.26 -24.92
C ARG E 220 60.05 -27.07 -25.26
N ASP E 221 59.63 -25.81 -25.27
CA ASP E 221 58.29 -25.46 -25.66
C ASP E 221 58.58 -24.71 -26.96
N TRP E 222 58.09 -23.49 -27.11
CA TRP E 222 58.38 -22.76 -28.34
C TRP E 222 57.92 -21.33 -28.34
N VAL E 223 58.27 -20.65 -29.43
CA VAL E 223 57.85 -19.29 -29.68
C VAL E 223 57.08 -19.52 -30.99
N VAL E 224 55.82 -19.07 -31.04
CA VAL E 224 55.01 -19.21 -32.24
C VAL E 224 55.18 -17.92 -33.02
N VAL E 225 55.56 -18.02 -34.29
CA VAL E 225 55.68 -16.82 -35.11
C VAL E 225 54.49 -16.76 -36.05
N PHE E 226 53.84 -15.61 -36.10
CA PHE E 226 52.68 -15.41 -36.95
C PHE E 226 53.00 -14.57 -38.15
N ASN E 227 52.56 -15.03 -39.31
CA ASN E 227 52.76 -14.28 -40.54
C ASN E 227 51.46 -13.51 -40.77
N VAL E 228 51.37 -12.32 -40.16
CA VAL E 228 50.21 -11.47 -40.25
C VAL E 228 49.78 -11.22 -41.69
N GLU E 229 50.77 -11.13 -42.57
CA GLU E 229 50.51 -10.88 -43.97
C GLU E 229 49.68 -12.01 -44.57
N ARG E 230 50.16 -13.24 -44.43
CA ARG E 230 49.46 -14.41 -44.98
C ARG E 230 48.11 -14.63 -44.31
N ILE E 231 48.03 -14.30 -43.03
CA ILE E 231 46.80 -14.47 -42.29
C ILE E 231 45.76 -13.48 -42.81
N ALA E 232 46.13 -12.21 -42.85
CA ALA E 232 45.23 -11.17 -43.33
C ALA E 232 44.81 -11.44 -44.78
N ALA E 233 45.72 -12.01 -45.56
CA ALA E 233 45.43 -12.31 -46.97
C ALA E 233 44.44 -13.47 -47.11
N ALA E 234 44.54 -14.45 -46.21
CA ALA E 234 43.65 -15.58 -46.25
C ALA E 234 42.24 -15.18 -45.83
N VAL E 235 42.17 -14.30 -44.85
CA VAL E 235 40.87 -13.86 -44.34
C VAL E 235 40.14 -13.09 -45.43
N LYS E 236 40.84 -12.17 -46.08
CA LYS E 236 40.26 -11.36 -47.14
C LYS E 236 39.73 -12.22 -48.28
N ALA E 237 40.44 -13.31 -48.57
CA ALA E 237 40.06 -14.22 -49.63
C ALA E 237 38.93 -15.16 -49.20
N GLY E 238 38.48 -15.01 -47.96
CA GLY E 238 37.40 -15.83 -47.45
C GLY E 238 37.73 -17.27 -47.10
N ASN E 239 39.02 -17.58 -47.01
CA ASN E 239 39.45 -18.93 -46.67
C ASN E 239 39.62 -19.09 -45.17
N PHE E 240 38.49 -19.13 -44.47
CA PHE E 240 38.50 -19.28 -43.03
C PHE E 240 37.23 -19.98 -42.55
N LYS E 241 37.15 -20.24 -41.24
CA LYS E 241 35.98 -20.88 -40.68
C LYS E 241 35.49 -20.13 -39.46
N THR E 242 34.40 -20.61 -38.86
CA THR E 242 33.86 -19.96 -37.68
C THR E 242 33.63 -20.97 -36.56
N ILE E 243 33.65 -20.48 -35.33
CA ILE E 243 33.45 -21.33 -34.15
C ILE E 243 32.25 -20.85 -33.33
N GLY E 244 31.33 -21.76 -33.07
CA GLY E 244 30.15 -21.45 -32.27
C GLY E 244 29.27 -20.32 -32.78
N ASP E 245 28.93 -19.40 -31.87
CA ASP E 245 28.08 -18.25 -32.21
C ASP E 245 28.85 -17.07 -32.78
N SER E 246 30.17 -17.19 -32.89
CA SER E 246 30.96 -16.07 -33.41
C SER E 246 31.13 -16.09 -34.92
N LYS E 247 31.12 -14.90 -35.50
CA LYS E 247 31.28 -14.75 -36.95
C LYS E 247 32.74 -14.48 -37.25
N VAL E 248 33.52 -14.19 -36.22
CA VAL E 248 34.93 -13.90 -36.38
C VAL E 248 35.65 -14.92 -37.26
N PRO E 249 36.42 -14.44 -38.25
CA PRO E 249 37.14 -15.35 -39.14
C PRO E 249 38.17 -16.13 -38.33
N VAL E 250 38.33 -17.41 -38.64
CA VAL E 250 39.29 -18.22 -37.91
C VAL E 250 40.12 -19.10 -38.84
N VAL E 251 41.44 -18.94 -38.80
CA VAL E 251 42.34 -19.75 -39.59
C VAL E 251 43.02 -20.75 -38.67
N ASP E 252 43.53 -21.85 -39.24
CA ASP E 252 44.19 -22.88 -38.44
C ASP E 252 45.70 -22.79 -38.55
N GLY E 253 46.37 -22.46 -37.45
CA GLY E 253 47.81 -22.36 -37.46
C GLY E 253 48.50 -23.54 -36.80
N ARG E 254 47.75 -24.61 -36.55
CA ARG E 254 48.28 -25.81 -35.91
C ARG E 254 49.15 -26.62 -36.86
N GLY E 255 50.05 -27.42 -36.30
CA GLY E 255 50.94 -28.25 -37.10
C GLY E 255 51.67 -27.49 -38.18
N GLU E 256 51.78 -28.11 -39.36
CA GLU E 256 52.44 -27.49 -40.50
C GLU E 256 51.47 -26.57 -41.21
N SER E 257 51.61 -25.28 -40.95
CA SER E 257 50.75 -24.28 -41.54
C SER E 257 51.56 -23.13 -42.13
N GLU E 258 50.99 -22.47 -43.13
CA GLU E 258 51.66 -21.34 -43.76
C GLU E 258 51.55 -20.09 -42.89
N PHE E 259 50.62 -20.12 -41.94
CA PHE E 259 50.41 -18.98 -41.05
C PHE E 259 51.35 -18.93 -39.85
N THR E 260 51.84 -20.08 -39.43
CA THR E 260 52.71 -20.12 -38.27
C THR E 260 54.00 -20.91 -38.42
N ARG E 261 54.92 -20.64 -37.50
CA ARG E 261 56.21 -21.30 -37.41
C ARG E 261 56.49 -21.49 -35.91
N TYR E 262 56.78 -22.72 -35.49
CA TYR E 262 57.06 -22.98 -34.07
C TYR E 262 58.54 -23.20 -33.79
N ILE E 263 59.16 -22.22 -33.15
CA ILE E 263 60.58 -22.29 -32.82
C ILE E 263 60.83 -22.78 -31.38
N PRO E 264 61.42 -23.98 -31.24
CA PRO E 264 61.72 -24.56 -29.93
C PRO E 264 62.54 -23.63 -29.04
N VAL E 265 62.03 -23.37 -27.84
CA VAL E 265 62.68 -22.51 -26.87
C VAL E 265 62.65 -23.20 -25.50
N PRO E 266 63.81 -23.26 -24.81
CA PRO E 266 63.99 -23.88 -23.50
C PRO E 266 63.07 -23.48 -22.35
N LYS E 267 62.48 -24.54 -21.81
CA LYS E 267 61.53 -24.62 -20.71
C LYS E 267 60.61 -23.51 -20.23
N ASN E 268 59.36 -23.67 -20.63
CA ASN E 268 58.28 -22.76 -20.27
C ASN E 268 58.61 -21.28 -20.43
N PRO E 269 59.08 -20.88 -21.62
CA PRO E 269 59.43 -19.48 -21.87
C PRO E 269 58.27 -18.54 -21.50
N HIS E 270 58.63 -17.37 -21.01
CA HIS E 270 57.65 -16.40 -20.54
C HIS E 270 57.63 -15.12 -21.35
N GLY E 271 58.46 -14.17 -20.96
CA GLY E 271 58.48 -12.92 -21.68
C GLY E 271 58.89 -13.09 -23.13
N LEU E 272 58.52 -12.12 -23.96
CA LEU E 272 58.88 -12.09 -25.37
C LEU E 272 58.94 -10.62 -25.74
N ASN E 273 60.15 -10.10 -25.93
CA ASN E 273 60.30 -8.69 -26.21
C ASN E 273 61.06 -8.36 -27.51
N THR E 274 60.62 -7.30 -28.19
CA THR E 274 61.22 -6.87 -29.45
C THR E 274 62.22 -5.76 -29.20
N SER E 275 63.42 -5.88 -29.75
CA SER E 275 64.45 -4.87 -29.56
C SER E 275 64.09 -3.64 -30.38
N PRO E 276 64.48 -2.45 -29.90
CA PRO E 276 64.22 -1.17 -30.57
C PRO E 276 64.76 -1.04 -32.00
N ASP E 277 65.79 -1.81 -32.33
CA ASP E 277 66.36 -1.75 -33.67
C ASP E 277 65.51 -2.58 -34.61
N GLY E 278 64.51 -3.23 -34.05
CA GLY E 278 63.60 -4.04 -34.83
C GLY E 278 64.14 -5.33 -35.40
N LYS E 279 65.27 -5.84 -34.91
CA LYS E 279 65.76 -7.09 -35.48
C LYS E 279 65.70 -8.33 -34.61
N TYR E 280 65.29 -8.17 -33.35
CA TYR E 280 65.24 -9.32 -32.45
C TYR E 280 63.95 -9.52 -31.65
N PHE E 281 63.57 -10.80 -31.54
CA PHE E 281 62.43 -11.20 -30.73
C PHE E 281 63.14 -11.97 -29.63
N ILE E 282 63.09 -11.47 -28.40
CA ILE E 282 63.75 -12.16 -27.30
C ILE E 282 62.78 -12.87 -26.36
N ALA E 283 62.87 -14.21 -26.36
CA ALA E 283 62.04 -15.06 -25.51
C ALA E 283 62.80 -15.33 -24.22
N ASN E 284 62.12 -15.19 -23.09
CA ASN E 284 62.75 -15.42 -21.79
C ASN E 284 62.53 -16.85 -21.34
N GLY E 285 63.62 -17.52 -21.01
CA GLY E 285 63.58 -18.92 -20.61
C GLY E 285 62.91 -19.37 -19.32
N LYS E 286 62.81 -18.50 -18.33
CA LYS E 286 62.18 -18.84 -17.04
C LYS E 286 62.71 -20.11 -16.35
N LEU E 287 62.22 -21.27 -16.75
CA LEU E 287 62.68 -22.52 -16.15
C LEU E 287 64.08 -22.82 -16.64
N SER E 288 64.44 -22.20 -17.76
CA SER E 288 65.78 -22.34 -18.32
C SER E 288 66.47 -21.01 -17.94
N PRO E 289 67.72 -21.08 -17.46
CA PRO E 289 68.43 -19.86 -17.06
C PRO E 289 68.94 -19.07 -18.25
N THR E 290 68.24 -19.21 -19.38
CA THR E 290 68.63 -18.56 -20.62
C THR E 290 67.62 -17.57 -21.15
N VAL E 291 67.95 -17.06 -22.32
CA VAL E 291 67.13 -16.11 -23.04
C VAL E 291 67.42 -16.54 -24.47
N SER E 292 66.39 -16.58 -25.31
CA SER E 292 66.59 -16.98 -26.70
C SER E 292 66.35 -15.78 -27.58
N VAL E 293 67.32 -15.46 -28.42
CA VAL E 293 67.21 -14.31 -29.30
C VAL E 293 66.92 -14.74 -30.72
N ILE E 294 65.76 -14.35 -31.21
CA ILE E 294 65.34 -14.70 -32.56
C ILE E 294 65.56 -13.53 -33.51
N ALA E 295 66.21 -13.82 -34.64
CA ALA E 295 66.49 -12.79 -35.64
C ALA E 295 65.32 -12.62 -36.59
N ILE E 296 64.63 -11.50 -36.46
CA ILE E 296 63.47 -11.21 -37.30
C ILE E 296 63.88 -11.19 -38.77
N ASP E 297 65.17 -10.96 -38.99
CA ASP E 297 65.74 -10.90 -40.33
C ASP E 297 65.65 -12.23 -41.07
N LYS E 298 65.67 -13.34 -40.35
CA LYS E 298 65.63 -14.64 -40.99
C LYS E 298 64.23 -15.24 -41.10
N LEU E 299 63.23 -14.55 -40.57
CA LEU E 299 61.88 -15.07 -40.63
C LEU E 299 61.33 -15.27 -42.04
N ASP E 300 61.68 -14.39 -42.97
CA ASP E 300 61.19 -14.55 -44.34
C ASP E 300 61.65 -15.89 -44.92
N ASP E 301 62.92 -16.21 -44.73
CA ASP E 301 63.46 -17.47 -45.24
C ASP E 301 62.81 -18.68 -44.56
N LEU E 302 62.43 -18.52 -43.30
CA LEU E 302 61.82 -19.61 -42.54
C LEU E 302 60.42 -19.95 -43.02
N PHE E 303 59.65 -18.94 -43.40
CA PHE E 303 58.31 -19.20 -43.90
C PHE E 303 58.39 -19.60 -45.36
N GLU E 304 59.61 -19.78 -45.83
CA GLU E 304 59.87 -20.18 -47.21
C GLU E 304 60.50 -21.55 -47.16
N ASP E 305 60.82 -21.98 -45.95
CA ASP E 305 61.45 -23.28 -45.69
C ASP E 305 62.88 -23.35 -46.22
N LYS E 306 63.53 -22.20 -46.34
CA LYS E 306 64.90 -22.14 -46.85
C LYS E 306 65.93 -22.44 -45.75
N ILE E 307 65.51 -22.33 -44.49
CA ILE E 307 66.40 -22.62 -43.37
C ILE E 307 65.65 -23.46 -42.35
N GLU E 308 66.34 -23.82 -41.27
CA GLU E 308 65.76 -24.63 -40.21
C GLU E 308 65.15 -23.74 -39.15
N LEU E 309 64.19 -24.26 -38.40
CA LEU E 309 63.54 -23.50 -37.34
C LEU E 309 64.54 -22.86 -36.39
N ARG E 310 65.39 -23.70 -35.79
CA ARG E 310 66.41 -23.24 -34.85
C ARG E 310 67.48 -22.31 -35.45
N ASP E 311 67.59 -22.24 -36.77
CA ASP E 311 68.58 -21.36 -37.38
C ASP E 311 68.25 -19.90 -37.10
N THR E 312 67.01 -19.65 -36.68
CA THR E 312 66.59 -18.30 -36.38
C THR E 312 67.22 -17.83 -35.08
N ILE E 313 67.73 -18.78 -34.31
CA ILE E 313 68.37 -18.48 -33.03
C ILE E 313 69.77 -17.92 -33.26
N VAL E 314 69.94 -16.63 -33.00
CA VAL E 314 71.21 -15.96 -33.18
C VAL E 314 72.05 -16.03 -31.91
N ALA E 315 71.39 -16.32 -30.79
CA ALA E 315 72.06 -16.42 -29.50
C ALA E 315 71.11 -16.99 -28.47
N GLU E 316 71.67 -17.61 -27.44
CA GLU E 316 70.87 -18.19 -26.37
C GLU E 316 71.77 -18.21 -25.15
N PRO E 317 72.10 -17.01 -24.63
CA PRO E 317 72.97 -16.85 -23.46
C PRO E 317 72.37 -17.28 -22.13
N GLU E 318 73.23 -17.79 -21.26
CA GLU E 318 72.85 -18.21 -19.92
C GLU E 318 73.02 -16.91 -19.14
N LEU E 319 72.02 -16.51 -18.37
CA LEU E 319 72.09 -15.27 -17.63
C LEU E 319 71.96 -15.44 -16.12
N GLY E 320 70.96 -16.19 -15.70
CA GLY E 320 70.72 -16.41 -14.29
C GLY E 320 69.48 -17.27 -14.10
N LEU E 321 69.05 -17.40 -12.86
CA LEU E 321 67.87 -18.20 -12.53
C LEU E 321 66.54 -17.47 -12.63
N GLY E 322 65.67 -17.98 -13.48
CA GLY E 322 64.35 -17.40 -13.64
C GLY E 322 64.21 -16.16 -14.51
N PRO E 323 64.86 -16.11 -15.69
CA PRO E 323 64.69 -14.90 -16.51
C PRO E 323 63.24 -14.83 -16.99
N LEU E 324 62.55 -13.73 -16.67
CA LEU E 324 61.15 -13.58 -17.09
C LEU E 324 60.90 -12.56 -18.20
N HIS E 325 61.48 -11.38 -18.07
CA HIS E 325 61.27 -10.32 -19.05
C HIS E 325 62.54 -9.58 -19.43
N THR E 326 62.56 -9.04 -20.64
CA THR E 326 63.72 -8.32 -21.12
C THR E 326 63.34 -6.94 -21.66
N THR E 327 64.22 -5.96 -21.50
CA THR E 327 63.95 -4.62 -21.99
C THR E 327 65.24 -4.04 -22.58
N PHE E 328 65.16 -2.95 -23.34
CA PHE E 328 66.34 -2.39 -23.99
C PHE E 328 66.64 -0.91 -23.80
N ASP E 329 67.92 -0.55 -23.83
CA ASP E 329 68.32 0.85 -23.68
C ASP E 329 68.51 1.54 -25.03
N GLY E 330 68.39 0.77 -26.10
CA GLY E 330 68.56 1.33 -27.43
C GLY E 330 70.02 1.62 -27.74
N ARG E 331 70.92 1.15 -26.89
CA ARG E 331 72.35 1.33 -27.09
C ARG E 331 73.01 -0.01 -27.40
N GLY E 332 72.19 -1.06 -27.54
CA GLY E 332 72.73 -2.37 -27.84
C GLY E 332 72.69 -3.33 -26.67
N ASN E 333 72.33 -2.82 -25.50
CA ASN E 333 72.25 -3.64 -24.29
C ASN E 333 70.82 -4.04 -23.98
N ALA E 334 70.68 -5.17 -23.30
CA ALA E 334 69.39 -5.67 -22.90
C ALA E 334 69.42 -5.82 -21.38
N TYR E 335 68.26 -5.64 -20.75
CA TYR E 335 68.13 -5.78 -19.31
C TYR E 335 67.10 -6.87 -19.09
N THR E 336 67.46 -7.91 -18.35
CA THR E 336 66.55 -9.02 -18.09
C THR E 336 66.32 -9.26 -16.60
N THR E 337 65.09 -9.58 -16.23
CA THR E 337 64.79 -9.84 -14.82
C THR E 337 65.01 -11.30 -14.48
N LEU E 338 65.60 -11.54 -13.30
CA LEU E 338 65.86 -12.90 -12.84
C LEU E 338 65.09 -13.11 -11.55
N PHE E 339 63.90 -13.67 -11.70
CA PHE E 339 62.99 -13.91 -10.60
C PHE E 339 63.58 -14.70 -9.43
N ILE E 340 64.19 -15.85 -9.73
CA ILE E 340 64.77 -16.69 -8.70
C ILE E 340 66.00 -16.09 -8.04
N ASP E 341 66.92 -15.56 -8.84
CA ASP E 341 68.12 -14.95 -8.26
C ASP E 341 67.82 -13.53 -7.76
N SER E 342 66.60 -13.08 -8.05
CA SER E 342 66.12 -11.76 -7.65
C SER E 342 67.01 -10.58 -8.05
N GLN E 343 67.32 -10.49 -9.33
CA GLN E 343 68.13 -9.39 -9.83
C GLN E 343 67.86 -9.08 -11.30
N VAL E 344 68.33 -7.92 -11.75
CA VAL E 344 68.21 -7.54 -13.14
C VAL E 344 69.59 -7.67 -13.75
N CYS E 345 69.69 -8.37 -14.87
CA CYS E 345 70.97 -8.56 -15.52
C CYS E 345 71.14 -7.73 -16.81
N LYS E 346 72.13 -6.84 -16.82
CA LYS E 346 72.40 -6.03 -18.00
C LYS E 346 73.39 -6.77 -18.90
N TRP E 347 73.02 -7.05 -20.14
CA TRP E 347 73.93 -7.74 -21.05
C TRP E 347 73.95 -7.11 -22.45
N ASN E 348 75.03 -7.34 -23.17
CA ASN E 348 75.20 -6.81 -24.52
C ASN E 348 74.75 -7.88 -25.50
N ILE E 349 73.86 -7.49 -26.41
CA ILE E 349 73.31 -8.42 -27.39
C ILE E 349 74.34 -8.93 -28.40
N ALA E 350 75.11 -8.01 -28.96
CA ALA E 350 76.13 -8.38 -29.94
C ALA E 350 77.13 -9.38 -29.33
N ASP E 351 77.60 -9.11 -28.11
CA ASP E 351 78.55 -10.01 -27.47
C ASP E 351 77.95 -11.40 -27.25
N ALA E 352 76.64 -11.49 -27.02
CA ALA E 352 76.02 -12.79 -26.83
C ALA E 352 75.96 -13.47 -28.18
N ILE E 353 75.81 -12.68 -29.25
CA ILE E 353 75.77 -13.22 -30.60
C ILE E 353 77.13 -13.88 -30.86
N LYS E 354 78.20 -13.19 -30.50
CA LYS E 354 79.57 -13.70 -30.67
C LYS E 354 79.80 -14.93 -29.80
N HIS E 355 79.41 -14.83 -28.53
CA HIS E 355 79.60 -15.94 -27.61
C HIS E 355 78.87 -17.19 -28.09
N TYR E 356 77.71 -17.01 -28.69
CA TYR E 356 76.93 -18.13 -29.20
C TYR E 356 77.63 -18.80 -30.36
N ASN E 357 78.38 -18.02 -31.12
CA ASN E 357 79.10 -18.54 -32.29
C ASN E 357 80.41 -19.25 -31.97
N GLY E 358 80.88 -19.12 -30.73
CA GLY E 358 82.11 -19.78 -30.36
C GLY E 358 83.13 -18.86 -29.72
N ASP E 359 82.83 -17.57 -29.66
CA ASP E 359 83.75 -16.64 -29.04
C ASP E 359 83.84 -16.89 -27.55
N ARG E 360 84.59 -16.06 -26.85
CA ARG E 360 84.77 -16.23 -25.41
C ARG E 360 84.52 -14.91 -24.71
N VAL E 361 83.98 -13.96 -25.46
CA VAL E 361 83.68 -12.63 -24.94
C VAL E 361 82.66 -12.69 -23.80
N ASN E 362 82.77 -11.74 -22.89
CA ASN E 362 81.85 -11.64 -21.75
C ASN E 362 80.67 -10.77 -22.16
N TYR E 363 79.47 -11.37 -22.22
CA TYR E 363 78.28 -10.62 -22.61
C TYR E 363 77.53 -9.97 -21.47
N ILE E 364 77.68 -10.49 -20.27
CA ILE E 364 77.00 -9.91 -19.12
C ILE E 364 77.81 -8.72 -18.66
N ARG E 365 77.15 -7.59 -18.46
CA ARG E 365 77.86 -6.40 -18.02
C ARG E 365 77.68 -6.11 -16.54
N GLN E 366 76.53 -6.50 -16.00
CA GLN E 366 76.24 -6.26 -14.59
C GLN E 366 74.99 -6.94 -14.07
N LYS E 367 75.00 -7.26 -12.78
CA LYS E 367 73.85 -7.84 -12.14
C LYS E 367 73.57 -7.01 -10.93
N LEU E 368 72.36 -6.45 -10.85
CA LEU E 368 71.96 -5.61 -9.74
C LEU E 368 70.88 -6.30 -8.91
N ASP E 369 71.13 -6.48 -7.62
CA ASP E 369 70.16 -7.10 -6.74
C ASP E 369 68.89 -6.26 -6.76
N VAL E 370 67.78 -6.89 -7.04
CA VAL E 370 66.50 -6.21 -7.06
C VAL E 370 65.76 -6.72 -5.85
N GLN E 371 65.01 -5.84 -5.19
CA GLN E 371 64.35 -6.24 -3.98
C GLN E 371 63.09 -7.08 -4.01
N TYR E 372 63.41 -8.37 -4.06
CA TYR E 372 62.52 -9.50 -4.02
C TYR E 372 61.63 -9.84 -5.18
N GLN E 373 62.10 -10.86 -5.91
CA GLN E 373 61.44 -11.48 -7.04
C GLN E 373 60.90 -10.57 -8.14
N PRO E 374 61.77 -10.13 -9.06
CA PRO E 374 61.35 -9.25 -10.15
C PRO E 374 60.48 -9.88 -11.22
N GLY E 375 59.46 -9.14 -11.63
CA GLY E 375 58.55 -9.61 -12.67
C GLY E 375 58.88 -8.92 -13.98
N HIS E 376 58.08 -7.96 -14.39
CA HIS E 376 58.33 -7.21 -15.63
C HIS E 376 59.47 -6.25 -15.45
N ASN E 377 60.01 -5.86 -16.60
CA ASN E 377 61.13 -4.95 -16.72
C ASN E 377 60.66 -3.91 -17.74
N HIS E 378 61.12 -2.67 -17.64
CA HIS E 378 60.74 -1.64 -18.61
C HIS E 378 61.70 -0.47 -18.66
N ALA E 379 62.24 -0.19 -19.84
CA ALA E 379 63.16 0.92 -20.05
C ALA E 379 62.41 1.98 -20.83
N SER E 380 62.59 3.23 -20.44
CA SER E 380 61.91 4.34 -21.10
C SER E 380 61.97 4.35 -22.62
N LEU E 381 60.78 4.26 -23.23
CA LEU E 381 60.58 4.28 -24.68
C LEU E 381 61.05 3.03 -25.39
N THR E 382 61.34 1.98 -24.63
CA THR E 382 61.84 0.76 -25.21
C THR E 382 60.99 0.14 -26.32
N GLU E 383 59.68 0.31 -26.26
CA GLU E 383 58.82 -0.29 -27.27
C GLU E 383 58.77 0.49 -28.59
N SER E 384 59.55 1.58 -28.67
CA SER E 384 59.60 2.40 -29.87
C SER E 384 61.02 2.57 -30.43
N ARG E 385 61.12 3.16 -31.61
CA ARG E 385 62.41 3.40 -32.25
C ARG E 385 63.21 4.37 -31.40
N ASP E 386 62.50 5.18 -30.63
CA ASP E 386 63.14 6.19 -29.80
C ASP E 386 63.60 5.78 -28.40
N ALA E 387 63.87 4.50 -28.18
CA ALA E 387 64.34 4.03 -26.87
C ALA E 387 65.54 4.87 -26.42
N ASP E 388 65.32 5.76 -25.46
CA ASP E 388 66.35 6.66 -24.97
C ASP E 388 67.29 6.12 -23.92
N GLY E 389 66.98 4.95 -23.39
CA GLY E 389 67.83 4.33 -22.39
C GLY E 389 68.17 5.19 -21.18
N LYS E 390 67.18 5.91 -20.65
CA LYS E 390 67.41 6.75 -19.48
C LYS E 390 66.93 6.14 -18.17
N TRP E 391 65.70 5.62 -18.18
CA TRP E 391 65.11 5.03 -16.98
C TRP E 391 64.71 3.55 -17.10
N LEU E 392 64.88 2.82 -16.01
CA LEU E 392 64.53 1.40 -15.98
C LEU E 392 63.62 1.13 -14.79
N VAL E 393 62.50 0.48 -15.04
CA VAL E 393 61.59 0.17 -13.96
C VAL E 393 61.53 -1.33 -13.80
N VAL E 394 61.71 -1.79 -12.56
CA VAL E 394 61.65 -3.21 -12.24
C VAL E 394 60.48 -3.38 -11.29
N LEU E 395 59.50 -4.17 -11.70
CA LEU E 395 58.32 -4.39 -10.88
C LEU E 395 58.38 -5.74 -10.14
N SER E 396 58.83 -5.72 -8.89
CA SER E 396 58.93 -6.94 -8.09
C SER E 396 57.63 -7.39 -7.44
N LYS E 397 57.55 -8.68 -7.11
CA LYS E 397 56.34 -9.25 -6.51
C LYS E 397 56.29 -9.34 -5.00
N PHE E 398 57.43 -9.15 -4.33
CA PHE E 398 57.47 -9.18 -2.86
C PHE E 398 58.17 -7.92 -2.42
N SER E 399 57.75 -7.36 -1.29
CA SER E 399 58.38 -6.15 -0.77
C SER E 399 59.03 -6.44 0.58
N LYS E 400 58.58 -7.52 1.22
CA LYS E 400 59.10 -7.95 2.50
C LYS E 400 59.36 -6.83 3.51
N ASP E 401 60.63 -6.49 3.71
CA ASP E 401 61.04 -5.46 4.68
C ASP E 401 61.27 -4.06 4.11
N ARG E 402 61.05 -3.91 2.81
CA ARG E 402 61.25 -2.64 2.13
C ARG E 402 60.44 -1.45 2.64
N PHE E 403 59.22 -1.69 3.12
CA PHE E 403 58.37 -0.61 3.62
C PHE E 403 57.86 -0.96 5.00
N LEU E 404 57.11 -0.05 5.60
CA LEU E 404 56.55 -0.25 6.94
C LEU E 404 55.60 -1.46 6.94
N PRO E 405 55.57 -2.22 8.04
CA PRO E 405 54.65 -3.36 8.03
C PRO E 405 53.21 -2.86 7.99
N VAL E 406 52.36 -3.51 7.20
CA VAL E 406 50.96 -3.12 7.09
C VAL E 406 50.01 -4.32 7.09
N GLY E 407 50.46 -5.41 7.70
CA GLY E 407 49.63 -6.60 7.74
C GLY E 407 50.10 -7.74 6.86
N PRO E 408 49.42 -8.88 6.88
CA PRO E 408 49.79 -10.05 6.07
C PRO E 408 49.98 -9.72 4.60
N LEU E 409 49.18 -8.79 4.10
CA LEU E 409 49.24 -8.35 2.73
C LEU E 409 50.27 -7.23 2.60
N HIS E 410 51.32 -7.47 1.81
CA HIS E 410 52.38 -6.51 1.60
C HIS E 410 52.21 -5.89 0.22
N PRO E 411 52.70 -4.65 0.04
CA PRO E 411 52.58 -3.99 -1.27
C PRO E 411 53.65 -4.56 -2.17
N GLU E 412 53.57 -4.27 -3.46
CA GLU E 412 54.58 -4.72 -4.39
C GLU E 412 55.66 -3.66 -4.31
N ASN E 413 56.78 -3.87 -5.00
CA ASN E 413 57.85 -2.91 -4.98
C ASN E 413 58.40 -2.70 -6.37
N ASP E 414 58.04 -1.55 -6.95
CA ASP E 414 58.51 -1.22 -8.28
C ASP E 414 59.63 -0.21 -8.04
N GLN E 415 60.84 -0.60 -8.42
CA GLN E 415 61.99 0.26 -8.20
C GLN E 415 62.45 0.96 -9.47
N LEU E 416 62.81 2.23 -9.32
CA LEU E 416 63.28 3.02 -10.45
C LEU E 416 64.80 2.94 -10.48
N ILE E 417 65.34 2.58 -11.65
CA ILE E 417 66.78 2.42 -11.80
C ILE E 417 67.35 3.29 -12.90
N ASP E 418 68.39 4.05 -12.56
CA ASP E 418 69.03 4.91 -13.53
C ASP E 418 69.93 4.10 -14.45
N ILE E 419 69.62 4.08 -15.75
CA ILE E 419 70.42 3.33 -16.70
C ILE E 419 71.04 4.21 -17.80
N SER E 420 71.08 5.53 -17.58
CA SER E 420 71.66 6.44 -18.55
C SER E 420 73.16 6.25 -18.72
N GLY E 421 73.82 5.75 -17.67
CA GLY E 421 75.24 5.53 -17.70
C GLY E 421 75.62 4.06 -17.89
N GLU E 422 76.89 3.75 -17.71
CA GLU E 422 77.35 2.38 -17.91
C GLU E 422 76.99 1.47 -16.72
N GLU E 423 76.75 2.06 -15.53
CA GLU E 423 76.37 1.29 -14.35
C GLU E 423 74.93 1.56 -13.94
N MET E 424 74.19 0.50 -13.63
CA MET E 424 72.81 0.63 -13.20
C MET E 424 72.81 1.08 -11.74
N LYS E 425 71.99 2.06 -11.40
CA LYS E 425 71.96 2.55 -10.03
C LYS E 425 70.54 2.70 -9.49
N LEU E 426 70.23 1.97 -8.42
CA LEU E 426 68.91 2.04 -7.81
C LEU E 426 68.70 3.46 -7.32
N VAL E 427 67.53 4.02 -7.60
CA VAL E 427 67.24 5.39 -7.18
C VAL E 427 66.01 5.54 -6.29
N HIS E 428 64.97 4.74 -6.54
CA HIS E 428 63.75 4.85 -5.74
C HIS E 428 62.96 3.54 -5.61
N ASP E 429 62.43 3.31 -4.41
CA ASP E 429 61.60 2.13 -4.12
C ASP E 429 60.15 2.58 -4.11
N GLY E 430 59.37 2.14 -5.10
CA GLY E 430 57.99 2.54 -5.15
C GLY E 430 56.97 1.49 -4.72
N PRO E 431 56.34 1.68 -3.54
CA PRO E 431 55.33 0.76 -3.01
C PRO E 431 54.07 0.83 -3.87
N THR E 432 53.51 -0.32 -4.19
CA THR E 432 52.31 -0.35 -5.01
C THR E 432 51.35 -1.42 -4.53
N TYR E 433 50.07 -1.15 -4.71
CA TYR E 433 49.03 -2.07 -4.28
C TYR E 433 48.61 -3.03 -5.38
N ALA E 434 47.87 -4.06 -4.99
CA ALA E 434 47.31 -5.03 -5.92
C ALA E 434 48.08 -5.30 -7.17
N GLU E 435 49.20 -5.97 -6.99
CA GLU E 435 50.11 -6.39 -8.04
C GLU E 435 50.11 -5.85 -9.49
N PRO E 436 50.87 -4.79 -9.74
CA PRO E 436 50.93 -4.28 -11.12
C PRO E 436 51.93 -5.22 -11.84
N HIS E 437 51.77 -5.40 -13.15
CA HIS E 437 52.64 -6.29 -13.90
C HIS E 437 53.61 -5.52 -14.77
N ASP E 438 53.15 -5.11 -15.95
CA ASP E 438 54.02 -4.33 -16.83
C ASP E 438 53.58 -2.86 -16.80
N CYS E 439 54.39 -1.99 -17.36
CA CYS E 439 54.04 -0.58 -17.43
C CYS E 439 54.70 0.03 -18.66
N ILE E 440 54.21 1.18 -19.08
CA ILE E 440 54.80 1.82 -20.25
C ILE E 440 55.05 3.31 -20.02
N LEU E 441 56.27 3.73 -20.30
CA LEU E 441 56.66 5.12 -20.12
C LEU E 441 56.56 5.90 -21.41
N VAL E 442 56.13 7.15 -21.31
CA VAL E 442 56.04 8.01 -22.47
C VAL E 442 56.47 9.40 -22.05
N ARG E 443 57.09 10.14 -22.98
CA ARG E 443 57.54 11.50 -22.70
C ARG E 443 56.36 12.39 -22.47
N ARG E 444 56.57 13.44 -21.68
CA ARG E 444 55.52 14.40 -21.37
C ARG E 444 54.89 14.97 -22.62
N ASP E 445 55.68 15.13 -23.67
CA ASP E 445 55.20 15.70 -24.91
C ASP E 445 54.57 14.71 -25.90
N GLN E 446 54.51 13.44 -25.55
CA GLN E 446 53.90 12.48 -26.47
C GLN E 446 52.41 12.31 -26.18
N ILE E 447 51.93 13.00 -25.14
CA ILE E 447 50.52 12.94 -24.77
C ILE E 447 49.86 14.33 -24.83
N LYS E 448 48.74 14.43 -25.53
CA LYS E 448 48.00 15.68 -25.63
C LYS E 448 46.65 15.53 -24.94
N THR E 449 46.57 16.09 -23.74
CA THR E 449 45.39 16.05 -22.87
C THR E 449 44.44 17.23 -22.99
N LYS E 450 43.14 16.95 -22.88
CA LYS E 450 42.11 17.98 -22.93
C LYS E 450 41.83 18.40 -21.48
N LYS E 451 41.40 19.63 -21.27
CA LYS E 451 41.11 20.07 -19.90
C LYS E 451 39.61 20.14 -19.58
N ILE E 452 38.79 20.37 -20.61
CA ILE E 452 37.35 20.43 -20.43
C ILE E 452 36.75 19.66 -21.60
N TYR E 453 35.51 19.22 -21.46
CA TYR E 453 34.85 18.45 -22.51
C TYR E 453 34.22 19.32 -23.60
N GLU E 454 34.00 18.71 -24.75
CA GLU E 454 33.36 19.35 -25.89
C GLU E 454 31.94 18.81 -25.84
N ARG E 455 30.94 19.67 -26.04
CA ARG E 455 29.55 19.22 -25.97
C ARG E 455 29.16 18.17 -27.01
N ASN E 456 30.09 17.82 -27.90
CA ASN E 456 29.83 16.80 -28.91
C ASN E 456 30.69 15.55 -28.65
N ASP E 457 31.31 15.50 -27.48
CA ASP E 457 32.16 14.37 -27.08
C ASP E 457 31.37 13.07 -27.05
N PRO E 458 31.94 11.98 -27.62
CA PRO E 458 31.32 10.65 -27.68
C PRO E 458 31.06 9.99 -26.32
N TYR E 459 31.74 10.48 -25.30
CA TYR E 459 31.61 9.91 -23.95
C TYR E 459 30.22 10.10 -23.35
N PHE E 460 29.41 10.96 -23.96
CA PHE E 460 28.04 11.17 -23.49
C PHE E 460 27.09 11.45 -24.65
N ALA E 461 27.32 10.75 -25.76
CA ALA E 461 26.50 10.88 -26.96
C ALA E 461 25.14 10.23 -26.71
N SER E 462 25.15 9.10 -26.02
CA SER E 462 23.92 8.38 -25.71
C SER E 462 23.00 9.24 -24.87
N CYS E 463 23.59 10.12 -24.06
CA CYS E 463 22.80 11.00 -23.21
C CYS E 463 22.05 12.01 -24.06
N ARG E 464 22.77 12.78 -24.85
CA ARG E 464 22.13 13.78 -25.68
C ARG E 464 21.17 13.15 -26.69
N ALA E 465 21.38 11.87 -27.00
CA ALA E 465 20.49 11.20 -27.96
C ALA E 465 19.17 10.95 -27.27
N GLN E 466 19.22 10.66 -25.99
CA GLN E 466 18.01 10.41 -25.23
C GLN E 466 17.37 11.75 -24.88
N ALA E 467 18.21 12.77 -24.79
CA ALA E 467 17.74 14.12 -24.47
C ALA E 467 16.96 14.66 -25.65
N GLU E 468 17.49 14.38 -26.84
CA GLU E 468 16.87 14.83 -28.08
C GLU E 468 15.46 14.27 -28.16
N LYS E 469 15.33 12.96 -27.92
CA LYS E 469 14.03 12.30 -27.97
C LYS E 469 13.06 12.82 -26.93
N ASP E 470 13.61 13.36 -25.84
CA ASP E 470 12.78 13.93 -24.77
C ASP E 470 12.59 15.42 -25.00
N GLY E 471 13.25 15.95 -26.03
CA GLY E 471 13.15 17.36 -26.34
C GLY E 471 13.72 18.23 -25.24
N VAL E 472 14.89 17.87 -24.73
CA VAL E 472 15.54 18.65 -23.68
C VAL E 472 16.89 19.17 -24.12
N THR E 473 17.26 20.34 -23.63
CA THR E 473 18.55 20.95 -23.96
C THR E 473 19.40 20.77 -22.72
N LEU E 474 20.30 19.79 -22.78
CA LEU E 474 21.17 19.48 -21.67
C LEU E 474 21.88 20.68 -21.08
N GLU E 475 22.26 21.63 -21.94
CA GLU E 475 22.97 22.81 -21.48
C GLU E 475 22.17 23.77 -20.58
N SER E 476 20.86 23.81 -20.72
CA SER E 476 20.05 24.73 -19.93
C SER E 476 18.82 24.18 -19.21
N ASP E 477 18.27 23.07 -19.71
CA ASP E 477 17.07 22.49 -19.12
C ASP E 477 17.22 21.86 -17.73
N ASN E 478 16.09 21.80 -17.00
CA ASN E 478 16.04 21.20 -15.68
C ASN E 478 14.65 20.61 -15.53
N LYS E 479 14.39 19.57 -16.31
CA LYS E 479 13.09 18.91 -16.31
C LYS E 479 13.05 17.58 -15.57
N VAL E 480 11.86 17.00 -15.52
CA VAL E 480 11.59 15.72 -14.88
C VAL E 480 10.54 15.01 -15.73
N ILE E 481 11.00 14.26 -16.72
CA ILE E 481 10.12 13.53 -17.62
C ILE E 481 9.69 12.17 -17.09
N ARG E 482 8.39 11.89 -17.17
CA ARG E 482 7.88 10.63 -16.68
C ARG E 482 7.47 9.74 -17.84
N ASP E 483 7.89 8.48 -17.78
CA ASP E 483 7.60 7.51 -18.82
C ASP E 483 7.14 6.20 -18.18
N GLY E 484 5.95 6.20 -17.61
CA GLY E 484 5.42 5.01 -16.96
C GLY E 484 6.16 4.75 -15.67
N ASN E 485 6.86 3.62 -15.61
CA ASN E 485 7.60 3.26 -14.41
C ASN E 485 8.99 3.92 -14.41
N LYS E 486 9.36 4.48 -15.55
CA LYS E 486 10.65 5.15 -15.70
C LYS E 486 10.51 6.65 -15.48
N VAL E 487 11.55 7.24 -14.88
CA VAL E 487 11.56 8.66 -14.58
C VAL E 487 12.95 9.21 -14.90
N ARG E 488 13.03 10.02 -15.94
CA ARG E 488 14.31 10.62 -16.33
C ARG E 488 14.40 12.07 -15.86
N VAL E 489 15.27 12.31 -14.87
CA VAL E 489 15.48 13.64 -14.32
C VAL E 489 16.71 14.31 -14.94
N TYR E 490 16.54 15.52 -15.49
CA TYR E 490 17.68 16.24 -16.08
C TYR E 490 17.99 17.49 -15.29
N MET E 491 19.19 17.56 -14.70
CA MET E 491 19.58 18.71 -13.93
C MET E 491 20.75 19.40 -14.60
N THR E 492 21.10 20.57 -14.10
CA THR E 492 22.21 21.34 -14.64
C THR E 492 22.98 21.72 -13.39
N SER E 493 24.25 22.07 -13.54
CA SER E 493 25.05 22.44 -12.36
C SER E 493 26.04 23.57 -12.62
N VAL E 494 26.21 24.41 -11.60
CA VAL E 494 27.12 25.55 -11.63
C VAL E 494 27.24 26.04 -10.21
N ALA E 495 28.37 26.66 -9.89
CA ALA E 495 28.58 27.20 -8.54
C ALA E 495 28.16 26.11 -7.56
N PRO E 496 27.93 26.46 -6.27
CA PRO E 496 27.54 25.39 -5.35
C PRO E 496 26.05 25.02 -5.39
N GLN E 497 25.50 24.89 -6.60
CA GLN E 497 24.08 24.55 -6.77
C GLN E 497 23.69 23.76 -8.02
N TYR E 498 22.71 22.89 -7.84
CA TYR E 498 22.16 22.10 -8.94
C TYR E 498 21.00 22.94 -9.49
N GLY E 499 20.61 22.72 -10.74
CA GLY E 499 19.53 23.50 -11.32
C GLY E 499 18.17 22.97 -10.89
N MET E 500 18.17 22.16 -9.83
CA MET E 500 16.95 21.57 -9.31
C MET E 500 17.26 20.99 -7.94
N THR E 501 16.49 21.34 -6.91
CA THR E 501 16.77 20.80 -5.57
C THR E 501 15.62 19.97 -4.96
N ASP E 502 14.74 19.47 -5.81
CA ASP E 502 13.61 18.69 -5.32
C ASP E 502 12.83 18.07 -6.48
N PHE E 503 12.49 16.79 -6.34
CA PHE E 503 11.68 16.08 -7.34
C PHE E 503 11.05 14.84 -6.70
N LYS E 504 9.88 14.45 -7.21
CA LYS E 504 9.14 13.30 -6.68
C LYS E 504 9.07 12.11 -7.61
N VAL E 505 9.11 10.94 -7.01
CA VAL E 505 9.03 9.68 -7.73
C VAL E 505 8.26 8.73 -6.84
N LYS E 506 7.72 7.67 -7.44
CA LYS E 506 6.99 6.68 -6.69
C LYS E 506 7.86 5.46 -6.40
N GLU E 507 7.64 4.85 -5.25
CA GLU E 507 8.39 3.67 -4.85
C GLU E 507 8.48 2.67 -6.02
N GLY E 508 9.68 2.17 -6.27
CA GLY E 508 9.88 1.20 -7.35
C GLY E 508 10.11 1.79 -8.72
N ASP E 509 10.09 3.11 -8.83
CA ASP E 509 10.31 3.77 -10.10
C ASP E 509 11.77 3.61 -10.51
N GLU E 510 12.01 3.46 -11.82
CA GLU E 510 13.36 3.33 -12.34
C GLU E 510 13.86 4.74 -12.72
N VAL E 511 14.47 5.41 -11.74
CA VAL E 511 14.98 6.76 -11.90
C VAL E 511 16.32 6.84 -12.62
N THR E 512 16.43 7.77 -13.56
CA THR E 512 17.68 7.97 -14.31
C THR E 512 18.00 9.45 -14.21
N VAL E 513 19.01 9.79 -13.42
CA VAL E 513 19.39 11.18 -13.24
C VAL E 513 20.54 11.58 -14.13
N TYR E 514 20.34 12.63 -14.94
CA TYR E 514 21.41 13.13 -15.80
C TYR E 514 21.84 14.43 -15.17
N ILE E 515 23.14 14.68 -15.09
CA ILE E 515 23.64 15.92 -14.51
C ILE E 515 24.64 16.53 -15.46
N THR E 516 24.43 17.80 -15.80
CA THR E 516 25.35 18.47 -16.71
C THR E 516 26.08 19.62 -16.03
N ASN E 517 27.40 19.57 -16.10
CA ASN E 517 28.25 20.58 -15.51
C ASN E 517 28.44 21.70 -16.52
N LEU E 518 28.00 22.91 -16.17
CA LEU E 518 28.16 24.04 -17.09
C LEU E 518 29.40 24.87 -16.78
N ASP E 519 29.98 24.68 -15.60
CA ASP E 519 31.17 25.43 -15.25
C ASP E 519 32.17 25.28 -16.37
N MET E 520 33.09 26.25 -16.47
CA MET E 520 34.08 26.25 -17.54
C MET E 520 35.51 26.28 -16.98
N VAL E 521 35.62 26.60 -15.70
CA VAL E 521 36.92 26.64 -15.07
C VAL E 521 37.50 25.22 -14.96
N GLU E 522 38.79 25.09 -15.23
CA GLU E 522 39.42 23.78 -15.15
C GLU E 522 39.47 23.29 -13.71
N ASP E 523 39.42 21.97 -13.55
CA ASP E 523 39.49 21.32 -12.24
C ASP E 523 38.21 21.49 -11.43
N VAL E 524 37.26 22.28 -11.92
CA VAL E 524 36.00 22.44 -11.20
C VAL E 524 35.09 21.28 -11.55
N THR E 525 35.26 20.18 -10.83
CA THR E 525 34.50 18.96 -11.04
C THR E 525 33.34 18.79 -10.06
N HIS E 526 32.21 18.30 -10.55
CA HIS E 526 31.06 18.07 -9.70
C HIS E 526 30.72 16.59 -9.63
N GLY E 527 30.07 16.21 -8.53
CA GLY E 527 29.69 14.83 -8.36
C GLY E 527 28.20 14.74 -8.16
N PHE E 528 27.75 13.55 -7.79
CA PHE E 528 26.34 13.30 -7.55
C PHE E 528 26.18 11.97 -6.83
N CYS E 529 25.67 12.03 -5.60
CA CYS E 529 25.43 10.83 -4.82
C CYS E 529 24.02 10.84 -4.23
N MET E 530 23.25 9.79 -4.50
CA MET E 530 21.90 9.68 -3.96
C MET E 530 21.96 8.79 -2.74
N VAL E 531 21.87 9.39 -1.55
CA VAL E 531 21.93 8.64 -0.30
C VAL E 531 21.14 7.34 -0.27
N ASN E 532 21.78 6.31 0.29
CA ASN E 532 21.18 4.98 0.42
C ASN E 532 20.71 4.35 -0.89
N HIS E 533 21.26 4.79 -2.03
CA HIS E 533 20.86 4.19 -3.31
C HIS E 533 22.03 3.61 -4.11
N GLY E 534 23.20 3.49 -3.47
CA GLY E 534 24.36 2.95 -4.16
C GLY E 534 24.62 3.61 -5.50
N VAL E 535 24.66 4.95 -5.49
CA VAL E 535 24.88 5.70 -6.71
C VAL E 535 25.87 6.84 -6.50
N SER E 536 26.69 7.07 -7.52
CA SER E 536 27.68 8.12 -7.52
C SER E 536 28.24 8.20 -8.92
N MET E 537 28.55 9.41 -9.35
CA MET E 537 29.11 9.59 -10.69
C MET E 537 29.87 10.90 -10.74
N GLU E 538 30.72 11.03 -11.75
CA GLU E 538 31.54 12.20 -11.93
C GLU E 538 31.02 13.09 -13.04
N ILE E 539 31.05 14.40 -12.80
CA ILE E 539 30.63 15.34 -13.82
C ILE E 539 31.67 16.46 -13.84
N SER E 540 32.61 16.36 -14.76
CA SER E 540 33.66 17.37 -14.89
C SER E 540 33.12 18.45 -15.82
N PRO E 541 33.85 19.59 -15.92
CA PRO E 541 33.48 20.72 -16.77
C PRO E 541 32.95 20.41 -18.16
N GLN E 542 31.71 20.82 -18.41
CA GLN E 542 31.05 20.64 -19.70
C GLN E 542 30.70 19.20 -20.03
N GLN E 543 30.78 18.33 -19.04
CA GLN E 543 30.47 16.92 -19.25
C GLN E 543 29.04 16.62 -18.82
N THR E 544 28.47 15.55 -19.36
CA THR E 544 27.13 15.11 -18.97
C THR E 544 27.26 13.64 -18.61
N ALA E 545 26.71 13.26 -17.45
CA ALA E 545 26.77 11.87 -17.00
C ALA E 545 25.45 11.40 -16.35
N SER E 546 25.02 10.19 -16.68
CA SER E 546 23.78 9.68 -16.14
C SER E 546 23.98 8.44 -15.27
N VAL E 547 23.01 8.17 -14.42
CA VAL E 547 23.07 7.02 -13.56
C VAL E 547 21.64 6.63 -13.21
N THR E 548 21.30 5.37 -13.45
CA THR E 548 19.95 4.90 -13.14
C THR E 548 19.89 4.00 -11.90
N PHE E 549 18.76 4.05 -11.19
CA PHE E 549 18.58 3.26 -9.98
C PHE E 549 17.09 3.09 -9.66
N THR E 550 16.77 2.13 -8.80
CA THR E 550 15.40 1.90 -8.40
C THR E 550 15.10 2.65 -7.10
N ALA E 551 13.97 3.37 -7.10
CA ALA E 551 13.57 4.14 -5.93
C ALA E 551 13.28 3.22 -4.77
N GLY E 552 13.97 3.45 -3.66
CA GLY E 552 13.79 2.61 -2.48
C GLY E 552 12.40 2.73 -1.88
N LYS E 553 12.31 2.42 -0.59
CA LYS E 553 11.04 2.51 0.12
C LYS E 553 10.68 4.00 0.21
N PRO E 554 9.38 4.30 0.42
CA PRO E 554 8.90 5.69 0.53
C PRO E 554 9.54 6.48 1.66
N GLY E 555 9.89 7.73 1.36
CA GLY E 555 10.50 8.60 2.34
C GLY E 555 11.35 9.69 1.72
N VAL E 556 12.15 10.34 2.56
CA VAL E 556 13.03 11.41 2.07
C VAL E 556 14.45 10.88 1.76
N TYR E 557 14.98 11.26 0.60
CA TYR E 557 16.33 10.83 0.22
C TYR E 557 17.15 11.99 -0.35
N TRP E 558 18.02 12.56 0.49
CA TRP E 558 18.87 13.65 0.07
C TRP E 558 19.89 13.21 -0.98
N TYR E 559 20.31 14.13 -1.84
CA TYR E 559 21.32 13.83 -2.85
C TYR E 559 22.28 15.00 -2.86
N TYR E 560 23.58 14.72 -2.81
CA TYR E 560 24.56 15.78 -2.77
C TYR E 560 25.72 15.64 -3.74
N CYS E 561 26.55 16.68 -3.78
CA CYS E 561 27.74 16.69 -4.63
C CYS E 561 28.86 16.22 -3.74
N ASN E 562 29.61 15.21 -4.18
CA ASN E 562 30.70 14.69 -3.37
C ASN E 562 32.06 15.24 -3.75
N TRP E 563 32.10 15.96 -4.86
CA TRP E 563 33.33 16.57 -5.38
C TRP E 563 33.48 18.01 -4.86
N PHE E 564 34.32 18.21 -3.86
CA PHE E 564 34.52 19.55 -3.32
C PHE E 564 34.76 20.50 -4.48
N CYS E 565 33.77 21.36 -4.71
CA CYS E 565 33.77 22.30 -5.84
C CYS E 565 33.65 23.79 -5.51
N HIS E 566 33.31 24.10 -4.27
CA HIS E 566 33.12 25.50 -3.85
C HIS E 566 33.12 25.58 -2.32
N ALA E 567 33.27 26.80 -1.79
CA ALA E 567 33.28 26.98 -0.34
C ALA E 567 31.91 26.63 0.28
N LEU E 568 30.86 26.62 -0.53
CA LEU E 568 29.51 26.28 -0.06
C LEU E 568 29.17 24.84 -0.43
N HIS E 569 30.22 24.07 -0.67
CA HIS E 569 30.13 22.66 -1.07
C HIS E 569 29.15 21.83 -0.25
N MET E 570 29.26 21.96 1.07
CA MET E 570 28.39 21.22 1.98
C MET E 570 26.92 21.53 1.72
N GLU E 571 26.64 22.67 1.10
CA GLU E 571 25.25 23.04 0.83
C GLU E 571 24.73 22.66 -0.56
N MET E 572 25.62 22.25 -1.46
CA MET E 572 25.19 21.86 -2.82
C MET E 572 24.45 20.53 -2.70
N VAL E 573 23.14 20.60 -2.55
CA VAL E 573 22.34 19.40 -2.37
C VAL E 573 20.95 19.47 -3.01
N GLY E 574 20.10 18.50 -2.63
CA GLY E 574 18.74 18.41 -3.14
C GLY E 574 18.00 17.35 -2.33
N ARG E 575 16.75 17.07 -2.70
CA ARG E 575 15.98 16.05 -1.99
C ARG E 575 15.03 15.30 -2.89
N MET E 576 15.12 13.97 -2.87
CA MET E 576 14.25 13.16 -3.70
C MET E 576 13.13 12.67 -2.79
N LEU E 577 11.90 12.90 -3.24
CA LEU E 577 10.73 12.49 -2.47
C LEU E 577 10.06 11.29 -3.13
N VAL E 578 10.17 10.16 -2.44
CA VAL E 578 9.58 8.91 -2.91
C VAL E 578 8.32 8.63 -2.12
N GLU E 579 7.19 8.61 -2.81
CA GLU E 579 5.91 8.35 -2.16
C GLU E 579 5.40 6.94 -2.45
N ALA E 580 4.47 6.48 -1.62
CA ALA E 580 3.87 5.15 -1.78
C ALA E 580 3.18 5.08 -3.14
N ALA E 581 3.40 3.98 -3.85
CA ALA E 581 2.83 3.79 -5.18
C ALA E 581 1.32 3.52 -5.11
N ALA F 10 63.03 14.39 6.00
CA ALA F 10 62.12 14.75 4.88
C ALA F 10 62.25 13.78 3.70
N HIS F 11 63.38 13.10 3.62
CA HIS F 11 63.64 12.17 2.53
C HIS F 11 63.85 10.74 3.05
N VAL F 12 63.26 9.77 2.37
CA VAL F 12 63.39 8.36 2.74
C VAL F 12 64.05 7.57 1.61
N ALA F 13 65.30 7.17 1.82
CA ALA F 13 66.04 6.42 0.81
C ALA F 13 65.73 4.92 0.83
N PRO F 14 66.06 4.22 -0.27
CA PRO F 14 65.84 2.78 -0.40
C PRO F 14 66.52 2.05 0.76
N GLY F 15 65.76 1.22 1.46
CA GLY F 15 66.32 0.49 2.58
C GLY F 15 65.94 1.13 3.91
N GLU F 16 65.50 2.39 3.85
CA GLU F 16 65.08 3.10 5.05
C GLU F 16 63.56 3.05 5.19
N LEU F 17 63.08 3.30 6.41
CA LEU F 17 61.64 3.28 6.67
C LEU F 17 61.13 4.64 7.12
N ASP F 18 59.86 4.90 6.86
CA ASP F 18 59.22 6.16 7.26
C ASP F 18 59.17 6.18 8.79
N GLU F 19 58.78 7.32 9.35
CA GLU F 19 58.69 7.46 10.80
C GLU F 19 57.25 7.42 11.28
N TYR F 20 56.32 7.80 10.40
CA TYR F 20 54.91 7.82 10.76
C TYR F 20 54.06 7.07 9.75
N TYR F 21 52.94 6.54 10.22
CA TYR F 21 51.97 5.88 9.37
C TYR F 21 51.00 7.02 9.09
N GLY F 22 50.47 7.07 7.88
CA GLY F 22 49.52 8.12 7.55
C GLY F 22 48.27 7.45 7.01
N PHE F 23 47.17 7.55 7.76
CA PHE F 23 45.93 6.94 7.31
C PHE F 23 45.03 7.97 6.63
N TRP F 24 45.06 7.96 5.30
CA TRP F 24 44.30 8.88 4.49
C TRP F 24 42.89 8.39 4.19
N SER F 25 41.91 9.27 4.30
CA SER F 25 40.54 8.92 4.01
C SER F 25 40.52 8.81 2.50
N GLY F 26 39.57 8.06 1.96
CA GLY F 26 39.51 7.90 0.51
C GLY F 26 38.40 8.70 -0.14
N GLY F 27 37.64 9.44 0.66
CA GLY F 27 36.57 10.23 0.10
C GLY F 27 35.48 9.32 -0.44
N HIS F 28 34.88 9.70 -1.56
CA HIS F 28 33.81 8.90 -2.16
C HIS F 28 34.32 7.78 -3.04
N GLN F 29 35.61 7.46 -2.85
CA GLN F 29 36.27 6.38 -3.57
C GLN F 29 36.02 5.13 -2.68
N GLY F 30 35.88 5.36 -1.39
CA GLY F 30 35.55 4.28 -0.47
C GLY F 30 36.57 3.62 0.43
N GLU F 31 37.85 3.68 0.07
CA GLU F 31 38.86 3.02 0.86
C GLU F 31 39.58 3.95 1.83
N VAL F 32 40.47 3.36 2.60
CA VAL F 32 41.31 4.08 3.54
C VAL F 32 42.70 3.78 2.99
N ARG F 33 43.50 4.83 2.80
CA ARG F 33 44.84 4.63 2.28
C ARG F 33 45.88 4.79 3.37
N VAL F 34 46.84 3.89 3.41
CA VAL F 34 47.90 3.94 4.40
C VAL F 34 49.14 4.45 3.67
N LEU F 35 49.72 5.53 4.19
CA LEU F 35 50.91 6.12 3.59
C LEU F 35 52.04 6.19 4.58
N GLY F 36 53.24 6.35 4.06
CA GLY F 36 54.40 6.48 4.91
C GLY F 36 54.75 7.94 4.96
N VAL F 37 55.00 8.45 6.16
CA VAL F 37 55.38 9.85 6.33
C VAL F 37 56.79 9.84 6.89
N PRO F 38 57.65 10.74 6.40
CA PRO F 38 57.42 11.79 5.42
C PRO F 38 57.56 11.48 3.91
N SER F 39 57.71 10.22 3.52
CA SER F 39 57.87 9.95 2.09
C SER F 39 56.59 10.25 1.31
N MET F 40 55.45 10.13 1.97
CA MET F 40 54.15 10.38 1.33
C MET F 40 53.82 9.34 0.27
N ARG F 41 54.39 8.15 0.39
CA ARG F 41 54.13 7.07 -0.56
C ARG F 41 53.00 6.21 -0.01
N GLU F 42 52.19 5.65 -0.92
CA GLU F 42 51.07 4.80 -0.53
C GLU F 42 51.53 3.37 -0.28
N LEU F 43 51.52 2.97 0.98
CA LEU F 43 51.95 1.62 1.36
C LEU F 43 50.85 0.57 1.26
N MET F 44 49.59 0.99 1.42
CA MET F 44 48.50 0.03 1.38
C MET F 44 47.12 0.65 1.21
N ARG F 45 46.22 -0.11 0.60
CA ARG F 45 44.85 0.31 0.41
C ARG F 45 43.98 -0.63 1.22
N ILE F 46 43.21 -0.07 2.15
CA ILE F 46 42.33 -0.88 2.94
C ILE F 46 40.92 -0.67 2.42
N PRO F 47 40.37 -1.65 1.71
CA PRO F 47 39.02 -1.47 1.21
C PRO F 47 38.01 -1.40 2.36
N VAL F 48 37.05 -0.48 2.25
CA VAL F 48 36.04 -0.31 3.28
C VAL F 48 34.63 -0.30 2.71
N PHE F 49 34.27 0.74 1.98
CA PHE F 49 32.92 0.81 1.41
C PHE F 49 32.95 0.53 -0.07
N ASN F 50 34.15 0.42 -0.62
CA ASN F 50 34.32 0.15 -2.04
C ASN F 50 34.37 -1.36 -2.28
N VAL F 51 34.35 -1.75 -3.56
CA VAL F 51 34.42 -3.16 -3.93
C VAL F 51 35.80 -3.34 -4.56
N ASP F 52 36.68 -4.08 -3.89
CA ASP F 52 38.04 -4.29 -4.38
C ASP F 52 38.22 -5.53 -5.25
N SER F 53 38.48 -5.31 -6.53
CA SER F 53 38.67 -6.39 -7.49
C SER F 53 39.84 -7.35 -7.17
N ALA F 54 40.79 -6.86 -6.37
CA ALA F 54 41.97 -7.64 -6.00
C ALA F 54 41.78 -8.56 -4.81
N THR F 55 41.55 -7.98 -3.63
CA THR F 55 41.36 -8.78 -2.43
C THR F 55 40.00 -9.41 -2.43
N GLY F 56 39.11 -8.87 -3.23
CA GLY F 56 37.77 -9.41 -3.29
C GLY F 56 36.86 -8.86 -2.20
N TRP F 57 37.27 -7.77 -1.56
CA TRP F 57 36.44 -7.18 -0.52
C TRP F 57 35.19 -6.71 -1.22
N GLY F 58 34.05 -7.26 -0.81
CA GLY F 58 32.79 -6.92 -1.43
C GLY F 58 32.36 -8.10 -2.26
N ILE F 59 33.28 -9.05 -2.44
CA ILE F 59 32.96 -10.23 -3.23
C ILE F 59 33.11 -11.52 -2.41
N THR F 60 34.04 -11.54 -1.48
CA THR F 60 34.25 -12.71 -0.64
C THR F 60 33.10 -12.82 0.35
N ASN F 61 32.85 -14.02 0.85
CA ASN F 61 31.77 -14.24 1.80
C ASN F 61 32.07 -13.62 3.14
N GLU F 62 33.35 -13.45 3.46
CA GLU F 62 33.74 -12.85 4.73
C GLU F 62 33.48 -11.35 4.72
N SER F 63 33.80 -10.70 3.62
CA SER F 63 33.56 -9.27 3.53
C SER F 63 32.06 -9.01 3.54
N LYS F 64 31.34 -9.79 2.73
CA LYS F 64 29.89 -9.64 2.65
C LYS F 64 29.21 -9.75 4.00
N GLU F 65 29.67 -10.68 4.83
CA GLU F 65 29.06 -10.84 6.15
C GLU F 65 29.30 -9.60 7.00
N ILE F 66 30.49 -9.02 6.92
CA ILE F 66 30.82 -7.83 7.69
C ILE F 66 30.03 -6.61 7.17
N LEU F 67 29.86 -6.53 5.86
CA LEU F 67 29.12 -5.44 5.24
C LEU F 67 27.66 -5.50 5.67
N GLY F 68 27.18 -6.71 5.92
CA GLY F 68 25.79 -6.90 6.32
C GLY F 68 24.87 -6.11 5.43
N GLY F 69 23.79 -5.59 6.02
CA GLY F 69 22.83 -4.80 5.27
C GLY F 69 21.96 -5.65 4.36
N ASP F 70 20.76 -5.18 4.06
CA ASP F 70 19.87 -5.95 3.19
C ASP F 70 19.96 -5.51 1.74
N GLN F 71 21.05 -4.84 1.41
CA GLN F 71 21.27 -4.37 0.05
C GLN F 71 22.76 -4.21 -0.22
N GLN F 72 23.16 -4.48 -1.46
CA GLN F 72 24.56 -4.36 -1.83
C GLN F 72 24.88 -2.95 -2.32
N TYR F 73 25.92 -2.35 -1.78
CA TYR F 73 26.34 -1.01 -2.16
C TYR F 73 27.75 -1.04 -2.76
N LEU F 74 27.86 -0.67 -4.03
CA LEU F 74 29.14 -0.64 -4.69
C LEU F 74 29.95 0.62 -4.33
N ASN F 75 29.39 1.46 -3.46
CA ASN F 75 30.06 2.71 -3.10
C ASN F 75 29.98 3.17 -1.65
N GLY F 76 30.67 4.28 -1.40
CA GLY F 76 30.71 4.91 -0.09
C GLY F 76 31.39 6.28 -0.18
N ASP F 77 31.53 6.96 0.95
CA ASP F 77 32.18 8.26 0.99
C ASP F 77 32.70 8.46 2.41
N CYS F 78 33.97 8.06 2.64
CA CYS F 78 34.58 8.21 3.95
C CYS F 78 35.34 9.53 4.04
N HIS F 79 35.24 10.21 5.18
CA HIS F 79 35.90 11.50 5.37
C HIS F 79 36.82 11.52 6.57
N HIS F 80 36.36 10.90 7.66
CA HIS F 80 37.14 10.99 8.90
C HIS F 80 37.63 9.70 9.55
N PRO F 81 38.95 9.48 9.52
CA PRO F 81 39.57 8.30 10.11
C PRO F 81 40.20 8.66 11.45
N HIS F 82 39.89 7.90 12.49
CA HIS F 82 40.46 8.19 13.80
C HIS F 82 40.84 6.90 14.51
N ILE F 83 41.99 6.94 15.17
CA ILE F 83 42.49 5.78 15.87
C ILE F 83 42.07 5.78 17.34
N SER F 84 41.83 4.58 17.87
CA SER F 84 41.43 4.42 19.26
C SER F 84 42.47 4.96 20.24
N MET F 85 42.03 5.31 21.45
CA MET F 85 42.94 5.86 22.44
C MET F 85 42.74 5.34 23.84
N THR F 86 43.76 5.50 24.67
CA THR F 86 43.72 5.09 26.06
C THR F 86 44.38 6.23 26.83
N ASP F 87 43.56 6.94 27.61
CA ASP F 87 43.99 8.06 28.43
C ASP F 87 44.56 9.20 27.57
N GLY F 88 43.89 9.47 26.45
CA GLY F 88 44.34 10.54 25.57
C GLY F 88 45.55 10.27 24.69
N ARG F 89 45.94 9.01 24.55
CA ARG F 89 47.09 8.64 23.71
C ARG F 89 46.65 7.55 22.74
N TYR F 90 47.20 7.54 21.53
CA TYR F 90 46.84 6.53 20.53
C TYR F 90 47.33 5.16 21.00
N ASP F 91 46.43 4.17 21.03
CA ASP F 91 46.84 2.83 21.44
C ASP F 91 47.01 1.91 20.22
N GLY F 92 46.67 2.44 19.04
CA GLY F 92 46.82 1.69 17.81
C GLY F 92 46.04 0.41 17.62
N LYS F 93 44.88 0.28 18.28
CA LYS F 93 44.07 -0.93 18.15
C LYS F 93 43.10 -0.84 16.98
N TYR F 94 42.22 0.15 17.01
CA TYR F 94 41.24 0.33 15.95
C TYR F 94 41.34 1.70 15.28
N LEU F 95 40.65 1.80 14.14
CA LEU F 95 40.56 3.04 13.38
C LEU F 95 39.12 3.04 12.86
N PHE F 96 38.39 4.14 13.11
CA PHE F 96 36.99 4.22 12.68
C PHE F 96 36.80 5.28 11.63
N ILE F 97 35.91 5.03 10.68
CA ILE F 97 35.65 6.02 9.64
C ILE F 97 34.18 6.00 9.24
N ASN F 98 33.73 7.12 8.69
CA ASN F 98 32.34 7.33 8.28
C ASN F 98 32.05 6.98 6.83
N ASP F 99 30.76 6.95 6.51
CA ASP F 99 30.26 6.71 5.17
C ASP F 99 29.05 7.63 5.02
N LYS F 100 29.25 8.76 4.37
CA LYS F 100 28.19 9.74 4.18
C LYS F 100 27.23 9.32 3.07
N ALA F 101 27.67 8.43 2.18
CA ALA F 101 26.84 8.00 1.06
C ALA F 101 25.73 6.99 1.39
N ASN F 102 25.98 6.07 2.31
CA ASN F 102 24.94 5.10 2.63
C ASN F 102 24.75 4.92 4.12
N THR F 103 25.05 5.98 4.86
CA THR F 103 24.86 6.02 6.30
C THR F 103 25.41 4.82 7.08
N ARG F 104 26.73 4.78 7.25
CA ARG F 104 27.36 3.68 7.97
C ARG F 104 28.62 4.17 8.66
N VAL F 105 29.19 3.33 9.51
CA VAL F 105 30.42 3.64 10.23
C VAL F 105 31.21 2.35 10.23
N ALA F 106 32.51 2.44 9.98
CA ALA F 106 33.31 1.23 9.92
C ALA F 106 34.44 1.22 10.92
N ARG F 107 34.81 0.02 11.35
CA ARG F 107 35.91 -0.15 12.26
C ARG F 107 36.95 -0.95 11.50
N ILE F 108 38.23 -0.64 11.73
CA ILE F 108 39.29 -1.35 11.07
C ILE F 108 40.33 -1.82 12.05
N ARG F 109 40.67 -3.11 11.98
CA ARG F 109 41.69 -3.73 12.82
C ARG F 109 43.05 -3.31 12.28
N LEU F 110 43.82 -2.59 13.09
CA LEU F 110 45.11 -2.12 12.67
C LEU F 110 46.17 -3.20 12.72
N ASP F 111 45.88 -4.30 13.39
CA ASP F 111 46.84 -5.38 13.47
C ASP F 111 47.04 -6.06 12.11
N ILE F 112 46.00 -6.07 11.28
CA ILE F 112 46.11 -6.69 9.95
C ILE F 112 45.63 -5.73 8.86
N MET F 113 45.29 -4.52 9.26
CA MET F 113 44.81 -3.51 8.32
C MET F 113 43.67 -4.00 7.45
N LYS F 114 42.57 -4.41 8.08
CA LYS F 114 41.39 -4.91 7.37
C LYS F 114 40.12 -4.43 8.06
N THR F 115 39.06 -4.19 7.29
CA THR F 115 37.81 -3.74 7.86
C THR F 115 37.23 -4.82 8.77
N ASP F 116 37.07 -4.46 10.03
CA ASP F 116 36.58 -5.36 11.08
C ASP F 116 35.06 -5.42 11.16
N LYS F 117 34.44 -4.27 11.41
CA LYS F 117 32.99 -4.21 11.53
C LYS F 117 32.41 -3.06 10.72
N ILE F 118 31.15 -3.21 10.32
CA ILE F 118 30.44 -2.19 9.59
C ILE F 118 29.04 -2.10 10.21
N THR F 119 28.64 -0.89 10.58
CA THR F 119 27.34 -0.73 11.21
C THR F 119 26.52 0.35 10.54
N HIS F 120 25.24 0.05 10.32
CA HIS F 120 24.30 1.00 9.71
C HIS F 120 23.67 1.85 10.83
N ILE F 121 23.76 3.17 10.69
CA ILE F 121 23.18 4.06 11.69
C ILE F 121 21.70 4.19 11.33
N PRO F 122 20.82 3.90 12.30
CA PRO F 122 19.37 3.98 12.06
C PRO F 122 18.73 5.35 12.23
N ASN F 123 17.61 5.53 11.55
CA ASN F 123 16.81 6.73 11.60
C ASN F 123 17.59 8.04 11.48
N VAL F 124 18.63 8.03 10.66
CA VAL F 124 19.42 9.24 10.47
C VAL F 124 19.98 9.18 9.06
N GLN F 125 20.61 10.25 8.60
CA GLN F 125 21.15 10.22 7.25
C GLN F 125 22.48 10.95 7.09
N ALA F 126 23.32 10.41 6.21
CA ALA F 126 24.63 10.98 5.92
C ALA F 126 25.52 11.16 7.13
N ILE F 127 26.26 10.11 7.48
CA ILE F 127 27.18 10.18 8.59
C ILE F 127 28.38 10.96 8.09
N HIS F 128 28.64 12.11 8.71
CA HIS F 128 29.77 12.95 8.33
C HIS F 128 30.80 13.09 9.45
N GLY F 129 30.57 14.02 10.37
CA GLY F 129 31.51 14.21 11.46
C GLY F 129 31.69 12.94 12.25
N LEU F 130 32.93 12.66 12.65
CA LEU F 130 33.21 11.46 13.42
C LEU F 130 34.51 11.57 14.19
N ARG F 131 34.46 11.22 15.48
CA ARG F 131 35.66 11.26 16.33
C ARG F 131 35.47 10.39 17.56
N LEU F 132 36.57 10.06 18.22
CA LEU F 132 36.50 9.17 19.37
C LEU F 132 36.65 9.80 20.74
N GLN F 133 36.20 9.05 21.75
CA GLN F 133 36.31 9.47 23.15
C GLN F 133 37.79 9.31 23.49
N LYS F 134 38.34 10.22 24.29
CA LYS F 134 39.75 10.16 24.62
C LYS F 134 40.09 9.66 26.03
N VAL F 135 39.28 10.04 27.01
CA VAL F 135 39.52 9.60 28.38
C VAL F 135 38.22 9.04 28.96
N PRO F 136 38.31 7.95 29.75
CA PRO F 136 39.52 7.21 30.12
C PRO F 136 40.12 6.42 28.96
N LYS F 137 39.31 6.21 27.93
CA LYS F 137 39.71 5.47 26.73
C LYS F 137 38.57 5.56 25.72
N THR F 138 38.76 4.97 24.55
CA THR F 138 37.73 5.00 23.52
C THR F 138 36.64 3.96 23.80
N ASN F 139 35.59 4.36 24.50
CA ASN F 139 34.47 3.49 24.82
C ASN F 139 33.33 3.87 23.88
N TYR F 140 33.32 5.14 23.50
CA TYR F 140 32.30 5.67 22.61
C TYR F 140 32.88 6.19 21.30
N VAL F 141 32.12 6.01 20.23
CA VAL F 141 32.49 6.51 18.92
C VAL F 141 31.36 7.48 18.62
N PHE F 142 31.70 8.76 18.47
CA PHE F 142 30.71 9.78 18.21
C PHE F 142 30.66 10.15 16.74
N CYS F 143 29.47 10.09 16.14
CA CYS F 143 29.31 10.45 14.74
C CYS F 143 28.08 11.35 14.53
N ASN F 144 28.20 12.29 13.60
CA ASN F 144 27.11 13.22 13.31
C ASN F 144 26.39 12.76 12.06
N ALA F 145 25.12 13.11 11.96
CA ALA F 145 24.31 12.82 10.78
C ALA F 145 24.09 14.22 10.26
N GLU F 146 24.53 14.47 9.03
CA GLU F 146 24.42 15.81 8.46
C GLU F 146 23.04 16.27 8.00
N PHE F 147 22.33 15.40 7.29
CA PHE F 147 21.01 15.77 6.77
C PHE F 147 19.82 15.46 7.68
N VAL F 148 18.92 16.43 7.79
CA VAL F 148 17.71 16.27 8.62
C VAL F 148 16.59 15.59 7.84
N ILE F 149 15.90 14.69 8.51
CA ILE F 149 14.80 13.97 7.87
C ILE F 149 13.65 13.73 8.86
N PRO F 150 12.44 13.45 8.34
CA PRO F 150 11.33 13.20 9.26
C PRO F 150 11.59 12.01 10.18
N GLN F 151 11.00 12.03 11.38
CA GLN F 151 11.18 10.96 12.35
C GLN F 151 9.84 10.34 12.76
N PRO F 152 9.51 9.13 12.25
CA PRO F 152 10.32 8.34 11.32
C PRO F 152 10.12 8.79 9.87
N ASN F 153 11.13 8.54 9.03
CA ASN F 153 11.07 8.92 7.62
C ASN F 153 10.35 7.86 6.81
N ASP F 154 9.05 7.74 7.03
CA ASP F 154 8.23 6.74 6.34
C ASP F 154 7.51 7.26 5.10
N GLY F 155 7.78 8.51 4.74
CA GLY F 155 7.15 9.10 3.56
C GLY F 155 5.73 9.56 3.78
N THR F 156 5.39 9.90 5.03
CA THR F 156 4.04 10.37 5.36
C THR F 156 4.05 11.87 5.59
N ASP F 157 5.24 12.45 5.68
CA ASP F 157 5.40 13.88 5.92
C ASP F 157 6.80 14.33 5.48
N PHE F 158 6.88 15.03 4.36
CA PHE F 158 8.15 15.48 3.82
C PHE F 158 8.61 16.85 4.36
N SER F 159 7.71 17.56 5.03
CA SER F 159 8.02 18.87 5.58
C SER F 159 9.35 18.96 6.32
N LEU F 160 10.14 19.98 6.00
CA LEU F 160 11.41 20.20 6.68
C LEU F 160 11.14 20.62 8.12
N ASP F 161 9.91 21.09 8.35
CA ASP F 161 9.46 21.55 9.66
C ASP F 161 9.59 20.46 10.73
N ASN F 162 9.31 19.23 10.33
CA ASN F 162 9.37 18.10 11.27
C ASN F 162 10.55 17.18 10.97
N SER F 163 11.48 17.65 10.12
CA SER F 163 12.66 16.89 9.77
C SER F 163 13.76 17.20 10.77
N TYR F 164 14.36 16.16 11.34
CA TYR F 164 15.44 16.35 12.30
C TYR F 164 16.62 15.42 11.99
N THR F 165 17.61 15.44 12.87
CA THR F 165 18.80 14.61 12.74
C THR F 165 19.25 14.28 14.16
N MET F 166 20.18 13.34 14.30
CA MET F 166 20.63 12.99 15.63
C MET F 166 22.14 12.77 15.78
N PHE F 167 22.61 12.86 17.01
CA PHE F 167 24.01 12.66 17.33
C PHE F 167 24.05 11.21 17.80
N THR F 168 24.86 10.38 17.16
CA THR F 168 24.93 8.96 17.53
C THR F 168 26.18 8.56 18.29
N ALA F 169 25.99 7.66 19.26
CA ALA F 169 27.11 7.16 20.06
C ALA F 169 27.16 5.64 19.85
N ILE F 170 28.35 5.14 19.51
CA ILE F 170 28.54 3.72 19.24
C ILE F 170 29.56 3.09 20.18
N ASP F 171 29.22 1.93 20.71
CA ASP F 171 30.14 1.24 21.61
C ASP F 171 31.34 0.78 20.77
N ALA F 172 32.50 1.39 21.01
CA ALA F 172 33.71 1.06 20.26
C ALA F 172 34.05 -0.42 20.14
N GLU F 173 34.03 -1.14 21.26
CA GLU F 173 34.36 -2.56 21.28
C GLU F 173 33.35 -3.52 20.64
N THR F 174 32.11 -3.10 20.48
CA THR F 174 31.07 -3.97 19.92
C THR F 174 30.50 -3.46 18.60
N MET F 175 30.69 -2.17 18.35
CA MET F 175 30.18 -1.53 17.15
C MET F 175 28.66 -1.54 17.02
N ASP F 176 27.97 -1.67 18.16
CA ASP F 176 26.50 -1.62 18.20
C ASP F 176 26.16 -0.21 18.71
N VAL F 177 25.15 0.42 18.13
CA VAL F 177 24.77 1.78 18.55
C VAL F 177 24.34 1.80 20.02
N ALA F 178 24.93 2.70 20.80
CA ALA F 178 24.59 2.82 22.22
C ALA F 178 23.36 3.69 22.44
N TRP F 179 23.34 4.87 21.85
CA TRP F 179 22.21 5.78 21.97
C TRP F 179 22.33 6.92 20.99
N GLN F 180 21.22 7.61 20.76
CA GLN F 180 21.20 8.74 19.86
C GLN F 180 20.59 9.93 20.58
N VAL F 181 21.02 11.13 20.23
CA VAL F 181 20.52 12.34 20.88
C VAL F 181 19.94 13.26 19.80
N ILE F 182 18.67 13.58 19.93
CA ILE F 182 18.02 14.46 18.95
C ILE F 182 18.53 15.88 19.16
N VAL F 183 18.64 16.64 18.08
CA VAL F 183 19.12 18.02 18.19
C VAL F 183 18.42 18.95 17.22
N ASP F 184 18.62 20.26 17.43
CA ASP F 184 18.03 21.26 16.55
C ASP F 184 19.02 21.47 15.41
N GLY F 185 18.55 22.04 14.30
CA GLY F 185 19.43 22.28 13.17
C GLY F 185 19.98 20.97 12.63
N ASN F 186 21.30 20.93 12.42
CA ASN F 186 21.98 19.73 11.92
C ASN F 186 23.31 19.51 12.63
N LEU F 187 24.14 18.64 12.06
CA LEU F 187 25.45 18.33 12.62
C LEU F 187 26.50 18.23 11.50
N ASP F 188 27.68 18.80 11.74
CA ASP F 188 28.76 18.78 10.74
C ASP F 188 29.93 17.93 11.26
N ASN F 189 30.83 18.56 12.02
CA ASN F 189 31.98 17.86 12.61
C ASN F 189 31.87 17.79 14.13
N THR F 190 32.64 16.91 14.75
CA THR F 190 32.60 16.73 16.19
C THR F 190 33.97 16.42 16.80
N ASP F 191 34.03 16.47 18.13
CA ASP F 191 35.26 16.16 18.85
C ASP F 191 34.90 15.96 20.33
N ALA F 192 35.83 15.42 21.10
CA ALA F 192 35.60 15.18 22.53
C ALA F 192 36.72 15.79 23.38
N ASP F 193 36.45 15.99 24.66
CA ASP F 193 37.44 16.57 25.57
C ASP F 193 38.41 15.50 26.07
N TYR F 194 39.17 15.83 27.10
CA TYR F 194 40.12 14.89 27.66
C TYR F 194 39.66 14.43 29.06
N THR F 195 38.36 14.24 29.21
CA THR F 195 37.79 13.80 30.48
C THR F 195 36.82 12.66 30.21
N GLY F 196 36.08 12.78 29.11
CA GLY F 196 35.11 11.77 28.75
C GLY F 196 33.72 12.23 29.06
N LYS F 197 33.60 13.43 29.63
CA LYS F 197 32.29 13.96 29.99
C LYS F 197 31.64 14.75 28.86
N TYR F 198 32.43 15.38 28.02
CA TYR F 198 31.86 16.19 26.94
C TYR F 198 32.31 15.84 25.53
N ALA F 199 31.42 16.12 24.58
CA ALA F 199 31.64 15.89 23.16
C ALA F 199 30.87 17.01 22.45
N THR F 200 31.53 17.70 21.54
CA THR F 200 30.90 18.84 20.84
C THR F 200 30.88 18.76 19.31
N SER F 201 29.81 19.30 18.72
CA SER F 201 29.67 19.31 17.27
C SER F 201 29.32 20.69 16.77
N THR F 202 29.66 20.98 15.51
CA THR F 202 29.32 22.26 14.93
C THR F 202 28.02 22.02 14.19
N CYS F 203 27.40 23.09 13.73
CA CYS F 203 26.13 23.07 13.01
C CYS F 203 26.14 24.22 12.02
N TYR F 204 25.70 23.96 10.78
CA TYR F 204 25.67 25.01 9.77
C TYR F 204 24.27 25.14 9.21
N ASN F 205 23.37 24.27 9.64
CA ASN F 205 22.01 24.35 9.14
C ASN F 205 21.03 24.44 10.30
N SER F 206 21.24 25.42 11.18
CA SER F 206 20.35 25.62 12.32
C SER F 206 18.98 26.09 11.80
N GLU F 207 18.92 26.40 10.49
CA GLU F 207 17.69 26.86 9.88
C GLU F 207 16.89 25.69 9.32
N ARG F 208 17.55 24.55 9.23
CA ARG F 208 16.96 23.31 8.70
C ARG F 208 16.33 23.51 7.33
N ALA F 209 17.00 24.30 6.50
CA ALA F 209 16.52 24.58 5.16
C ALA F 209 17.30 23.78 4.13
N VAL F 210 16.78 23.73 2.91
CA VAL F 210 17.43 23.02 1.82
C VAL F 210 18.14 24.00 0.89
N ASP F 211 17.47 25.11 0.58
CA ASP F 211 18.03 26.12 -0.31
C ASP F 211 19.27 26.80 0.29
N LEU F 212 20.19 27.19 -0.59
CA LEU F 212 21.44 27.82 -0.18
C LEU F 212 21.25 29.06 0.70
N ALA F 213 20.36 29.95 0.26
CA ALA F 213 20.07 31.18 0.97
C ALA F 213 19.59 30.94 2.41
N GLY F 214 18.74 29.93 2.58
CA GLY F 214 18.19 29.60 3.89
C GLY F 214 19.17 29.01 4.90
N THR F 215 20.23 28.39 4.40
CA THR F 215 21.24 27.78 5.26
C THR F 215 22.21 28.82 5.81
N MET F 216 22.15 30.02 5.25
CA MET F 216 23.04 31.11 5.67
C MET F 216 22.23 32.25 6.31
N ARG F 217 20.91 32.08 6.37
CA ARG F 217 20.04 33.10 6.94
C ARG F 217 20.60 33.65 8.25
N ASN F 218 20.64 32.82 9.28
CA ASN F 218 21.15 33.26 10.58
C ASN F 218 22.61 33.70 10.54
N ASP F 219 22.90 34.84 11.16
CA ASP F 219 24.26 35.34 11.21
C ASP F 219 25.09 34.44 12.11
N ARG F 220 24.39 33.66 12.93
CA ARG F 220 25.05 32.73 13.83
C ARG F 220 24.35 31.39 13.91
N ASP F 221 25.17 30.34 13.98
CA ASP F 221 24.67 28.98 14.12
C ASP F 221 25.21 28.60 15.50
N TRP F 222 25.72 27.38 15.66
CA TRP F 222 26.21 27.01 16.97
C TRP F 222 27.08 25.77 17.03
N VAL F 223 27.50 25.47 18.25
CA VAL F 223 28.32 24.33 18.57
C VAL F 223 27.53 23.62 19.68
N VAL F 224 26.86 22.53 19.33
CA VAL F 224 26.09 21.80 20.33
C VAL F 224 27.03 21.04 21.25
N VAL F 225 26.95 21.29 22.55
CA VAL F 225 27.79 20.58 23.49
C VAL F 225 26.94 19.44 24.05
N PHE F 226 27.55 18.28 24.26
CA PHE F 226 26.84 17.11 24.77
C PHE F 226 27.44 16.66 26.11
N ASN F 227 26.57 16.46 27.09
CA ASN F 227 27.00 16.02 28.40
C ASN F 227 26.83 14.50 28.38
N VAL F 228 27.89 13.83 27.93
CA VAL F 228 27.92 12.37 27.82
C VAL F 228 27.51 11.75 29.14
N GLU F 229 28.09 12.25 30.22
CA GLU F 229 27.81 11.78 31.57
C GLU F 229 26.32 11.77 31.90
N ARG F 230 25.62 12.82 31.52
CA ARG F 230 24.18 12.94 31.76
C ARG F 230 23.35 12.08 30.81
N ILE F 231 23.76 12.06 29.54
CA ILE F 231 23.06 11.27 28.54
C ILE F 231 23.18 9.79 28.86
N ALA F 232 24.33 9.40 29.37
CA ALA F 232 24.57 8.00 29.71
C ALA F 232 23.73 7.57 30.90
N ALA F 233 23.72 8.40 31.94
CA ALA F 233 22.95 8.09 33.15
C ALA F 233 21.45 8.02 32.81
N ALA F 234 21.02 8.88 31.88
CA ALA F 234 19.63 8.94 31.46
C ALA F 234 19.21 7.63 30.80
N VAL F 235 20.02 7.16 29.86
CA VAL F 235 19.74 5.92 29.15
C VAL F 235 19.77 4.72 30.11
N LYS F 236 20.70 4.75 31.05
CA LYS F 236 20.83 3.66 32.03
C LYS F 236 19.62 3.64 32.97
N ALA F 237 19.02 4.81 33.18
CA ALA F 237 17.86 4.95 34.05
C ALA F 237 16.60 4.50 33.33
N GLY F 238 16.73 4.24 32.02
CA GLY F 238 15.58 3.82 31.24
C GLY F 238 14.74 4.98 30.77
N ASN F 239 15.25 6.20 30.95
CA ASN F 239 14.53 7.40 30.53
C ASN F 239 14.84 7.78 29.10
N PHE F 240 14.13 7.16 28.17
CA PHE F 240 14.33 7.42 26.75
C PHE F 240 13.17 6.84 25.94
N LYS F 241 13.25 7.00 24.63
CA LYS F 241 12.23 6.49 23.73
C LYS F 241 12.90 5.89 22.49
N THR F 242 12.10 5.31 21.60
CA THR F 242 12.64 4.72 20.38
C THR F 242 11.91 5.25 19.16
N ILE F 243 12.59 5.21 18.02
CA ILE F 243 12.02 5.69 16.76
C ILE F 243 11.99 4.53 15.77
N GLY F 244 10.92 4.49 14.97
CA GLY F 244 10.77 3.43 13.97
C GLY F 244 10.96 2.02 14.51
N ASP F 245 11.67 1.19 13.73
CA ASP F 245 11.92 -0.18 14.13
C ASP F 245 13.19 -0.33 14.95
N SER F 246 13.93 0.76 15.11
CA SER F 246 15.18 0.71 15.88
C SER F 246 14.90 0.63 17.36
N LYS F 247 15.68 -0.20 18.06
CA LYS F 247 15.51 -0.37 19.50
C LYS F 247 16.50 0.53 20.24
N VAL F 248 17.25 1.33 19.49
CA VAL F 248 18.26 2.19 20.07
C VAL F 248 17.68 3.30 20.97
N PRO F 249 18.21 3.42 22.20
CA PRO F 249 17.77 4.42 23.17
C PRO F 249 17.98 5.83 22.61
N VAL F 250 16.88 6.57 22.48
CA VAL F 250 16.91 7.93 21.95
C VAL F 250 16.45 8.96 22.99
N VAL F 251 17.32 9.94 23.25
CA VAL F 251 16.99 11.00 24.20
C VAL F 251 16.85 12.27 23.38
N ASP F 252 16.14 13.26 23.93
CA ASP F 252 15.94 14.50 23.22
C ASP F 252 16.87 15.59 23.77
N GLY F 253 17.52 16.32 22.87
CA GLY F 253 18.43 17.37 23.29
C GLY F 253 18.04 18.69 22.65
N ARG F 254 16.86 18.72 22.04
CA ARG F 254 16.37 19.93 21.39
C ARG F 254 15.95 20.98 22.43
N GLY F 255 16.00 22.25 22.03
CA GLY F 255 15.64 23.34 22.92
C GLY F 255 16.43 23.34 24.22
N GLU F 256 15.75 23.62 25.33
CA GLU F 256 16.39 23.63 26.63
C GLU F 256 16.45 22.23 27.23
N SER F 257 17.59 21.57 27.05
CA SER F 257 17.77 20.22 27.55
C SER F 257 18.90 20.18 28.57
N GLU F 258 18.88 19.16 29.42
CA GLU F 258 19.92 19.00 30.45
C GLU F 258 21.09 18.23 29.84
N PHE F 259 20.85 17.74 28.62
CA PHE F 259 21.85 16.97 27.89
C PHE F 259 22.72 17.82 26.97
N THR F 260 22.11 18.84 26.37
CA THR F 260 22.84 19.69 25.44
C THR F 260 22.94 21.16 25.85
N ARG F 261 23.77 21.90 25.13
CA ARG F 261 23.99 23.32 25.35
C ARG F 261 24.41 23.93 24.02
N TYR F 262 23.59 24.84 23.48
CA TYR F 262 23.89 25.45 22.18
C TYR F 262 24.63 26.79 22.26
N ILE F 263 25.94 26.76 22.03
CA ILE F 263 26.78 27.96 22.07
C ILE F 263 26.90 28.60 20.69
N PRO F 264 26.17 29.70 20.45
CA PRO F 264 26.17 30.41 19.17
C PRO F 264 27.56 30.73 18.60
N VAL F 265 27.77 30.38 17.34
CA VAL F 265 29.04 30.60 16.65
C VAL F 265 28.77 31.18 15.25
N PRO F 266 29.55 32.19 14.84
CA PRO F 266 29.44 32.86 13.54
C PRO F 266 29.38 31.99 12.28
N LYS F 267 28.32 32.24 11.52
CA LYS F 267 27.97 31.60 10.25
C LYS F 267 28.52 30.26 9.78
N ASN F 268 27.60 29.31 9.64
CA ASN F 268 27.85 27.95 9.16
C ASN F 268 29.20 27.37 9.53
N PRO F 269 29.55 27.38 10.83
CA PRO F 269 30.84 26.84 11.27
C PRO F 269 31.08 25.40 10.77
N HIS F 270 32.32 25.10 10.40
CA HIS F 270 32.66 23.77 9.88
C HIS F 270 33.42 22.88 10.87
N GLY F 271 34.74 22.93 10.81
CA GLY F 271 35.52 22.09 11.69
C GLY F 271 35.42 22.37 13.17
N LEU F 272 35.71 21.35 13.98
CA LEU F 272 35.67 21.47 15.42
C LEU F 272 36.80 20.60 15.98
N ASN F 273 37.83 21.26 16.53
CA ASN F 273 38.98 20.54 17.02
C ASN F 273 39.38 20.81 18.46
N THR F 274 39.73 19.74 19.17
CA THR F 274 40.15 19.85 20.55
C THR F 274 41.67 20.00 20.65
N SER F 275 42.12 20.92 21.48
CA SER F 275 43.54 21.16 21.67
C SER F 275 44.17 20.08 22.55
N PRO F 276 45.43 19.72 22.27
CA PRO F 276 46.21 18.70 22.99
C PRO F 276 46.23 18.90 24.50
N ASP F 277 46.14 20.15 24.94
CA ASP F 277 46.14 20.46 26.36
C ASP F 277 44.79 20.08 26.96
N GLY F 278 43.83 19.80 26.08
CA GLY F 278 42.49 19.40 26.50
C GLY F 278 41.62 20.45 27.15
N LYS F 279 41.85 21.72 26.86
CA LYS F 279 41.04 22.77 27.47
C LYS F 279 40.37 23.71 26.48
N TYR F 280 40.42 23.37 25.19
CA TYR F 280 39.79 24.18 24.17
C TYR F 280 39.09 23.41 23.06
N PHE F 281 37.87 23.84 22.74
CA PHE F 281 37.07 23.27 21.65
C PHE F 281 37.05 24.41 20.66
N ILE F 282 37.83 24.28 19.60
CA ILE F 282 37.90 25.33 18.61
C ILE F 282 37.08 25.04 17.37
N ALA F 283 36.07 25.88 17.10
CA ALA F 283 35.22 25.71 15.93
C ALA F 283 35.74 26.64 14.84
N ASN F 284 35.53 26.26 13.58
CA ASN F 284 36.00 27.07 12.46
C ASN F 284 34.87 27.87 11.81
N GLY F 285 35.10 29.17 11.69
CA GLY F 285 34.12 30.08 11.13
C GLY F 285 33.58 29.82 9.72
N LYS F 286 34.45 29.50 8.78
CA LYS F 286 34.05 29.25 7.39
C LYS F 286 33.49 30.56 6.82
N LEU F 287 32.17 30.72 6.84
CA LEU F 287 31.57 31.95 6.32
C LEU F 287 32.06 33.16 7.11
N SER F 288 32.44 32.92 8.35
CA SER F 288 32.99 33.95 9.23
C SER F 288 34.51 33.85 9.22
N PRO F 289 35.20 34.97 8.98
CA PRO F 289 36.67 34.97 8.95
C PRO F 289 37.31 34.75 10.32
N THR F 290 36.57 34.09 11.22
CA THR F 290 37.08 33.83 12.57
C THR F 290 37.02 32.36 12.99
N VAL F 291 37.43 32.15 14.23
CA VAL F 291 37.46 30.85 14.87
C VAL F 291 37.01 31.08 16.31
N SER F 292 36.08 30.25 16.81
CA SER F 292 35.57 30.42 18.15
C SER F 292 36.20 29.45 19.14
N VAL F 293 36.99 29.97 20.06
CA VAL F 293 37.67 29.13 21.05
C VAL F 293 36.85 28.95 22.31
N ILE F 294 36.22 27.79 22.46
CA ILE F 294 35.42 27.48 23.62
C ILE F 294 36.27 26.83 24.70
N ALA F 295 36.14 27.28 25.95
CA ALA F 295 36.91 26.69 27.04
C ALA F 295 36.13 25.58 27.72
N ILE F 296 36.67 24.37 27.61
CA ILE F 296 36.06 23.18 28.18
C ILE F 296 35.90 23.33 29.70
N ASP F 297 36.81 24.08 30.31
CA ASP F 297 36.80 24.28 31.75
C ASP F 297 35.52 24.94 32.26
N LYS F 298 34.99 25.88 31.49
CA LYS F 298 33.77 26.58 31.89
C LYS F 298 32.50 25.76 31.65
N LEU F 299 32.63 24.69 30.86
CA LEU F 299 31.49 23.84 30.53
C LEU F 299 30.72 23.27 31.73
N ASP F 300 31.42 23.06 32.84
CA ASP F 300 30.75 22.54 34.03
C ASP F 300 29.74 23.56 34.56
N ASP F 301 30.14 24.83 34.63
CA ASP F 301 29.25 25.87 35.11
C ASP F 301 28.12 26.10 34.12
N LEU F 302 28.44 26.01 32.83
CA LEU F 302 27.43 26.22 31.80
C LEU F 302 26.25 25.24 31.91
N PHE F 303 26.53 24.01 32.28
CA PHE F 303 25.47 23.01 32.42
C PHE F 303 24.83 23.09 33.81
N GLU F 304 25.22 24.12 34.55
CA GLU F 304 24.70 24.34 35.89
C GLU F 304 24.00 25.69 35.87
N ASP F 305 24.05 26.34 34.71
CA ASP F 305 23.44 27.65 34.49
C ASP F 305 24.05 28.74 35.36
N LYS F 306 25.32 28.57 35.73
CA LYS F 306 26.02 29.55 36.55
C LYS F 306 26.61 30.66 35.70
N ILE F 307 26.64 30.47 34.39
CA ILE F 307 27.15 31.49 33.48
C ILE F 307 26.31 31.54 32.21
N GLU F 308 26.68 32.42 31.29
CA GLU F 308 25.94 32.57 30.04
C GLU F 308 26.59 31.70 28.97
N LEU F 309 25.86 31.45 27.89
CA LEU F 309 26.36 30.63 26.78
C LEU F 309 27.66 31.18 26.18
N ARG F 310 27.63 32.44 25.79
CA ARG F 310 28.79 33.07 25.19
C ARG F 310 29.95 33.30 26.14
N ASP F 311 29.72 33.09 27.43
CA ASP F 311 30.77 33.26 28.43
C ASP F 311 31.84 32.17 28.30
N THR F 312 31.51 31.11 27.57
CA THR F 312 32.43 30.02 27.36
C THR F 312 33.47 30.42 26.31
N ILE F 313 33.10 31.40 25.48
CA ILE F 313 33.99 31.89 24.43
C ILE F 313 35.14 32.68 25.05
N VAL F 314 36.34 32.13 24.98
CA VAL F 314 37.53 32.78 25.52
C VAL F 314 38.23 33.62 24.45
N ALA F 315 37.91 33.35 23.19
CA ALA F 315 38.50 34.07 22.07
C ALA F 315 37.81 33.74 20.77
N GLU F 316 37.86 34.68 19.83
CA GLU F 316 37.25 34.51 18.53
C GLU F 316 37.97 35.41 17.52
N PRO F 317 39.28 35.18 17.34
CA PRO F 317 40.12 35.95 16.43
C PRO F 317 39.80 35.77 14.95
N GLU F 318 39.99 36.84 14.19
CA GLU F 318 39.76 36.82 12.75
C GLU F 318 41.09 36.38 12.15
N LEU F 319 41.06 35.36 11.30
CA LEU F 319 42.29 34.84 10.69
C LEU F 319 42.34 35.10 9.18
N GLY F 320 41.23 34.88 8.50
CA GLY F 320 41.20 35.08 7.06
C GLY F 320 39.90 34.56 6.49
N LEU F 321 39.77 34.57 5.17
CA LEU F 321 38.54 34.10 4.52
C LEU F 321 38.46 32.57 4.40
N GLY F 322 37.32 32.01 4.82
CA GLY F 322 37.08 30.58 4.73
C GLY F 322 37.78 29.63 5.69
N PRO F 323 37.83 29.93 7.00
CA PRO F 323 38.47 29.00 7.93
C PRO F 323 37.67 27.69 8.10
N LEU F 324 38.27 26.57 7.70
CA LEU F 324 37.58 25.29 7.76
C LEU F 324 38.02 24.36 8.87
N HIS F 325 39.32 24.21 9.09
CA HIS F 325 39.80 23.30 10.14
C HIS F 325 41.02 23.82 10.89
N THR F 326 41.27 23.25 12.06
CA THR F 326 42.39 23.68 12.86
C THR F 326 43.11 22.49 13.49
N THR F 327 44.41 22.63 13.71
CA THR F 327 45.18 21.55 14.31
C THR F 327 46.16 22.22 15.27
N PHE F 328 46.94 21.44 16.01
CA PHE F 328 47.88 22.02 16.97
C PHE F 328 49.26 21.37 16.98
N ASP F 329 50.24 22.12 17.48
CA ASP F 329 51.60 21.59 17.56
C ASP F 329 51.92 21.20 18.99
N GLY F 330 51.00 21.47 19.90
CA GLY F 330 51.22 21.12 21.28
C GLY F 330 52.18 22.06 21.99
N ARG F 331 52.56 23.14 21.31
CA ARG F 331 53.48 24.13 21.88
C ARG F 331 52.73 25.44 22.14
N GLY F 332 51.41 25.38 22.00
CA GLY F 332 50.60 26.57 22.23
C GLY F 332 50.12 27.28 20.98
N ASN F 333 50.59 26.85 19.82
CA ASN F 333 50.18 27.48 18.57
C ASN F 333 49.17 26.63 17.83
N ALA F 334 48.31 27.27 17.06
CA ALA F 334 47.29 26.57 16.28
C ALA F 334 47.48 26.86 14.81
N TYR F 335 47.14 25.88 13.96
CA TYR F 335 47.25 26.02 12.52
C TYR F 335 45.87 25.81 11.93
N THR F 336 45.37 26.82 11.23
CA THR F 336 44.05 26.75 10.61
C THR F 336 44.15 26.98 9.11
N THR F 337 43.25 26.33 8.38
CA THR F 337 43.21 26.42 6.93
C THR F 337 42.23 27.48 6.49
N LEU F 338 42.60 28.21 5.43
CA LEU F 338 41.75 29.25 4.86
C LEU F 338 41.41 28.92 3.42
N PHE F 339 40.25 28.32 3.22
CA PHE F 339 39.78 27.91 1.91
C PHE F 339 39.87 29.00 0.87
N ILE F 340 39.12 30.07 1.10
CA ILE F 340 39.05 31.21 0.19
C ILE F 340 40.40 31.86 -0.10
N ASP F 341 41.17 32.13 0.96
CA ASP F 341 42.50 32.75 0.80
C ASP F 341 43.53 31.70 0.38
N SER F 342 43.12 30.44 0.38
CA SER F 342 43.98 29.34 -0.02
C SER F 342 45.31 29.29 0.71
N GLN F 343 45.28 29.22 2.04
CA GLN F 343 46.50 29.17 2.84
C GLN F 343 46.28 28.71 4.28
N VAL F 344 47.38 28.38 4.97
CA VAL F 344 47.29 27.92 6.35
C VAL F 344 47.87 28.97 7.29
N CYS F 345 47.13 29.28 8.35
CA CYS F 345 47.56 30.30 9.31
C CYS F 345 47.99 29.78 10.68
N LYS F 346 49.22 30.11 11.06
CA LYS F 346 49.76 29.72 12.34
C LYS F 346 49.56 30.88 13.32
N TRP F 347 48.78 30.66 14.37
CA TRP F 347 48.51 31.68 15.38
C TRP F 347 48.67 31.16 16.81
N ASN F 348 48.95 32.07 17.75
CA ASN F 348 49.12 31.69 19.15
C ASN F 348 47.79 31.80 19.90
N ILE F 349 47.38 30.69 20.51
CA ILE F 349 46.12 30.66 21.25
C ILE F 349 46.07 31.66 22.39
N ALA F 350 47.11 31.64 23.24
CA ALA F 350 47.19 32.54 24.37
C ALA F 350 47.08 34.01 23.95
N ASP F 351 47.75 34.36 22.84
CA ASP F 351 47.70 35.72 22.32
C ASP F 351 46.32 36.05 21.78
N ALA F 352 45.60 35.04 21.31
CA ALA F 352 44.25 35.27 20.81
C ALA F 352 43.33 35.48 22.02
N ILE F 353 43.69 34.89 23.15
CA ILE F 353 42.95 35.03 24.38
C ILE F 353 43.09 36.46 24.89
N LYS F 354 44.33 36.94 24.91
CA LYS F 354 44.63 38.30 25.37
C LYS F 354 44.02 39.37 24.44
N HIS F 355 44.14 39.16 23.14
CA HIS F 355 43.59 40.11 22.18
C HIS F 355 42.08 40.22 22.31
N TYR F 356 41.42 39.13 22.69
CA TYR F 356 39.97 39.13 22.85
C TYR F 356 39.56 39.99 24.04
N ASN F 357 40.39 39.96 25.07
CA ASN F 357 40.14 40.72 26.30
C ASN F 357 40.46 42.20 26.17
N GLY F 358 40.86 42.62 24.98
CA GLY F 358 41.17 44.02 24.75
C GLY F 358 42.63 44.36 24.58
N ASP F 359 43.51 43.37 24.71
CA ASP F 359 44.94 43.63 24.55
C ASP F 359 45.22 44.17 23.16
N ARG F 360 46.49 44.25 22.80
CA ARG F 360 46.88 44.77 21.50
C ARG F 360 47.96 43.89 20.86
N VAL F 361 48.11 42.69 21.40
CA VAL F 361 49.11 41.75 20.91
C VAL F 361 48.74 41.10 19.57
N ASN F 362 49.78 40.74 18.80
CA ASN F 362 49.59 40.09 17.51
C ASN F 362 49.60 38.56 17.70
N TYR F 363 48.44 37.94 17.49
CA TYR F 363 48.30 36.50 17.65
C TYR F 363 48.75 35.71 16.41
N ILE F 364 48.49 36.24 15.22
CA ILE F 364 48.90 35.58 13.98
C ILE F 364 50.43 35.60 13.91
N ARG F 365 51.03 34.43 13.70
CA ARG F 365 52.48 34.28 13.62
C ARG F 365 52.98 34.14 12.19
N GLN F 366 52.13 33.61 11.31
CA GLN F 366 52.50 33.40 9.91
C GLN F 366 51.33 32.89 9.06
N LYS F 367 51.43 33.10 7.75
CA LYS F 367 50.44 32.63 6.80
C LYS F 367 51.24 32.05 5.64
N LEU F 368 50.97 30.80 5.30
CA LEU F 368 51.67 30.14 4.21
C LEU F 368 50.70 29.82 3.08
N ASP F 369 51.00 30.31 1.89
CA ASP F 369 50.14 30.05 0.75
C ASP F 369 50.09 28.55 0.48
N VAL F 370 48.91 27.98 0.56
CA VAL F 370 48.75 26.56 0.30
C VAL F 370 48.32 26.49 -1.16
N GLN F 371 48.67 25.42 -1.85
CA GLN F 371 48.31 25.33 -3.24
C GLN F 371 46.93 24.85 -3.58
N TYR F 372 46.04 25.84 -3.69
CA TYR F 372 44.64 25.71 -4.09
C TYR F 372 43.59 25.07 -3.18
N GLN F 373 42.80 25.94 -2.53
CA GLN F 373 41.69 25.58 -1.65
C GLN F 373 41.89 24.49 -0.59
N PRO F 374 42.49 24.86 0.55
CA PRO F 374 42.73 23.92 1.64
C PRO F 374 41.43 23.37 2.21
N GLY F 375 41.50 22.18 2.79
CA GLY F 375 40.33 21.56 3.37
C GLY F 375 40.71 21.22 4.79
N HIS F 376 41.01 19.95 5.06
CA HIS F 376 41.43 19.53 6.38
C HIS F 376 42.84 19.88 6.72
N ASN F 377 43.09 19.92 8.01
CA ASN F 377 44.41 20.25 8.51
C ASN F 377 44.79 19.17 9.53
N HIS F 378 46.06 18.81 9.58
CA HIS F 378 46.48 17.76 10.52
C HIS F 378 47.94 17.82 10.93
N ALA F 379 48.18 17.90 12.23
CA ALA F 379 49.55 17.95 12.75
C ALA F 379 49.82 16.63 13.47
N SER F 380 51.03 16.10 13.30
CA SER F 380 51.42 14.84 13.90
C SER F 380 51.02 14.65 15.38
N LEU F 381 50.15 13.67 15.61
CA LEU F 381 49.68 13.33 16.95
C LEU F 381 48.83 14.43 17.61
N THR F 382 48.23 15.28 16.79
CA THR F 382 47.42 16.39 17.28
C THR F 382 46.26 16.03 18.19
N GLU F 383 45.61 14.89 17.94
CA GLU F 383 44.45 14.51 18.76
C GLU F 383 44.80 13.77 20.04
N SER F 384 46.03 13.93 20.50
CA SER F 384 46.46 13.27 21.73
C SER F 384 47.37 14.16 22.55
N ARG F 385 47.55 13.79 23.82
CA ARG F 385 48.41 14.55 24.72
C ARG F 385 49.82 14.67 24.14
N ASP F 386 50.27 13.65 23.42
CA ASP F 386 51.61 13.62 22.85
C ASP F 386 51.81 14.39 21.55
N ALA F 387 50.96 15.37 21.25
CA ALA F 387 51.12 16.15 20.02
C ALA F 387 52.55 16.70 19.99
N ASP F 388 53.39 16.16 19.10
CA ASP F 388 54.77 16.60 19.00
C ASP F 388 55.04 17.81 18.11
N GLY F 389 54.05 18.21 17.32
CA GLY F 389 54.23 19.34 16.44
C GLY F 389 55.47 19.28 15.57
N LYS F 390 55.61 18.21 14.80
CA LYS F 390 56.76 18.05 13.91
C LYS F 390 56.33 18.11 12.44
N TRP F 391 55.19 17.47 12.11
CA TRP F 391 54.68 17.44 10.73
C TRP F 391 53.27 17.99 10.61
N LEU F 392 53.00 18.63 9.49
CA LEU F 392 51.68 19.20 9.21
C LEU F 392 51.27 18.84 7.79
N VAL F 393 50.08 18.28 7.65
CA VAL F 393 49.58 17.92 6.34
C VAL F 393 48.37 18.77 6.01
N VAL F 394 48.39 19.41 4.85
CA VAL F 394 47.29 20.24 4.40
C VAL F 394 46.71 19.57 3.18
N LEU F 395 45.45 19.18 3.27
CA LEU F 395 44.81 18.50 2.16
C LEU F 395 43.93 19.44 1.36
N SER F 396 44.42 19.89 0.21
CA SER F 396 43.68 20.82 -0.64
C SER F 396 42.73 20.13 -1.62
N LYS F 397 41.84 20.91 -2.22
CA LYS F 397 40.84 20.38 -3.13
C LYS F 397 41.06 20.67 -4.62
N PHE F 398 42.08 21.44 -4.93
CA PHE F 398 42.39 21.75 -6.32
C PHE F 398 43.88 21.55 -6.53
N SER F 399 44.27 21.02 -7.68
CA SER F 399 45.69 20.81 -7.94
C SER F 399 46.12 21.69 -9.12
N LYS F 400 45.16 22.02 -9.97
CA LYS F 400 45.39 22.87 -11.12
C LYS F 400 46.65 22.53 -11.91
N ASP F 401 47.71 23.34 -11.73
CA ASP F 401 48.97 23.16 -12.45
C ASP F 401 50.08 22.48 -11.64
N ARG F 402 49.75 22.02 -10.43
CA ARG F 402 50.73 21.35 -9.57
C ARG F 402 51.36 20.07 -10.16
N PHE F 403 50.61 19.34 -10.97
CA PHE F 403 51.09 18.09 -11.57
C PHE F 403 50.83 18.03 -13.08
N LEU F 404 51.37 17.01 -13.75
CA LEU F 404 51.19 16.84 -15.18
C LEU F 404 49.71 16.72 -15.50
N PRO F 405 49.26 17.31 -16.62
CA PRO F 405 47.83 17.21 -16.94
C PRO F 405 47.43 15.76 -17.17
N VAL F 406 46.28 15.38 -16.62
CA VAL F 406 45.78 14.03 -16.75
C VAL F 406 44.30 14.00 -17.13
N GLY F 407 43.83 15.04 -17.81
CA GLY F 407 42.45 15.10 -18.25
C GLY F 407 41.65 16.09 -17.43
N PRO F 408 40.33 16.19 -17.68
CA PRO F 408 39.46 17.10 -16.96
C PRO F 408 39.43 16.82 -15.46
N LEU F 409 39.59 15.54 -15.10
CA LEU F 409 39.58 15.16 -13.70
C LEU F 409 41.01 15.33 -13.18
N HIS F 410 41.18 16.22 -12.21
CA HIS F 410 42.47 16.46 -11.63
C HIS F 410 42.57 15.80 -10.28
N PRO F 411 43.79 15.42 -9.88
CA PRO F 411 43.96 14.79 -8.58
C PRO F 411 43.87 15.89 -7.52
N GLU F 412 43.97 15.50 -6.25
CA GLU F 412 43.97 16.46 -5.17
C GLU F 412 45.43 16.71 -4.84
N ASN F 413 45.69 17.59 -3.89
CA ASN F 413 47.05 17.89 -3.50
C ASN F 413 47.15 18.01 -1.99
N ASP F 414 47.81 17.04 -1.38
CA ASP F 414 47.98 17.05 0.07
C ASP F 414 49.45 17.33 0.26
N GLN F 415 49.74 18.53 0.76
CA GLN F 415 51.11 18.96 0.94
C GLN F 415 51.62 18.79 2.36
N LEU F 416 52.85 18.29 2.46
CA LEU F 416 53.48 18.06 3.75
C LEU F 416 54.29 19.30 4.10
N ILE F 417 54.12 19.79 5.33
CA ILE F 417 54.81 20.99 5.79
C ILE F 417 55.58 20.75 7.09
N ASP F 418 56.81 21.25 7.16
CA ASP F 418 57.65 21.10 8.36
C ASP F 418 57.29 22.22 9.34
N ILE F 419 56.82 21.85 10.53
CA ILE F 419 56.41 22.82 11.54
C ILE F 419 57.11 22.64 12.89
N SER F 420 58.20 21.89 12.91
CA SER F 420 58.92 21.67 14.16
C SER F 420 59.68 22.95 14.56
N GLY F 421 59.76 23.90 13.62
CA GLY F 421 60.47 25.14 13.91
C GLY F 421 59.50 26.30 14.07
N GLU F 422 60.04 27.52 14.14
CA GLU F 422 59.22 28.71 14.30
C GLU F 422 58.44 28.98 13.01
N GLU F 423 59.09 28.77 11.87
CA GLU F 423 58.46 29.00 10.58
C GLU F 423 57.96 27.74 9.88
N MET F 424 56.89 27.89 9.10
CA MET F 424 56.31 26.78 8.35
C MET F 424 56.99 26.72 6.99
N LYS F 425 57.42 25.54 6.60
CA LYS F 425 58.09 25.34 5.32
C LYS F 425 57.45 24.19 4.56
N LEU F 426 57.11 24.43 3.30
CA LEU F 426 56.53 23.42 2.43
C LEU F 426 57.64 22.43 2.13
N VAL F 427 57.33 21.14 2.20
CA VAL F 427 58.35 20.13 1.95
C VAL F 427 58.01 19.20 0.80
N HIS F 428 56.73 18.89 0.63
CA HIS F 428 56.35 17.97 -0.43
C HIS F 428 54.90 18.12 -0.88
N ASP F 429 54.69 17.97 -2.18
CA ASP F 429 53.37 18.05 -2.82
C ASP F 429 52.96 16.64 -3.19
N GLY F 430 51.98 16.11 -2.48
CA GLY F 430 51.53 14.76 -2.74
C GLY F 430 50.20 14.63 -3.46
N PRO F 431 50.21 14.22 -4.73
CA PRO F 431 49.01 14.05 -5.54
C PRO F 431 48.21 12.85 -5.04
N THR F 432 46.90 13.04 -4.91
CA THR F 432 46.02 11.98 -4.41
C THR F 432 44.79 11.86 -5.27
N TYR F 433 44.26 10.65 -5.40
CA TYR F 433 43.06 10.40 -6.21
C TYR F 433 41.77 10.57 -5.39
N ALA F 434 40.64 10.63 -6.09
CA ALA F 434 39.31 10.74 -5.49
C ALA F 434 39.22 11.36 -4.10
N GLU F 435 39.38 12.68 -4.10
CA GLU F 435 39.30 13.52 -2.92
C GLU F 435 39.33 12.98 -1.48
N PRO F 436 40.50 13.01 -0.86
CA PRO F 436 40.59 12.55 0.52
C PRO F 436 40.22 13.77 1.38
N HIS F 437 39.85 13.57 2.64
CA HIS F 437 39.45 14.69 3.49
C HIS F 437 40.40 14.88 4.65
N ASP F 438 40.18 14.16 5.73
CA ASP F 438 41.09 14.26 6.86
C ASP F 438 42.01 13.02 6.84
N CYS F 439 43.02 13.03 7.70
CA CYS F 439 43.95 11.91 7.79
C CYS F 439 44.52 12.00 9.18
N ILE F 440 45.11 10.92 9.66
CA ILE F 440 45.68 10.93 10.99
C ILE F 440 47.04 10.24 10.92
N LEU F 441 48.01 10.82 11.64
CA LEU F 441 49.36 10.30 11.67
C LEU F 441 49.63 9.64 13.01
N VAL F 442 50.42 8.58 13.00
CA VAL F 442 50.77 7.86 14.22
C VAL F 442 52.19 7.36 14.14
N ARG F 443 52.90 7.38 15.27
CA ARG F 443 54.28 6.90 15.30
C ARG F 443 54.33 5.44 14.89
N ARG F 444 55.36 5.10 14.13
CA ARG F 444 55.58 3.73 13.69
C ARG F 444 55.42 2.78 14.87
N ASP F 445 55.87 3.19 16.05
CA ASP F 445 55.81 2.36 17.25
C ASP F 445 54.47 2.27 17.98
N GLN F 446 53.45 2.96 17.48
CA GLN F 446 52.13 2.93 18.13
C GLN F 446 51.25 1.85 17.53
N ILE F 447 51.70 1.29 16.41
CA ILE F 447 50.97 0.21 15.73
C ILE F 447 51.77 -1.10 15.80
N LYS F 448 51.08 -2.19 16.12
CA LYS F 448 51.73 -3.50 16.20
C LYS F 448 51.08 -4.43 15.18
N THR F 449 51.68 -4.49 13.99
CA THR F 449 51.22 -5.31 12.89
C THR F 449 51.54 -6.80 13.03
N LYS F 450 50.78 -7.62 12.31
CA LYS F 450 50.99 -9.07 12.30
C LYS F 450 51.32 -9.45 10.86
N LYS F 451 52.17 -10.45 10.70
CA LYS F 451 52.61 -10.89 9.39
C LYS F 451 51.88 -12.12 8.86
N ILE F 452 51.52 -13.04 9.75
CA ILE F 452 50.82 -14.22 9.32
C ILE F 452 49.60 -14.47 10.20
N TYR F 453 48.55 -15.05 9.63
CA TYR F 453 47.31 -15.32 10.34
C TYR F 453 47.34 -16.47 11.34
N GLU F 454 46.58 -16.31 12.42
CA GLU F 454 46.43 -17.35 13.43
C GLU F 454 45.20 -18.13 12.93
N ARG F 455 45.26 -19.46 12.96
CA ARG F 455 44.15 -20.25 12.46
C ARG F 455 42.81 -20.04 13.15
N ASN F 456 42.82 -19.35 14.29
CA ASN F 456 41.58 -19.09 15.02
C ASN F 456 41.17 -17.62 14.92
N ASP F 457 41.69 -16.96 13.90
CA ASP F 457 41.38 -15.55 13.69
C ASP F 457 39.92 -15.38 13.30
N PRO F 458 39.31 -14.28 13.76
CA PRO F 458 37.92 -13.91 13.51
C PRO F 458 37.56 -13.66 12.05
N TYR F 459 38.56 -13.23 11.26
CA TYR F 459 38.34 -12.92 9.85
C TYR F 459 37.86 -14.10 8.97
N PHE F 460 37.80 -15.30 9.55
CA PHE F 460 37.29 -16.46 8.82
C PHE F 460 36.67 -17.49 9.76
N ALA F 461 36.15 -16.99 10.89
CA ALA F 461 35.51 -17.84 11.90
C ALA F 461 34.31 -18.53 11.27
N SER F 462 33.70 -17.84 10.32
CA SER F 462 32.54 -18.40 9.63
C SER F 462 33.00 -19.54 8.74
N CYS F 463 34.21 -19.41 8.19
CA CYS F 463 34.78 -20.43 7.33
C CYS F 463 35.02 -21.75 8.06
N ARG F 464 35.65 -21.68 9.23
CA ARG F 464 35.89 -22.93 9.92
C ARG F 464 34.61 -23.42 10.59
N ALA F 465 33.63 -22.54 10.69
CA ALA F 465 32.36 -22.93 11.27
C ALA F 465 31.63 -23.82 10.27
N GLN F 466 31.73 -23.49 8.98
CA GLN F 466 31.09 -24.29 7.95
C GLN F 466 31.92 -25.56 7.74
N ALA F 467 33.24 -25.41 7.86
CA ALA F 467 34.18 -26.51 7.71
C ALA F 467 33.91 -27.59 8.77
N GLU F 468 33.67 -27.15 10.00
CA GLU F 468 33.35 -28.04 11.11
C GLU F 468 32.13 -28.88 10.75
N LYS F 469 31.05 -28.21 10.37
CA LYS F 469 29.83 -28.91 9.99
C LYS F 469 30.10 -29.92 8.86
N ASP F 470 30.93 -29.54 7.90
CA ASP F 470 31.24 -30.45 6.79
C ASP F 470 32.31 -31.46 7.16
N GLY F 471 32.81 -31.37 8.38
CA GLY F 471 33.83 -32.30 8.82
C GLY F 471 35.13 -32.20 8.06
N VAL F 472 35.59 -30.99 7.76
CA VAL F 472 36.85 -30.85 7.04
C VAL F 472 37.86 -30.08 7.87
N THR F 473 39.10 -30.53 7.78
CA THR F 473 40.23 -29.92 8.47
C THR F 473 40.83 -29.01 7.42
N LEU F 474 40.57 -27.72 7.53
CA LEU F 474 41.03 -26.75 6.55
C LEU F 474 42.51 -26.76 6.20
N GLU F 475 43.36 -27.03 7.17
CA GLU F 475 44.80 -27.02 6.92
C GLU F 475 45.33 -28.26 6.22
N SER F 476 44.47 -29.23 5.93
CA SER F 476 44.95 -30.43 5.26
C SER F 476 44.00 -31.09 4.28
N ASP F 477 42.71 -30.82 4.38
CA ASP F 477 41.78 -31.44 3.46
C ASP F 477 41.64 -30.76 2.11
N ASN F 478 41.24 -31.56 1.14
CA ASN F 478 40.99 -31.13 -0.23
C ASN F 478 39.77 -31.97 -0.61
N LYS F 479 38.58 -31.44 -0.32
CA LYS F 479 37.34 -32.15 -0.60
C LYS F 479 36.31 -31.38 -1.41
N VAL F 480 35.32 -32.11 -1.90
CA VAL F 480 34.22 -31.54 -2.66
C VAL F 480 32.99 -32.14 -2.02
N ILE F 481 32.13 -31.30 -1.47
CA ILE F 481 30.91 -31.77 -0.84
C ILE F 481 29.68 -31.30 -1.60
N ARG F 482 28.82 -32.23 -2.00
CA ARG F 482 27.59 -31.89 -2.75
C ARG F 482 26.34 -31.88 -1.88
N ASP F 483 25.69 -30.72 -1.82
CA ASP F 483 24.48 -30.55 -1.05
C ASP F 483 23.38 -30.04 -2.00
N GLY F 484 22.89 -30.93 -2.85
CA GLY F 484 21.83 -30.55 -3.79
C GLY F 484 22.27 -29.64 -4.93
N ASN F 485 21.85 -28.37 -4.88
CA ASN F 485 22.21 -27.37 -5.88
C ASN F 485 23.50 -26.74 -5.41
N LYS F 486 23.81 -26.98 -4.14
CA LYS F 486 24.98 -26.43 -3.50
C LYS F 486 26.20 -27.34 -3.57
N VAL F 487 27.34 -26.73 -3.85
CA VAL F 487 28.60 -27.46 -3.97
C VAL F 487 29.65 -26.67 -3.22
N ARG F 488 30.23 -27.28 -2.20
CA ARG F 488 31.26 -26.63 -1.40
C ARG F 488 32.60 -27.32 -1.66
N VAL F 489 33.57 -26.53 -2.12
CA VAL F 489 34.90 -27.01 -2.44
C VAL F 489 35.94 -26.47 -1.48
N TYR F 490 36.68 -27.37 -0.85
CA TYR F 490 37.70 -26.96 0.08
C TYR F 490 39.05 -27.32 -0.50
N MET F 491 39.88 -26.31 -0.68
CA MET F 491 41.21 -26.47 -1.24
C MET F 491 42.24 -25.89 -0.33
N THR F 492 43.43 -26.46 -0.42
CA THR F 492 44.56 -26.04 0.36
C THR F 492 45.54 -25.45 -0.67
N SER F 493 46.43 -24.56 -0.26
CA SER F 493 47.37 -24.01 -1.24
C SER F 493 48.79 -23.85 -0.69
N VAL F 494 49.75 -24.33 -1.50
CA VAL F 494 51.17 -24.26 -1.15
C VAL F 494 52.00 -24.18 -2.43
N ALA F 495 53.23 -23.68 -2.32
CA ALA F 495 54.17 -23.59 -3.44
C ALA F 495 53.42 -23.16 -4.68
N PRO F 496 53.74 -23.71 -5.88
CA PRO F 496 52.94 -23.20 -7.00
C PRO F 496 51.72 -24.09 -7.30
N GLN F 497 51.06 -24.62 -6.27
CA GLN F 497 49.91 -25.53 -6.46
C GLN F 497 48.71 -25.48 -5.52
N TYR F 498 47.52 -25.61 -6.10
CA TYR F 498 46.30 -25.70 -5.32
C TYR F 498 46.23 -27.18 -4.99
N GLY F 499 45.65 -27.53 -3.85
CA GLY F 499 45.56 -28.93 -3.48
C GLY F 499 44.61 -29.72 -4.36
N MET F 500 43.99 -29.04 -5.32
CA MET F 500 43.01 -29.67 -6.21
C MET F 500 43.10 -28.94 -7.55
N THR F 501 43.12 -29.67 -8.66
CA THR F 501 43.22 -29.03 -9.98
C THR F 501 42.08 -29.35 -10.95
N ASP F 502 40.99 -29.91 -10.41
CA ASP F 502 39.89 -30.29 -11.26
C ASP F 502 38.73 -30.67 -10.35
N PHE F 503 37.54 -30.15 -10.64
CA PHE F 503 36.33 -30.50 -9.91
C PHE F 503 35.12 -30.24 -10.81
N LYS F 504 34.09 -31.07 -10.69
CA LYS F 504 32.89 -30.94 -11.51
C LYS F 504 31.67 -30.43 -10.77
N VAL F 505 30.83 -29.70 -11.49
CA VAL F 505 29.58 -29.16 -10.95
C VAL F 505 28.58 -29.11 -12.09
N LYS F 506 27.35 -28.76 -11.77
CA LYS F 506 26.33 -28.67 -12.80
C LYS F 506 25.91 -27.23 -13.02
N GLU F 507 25.54 -26.93 -14.26
CA GLU F 507 25.09 -25.60 -14.62
C GLU F 507 24.07 -25.12 -13.59
N GLY F 508 24.28 -23.93 -13.06
CA GLY F 508 23.33 -23.40 -12.09
C GLY F 508 23.60 -23.76 -10.64
N ASP F 509 24.59 -24.62 -10.38
CA ASP F 509 24.90 -24.99 -9.00
C ASP F 509 25.45 -23.78 -8.30
N GLU F 510 25.15 -23.65 -7.01
CA GLU F 510 25.69 -22.57 -6.22
C GLU F 510 26.99 -23.15 -5.69
N VAL F 511 28.11 -22.68 -6.22
CA VAL F 511 29.41 -23.17 -5.85
C VAL F 511 30.16 -22.25 -4.87
N THR F 512 30.67 -22.82 -3.78
CA THR F 512 31.44 -22.05 -2.80
C THR F 512 32.83 -22.68 -2.70
N VAL F 513 33.88 -21.91 -3.02
CA VAL F 513 35.23 -22.43 -2.92
C VAL F 513 35.92 -21.82 -1.72
N TYR F 514 36.52 -22.67 -0.87
CA TYR F 514 37.25 -22.22 0.30
C TYR F 514 38.72 -22.51 0.07
N ILE F 515 39.56 -21.49 0.10
CA ILE F 515 40.98 -21.71 -0.09
C ILE F 515 41.70 -21.45 1.21
N THR F 516 42.64 -22.31 1.55
CA THR F 516 43.45 -22.13 2.76
C THR F 516 44.92 -22.13 2.33
N ASN F 517 45.62 -21.06 2.67
CA ASN F 517 47.03 -20.88 2.33
C ASN F 517 47.93 -21.44 3.44
N LEU F 518 48.58 -22.58 3.18
CA LEU F 518 49.44 -23.21 4.19
C LEU F 518 50.84 -22.63 4.27
N ASP F 519 51.22 -21.80 3.31
CA ASP F 519 52.53 -21.20 3.31
C ASP F 519 52.65 -20.35 4.55
N MET F 520 53.77 -20.42 5.24
CA MET F 520 53.94 -19.63 6.45
C MET F 520 55.01 -18.57 6.33
N VAL F 521 55.56 -18.42 5.14
CA VAL F 521 56.60 -17.41 4.91
C VAL F 521 55.94 -16.05 4.72
N GLU F 522 56.48 -15.02 5.35
CA GLU F 522 55.91 -13.68 5.21
C GLU F 522 55.84 -13.19 3.76
N ASP F 523 54.73 -12.55 3.40
CA ASP F 523 54.47 -11.98 2.07
C ASP F 523 54.13 -12.97 0.95
N VAL F 524 54.11 -14.26 1.25
CA VAL F 524 53.79 -15.24 0.22
C VAL F 524 52.29 -15.40 0.17
N THR F 525 51.63 -14.41 -0.44
CA THR F 525 50.17 -14.38 -0.57
C THR F 525 49.67 -15.07 -1.83
N HIS F 526 48.56 -15.78 -1.71
CA HIS F 526 47.97 -16.43 -2.88
C HIS F 526 46.68 -15.75 -3.23
N GLY F 527 46.15 -16.09 -4.39
CA GLY F 527 44.90 -15.52 -4.83
C GLY F 527 44.06 -16.59 -5.45
N PHE F 528 42.91 -16.21 -5.97
CA PHE F 528 42.02 -17.15 -6.62
C PHE F 528 41.07 -16.41 -7.55
N CYS F 529 41.05 -16.84 -8.81
CA CYS F 529 40.15 -16.24 -9.79
C CYS F 529 39.50 -17.33 -10.65
N MET F 530 38.18 -17.29 -10.77
CA MET F 530 37.47 -18.25 -11.60
C MET F 530 37.14 -17.50 -12.88
N VAL F 531 37.70 -17.95 -14.00
CA VAL F 531 37.47 -17.29 -15.29
C VAL F 531 36.01 -17.12 -15.69
N ASN F 532 35.68 -15.92 -16.13
CA ASN F 532 34.33 -15.55 -16.55
C ASN F 532 33.24 -15.68 -15.51
N HIS F 533 33.58 -15.57 -14.22
CA HIS F 533 32.57 -15.67 -13.17
C HIS F 533 32.74 -14.51 -12.17
N GLY F 534 33.40 -13.45 -12.62
CA GLY F 534 33.60 -12.27 -11.79
C GLY F 534 33.92 -12.57 -10.35
N VAL F 535 34.92 -13.41 -10.15
CA VAL F 535 35.32 -13.82 -8.82
C VAL F 535 36.83 -13.72 -8.63
N SER F 536 37.21 -13.22 -7.46
CA SER F 536 38.61 -13.07 -7.08
C SER F 536 38.69 -12.83 -5.58
N MET F 537 39.75 -13.33 -4.95
CA MET F 537 39.95 -13.15 -3.51
C MET F 537 41.41 -13.29 -3.12
N GLU F 538 41.75 -12.77 -1.95
CA GLU F 538 43.11 -12.86 -1.40
C GLU F 538 43.19 -13.97 -0.35
N ILE F 539 44.33 -14.62 -0.26
CA ILE F 539 44.52 -15.64 0.76
C ILE F 539 45.97 -15.50 1.20
N SER F 540 46.17 -14.63 2.18
CA SER F 540 47.50 -14.40 2.70
C SER F 540 47.91 -15.59 3.58
N PRO F 541 49.17 -15.62 4.00
CA PRO F 541 49.68 -16.72 4.82
C PRO F 541 48.81 -17.17 5.97
N GLN F 542 48.43 -18.45 5.95
CA GLN F 542 47.63 -19.06 7.01
C GLN F 542 46.19 -18.56 7.07
N GLN F 543 45.76 -17.86 6.04
CA GLN F 543 44.41 -17.33 6.00
C GLN F 543 43.47 -18.27 5.23
N THR F 544 42.19 -18.25 5.57
CA THR F 544 41.21 -19.02 4.81
C THR F 544 40.25 -17.98 4.26
N ALA F 545 39.95 -18.06 2.98
CA ALA F 545 39.00 -17.13 2.36
C ALA F 545 38.03 -17.92 1.49
N SER F 546 36.83 -17.40 1.32
CA SER F 546 35.85 -18.10 0.51
C SER F 546 35.05 -17.16 -0.37
N VAL F 547 34.52 -17.72 -1.44
CA VAL F 547 33.71 -17.00 -2.40
C VAL F 547 32.68 -17.96 -2.97
N THR F 548 31.46 -17.47 -3.14
CA THR F 548 30.42 -18.30 -3.71
C THR F 548 29.90 -17.61 -4.96
N PHE F 549 29.68 -18.41 -5.99
CA PHE F 549 29.21 -17.94 -7.29
C PHE F 549 28.35 -19.02 -7.95
N THR F 550 27.58 -18.63 -8.95
CA THR F 550 26.72 -19.58 -9.63
C THR F 550 27.42 -20.07 -10.87
N ALA F 551 27.46 -21.40 -11.05
CA ALA F 551 28.14 -21.98 -12.19
C ALA F 551 27.46 -21.59 -13.49
N GLY F 552 28.20 -20.92 -14.37
CA GLY F 552 27.63 -20.50 -15.64
C GLY F 552 27.19 -21.61 -16.58
N LYS F 553 27.05 -21.29 -17.87
CA LYS F 553 26.65 -22.29 -18.85
C LYS F 553 27.67 -23.42 -18.92
N PRO F 554 27.24 -24.63 -19.30
CA PRO F 554 28.15 -25.77 -19.40
C PRO F 554 29.42 -25.57 -20.21
N GLY F 555 30.53 -26.16 -19.75
CA GLY F 555 31.80 -26.05 -20.43
C GLY F 555 32.96 -26.00 -19.45
N VAL F 556 34.17 -25.80 -19.96
CA VAL F 556 35.38 -25.73 -19.14
C VAL F 556 35.62 -24.29 -18.69
N TYR F 557 36.03 -24.12 -17.44
CA TYR F 557 36.31 -22.80 -16.90
C TYR F 557 37.53 -22.91 -16.02
N TRP F 558 38.62 -22.29 -16.44
CA TRP F 558 39.84 -22.34 -15.65
C TRP F 558 39.77 -21.40 -14.47
N TYR F 559 40.50 -21.75 -13.41
CA TYR F 559 40.58 -20.90 -12.23
C TYR F 559 42.08 -20.80 -12.00
N TYR F 560 42.54 -19.67 -11.50
CA TYR F 560 43.97 -19.53 -11.29
C TYR F 560 44.33 -18.56 -10.18
N CYS F 561 45.59 -18.62 -9.77
CA CYS F 561 46.12 -17.78 -8.73
C CYS F 561 46.47 -16.44 -9.38
N ASN F 562 46.00 -15.34 -8.81
CA ASN F 562 46.29 -14.01 -9.35
C ASN F 562 47.26 -13.19 -8.50
N TRP F 563 47.95 -13.86 -7.59
CA TRP F 563 48.92 -13.20 -6.72
C TRP F 563 50.26 -13.90 -6.97
N PHE F 564 51.14 -13.24 -7.73
CA PHE F 564 52.44 -13.79 -8.08
C PHE F 564 53.13 -14.26 -6.82
N CYS F 565 53.28 -15.57 -6.71
CA CYS F 565 53.82 -16.20 -5.51
C CYS F 565 55.00 -17.15 -5.67
N HIS F 566 55.40 -17.42 -6.90
CA HIS F 566 56.44 -18.42 -7.10
C HIS F 566 56.89 -18.35 -8.55
N ALA F 567 58.01 -18.96 -8.86
CA ALA F 567 58.48 -18.92 -10.24
C ALA F 567 57.46 -19.62 -11.12
N LEU F 568 56.77 -20.60 -10.55
CA LEU F 568 55.77 -21.37 -11.30
C LEU F 568 54.34 -20.84 -11.16
N HIS F 569 54.23 -19.54 -10.90
CA HIS F 569 52.96 -18.86 -10.74
C HIS F 569 51.96 -19.11 -11.89
N MET F 570 52.42 -18.95 -13.13
CA MET F 570 51.54 -19.11 -14.28
C MET F 570 50.91 -20.50 -14.32
N GLU F 571 51.61 -21.48 -13.76
CA GLU F 571 51.12 -22.83 -13.78
C GLU F 571 50.27 -23.19 -12.57
N MET F 572 50.04 -22.24 -11.67
CA MET F 572 49.21 -22.51 -10.50
C MET F 572 47.75 -22.33 -10.92
N VAL F 573 47.25 -23.34 -11.61
CA VAL F 573 45.91 -23.31 -12.17
C VAL F 573 45.04 -24.53 -11.86
N GLY F 574 43.84 -24.52 -12.41
CA GLY F 574 42.92 -25.62 -12.22
C GLY F 574 41.75 -25.47 -13.17
N ARG F 575 40.89 -26.48 -13.28
CA ARG F 575 39.75 -26.41 -14.18
C ARG F 575 38.45 -26.82 -13.55
N MET F 576 37.44 -25.96 -13.61
CA MET F 576 36.13 -26.32 -13.10
C MET F 576 35.35 -26.80 -14.30
N LEU F 577 34.80 -28.01 -14.25
CA LEU F 577 34.02 -28.52 -15.37
C LEU F 577 32.53 -28.42 -15.05
N VAL F 578 31.82 -27.58 -15.80
CA VAL F 578 30.39 -27.39 -15.60
C VAL F 578 29.65 -28.21 -16.65
N GLU F 579 28.79 -29.13 -16.21
CA GLU F 579 28.05 -29.95 -17.14
C GLU F 579 26.57 -29.60 -17.19
N ALA F 580 25.92 -29.97 -18.29
CA ALA F 580 24.50 -29.70 -18.47
C ALA F 580 23.68 -30.35 -17.36
N ALA F 581 22.83 -29.56 -16.71
CA ALA F 581 22.01 -30.08 -15.63
C ALA F 581 20.98 -31.08 -16.15
CU1 CUA G . -4.26 50.79 -10.58
CU2 CUA G . -6.49 50.99 -11.74
CU1 CUZ H . -24.48 23.31 9.93
CU2 CUZ H . -28.21 24.13 12.19
CU3 CUZ H . -26.53 24.69 9.36
CU4 CUZ H . -24.95 24.88 11.90
S1 CUZ H . -26.37 23.48 11.07
CA CA I . -30.52 9.12 16.18
CL CL J . -25.44 25.39 17.63
CA CA K . -32.81 28.13 0.70
CU1 CUA L . -31.67 17.81 0.28
CU2 CUA L . -30.94 19.01 2.38
CU1 CUZ M . -15.71 50.44 -15.55
CU2 CUZ M . -15.28 49.13 -17.71
CU3 CUZ M . -16.40 53.39 -16.88
CU4 CUZ M . -17.48 50.41 -17.97
S1 CUZ M . -15.46 51.05 -17.85
CA CA N . -5.32 59.23 -26.71
CL CL O . -20.80 53.57 -21.66
CA CA P . -12.75 50.56 -4.57
CU1 CUA Q . -0.55 -37.71 5.49
CU2 CUA Q . -1.00 -37.70 7.94
CU1 CUZ R . -40.00 -42.61 4.16
CU2 CUZ R . -42.39 -45.62 6.12
CU3 CUZ R . -39.95 -43.39 6.58
CU4 CUZ R . -39.70 -45.13 4.17
S1 CUZ R . -41.47 -44.07 4.79
CA CA S . -56.58 -40.66 1.62
CL CL T . -41.94 -49.87 1.69
CA CA U . -37.34 -39.73 16.84
CU1 CUA V . -44.09 -33.46 12.94
CU2 CUA V . -43.63 -35.63 11.81
CU1 CUZ W . -4.35 -34.11 17.37
CU2 CUZ W . -2.28 -37.43 19.41
CU3 CUZ W . -4.54 -36.62 17.10
CU4 CUZ W . -4.70 -35.12 19.67
S1 CUZ W . -3.03 -35.47 18.36
CA CA X . 11.93 -30.51 16.81
CL CL Y . -2.32 -35.44 25.21
CA CA Z . -7.50 -44.39 9.15
CU1 CUA AA . 29.68 20.47 -6.67
CU2 CUA AA . 30.73 20.18 -4.41
CU1 CUZ BA . 51.10 -11.36 -16.69
CU2 CUZ BA . 55.42 -11.78 -16.52
CU3 CUZ BA . 52.74 -10.64 -14.87
CU4 CUZ BA . 52.92 -9.96 -17.80
S1 CUZ BA . 53.22 -11.74 -16.75
CA CA CA . 56.09 -26.87 -20.87
CL CL DA . 56.77 -9.75 -22.23
CA CA EA . 52.99 -9.46 -3.97
CU1 CUA FA . 49.78 -18.77 -5.84
CU2 CUA FA . 50.65 -17.31 -7.70
CU1 CUZ GA . 33.99 15.98 5.59
CU2 CUZ GA . 35.70 16.71 7.25
CU3 CUZ GA . 35.74 17.16 4.25
CU4 CUZ GA . 36.28 19.82 6.18
S1 CUZ GA . 34.48 18.33 6.21
CA CA HA . 23.42 28.53 9.21
CL CL IA . 37.18 18.91 12.39
CA CA JA . 39.36 18.16 -6.55
#